data_9G6V
#
_entry.id   9G6V
#
_cell.length_a   1.00
_cell.length_b   1.00
_cell.length_c   1.00
_cell.angle_alpha   90.00
_cell.angle_beta   90.00
_cell.angle_gamma   90.00
#
_symmetry.space_group_name_H-M   'P 1'
#
loop_
_entity.id
_entity.type
_entity.pdbx_description
1 polymer 'Genome polyprotein'
2 polymer 'Genome polyprotein'
3 polymer 'Genome polyprotein'
4 polymer 'Fab117 Heavy Chain'
#
loop_
_entity_poly.entity_id
_entity_poly.type
_entity_poly.pdbx_seq_one_letter_code
_entity_poly.pdbx_strand_id
1 'polypeptide(L)'
;TTSSGEGADVVTTDPSTHGGAVTEKKRVHTDVAFVMDRFTHVLTNRTAFAVDLMDTNEKTLVGALLRAATYYFCDLEIAC
LGEHERVWWQPNGAPRTTTLRDNPMVFSHNNVTRFAVPYTAPHRLLSTRYNGECKYTQQSTAIRGDRAVLAAKYANTKHK
LPSTFNFGYVTADKPVDVYYRMKRAELYCPRPLLPGYDHADRDRFDSPIGVKKQ
;
1,B,F,J,N
2 'polypeptide(L)'
;DKKTEETTLLEDRILTTRHGTTTSTTQSSVGITYGYADADSFRPGPNTSGLETRVEQAERFFKEKLFDWTSDKPFGTLYV
LELPKDHKGIYGYLTDAYTYMRNGWDVQVSATSTQFNGGSLLVAMVPELCSLKDREEFQLSLYPHQFINPRTNTTAHIQV
PYLGVNRHDQGKRHQAWSLVVMVLTPLTTEAQMQSGTVEVYANIAPTNVFVAGEKPAKQ
;
2,C,G,K,O
3 'polypeptide(L)'
;GIIPVACFDGYGGFQNTDPKTADPIYGYVYNPSRNDCHGRYSNLLDVAEACPTFLNFDGKPYVVTKNNGDKVMTCFDVAF
THKVHKNTFLAGLADYYAQYQGSLNYHFMYTGPTHHKAKFMVAYIPPGIETDRLPKTPEDAAHCYHSEWDTGLNSQFTFA
VPYVSASDFSYTHTDTPAMATTNGWVAVFQVTDTHSAEAAVVVSVSAGPDLEFRFPVDPVRQ
;
3,D,H,L,P
4 'polypeptide(L)'
;MGILPSPGMPALLSLVSLLSVLLMGCVAQVQLRESGPSLVKPSQTLSLTCTASGFSLSDKAVGWVRQAPGKALEWLGSVD
SGGNTGYNPGLKSRLSITKDNSKSQVSLSVSSVTTEDSATYYCTTVLQQTTKKENNCPDGYSCGYRCRSGWGCSGDECCG
RRGGGWGSIELIACCSSTYIHEFHVDAWGQGLLVTVSSASTTAPKVYPLSSCCGDKSSSTVTLGCLVSSYMPEPVTVTWN
SGALKSGVHTFPAVLQSSGLYSLSSMVTVPGSTSGTQTFTCNVAHPASSTKVDKAVDPRCGKHHHHHH
;
A,E,I,M,Q
#
# COMPACT_ATOMS: atom_id res chain seq x y z
N LYS A 26 -33.33 -6.10 13.92
CA LYS A 26 -31.91 -6.19 14.23
C LYS A 26 -31.43 -4.94 14.96
N ARG A 27 -30.89 -5.13 16.16
CA ARG A 27 -30.36 -4.05 16.97
C ARG A 27 -28.84 -4.19 17.06
N VAL A 28 -28.12 -3.13 16.73
CA VAL A 28 -26.68 -3.16 16.61
C VAL A 28 -26.00 -2.36 17.71
N HIS A 29 -26.52 -1.18 18.04
CA HIS A 29 -25.85 -0.29 18.97
C HIS A 29 -25.96 -0.73 20.43
N THR A 30 -26.75 -1.76 20.72
CA THR A 30 -26.80 -2.34 22.05
C THR A 30 -25.99 -3.62 22.16
N ASP A 31 -25.29 -4.02 21.11
CA ASP A 31 -24.44 -5.19 21.17
C ASP A 31 -23.24 -4.91 22.07
N VAL A 32 -22.89 -5.90 22.91
CA VAL A 32 -21.82 -5.71 23.87
C VAL A 32 -20.48 -5.51 23.15
N ALA A 33 -20.21 -6.34 22.14
CA ALA A 33 -18.95 -6.22 21.40
C ALA A 33 -18.84 -4.90 20.67
N PHE A 34 -19.97 -4.25 20.38
CA PHE A 34 -19.95 -2.92 19.76
C PHE A 34 -19.78 -1.81 20.79
N VAL A 35 -20.52 -1.88 21.89
CA VAL A 35 -20.48 -0.81 22.88
C VAL A 35 -19.12 -0.77 23.58
N MET A 36 -18.64 -1.93 24.04
CA MET A 36 -17.42 -1.93 24.82
C MET A 36 -16.17 -1.65 23.99
N ASP A 37 -16.28 -1.66 22.66
CA ASP A 37 -15.16 -1.41 21.78
C ASP A 37 -14.97 0.10 21.60
N ARG A 38 -14.47 0.73 22.67
CA ARG A 38 -14.29 2.17 22.71
C ARG A 38 -13.15 2.50 23.66
N PHE A 39 -12.41 3.56 23.34
CA PHE A 39 -11.35 4.05 24.20
C PHE A 39 -11.95 4.95 25.26
N THR A 40 -11.89 4.52 26.52
CA THR A 40 -12.42 5.28 27.64
C THR A 40 -11.26 5.82 28.48
N HIS A 41 -11.33 7.10 28.83
CA HIS A 41 -10.32 7.71 29.69
C HIS A 41 -10.49 7.17 31.11
N VAL A 42 -9.43 6.58 31.67
CA VAL A 42 -9.50 5.88 32.93
C VAL A 42 -8.71 6.58 34.03
N LEU A 43 -7.54 7.12 33.71
CA LEU A 43 -6.74 7.80 34.72
C LEU A 43 -5.83 8.81 34.03
N THR A 44 -5.50 9.87 34.75
CA THR A 44 -4.78 11.01 34.21
C THR A 44 -3.49 11.25 34.98
N ASN A 45 -2.41 11.50 34.24
CA ASN A 45 -1.12 11.87 34.81
C ASN A 45 -0.60 10.80 35.77
N ARG A 46 -0.37 9.61 35.23
CA ARG A 46 0.25 8.54 35.99
C ARG A 46 1.38 7.92 35.18
N THR A 47 2.42 7.48 35.89
CA THR A 47 3.61 6.91 35.25
C THR A 47 3.73 5.41 35.43
N ALA A 48 3.34 4.88 36.59
CA ALA A 48 3.35 3.44 36.82
C ALA A 48 2.01 3.05 37.45
N PHE A 49 1.36 2.04 36.89
CA PHE A 49 0.01 1.71 37.31
C PHE A 49 -0.32 0.28 36.90
N ALA A 50 -1.15 -0.36 37.71
CA ALA A 50 -1.74 -1.63 37.32
C ALA A 50 -2.78 -1.40 36.23
N VAL A 51 -3.11 -2.46 35.51
CA VAL A 51 -4.03 -2.35 34.38
C VAL A 51 -5.37 -2.95 34.81
N ASP A 52 -5.70 -2.82 36.09
CA ASP A 52 -7.00 -3.27 36.57
C ASP A 52 -8.12 -2.57 35.82
N LEU A 53 -8.96 -3.35 35.15
CA LEU A 53 -10.03 -2.79 34.34
C LEU A 53 -11.09 -2.11 35.18
N MET A 54 -11.07 -2.28 36.50
CA MET A 54 -11.96 -1.56 37.39
C MET A 54 -11.50 -0.13 37.65
N ASP A 55 -10.36 0.29 37.10
CA ASP A 55 -9.95 1.68 37.19
C ASP A 55 -10.83 2.61 36.38
N THR A 56 -11.69 2.07 35.52
CA THR A 56 -12.56 2.90 34.70
C THR A 56 -13.54 3.67 35.58
N ASN A 57 -13.97 4.83 35.09
CA ASN A 57 -14.94 5.63 35.80
C ASN A 57 -16.28 4.91 35.84
N GLU A 58 -16.92 4.90 37.01
CA GLU A 58 -18.15 4.15 37.19
C GLU A 58 -19.36 4.82 36.56
N LYS A 59 -19.22 6.05 36.09
CA LYS A 59 -20.33 6.76 35.46
C LYS A 59 -20.22 6.79 33.93
N THR A 60 -19.05 6.49 33.37
CA THR A 60 -18.91 6.46 31.92
C THR A 60 -19.69 5.28 31.35
N LEU A 61 -19.86 5.30 30.03
CA LEU A 61 -20.58 4.22 29.36
C LEU A 61 -19.89 2.87 29.57
N VAL A 62 -18.59 2.81 29.27
CA VAL A 62 -17.86 1.55 29.35
C VAL A 62 -17.80 1.05 30.79
N GLY A 63 -17.47 1.95 31.73
CA GLY A 63 -17.38 1.55 33.12
C GLY A 63 -18.71 1.10 33.69
N ALA A 64 -19.77 1.84 33.40
CA ALA A 64 -21.09 1.50 33.92
C ALA A 64 -21.58 0.18 33.35
N LEU A 65 -21.38 -0.07 32.06
CA LEU A 65 -21.82 -1.33 31.50
C LEU A 65 -20.92 -2.49 31.87
N LEU A 66 -19.67 -2.21 32.26
CA LEU A 66 -18.80 -3.26 32.77
C LEU A 66 -19.21 -3.65 34.19
N ARG A 67 -19.56 -2.67 35.02
CA ARG A 67 -19.99 -2.96 36.37
C ARG A 67 -21.39 -3.55 36.43
N ALA A 68 -22.12 -3.59 35.32
CA ALA A 68 -23.42 -4.24 35.24
C ALA A 68 -23.30 -5.72 34.91
N ALA A 69 -22.10 -6.29 35.04
CA ALA A 69 -21.87 -7.71 34.78
C ALA A 69 -21.02 -8.27 35.89
N THR A 70 -21.32 -9.52 36.30
CA THR A 70 -20.52 -10.13 37.35
C THR A 70 -19.15 -10.55 36.83
N TYR A 71 -19.09 -11.15 35.65
CA TYR A 71 -17.84 -11.64 35.08
C TYR A 71 -17.65 -11.09 33.67
N TYR A 72 -16.41 -11.09 33.22
CA TYR A 72 -16.07 -10.56 31.91
C TYR A 72 -14.75 -11.14 31.45
N PHE A 73 -14.46 -10.92 30.17
CA PHE A 73 -13.21 -11.35 29.54
C PHE A 73 -12.98 -10.50 28.30
N CYS A 74 -11.76 -10.04 28.11
CA CYS A 74 -11.45 -9.22 26.95
C CYS A 74 -9.94 -9.16 26.74
N ASP A 75 -9.55 -8.76 25.54
CA ASP A 75 -8.16 -8.42 25.23
C ASP A 75 -8.07 -6.90 25.13
N LEU A 76 -7.16 -6.31 25.90
CA LEU A 76 -7.22 -4.87 26.09
C LEU A 76 -6.39 -4.15 25.04
N GLU A 77 -6.64 -2.85 24.89
CA GLU A 77 -5.76 -1.97 24.15
C GLU A 77 -5.49 -0.76 25.02
N ILE A 78 -4.20 -0.48 25.26
CA ILE A 78 -3.79 0.62 26.11
C ILE A 78 -3.21 1.71 25.23
N ALA A 79 -3.74 2.92 25.38
CA ALA A 79 -3.26 4.10 24.68
C ALA A 79 -2.80 5.12 25.70
N CYS A 80 -1.56 5.54 25.59
CA CYS A 80 -0.97 6.54 26.46
C CYS A 80 -0.71 7.81 25.65
N LEU A 81 -1.26 8.92 26.12
CA LEU A 81 -1.11 10.22 25.46
C LEU A 81 -0.33 11.15 26.37
N GLY A 82 0.66 11.85 25.81
CA GLY A 82 1.45 12.78 26.58
C GLY A 82 2.92 12.73 26.25
N GLU A 83 3.69 13.66 26.80
CA GLU A 83 5.12 13.72 26.55
C GLU A 83 5.81 12.57 27.26
N HIS A 84 6.10 11.50 26.53
CA HIS A 84 6.81 10.36 27.09
C HIS A 84 7.58 9.68 25.98
N GLU A 85 8.71 9.06 26.34
CA GLU A 85 9.56 8.44 25.34
C GLU A 85 9.13 7.00 25.05
N ARG A 86 8.87 6.21 26.08
CA ARG A 86 8.55 4.81 25.90
C ARG A 86 7.74 4.31 27.08
N VAL A 87 7.08 3.17 26.86
CA VAL A 87 6.20 2.54 27.83
C VAL A 87 6.56 1.07 27.94
N TRP A 88 6.77 0.59 29.16
CA TRP A 88 7.02 -0.81 29.43
C TRP A 88 5.76 -1.47 29.96
N TRP A 89 5.53 -2.71 29.56
CA TRP A 89 4.39 -3.49 30.02
C TRP A 89 4.86 -4.84 30.51
N GLN A 90 4.41 -5.24 31.69
CA GLN A 90 4.70 -6.53 32.28
C GLN A 90 3.43 -7.36 32.36
N PRO A 91 3.46 -8.62 31.97
CA PRO A 91 2.25 -9.45 32.07
C PRO A 91 1.89 -9.74 33.52
N ASN A 92 0.66 -10.18 33.71
CA ASN A 92 0.17 -10.48 35.05
C ASN A 92 0.97 -11.60 35.68
N GLY A 93 1.38 -11.40 36.93
CA GLY A 93 2.18 -12.35 37.66
C GLY A 93 3.67 -12.05 37.68
N ALA A 94 4.15 -11.20 36.79
CA ALA A 94 5.55 -10.83 36.77
C ALA A 94 5.90 -10.01 38.02
N PRO A 95 7.10 -10.17 38.55
CA PRO A 95 7.49 -9.40 39.73
C PRO A 95 7.57 -7.91 39.45
N ARG A 96 7.27 -7.12 40.47
CA ARG A 96 7.28 -5.66 40.36
C ARG A 96 8.66 -5.14 40.73
N THR A 97 9.30 -4.46 39.79
CA THR A 97 10.63 -3.89 39.99
C THR A 97 10.65 -2.45 39.50
N THR A 98 11.56 -1.67 40.08
CA THR A 98 11.66 -0.26 39.73
C THR A 98 12.17 -0.07 38.30
N THR A 99 13.19 -0.82 37.91
CA THR A 99 13.79 -0.72 36.59
C THR A 99 13.42 -1.93 35.76
N LEU A 100 12.95 -1.69 34.54
CA LEU A 100 12.53 -2.74 33.62
C LEU A 100 13.53 -2.79 32.46
N ARG A 101 14.11 -3.96 32.22
CA ARG A 101 15.09 -4.17 31.18
C ARG A 101 14.60 -5.27 30.26
N ASP A 102 14.52 -4.97 28.97
CA ASP A 102 14.13 -5.91 27.92
C ASP A 102 12.71 -6.44 28.10
N ASN A 103 11.94 -5.89 29.04
CA ASN A 103 10.52 -6.18 29.11
C ASN A 103 9.81 -5.54 27.93
N PRO A 104 8.62 -6.02 27.58
CA PRO A 104 7.89 -5.46 26.43
C PRO A 104 7.82 -3.94 26.46
N MET A 105 8.45 -3.30 25.49
CA MET A 105 8.65 -1.86 25.48
C MET A 105 8.20 -1.30 24.13
N VAL A 106 7.44 -0.21 24.18
CA VAL A 106 6.95 0.45 22.97
C VAL A 106 7.35 1.92 23.03
N PHE A 107 7.98 2.40 21.96
CA PHE A 107 8.36 3.81 21.88
C PHE A 107 7.19 4.63 21.36
N SER A 108 7.06 5.85 21.87
CA SER A 108 5.96 6.72 21.50
C SER A 108 6.19 7.32 20.11
N HIS A 109 5.10 7.44 19.34
CA HIS A 109 5.13 8.09 18.04
C HIS A 109 4.10 9.22 18.06
N ASN A 110 4.57 10.45 17.82
CA ASN A 110 3.73 11.63 17.91
C ASN A 110 3.07 11.75 19.28
N ASN A 111 3.83 11.42 20.33
CA ASN A 111 3.38 11.50 21.72
C ASN A 111 2.16 10.63 21.97
N VAL A 112 2.02 9.54 21.22
CA VAL A 112 0.96 8.57 21.41
C VAL A 112 1.58 7.18 21.40
N THR A 113 1.22 6.35 22.37
CA THR A 113 1.70 4.97 22.44
C THR A 113 0.48 4.07 22.56
N ARG A 114 0.14 3.35 21.50
CA ARG A 114 -0.99 2.44 21.50
C ARG A 114 -0.49 1.01 21.32
N PHE A 115 -0.95 0.11 22.18
CA PHE A 115 -0.53 -1.28 22.06
C PHE A 115 -1.58 -2.20 22.64
N ALA A 116 -1.69 -3.38 22.03
CA ALA A 116 -2.69 -4.38 22.41
C ALA A 116 -2.10 -5.34 23.43
N VAL A 117 -2.81 -5.51 24.53
CA VAL A 117 -2.38 -6.36 25.65
C VAL A 117 -3.25 -7.60 25.65
N PRO A 118 -2.66 -8.80 25.61
CA PRO A 118 -3.44 -10.02 25.70
C PRO A 118 -3.96 -10.25 27.11
N TYR A 119 -4.96 -11.12 27.22
CA TYR A 119 -5.53 -11.49 28.51
C TYR A 119 -4.53 -12.38 29.24
N THR A 120 -3.81 -11.80 30.20
CA THR A 120 -2.72 -12.49 30.88
C THR A 120 -3.10 -13.03 32.25
N ALA A 121 -4.35 -12.87 32.67
CA ALA A 121 -4.75 -13.34 33.98
C ALA A 121 -4.76 -14.87 34.02
N PRO A 122 -4.42 -15.46 35.16
CA PRO A 122 -4.45 -16.93 35.26
C PRO A 122 -5.86 -17.50 35.28
N HIS A 123 -6.84 -16.72 35.73
CA HIS A 123 -8.21 -17.21 35.80
C HIS A 123 -8.85 -17.27 34.42
N ARG A 124 -9.87 -18.12 34.30
CA ARG A 124 -10.60 -18.21 33.04
C ARG A 124 -11.35 -16.92 32.73
N LEU A 125 -11.96 -16.32 33.75
CA LEU A 125 -12.71 -15.07 33.61
C LEU A 125 -12.32 -14.13 34.74
N LEU A 126 -12.48 -12.84 34.48
CA LEU A 126 -12.32 -11.83 35.51
C LEU A 126 -13.68 -11.46 36.10
N SER A 127 -13.67 -10.93 37.31
CA SER A 127 -14.91 -10.57 38.00
C SER A 127 -14.85 -9.13 38.45
N THR A 128 -15.96 -8.41 38.27
CA THR A 128 -16.05 -7.06 38.79
C THR A 128 -16.24 -7.05 40.30
N ARG A 129 -17.03 -7.98 40.82
CA ARG A 129 -17.27 -8.11 42.24
C ARG A 129 -16.69 -9.42 42.76
N TYR A 130 -16.51 -9.48 44.07
CA TYR A 130 -15.96 -10.68 44.70
C TYR A 130 -16.37 -10.69 46.17
N ASN A 131 -17.12 -11.71 46.58
CA ASN A 131 -17.57 -11.83 47.96
C ASN A 131 -16.52 -12.63 48.74
N GLY A 132 -15.43 -11.94 49.08
CA GLY A 132 -14.34 -12.56 49.82
C GLY A 132 -14.49 -12.44 51.32
N LYS A 160 -12.78 -6.65 48.77
CA LYS A 160 -12.06 -6.00 47.68
C LYS A 160 -11.49 -7.04 46.72
N LEU A 161 -11.38 -6.66 45.45
CA LEU A 161 -10.86 -7.58 44.45
C LEU A 161 -9.39 -7.89 44.73
N PRO A 162 -8.98 -9.14 44.62
CA PRO A 162 -7.56 -9.48 44.79
C PRO A 162 -6.73 -8.99 43.62
N SER A 163 -5.41 -8.94 43.84
CA SER A 163 -4.50 -8.36 42.87
C SER A 163 -4.42 -9.17 41.57
N THR A 164 -4.89 -10.41 41.57
CA THR A 164 -4.79 -11.24 40.38
C THR A 164 -5.73 -10.80 39.26
N PHE A 165 -6.67 -9.89 39.54
CA PHE A 165 -7.63 -9.44 38.54
C PHE A 165 -7.11 -8.15 37.90
N ASN A 166 -6.15 -8.32 37.00
CA ASN A 166 -5.64 -7.20 36.22
C ASN A 166 -4.99 -7.75 34.95
N PHE A 167 -4.69 -6.84 34.03
CA PHE A 167 -4.09 -7.20 32.76
C PHE A 167 -2.59 -6.99 32.73
N GLY A 168 -1.98 -6.71 33.88
CA GLY A 168 -0.54 -6.57 33.97
C GLY A 168 -0.19 -5.30 34.69
N TYR A 169 1.03 -4.81 34.43
CA TYR A 169 1.53 -3.58 35.01
C TYR A 169 2.13 -2.75 33.89
N VAL A 170 2.02 -1.44 33.99
CA VAL A 170 2.52 -0.53 32.96
C VAL A 170 3.35 0.54 33.63
N THR A 171 4.55 0.78 33.11
CA THR A 171 5.39 1.88 33.56
C THR A 171 5.69 2.79 32.37
N ALA A 172 5.86 4.08 32.65
CA ALA A 172 6.11 5.06 31.61
C ALA A 172 7.30 5.92 32.00
N ASP A 173 8.00 6.43 30.99
CA ASP A 173 9.14 7.31 31.25
C ASP A 173 8.70 8.58 31.96
N LYS A 174 7.60 9.17 31.53
CA LYS A 174 7.03 10.36 32.13
C LYS A 174 5.53 10.14 32.30
N PRO A 175 4.90 10.86 33.23
CA PRO A 175 3.46 10.64 33.47
C PRO A 175 2.64 10.87 32.21
N VAL A 176 1.64 10.01 32.02
CA VAL A 176 0.80 10.02 30.82
C VAL A 176 -0.65 9.89 31.22
N ASP A 177 -1.53 10.13 30.25
CA ASP A 177 -2.96 9.87 30.36
C ASP A 177 -3.29 8.60 29.59
N VAL A 178 -4.09 7.74 30.21
CA VAL A 178 -4.27 6.37 29.75
C VAL A 178 -5.71 6.14 29.33
N TYR A 179 -5.90 5.46 28.20
CA TYR A 179 -7.21 5.09 27.67
C TYR A 179 -7.26 3.57 27.51
N TYR A 180 -8.37 2.97 27.91
CA TYR A 180 -8.56 1.53 27.79
C TYR A 180 -9.62 1.22 26.74
N ARG A 181 -9.41 0.12 26.03
CA ARG A 181 -10.35 -0.34 25.02
C ARG A 181 -10.48 -1.86 25.12
N MET A 182 -11.71 -2.33 25.27
CA MET A 182 -11.98 -3.76 25.41
C MET A 182 -12.26 -4.35 24.04
N LYS A 183 -11.32 -5.14 23.53
CA LYS A 183 -11.49 -5.80 22.24
C LYS A 183 -12.14 -7.17 22.47
N ARG A 184 -13.17 -7.47 21.67
CA ARG A 184 -13.88 -8.75 21.76
C ARG A 184 -14.40 -9.00 23.17
N ALA A 185 -15.01 -7.98 23.75
CA ALA A 185 -15.48 -8.07 25.12
C ALA A 185 -16.60 -9.09 25.26
N GLU A 186 -16.56 -9.85 26.35
CA GLU A 186 -17.60 -10.81 26.68
C GLU A 186 -18.06 -10.52 28.10
N LEU A 187 -19.38 -10.45 28.30
CA LEU A 187 -19.95 -10.17 29.61
C LEU A 187 -20.83 -11.34 30.03
N TYR A 188 -20.85 -11.60 31.34
CA TYR A 188 -21.60 -12.70 31.92
C TYR A 188 -22.37 -12.22 33.14
N CYS A 189 -23.51 -12.88 33.40
CA CYS A 189 -24.30 -12.66 34.60
C CYS A 189 -24.63 -11.18 34.79
N PRO A 190 -25.60 -10.65 34.04
CA PRO A 190 -25.90 -9.21 34.14
C PRO A 190 -26.35 -8.83 35.54
N ARG A 191 -25.98 -7.61 35.93
CA ARG A 191 -26.24 -7.05 37.24
C ARG A 191 -27.07 -5.78 37.10
N PRO A 192 -27.71 -5.33 38.18
CA PRO A 192 -28.54 -4.12 38.09
C PRO A 192 -27.75 -2.92 37.59
N LEU A 193 -28.39 -2.16 36.69
CA LEU A 193 -27.83 -0.96 36.12
C LEU A 193 -28.74 0.21 36.45
N LEU A 194 -28.17 1.30 36.94
CA LEU A 194 -28.97 2.43 37.36
C LEU A 194 -28.60 3.68 36.58
N PRO A 195 -29.53 4.62 36.42
CA PRO A 195 -29.21 5.87 35.72
C PRO A 195 -28.17 6.67 36.51
N GLY A 196 -27.06 6.99 35.83
CA GLY A 196 -26.01 7.75 36.48
C GLY A 196 -26.43 9.17 36.84
N TYR A 197 -27.23 9.80 35.97
CA TYR A 197 -27.64 11.18 36.15
C TYR A 197 -29.16 11.28 36.07
N ASP A 198 -29.70 12.29 36.74
CA ASP A 198 -31.14 12.52 36.76
C ASP A 198 -31.53 13.77 35.97
N VAL B 30 -45.09 -21.01 39.12
CA VAL B 30 -44.88 -22.19 39.96
C VAL B 30 -44.11 -23.26 39.18
N GLY B 31 -43.14 -23.86 39.83
CA GLY B 31 -42.32 -24.88 39.21
C GLY B 31 -40.91 -24.84 39.76
N ILE B 32 -39.96 -25.27 38.93
CA ILE B 32 -38.56 -25.31 39.29
C ILE B 32 -37.79 -24.43 38.30
N THR B 33 -36.99 -23.51 38.83
CA THR B 33 -36.26 -22.54 38.03
C THR B 33 -34.79 -22.92 38.00
N TYR B 34 -34.23 -22.99 36.79
CA TYR B 34 -32.81 -23.31 36.59
C TYR B 34 -32.11 -22.05 36.11
N GLY B 35 -31.53 -21.30 37.05
CA GLY B 35 -30.88 -20.06 36.70
C GLY B 35 -29.65 -20.29 35.83
N TYR B 36 -29.43 -19.38 34.89
CA TYR B 36 -28.27 -19.41 34.00
C TYR B 36 -28.18 -20.75 33.28
N ALA B 37 -29.32 -21.28 32.87
CA ALA B 37 -29.37 -22.58 32.22
C ALA B 37 -28.73 -22.51 30.84
N ASP B 38 -28.31 -23.67 30.34
CA ASP B 38 -27.70 -23.78 29.03
C ASP B 38 -28.77 -24.12 28.00
N ALA B 39 -28.83 -23.32 26.92
CA ALA B 39 -29.85 -23.53 25.91
C ALA B 39 -29.68 -24.88 25.21
N ASP B 40 -28.43 -25.26 24.91
CA ASP B 40 -28.18 -26.52 24.24
C ASP B 40 -28.55 -27.71 25.13
N SER B 41 -28.29 -27.60 26.43
CA SER B 41 -28.59 -28.70 27.35
C SER B 41 -30.09 -28.98 27.44
N PHE B 42 -30.93 -28.00 27.13
CA PHE B 42 -32.38 -28.18 27.17
C PHE B 42 -32.98 -28.47 25.81
N ARG B 43 -32.16 -28.62 24.77
CA ARG B 43 -32.67 -28.98 23.46
C ARG B 43 -33.12 -30.45 23.47
N PRO B 44 -34.26 -30.77 22.84
CA PRO B 44 -34.77 -32.14 22.81
C PRO B 44 -34.23 -32.94 21.63
N VAL B 55 -25.40 -34.94 34.35
CA VAL B 55 -26.61 -34.69 35.12
C VAL B 55 -26.27 -34.27 36.54
N GLU B 56 -27.26 -33.77 37.27
CA GLU B 56 -27.05 -33.30 38.63
C GLU B 56 -28.23 -33.74 39.48
N GLN B 57 -28.03 -33.77 40.79
CA GLN B 57 -29.06 -34.15 41.76
C GLN B 57 -28.59 -33.68 43.14
N ALA B 58 -29.56 -33.48 44.03
CA ALA B 58 -29.27 -32.97 45.36
C ALA B 58 -28.75 -34.09 46.26
N GLU B 59 -27.55 -33.90 46.80
CA GLU B 59 -26.93 -34.91 47.66
C GLU B 59 -27.41 -34.80 49.10
N ARG B 60 -27.12 -33.67 49.75
CA ARG B 60 -27.45 -33.49 51.16
C ARG B 60 -28.78 -32.75 51.32
N PHE B 61 -29.11 -32.37 52.55
CA PHE B 61 -30.34 -31.65 52.85
C PHE B 61 -30.17 -30.77 54.08
N PHE B 62 -31.06 -29.78 54.24
CA PHE B 62 -31.01 -28.88 55.38
C PHE B 62 -32.28 -28.05 55.47
N LYS B 63 -32.64 -27.60 56.67
CA LYS B 63 -33.80 -26.74 56.87
C LYS B 63 -33.46 -25.69 57.91
N GLU B 64 -34.04 -24.49 57.74
CA GLU B 64 -33.80 -23.40 58.66
C GLU B 64 -34.88 -22.34 58.49
N LYS B 65 -35.39 -21.83 59.61
CA LYS B 65 -36.32 -20.72 59.58
C LYS B 65 -35.57 -19.42 59.30
N LEU B 66 -36.15 -18.56 58.46
CA LEU B 66 -35.50 -17.33 58.04
C LEU B 66 -36.00 -16.12 58.82
N PHE B 67 -37.30 -15.85 58.77
CA PHE B 67 -37.86 -14.67 59.43
C PHE B 67 -39.35 -14.85 59.60
N ASP B 68 -39.94 -14.00 60.43
CA ASP B 68 -41.38 -13.97 60.65
C ASP B 68 -41.99 -12.96 59.69
N TRP B 69 -42.65 -13.45 58.65
CA TRP B 69 -43.30 -12.59 57.67
C TRP B 69 -44.50 -11.90 58.33
N THR B 70 -44.37 -10.60 58.61
CA THR B 70 -45.41 -9.83 59.27
C THR B 70 -45.65 -8.54 58.52
N SER B 71 -46.83 -7.97 58.75
CA SER B 71 -47.23 -6.75 58.05
C SER B 71 -46.38 -5.54 58.44
N ASP B 72 -45.68 -5.61 59.57
CA ASP B 72 -44.88 -4.47 60.03
C ASP B 72 -43.66 -4.20 59.15
N LYS B 73 -43.30 -5.13 58.26
CA LYS B 73 -42.13 -4.95 57.42
C LYS B 73 -42.56 -4.42 56.05
N PRO B 74 -42.19 -3.20 55.68
CA PRO B 74 -42.59 -2.67 54.37
C PRO B 74 -41.75 -3.23 53.25
N PHE B 75 -41.95 -2.72 52.03
CA PHE B 75 -41.17 -3.15 50.90
C PHE B 75 -39.68 -2.86 51.11
N GLY B 76 -38.83 -3.79 50.70
CA GLY B 76 -37.41 -3.63 50.83
C GLY B 76 -36.78 -4.25 52.07
N THR B 77 -37.53 -5.07 52.81
CA THR B 77 -37.01 -5.73 54.00
C THR B 77 -36.19 -6.94 53.57
N LEU B 78 -34.93 -6.68 53.24
CA LEU B 78 -34.06 -7.72 52.72
C LEU B 78 -33.63 -8.69 53.83
N TYR B 79 -33.48 -9.96 53.44
CA TYR B 79 -32.84 -10.98 54.28
C TYR B 79 -31.88 -11.73 53.39
N VAL B 80 -30.58 -11.61 53.67
CA VAL B 80 -29.52 -12.17 52.85
C VAL B 80 -28.91 -13.35 53.60
N LEU B 81 -28.78 -14.48 52.91
CA LEU B 81 -28.18 -15.68 53.47
C LEU B 81 -27.10 -16.17 52.51
N GLU B 82 -25.84 -16.07 52.95
CA GLU B 82 -24.73 -16.56 52.14
C GLU B 82 -24.73 -18.09 52.10
N LEU B 83 -24.26 -18.64 50.98
CA LEU B 83 -24.18 -20.08 50.82
C LEU B 83 -22.74 -20.47 50.53
N PRO B 84 -22.16 -21.44 51.26
CA PRO B 84 -22.77 -22.21 52.36
C PRO B 84 -22.83 -21.43 53.67
N LYS B 85 -23.76 -21.78 54.56
CA LYS B 85 -23.87 -21.11 55.85
C LYS B 85 -22.81 -21.59 56.83
N MET B 101 -16.05 -26.59 46.44
CA MET B 101 -16.19 -28.00 46.09
C MET B 101 -16.86 -28.17 44.73
N ARG B 102 -16.94 -27.05 43.99
CA ARG B 102 -17.57 -27.03 42.67
C ARG B 102 -18.96 -27.64 42.71
N ASN B 103 -19.87 -27.00 43.45
CA ASN B 103 -21.21 -27.54 43.63
C ASN B 103 -22.24 -26.49 43.22
N GLY B 104 -23.37 -26.97 42.74
CA GLY B 104 -24.53 -26.13 42.46
C GLY B 104 -25.54 -26.29 43.58
N TRP B 105 -26.28 -25.22 43.85
CA TRP B 105 -27.21 -25.21 44.97
C TRP B 105 -28.65 -25.45 44.50
N ASP B 106 -29.50 -25.78 45.47
CA ASP B 106 -30.91 -26.06 45.20
C ASP B 106 -31.69 -25.71 46.46
N VAL B 107 -32.36 -24.57 46.44
CA VAL B 107 -33.05 -24.02 47.61
C VAL B 107 -34.55 -24.03 47.36
N GLN B 108 -35.30 -24.53 48.34
CA GLN B 108 -36.75 -24.56 48.31
C GLN B 108 -37.28 -23.69 49.46
N VAL B 109 -37.46 -22.41 49.19
CA VAL B 109 -38.01 -21.50 50.18
C VAL B 109 -39.52 -21.67 50.22
N SER B 110 -40.07 -21.90 51.40
CA SER B 110 -41.49 -22.13 51.57
C SER B 110 -42.02 -21.23 52.68
N ALA B 111 -43.33 -20.95 52.62
CA ALA B 111 -43.98 -20.12 53.62
C ALA B 111 -45.30 -20.77 54.01
N THR B 112 -45.76 -20.46 55.21
CA THR B 112 -47.02 -20.98 55.75
C THR B 112 -48.08 -19.91 55.61
N SER B 113 -48.89 -20.01 54.56
CA SER B 113 -49.93 -19.03 54.28
C SER B 113 -51.24 -19.75 54.00
N THR B 114 -52.34 -19.11 54.43
CA THR B 114 -53.68 -19.64 54.26
C THR B 114 -54.44 -18.81 53.23
N GLN B 115 -55.72 -19.12 53.04
CA GLN B 115 -56.54 -18.38 52.10
C GLN B 115 -56.80 -16.94 52.57
N PHE B 116 -56.59 -16.65 53.85
CA PHE B 116 -56.77 -15.32 54.39
C PHE B 116 -55.47 -14.52 54.43
N ASN B 117 -54.39 -15.07 53.90
CA ASN B 117 -53.09 -14.40 53.88
C ASN B 117 -52.83 -13.81 52.51
N GLY B 118 -52.27 -12.60 52.50
CA GLY B 118 -51.93 -11.93 51.26
C GLY B 118 -50.59 -11.23 51.33
N GLY B 119 -49.83 -11.29 50.25
CA GLY B 119 -48.52 -10.67 50.23
C GLY B 119 -47.71 -11.17 49.05
N SER B 120 -46.42 -10.88 49.08
CA SER B 120 -45.53 -11.33 48.01
C SER B 120 -44.09 -11.28 48.48
N LEU B 121 -43.37 -12.37 48.25
CA LEU B 121 -41.94 -12.43 48.52
C LEU B 121 -41.19 -12.66 47.22
N LEU B 122 -40.08 -11.96 47.05
CA LEU B 122 -39.17 -12.19 45.94
C LEU B 122 -37.96 -12.94 46.46
N VAL B 123 -37.76 -14.17 45.99
CA VAL B 123 -36.67 -15.03 46.45
C VAL B 123 -35.71 -15.21 45.29
N ALA B 124 -34.47 -14.79 45.47
CA ALA B 124 -33.49 -14.83 44.40
C ALA B 124 -32.16 -15.35 44.94
N MET B 125 -31.28 -15.72 44.02
CA MET B 125 -29.92 -16.15 44.35
C MET B 125 -28.96 -15.20 43.63
N VAL B 126 -28.40 -14.25 44.37
CA VAL B 126 -27.48 -13.28 43.78
C VAL B 126 -26.06 -13.85 43.81
N PRO B 127 -25.37 -13.91 42.68
CA PRO B 127 -23.97 -14.36 42.67
C PRO B 127 -23.05 -13.23 43.12
N GLU B 128 -22.33 -13.48 44.22
CA GLU B 128 -21.34 -12.54 44.76
C GLU B 128 -22.00 -11.20 45.10
N LEU B 129 -22.91 -11.24 46.06
CA LEU B 129 -23.62 -10.04 46.51
C LEU B 129 -22.79 -9.39 47.61
N CYS B 130 -21.89 -8.49 47.21
CA CYS B 130 -21.12 -7.74 48.19
C CYS B 130 -22.02 -6.80 48.99
N SER B 131 -22.85 -6.02 48.29
CA SER B 131 -23.77 -5.10 48.94
C SER B 131 -24.85 -4.74 47.94
N LEU B 132 -25.96 -4.21 48.47
CA LEU B 132 -27.09 -3.78 47.65
C LEU B 132 -27.32 -2.30 47.88
N LYS B 133 -27.37 -1.52 46.80
CA LYS B 133 -27.48 -0.07 46.90
C LYS B 133 -28.93 0.32 47.20
N ASP B 134 -29.19 1.63 47.21
CA ASP B 134 -30.51 2.13 47.63
C ASP B 134 -31.59 1.77 46.61
N ARG B 135 -31.34 2.04 45.33
CA ARG B 135 -32.31 1.79 44.27
C ARG B 135 -32.04 0.49 43.52
N GLU B 136 -31.12 -0.34 44.02
CA GLU B 136 -30.76 -1.57 43.33
C GLU B 136 -31.80 -2.66 43.50
N GLU B 137 -32.55 -2.62 44.61
CA GLU B 137 -33.54 -3.67 44.90
C GLU B 137 -34.54 -3.82 43.75
N PHE B 138 -34.94 -2.70 43.15
CA PHE B 138 -35.94 -2.74 42.09
C PHE B 138 -35.50 -3.56 40.89
N GLN B 139 -34.20 -3.80 40.73
CA GLN B 139 -33.70 -4.59 39.61
C GLN B 139 -33.26 -5.99 40.05
N LEU B 140 -33.66 -6.43 41.24
CA LEU B 140 -33.29 -7.76 41.70
C LEU B 140 -33.78 -8.85 40.76
N SER B 141 -34.84 -8.56 40.00
CA SER B 141 -35.39 -9.53 39.06
C SER B 141 -34.42 -9.82 37.92
N LEU B 142 -33.29 -9.12 37.89
CA LEU B 142 -32.22 -9.46 36.95
C LEU B 142 -31.52 -10.76 37.31
N TYR B 143 -31.75 -11.29 38.49
CA TYR B 143 -31.12 -12.51 38.96
C TYR B 143 -32.08 -13.69 38.92
N PRO B 144 -31.57 -14.93 38.91
CA PRO B 144 -32.46 -16.09 39.01
C PRO B 144 -33.38 -15.98 40.23
N HIS B 145 -34.67 -15.84 39.98
CA HIS B 145 -35.59 -15.45 41.03
C HIS B 145 -36.94 -16.11 40.84
N GLN B 146 -37.73 -16.11 41.91
CA GLN B 146 -39.11 -16.56 41.88
C GLN B 146 -39.93 -15.72 42.83
N PHE B 147 -41.25 -15.82 42.68
CA PHE B 147 -42.21 -15.08 43.50
C PHE B 147 -43.00 -16.07 44.35
N ILE B 148 -43.12 -15.77 45.64
CA ILE B 148 -43.97 -16.52 46.54
C ILE B 148 -45.20 -15.65 46.82
N ASN B 149 -46.35 -16.12 46.36
CA ASN B 149 -47.63 -15.47 46.62
C ASN B 149 -48.52 -16.45 47.36
N PRO B 150 -49.21 -16.02 48.42
CA PRO B 150 -50.13 -16.94 49.11
C PRO B 150 -51.23 -17.48 48.23
N ARG B 151 -51.63 -16.74 47.19
CA ARG B 151 -52.72 -17.16 46.33
C ARG B 151 -52.28 -17.86 45.06
N THR B 152 -50.97 -17.91 44.77
CA THR B 152 -50.50 -18.47 43.52
C THR B 152 -49.68 -19.74 43.72
N ASN B 153 -48.62 -19.71 44.52
CA ASN B 153 -47.78 -20.91 44.66
C ASN B 153 -47.37 -21.19 46.10
N THR B 154 -47.22 -20.13 46.90
CA THR B 154 -46.84 -20.20 48.32
C THR B 154 -45.58 -21.04 48.57
N THR B 155 -44.79 -21.29 47.53
CA THR B 155 -43.57 -22.09 47.66
C THR B 155 -42.67 -21.81 46.46
N ALA B 156 -41.38 -21.61 46.73
CA ALA B 156 -40.39 -21.34 45.71
C ALA B 156 -39.39 -22.49 45.63
N HIS B 157 -38.75 -22.61 44.48
CA HIS B 157 -37.74 -23.66 44.27
C HIS B 157 -36.83 -23.21 43.14
N ILE B 158 -35.58 -22.90 43.46
CA ILE B 158 -34.60 -22.42 42.50
C ILE B 158 -33.38 -23.32 42.55
N GLN B 159 -32.82 -23.63 41.39
CA GLN B 159 -31.59 -24.42 41.28
C GLN B 159 -30.60 -23.67 40.41
N VAL B 160 -29.37 -23.52 40.88
CA VAL B 160 -28.36 -22.76 40.17
C VAL B 160 -27.11 -23.62 40.00
N PRO B 161 -26.32 -23.41 38.94
CA PRO B 161 -25.10 -24.21 38.76
C PRO B 161 -23.91 -23.60 39.48
N TYR B 162 -22.75 -24.25 39.38
CA TYR B 162 -21.54 -23.67 39.93
C TYR B 162 -21.13 -22.45 39.12
N LEU B 163 -20.73 -21.40 39.82
CA LEU B 163 -20.41 -20.13 39.18
C LEU B 163 -19.19 -19.53 39.88
N GLY B 164 -18.19 -19.15 39.09
CA GLY B 164 -17.00 -18.54 39.65
C GLY B 164 -15.96 -18.31 38.58
N VAL B 165 -14.92 -17.58 38.96
CA VAL B 165 -13.83 -17.29 38.04
C VAL B 165 -13.03 -18.56 37.75
N ASN B 166 -12.86 -19.41 38.74
CA ASN B 166 -12.12 -20.65 38.60
C ASN B 166 -13.08 -21.84 38.53
N ARG B 167 -12.50 -23.00 38.26
CA ARG B 167 -13.27 -24.24 38.20
C ARG B 167 -13.40 -24.93 39.54
N HIS B 168 -12.70 -24.44 40.56
CA HIS B 168 -12.80 -24.96 41.92
C HIS B 168 -12.91 -23.79 42.88
N ASP B 169 -13.85 -23.89 43.82
CA ASP B 169 -14.12 -22.81 44.76
C ASP B 169 -13.58 -23.16 46.14
N GLN B 170 -13.35 -22.13 46.95
CA GLN B 170 -12.86 -22.30 48.31
C GLN B 170 -13.90 -23.00 49.19
N HIS B 174 -15.35 -18.36 50.35
CA HIS B 174 -15.82 -17.57 49.22
C HIS B 174 -17.30 -17.82 48.97
N GLN B 175 -18.14 -16.90 49.44
CA GLN B 175 -19.59 -17.01 49.30
C GLN B 175 -19.97 -16.65 47.87
N ALA B 176 -19.96 -17.66 47.00
CA ALA B 176 -20.29 -17.43 45.60
C ALA B 176 -21.74 -16.99 45.42
N TRP B 177 -22.67 -17.62 46.14
CA TRP B 177 -24.08 -17.32 46.03
C TRP B 177 -24.64 -16.82 47.36
N SER B 178 -25.64 -15.97 47.27
CA SER B 178 -26.36 -15.52 48.46
C SER B 178 -27.85 -15.57 48.17
N LEU B 179 -28.59 -16.27 49.04
CA LEU B 179 -30.04 -16.34 48.92
C LEU B 179 -30.64 -15.09 49.54
N VAL B 180 -31.32 -14.29 48.73
CA VAL B 180 -31.90 -13.03 49.17
C VAL B 180 -33.42 -13.15 49.11
N VAL B 181 -34.09 -12.80 50.20
CA VAL B 181 -35.54 -12.78 50.29
C VAL B 181 -35.97 -11.35 50.57
N MET B 182 -36.81 -10.80 49.71
CA MET B 182 -37.31 -9.45 49.85
C MET B 182 -38.82 -9.48 49.95
N VAL B 183 -39.38 -8.59 50.76
CA VAL B 183 -40.83 -8.50 50.94
C VAL B 183 -41.35 -7.51 49.91
N LEU B 184 -41.79 -8.04 48.76
CA LEU B 184 -42.18 -7.16 47.66
C LEU B 184 -43.39 -6.33 48.03
N THR B 185 -44.37 -6.92 48.70
CA THR B 185 -45.53 -6.22 49.22
C THR B 185 -45.76 -6.63 50.66
N PRO B 186 -46.22 -5.70 51.50
CA PRO B 186 -46.45 -6.04 52.91
C PRO B 186 -47.53 -7.09 53.07
N LEU B 187 -47.41 -7.88 54.12
CA LEU B 187 -48.38 -8.94 54.38
C LEU B 187 -49.75 -8.36 54.71
N THR B 188 -50.78 -8.97 54.15
CA THR B 188 -52.16 -8.53 54.38
C THR B 188 -53.00 -9.72 54.82
N THR B 189 -53.87 -9.48 55.80
CA THR B 189 -54.75 -10.52 56.32
C THR B 189 -56.20 -10.06 56.29
N GLU B 190 -57.09 -10.84 56.88
CA GLU B 190 -58.50 -10.50 56.95
C GLU B 190 -58.94 -10.27 58.40
N GLY B 196 -51.94 -16.41 64.30
CA GLY B 196 -52.02 -16.06 62.90
C GLY B 196 -50.80 -15.32 62.39
N THR B 197 -49.67 -16.05 62.31
CA THR B 197 -48.41 -15.49 61.84
C THR B 197 -47.87 -16.36 60.71
N VAL B 198 -47.16 -15.72 59.79
CA VAL B 198 -46.58 -16.40 58.63
C VAL B 198 -45.09 -16.56 58.86
N GLU B 199 -44.59 -17.78 58.69
CA GLU B 199 -43.19 -18.10 58.88
C GLU B 199 -42.60 -18.61 57.57
N VAL B 200 -41.31 -18.31 57.36
CA VAL B 200 -40.61 -18.68 56.15
C VAL B 200 -39.51 -19.67 56.52
N TYR B 201 -39.50 -20.82 55.86
CA TYR B 201 -38.50 -21.86 56.08
C TYR B 201 -37.78 -22.15 54.78
N ALA B 202 -36.46 -22.21 54.83
CA ALA B 202 -35.63 -22.42 53.64
C ALA B 202 -34.98 -23.80 53.71
N ASN B 203 -35.13 -24.56 52.62
CA ASN B 203 -34.53 -25.88 52.49
C ASN B 203 -33.43 -25.80 51.45
N ILE B 204 -32.18 -25.98 51.86
CA ILE B 204 -31.02 -25.80 51.00
C ILE B 204 -30.31 -27.14 50.86
N ALA B 205 -29.95 -27.48 49.63
CA ALA B 205 -29.32 -28.77 49.35
C ALA B 205 -28.32 -28.64 48.19
N PRO B 206 -27.04 -28.90 48.43
CA PRO B 206 -26.06 -28.84 47.34
C PRO B 206 -26.32 -29.91 46.30
N THR B 207 -25.97 -29.59 45.06
CA THR B 207 -26.14 -30.50 43.93
C THR B 207 -24.81 -30.65 43.19
N ASN B 208 -24.46 -31.88 42.86
CA ASN B 208 -23.27 -32.19 42.07
C ASN B 208 -22.01 -31.61 42.73
N VAL B 209 -21.73 -32.11 43.93
CA VAL B 209 -20.56 -31.65 44.69
C VAL B 209 -19.29 -32.29 44.14
N GLY C 1 -2.63 9.09 -9.57
CA GLY C 1 -1.66 8.01 -9.65
C GLY C 1 -0.90 7.81 -8.36
N ILE C 2 -1.35 8.49 -7.30
CA ILE C 2 -0.72 8.44 -5.99
C ILE C 2 -1.70 7.81 -5.02
N ILE C 3 -1.26 6.78 -4.30
CA ILE C 3 -2.09 6.10 -3.32
C ILE C 3 -2.22 7.00 -2.08
N PRO C 4 -3.43 7.39 -1.69
CA PRO C 4 -3.58 8.23 -0.49
C PRO C 4 -3.48 7.39 0.77
N VAL C 5 -2.58 7.80 1.68
CA VAL C 5 -2.40 7.10 2.95
C VAL C 5 -2.56 8.10 4.08
N ALA C 6 -2.41 7.63 5.32
CA ALA C 6 -2.53 8.48 6.49
C ALA C 6 -1.70 7.87 7.60
N CYS C 7 -0.61 8.55 7.98
CA CYS C 7 0.29 8.04 9.00
C CYS C 7 -0.37 8.22 10.37
N PHE C 8 -0.81 7.10 10.95
CA PHE C 8 -1.50 7.16 12.23
C PHE C 8 -0.54 7.49 13.37
N ASP C 9 -1.09 8.04 14.44
CA ASP C 9 -0.32 8.33 15.64
C ASP C 9 -0.48 7.19 16.63
N GLY C 10 0.64 6.76 17.20
CA GLY C 10 0.64 5.65 18.14
C GLY C 10 1.44 4.48 17.64
N TYR C 11 1.34 4.20 16.35
CA TYR C 11 2.13 3.14 15.72
C TYR C 11 3.41 3.72 15.15
N GLY C 12 4.42 2.87 15.00
CA GLY C 12 5.68 3.26 14.41
C GLY C 12 6.84 3.35 15.37
N GLY C 13 6.58 3.37 16.67
CA GLY C 13 7.66 3.40 17.63
C GLY C 13 8.44 2.10 17.64
N PHE C 14 9.66 2.18 18.16
CA PHE C 14 10.53 1.01 18.22
C PHE C 14 10.02 0.05 19.29
N GLN C 15 9.53 -1.11 18.87
CA GLN C 15 9.09 -2.15 19.78
C GLN C 15 10.12 -3.27 19.80
N ASN C 16 10.51 -3.70 20.99
CA ASN C 16 11.52 -4.74 21.11
C ASN C 16 10.98 -6.13 20.80
N THR C 17 9.67 -6.29 20.65
CA THR C 17 9.06 -7.59 20.37
C THR C 17 8.17 -7.53 19.13
N ASP C 18 8.46 -6.62 18.22
CA ASP C 18 7.63 -6.47 17.02
C ASP C 18 7.85 -7.64 16.07
N PRO C 19 6.78 -8.10 15.40
CA PRO C 19 6.94 -9.19 14.43
C PRO C 19 7.64 -8.77 13.15
N LYS C 20 7.73 -7.48 12.86
CA LYS C 20 8.26 -7.02 11.59
C LYS C 20 9.76 -7.28 11.51
N THR C 21 10.22 -7.66 10.32
CA THR C 21 11.64 -7.89 10.08
C THR C 21 12.30 -6.61 9.56
N ALA C 22 13.63 -6.65 9.47
CA ALA C 22 14.42 -5.51 9.03
C ALA C 22 14.91 -5.75 7.60
N ASP C 23 15.60 -4.74 7.06
CA ASP C 23 16.13 -4.82 5.70
C ASP C 23 17.55 -5.35 5.74
N PRO C 24 17.83 -6.50 5.14
CA PRO C 24 19.18 -7.07 5.23
C PRO C 24 20.18 -6.28 4.42
N ILE C 25 21.46 -6.42 4.80
CA ILE C 25 22.55 -5.74 4.11
C ILE C 25 23.07 -6.64 2.99
N TYR C 26 23.58 -7.81 3.35
CA TYR C 26 24.00 -8.83 2.38
C TYR C 26 22.83 -9.80 2.22
N GLY C 27 21.93 -9.48 1.30
CA GLY C 27 20.72 -10.27 1.12
C GLY C 27 20.88 -11.54 0.33
N TYR C 28 22.08 -11.83 -0.18
CA TYR C 28 22.29 -13.01 -1.01
C TYR C 28 23.31 -13.95 -0.38
N VAL C 29 23.19 -14.19 0.92
CA VAL C 29 24.05 -15.14 1.62
C VAL C 29 23.31 -16.46 1.75
N TYR C 30 24.06 -17.56 1.74
CA TYR C 30 23.48 -18.90 1.81
C TYR C 30 24.41 -19.78 2.67
N ASN C 31 24.11 -19.87 3.95
CA ASN C 31 24.86 -20.76 4.82
C ASN C 31 24.52 -22.22 4.46
N PRO C 32 25.52 -23.11 4.43
CA PRO C 32 25.33 -24.41 3.78
C PRO C 32 24.22 -25.28 4.37
N SER C 33 24.35 -25.67 5.65
CA SER C 33 23.38 -26.57 6.26
C SER C 33 23.70 -26.81 7.73
N ARG C 34 22.68 -27.15 8.52
CA ARG C 34 22.85 -27.62 9.90
C ARG C 34 22.01 -28.84 10.18
N ASN C 35 21.65 -29.60 9.13
CA ASN C 35 20.71 -30.71 9.30
C ASN C 35 21.33 -31.87 10.09
N ASP C 36 22.60 -32.19 9.81
CA ASP C 36 23.25 -33.34 10.42
C ASP C 36 23.99 -32.98 11.71
N CYS C 37 23.56 -31.94 12.40
CA CYS C 37 24.15 -31.58 13.68
C CYS C 37 23.45 -32.31 14.81
N HIS C 38 24.11 -32.37 15.96
CA HIS C 38 23.64 -33.15 17.10
C HIS C 38 23.24 -32.24 18.25
N GLY C 39 22.21 -32.66 18.99
CA GLY C 39 21.81 -31.98 20.20
C GLY C 39 20.88 -30.80 20.01
N ARG C 40 20.38 -30.56 18.81
CA ARG C 40 19.48 -29.44 18.58
C ARG C 40 18.18 -29.64 19.34
N TYR C 41 17.76 -28.61 20.06
CA TYR C 41 16.47 -28.61 20.75
C TYR C 41 15.72 -27.35 20.37
N SER C 42 14.47 -27.52 19.94
CA SER C 42 13.64 -26.41 19.51
C SER C 42 12.62 -26.00 20.56
N ASN C 43 12.65 -26.61 21.75
CA ASN C 43 11.69 -26.29 22.79
C ASN C 43 12.32 -26.59 24.14
N LEU C 44 12.26 -25.62 25.05
CA LEU C 44 12.92 -25.78 26.34
C LEU C 44 12.19 -26.80 27.21
N LEU C 45 10.87 -26.86 27.11
CA LEU C 45 10.13 -27.78 27.97
C LEU C 45 10.32 -29.23 27.52
N ASP C 46 10.61 -29.46 26.24
CA ASP C 46 11.00 -30.81 25.83
C ASP C 46 12.28 -31.25 26.53
N VAL C 47 13.26 -30.34 26.61
CA VAL C 47 14.49 -30.63 27.35
C VAL C 47 14.19 -30.86 28.82
N ALA C 48 13.30 -30.05 29.39
CA ALA C 48 12.95 -30.20 30.81
C ALA C 48 12.30 -31.55 31.07
N GLU C 49 11.42 -32.00 30.16
CA GLU C 49 10.80 -33.30 30.31
C GLU C 49 11.80 -34.43 30.17
N ALA C 50 12.69 -34.33 29.18
CA ALA C 50 13.62 -35.42 28.89
C ALA C 50 14.80 -35.47 29.84
N CYS C 51 15.04 -34.42 30.63
CA CYS C 51 16.22 -34.34 31.49
C CYS C 51 15.82 -34.00 32.92
N PRO C 52 15.57 -35.01 33.75
CA PRO C 52 15.32 -34.73 35.17
C PRO C 52 16.57 -34.16 35.85
N THR C 53 16.34 -33.28 36.81
CA THR C 53 17.43 -32.64 37.54
C THR C 53 17.20 -32.80 39.04
N PHE C 54 18.29 -32.89 39.79
CA PHE C 54 18.21 -33.27 41.18
C PHE C 54 17.66 -32.15 42.05
N LEU C 55 17.18 -32.54 43.23
CA LEU C 55 16.66 -31.61 44.23
C LEU C 55 17.74 -31.25 45.22
N ASN C 56 17.44 -30.26 46.06
CA ASN C 56 18.40 -29.71 47.02
C ASN C 56 17.86 -29.92 48.44
N PHE C 57 18.31 -31.00 49.08
CA PHE C 57 17.95 -31.29 50.47
C PHE C 57 19.12 -30.86 51.36
N ASP C 58 19.18 -29.56 51.65
CA ASP C 58 20.23 -28.97 52.49
C ASP C 58 21.62 -29.25 51.90
N GLY C 59 21.79 -28.91 50.63
CA GLY C 59 23.06 -29.03 49.96
C GLY C 59 23.34 -30.39 49.33
N LYS C 60 22.47 -31.37 49.55
CA LYS C 60 22.64 -32.71 49.01
C LYS C 60 21.37 -33.15 48.32
N PRO C 61 21.49 -33.94 47.25
CA PRO C 61 20.30 -34.42 46.52
C PRO C 61 19.69 -35.69 47.10
N TYR C 62 20.24 -36.25 48.17
CA TYR C 62 19.79 -37.52 48.70
C TYR C 62 19.26 -37.35 50.12
N VAL C 63 18.29 -38.19 50.47
CA VAL C 63 17.69 -38.22 51.79
C VAL C 63 18.12 -39.50 52.48
N VAL C 64 18.41 -39.40 53.77
CA VAL C 64 18.96 -40.50 54.57
C VAL C 64 17.85 -41.03 55.48
N THR C 65 17.71 -42.35 55.52
CA THR C 65 16.76 -42.98 56.43
C THR C 65 17.12 -42.69 57.87
N LYS C 66 16.14 -42.32 58.68
CA LYS C 66 16.34 -41.99 60.08
C LYS C 66 15.96 -43.16 60.97
N ASN C 67 16.72 -43.34 62.05
CA ASN C 67 16.44 -44.42 63.00
C ASN C 67 15.26 -44.10 63.90
N ASN C 68 15.05 -42.83 64.23
CA ASN C 68 13.95 -42.44 65.10
C ASN C 68 12.62 -42.71 64.42
N GLY C 69 11.58 -42.88 65.25
CA GLY C 69 10.27 -43.20 64.71
C GLY C 69 9.47 -41.97 64.32
N ASP C 70 9.52 -41.62 63.05
CA ASP C 70 8.72 -40.54 62.49
C ASP C 70 8.02 -40.91 61.20
N LYS C 71 8.50 -41.91 60.47
CA LYS C 71 7.87 -42.43 59.25
C LYS C 71 7.75 -41.37 58.16
N VAL C 72 8.52 -40.29 58.26
CA VAL C 72 8.50 -39.21 57.27
C VAL C 72 9.95 -38.85 56.98
N MET C 73 10.49 -39.35 55.87
CA MET C 73 11.84 -38.99 55.48
C MET C 73 11.90 -37.56 54.96
N THR C 74 10.95 -37.17 54.12
CA THR C 74 10.94 -35.84 53.53
C THR C 74 9.52 -35.35 53.37
N CYS C 75 9.35 -34.03 53.42
CA CYS C 75 8.06 -33.39 53.16
C CYS C 75 8.36 -32.01 52.59
N PHE C 76 8.26 -31.87 51.28
CA PHE C 76 8.65 -30.64 50.60
C PHE C 76 7.52 -30.17 49.68
N ASP C 77 7.43 -28.84 49.53
CA ASP C 77 6.40 -28.25 48.70
C ASP C 77 6.65 -28.58 47.22
N VAL C 78 5.72 -28.17 46.37
CA VAL C 78 5.84 -28.38 44.93
C VAL C 78 5.97 -27.02 44.26
N ALA C 79 6.57 -26.06 44.97
CA ALA C 79 6.75 -24.71 44.45
C ALA C 79 8.15 -24.57 43.85
N PHE C 80 8.21 -23.94 42.68
CA PHE C 80 9.49 -23.72 42.02
C PHE C 80 10.39 -22.76 42.78
N THR C 81 9.83 -21.92 43.66
CA THR C 81 10.62 -21.00 44.47
C THR C 81 11.14 -21.62 45.75
N HIS C 82 10.67 -22.81 46.11
CA HIS C 82 11.13 -23.46 47.33
C HIS C 82 12.58 -23.86 47.18
N LYS C 83 13.35 -23.71 48.27
CA LYS C 83 14.78 -23.98 48.22
C LYS C 83 15.08 -25.40 47.77
N VAL C 84 14.18 -26.34 48.07
CA VAL C 84 14.37 -27.71 47.63
C VAL C 84 14.46 -27.78 46.11
N HIS C 85 13.57 -27.08 45.42
CA HIS C 85 13.60 -27.01 43.97
C HIS C 85 14.56 -25.95 43.46
N LYS C 86 15.41 -25.39 44.32
CA LYS C 86 16.21 -24.23 43.94
C LYS C 86 17.20 -24.52 42.82
N ASN C 87 17.71 -25.76 42.74
CA ASN C 87 18.79 -26.09 41.82
C ASN C 87 18.34 -26.94 40.64
N THR C 88 17.08 -26.80 40.21
CA THR C 88 16.56 -27.62 39.13
C THR C 88 16.46 -26.81 37.84
N PHE C 89 16.54 -27.52 36.71
CA PHE C 89 16.33 -26.90 35.42
C PHE C 89 14.91 -26.34 35.29
N LEU C 90 13.94 -27.01 35.92
CA LEU C 90 12.58 -26.49 35.93
C LEU C 90 12.48 -25.17 36.67
N ALA C 91 13.17 -25.05 37.80
CA ALA C 91 13.20 -23.77 38.51
C ALA C 91 13.93 -22.71 37.70
N GLY C 92 15.00 -23.11 37.02
CA GLY C 92 15.69 -22.17 36.15
C GLY C 92 14.80 -21.63 35.05
N LEU C 93 14.01 -22.51 34.43
CA LEU C 93 13.03 -22.06 33.44
C LEU C 93 11.95 -21.20 34.06
N ALA C 94 11.48 -21.57 35.26
CA ALA C 94 10.35 -20.88 35.88
C ALA C 94 10.72 -19.45 36.26
N ASP C 95 12.00 -19.17 36.48
CA ASP C 95 12.41 -17.82 36.86
C ASP C 95 12.14 -16.82 35.75
N TYR C 96 12.15 -17.28 34.49
CA TYR C 96 11.98 -16.40 33.35
C TYR C 96 10.58 -16.42 32.76
N TYR C 97 9.65 -17.14 33.36
CA TYR C 97 8.28 -17.24 32.87
C TYR C 97 7.29 -16.82 33.95
N ALA C 98 6.28 -16.07 33.54
CA ALA C 98 5.32 -15.52 34.49
C ALA C 98 4.40 -16.61 35.06
N GLN C 99 3.85 -17.46 34.20
CA GLN C 99 2.83 -18.41 34.65
C GLN C 99 3.14 -19.81 34.15
N TYR C 100 2.53 -20.79 34.79
CA TYR C 100 2.70 -22.18 34.40
C TYR C 100 1.47 -22.99 34.77
N GLN C 101 1.29 -24.13 34.09
CA GLN C 101 0.26 -25.07 34.46
C GLN C 101 0.65 -26.46 33.96
N GLY C 102 0.38 -27.47 34.75
CA GLY C 102 0.66 -28.84 34.35
C GLY C 102 1.17 -29.66 35.50
N SER C 103 1.64 -30.85 35.18
CA SER C 103 2.05 -31.86 36.15
C SER C 103 3.57 -31.99 36.18
N LEU C 104 4.06 -32.64 37.24
CA LEU C 104 5.47 -32.92 37.40
C LEU C 104 5.68 -34.41 37.58
N ASN C 105 6.90 -34.88 37.34
CA ASN C 105 7.29 -36.25 37.59
C ASN C 105 8.49 -36.25 38.51
N TYR C 106 8.35 -36.88 39.67
CA TYR C 106 9.41 -36.98 40.66
C TYR C 106 10.01 -38.38 40.59
N HIS C 107 11.31 -38.45 40.37
CA HIS C 107 12.02 -39.72 40.22
C HIS C 107 12.82 -39.99 41.48
N PHE C 108 12.61 -41.18 42.05
CA PHE C 108 13.27 -41.61 43.27
C PHE C 108 14.12 -42.82 42.96
N MET C 109 15.38 -42.79 43.37
CA MET C 109 16.33 -43.87 43.12
C MET C 109 16.93 -44.32 44.44
N TYR C 110 16.79 -45.60 44.75
CA TYR C 110 17.35 -46.15 45.98
C TYR C 110 18.84 -46.40 45.81
N THR C 111 19.60 -46.12 46.86
CA THR C 111 21.05 -46.13 46.79
C THR C 111 21.65 -46.88 47.98
N GLY C 112 21.11 -48.07 48.24
CA GLY C 112 21.60 -48.87 49.34
C GLY C 112 22.17 -50.19 48.88
N PRO C 113 22.65 -51.00 49.83
CA PRO C 113 23.16 -52.33 49.46
C PRO C 113 22.06 -53.20 48.89
N THR C 114 22.45 -54.12 48.01
CA THR C 114 21.48 -54.98 47.35
C THR C 114 20.79 -55.94 48.32
N HIS C 115 21.42 -56.28 49.44
CA HIS C 115 20.80 -57.19 50.39
C HIS C 115 19.63 -56.52 51.12
N HIS C 116 19.73 -55.21 51.37
CA HIS C 116 18.71 -54.49 52.14
C HIS C 116 17.61 -54.07 51.21
N LYS C 117 16.41 -54.62 51.41
CA LYS C 117 15.23 -54.28 50.63
C LYS C 117 14.27 -53.47 51.49
N ALA C 118 13.82 -52.33 50.96
CA ALA C 118 12.92 -51.45 51.67
C ALA C 118 11.75 -51.08 50.77
N LYS C 119 10.60 -50.81 51.40
CA LYS C 119 9.39 -50.42 50.70
C LYS C 119 9.02 -49.01 51.13
N PHE C 120 8.91 -48.09 50.17
CA PHE C 120 8.59 -46.71 50.44
C PHE C 120 7.25 -46.35 49.80
N MET C 121 6.68 -45.24 50.24
CA MET C 121 5.50 -44.67 49.62
C MET C 121 5.68 -43.16 49.49
N VAL C 122 5.05 -42.59 48.47
CA VAL C 122 5.09 -41.16 48.24
C VAL C 122 3.66 -40.67 48.10
N ALA C 123 3.33 -39.57 48.80
CA ALA C 123 1.98 -39.05 48.84
C ALA C 123 1.97 -37.58 48.45
N TYR C 124 0.93 -37.17 47.74
CA TYR C 124 0.68 -35.78 47.37
C TYR C 124 -0.56 -35.33 48.12
N ILE C 125 -0.40 -34.35 49.00
CA ILE C 125 -1.49 -33.91 49.88
C ILE C 125 -2.05 -32.59 49.37
N PRO C 126 -3.17 -32.61 48.65
CA PRO C 126 -3.66 -31.38 48.02
C PRO C 126 -3.99 -30.34 49.07
N PRO C 127 -3.83 -29.05 48.74
CA PRO C 127 -4.11 -27.92 49.64
C PRO C 127 -5.52 -27.95 50.22
N LEU C 134 -2.54 -29.82 56.93
CA LEU C 134 -2.64 -31.07 56.18
C LEU C 134 -2.07 -32.24 56.97
N PRO C 135 -2.84 -33.30 57.11
CA PRO C 135 -2.38 -34.46 57.88
C PRO C 135 -1.18 -35.14 57.23
N LYS C 136 -0.35 -35.74 58.07
CA LYS C 136 0.85 -36.42 57.60
C LYS C 136 0.85 -37.89 58.01
N THR C 137 -0.26 -38.58 57.79
CA THR C 137 -0.37 -39.99 58.12
C THR C 137 -0.80 -40.78 56.89
N PRO C 138 -0.33 -42.03 56.77
CA PRO C 138 -0.75 -42.85 55.62
C PRO C 138 -2.25 -43.10 55.55
N GLU C 139 -2.91 -43.22 56.70
CA GLU C 139 -4.36 -43.45 56.68
C GLU C 139 -5.10 -42.26 56.09
N ASP C 140 -4.70 -41.05 56.45
CA ASP C 140 -5.32 -39.87 55.86
C ASP C 140 -4.86 -39.64 54.42
N ALA C 141 -3.67 -40.13 54.08
CA ALA C 141 -3.18 -40.06 52.70
C ALA C 141 -3.84 -41.09 51.80
N ALA C 142 -4.50 -42.10 52.38
CA ALA C 142 -5.24 -43.07 51.57
C ALA C 142 -6.37 -42.38 50.80
N HIS C 143 -7.07 -41.45 51.44
CA HIS C 143 -8.04 -40.63 50.74
C HIS C 143 -7.39 -39.63 49.80
N CYS C 144 -6.09 -39.42 49.92
CA CYS C 144 -5.32 -38.54 49.04
C CYS C 144 -4.68 -39.38 47.95
N TYR C 145 -3.80 -38.75 47.16
CA TYR C 145 -3.13 -39.41 46.04
C TYR C 145 -1.79 -39.95 46.52
N HIS C 146 -1.73 -41.24 46.81
CA HIS C 146 -0.52 -41.87 47.29
C HIS C 146 -0.18 -43.07 46.43
N SER C 147 1.11 -43.38 46.35
CA SER C 147 1.58 -44.56 45.64
C SER C 147 2.68 -45.21 46.46
N GLU C 148 2.92 -46.50 46.21
CA GLU C 148 3.87 -47.27 46.98
C GLU C 148 4.74 -48.10 46.05
N TRP C 149 6.04 -48.11 46.32
CA TRP C 149 7.00 -48.87 45.53
C TRP C 149 7.98 -49.57 46.45
N ASP C 150 8.30 -50.83 46.11
CA ASP C 150 9.23 -51.64 46.89
C ASP C 150 10.56 -51.71 46.17
N THR C 151 11.65 -51.50 46.91
CA THR C 151 12.99 -51.54 46.32
C THR C 151 13.49 -52.96 46.20
N GLY C 152 12.70 -53.83 45.58
CA GLY C 152 13.10 -55.19 45.32
C GLY C 152 12.85 -55.58 43.88
N LEU C 153 12.07 -54.76 43.18
CA LEU C 153 11.78 -54.96 41.77
C LEU C 153 12.51 -53.96 40.88
N ASN C 154 12.40 -52.68 41.19
CA ASN C 154 13.08 -51.63 40.43
C ASN C 154 13.53 -50.55 41.41
N SER C 155 14.83 -50.27 41.42
CA SER C 155 15.34 -49.17 42.24
C SER C 155 15.22 -47.86 41.47
N GLN C 156 14.03 -47.59 40.94
CA GLN C 156 13.75 -46.39 40.17
C GLN C 156 12.24 -46.24 40.09
N PHE C 157 11.70 -45.21 40.72
CA PHE C 157 10.26 -45.00 40.79
C PHE C 157 9.91 -43.62 40.30
N THR C 158 8.81 -43.52 39.56
CA THR C 158 8.31 -42.24 39.05
C THR C 158 6.95 -41.96 39.65
N PHE C 159 6.81 -40.79 40.27
CA PHE C 159 5.55 -40.36 40.88
C PHE C 159 5.05 -39.15 40.13
N ALA C 160 3.82 -39.21 39.63
CA ALA C 160 3.23 -38.15 38.83
C ALA C 160 2.41 -37.25 39.72
N VAL C 161 2.89 -36.02 39.95
CA VAL C 161 2.18 -35.03 40.73
C VAL C 161 1.29 -34.23 39.78
N PRO C 162 -0.03 -34.32 39.89
CA PRO C 162 -0.92 -33.63 38.95
C PRO C 162 -1.10 -32.17 39.36
N TYR C 163 -1.88 -31.46 38.55
CA TYR C 163 -2.16 -30.04 38.76
C TYR C 163 -3.57 -29.91 39.35
N VAL C 164 -3.66 -29.51 40.62
CA VAL C 164 -4.94 -29.40 41.29
C VAL C 164 -5.11 -27.99 41.85
N SER C 165 -4.39 -27.03 41.29
CA SER C 165 -4.53 -25.65 41.72
C SER C 165 -5.92 -25.13 41.35
N ALA C 166 -6.40 -24.17 42.14
CA ALA C 166 -7.73 -23.62 41.92
C ALA C 166 -7.82 -22.92 40.57
N SER C 167 -6.87 -22.04 40.28
CA SER C 167 -6.87 -21.31 39.03
C SER C 167 -6.36 -22.22 37.89
N ASP C 168 -6.68 -21.81 36.66
CA ASP C 168 -6.20 -22.55 35.50
C ASP C 168 -4.67 -22.50 35.43
N PHE C 169 -4.09 -21.34 35.70
CA PHE C 169 -2.64 -21.16 35.70
C PHE C 169 -2.18 -20.69 37.07
N SER C 170 -0.93 -21.02 37.39
CA SER C 170 -0.33 -20.66 38.66
C SER C 170 0.89 -19.77 38.42
N TYR C 171 1.20 -18.97 39.44
CA TYR C 171 2.31 -18.03 39.36
C TYR C 171 3.61 -18.73 39.71
N THR C 172 4.62 -18.59 38.84
CA THR C 172 5.92 -19.18 39.12
C THR C 172 6.65 -18.45 40.23
N HIS C 173 6.43 -17.14 40.37
CA HIS C 173 7.08 -16.33 41.40
C HIS C 173 6.12 -16.14 42.56
N THR C 174 6.54 -16.55 43.75
CA THR C 174 5.74 -16.40 44.97
C THR C 174 6.67 -16.52 46.17
N ASP C 175 6.09 -16.44 47.36
CA ASP C 175 6.89 -16.52 48.59
C ASP C 175 6.04 -17.25 49.64
N THR C 176 6.25 -18.56 49.74
CA THR C 176 5.58 -19.40 50.71
C THR C 176 6.55 -20.43 51.26
N PRO C 177 7.07 -20.24 52.48
CA PRO C 177 8.07 -21.18 53.02
C PRO C 177 7.54 -22.58 53.24
N ALA C 178 6.52 -22.72 54.09
CA ALA C 178 5.88 -24.01 54.35
C ALA C 178 4.38 -23.84 54.43
N MET C 179 3.81 -23.04 53.53
CA MET C 179 2.38 -22.76 53.56
C MET C 179 1.57 -24.03 53.29
N ALA C 180 0.48 -24.19 54.03
CA ALA C 180 -0.33 -25.40 53.92
C ALA C 180 -0.97 -25.53 52.55
N THR C 181 -1.07 -24.45 51.79
CA THR C 181 -1.68 -24.45 50.46
C THR C 181 -0.67 -24.02 49.41
N THR C 182 0.59 -24.46 49.54
CA THR C 182 1.61 -24.00 48.61
C THR C 182 1.43 -24.63 47.24
N ASN C 183 1.67 -25.94 47.13
CA ASN C 183 1.25 -26.64 45.93
C ASN C 183 0.86 -28.10 46.17
N GLY C 184 0.92 -28.61 47.40
CA GLY C 184 0.52 -30.00 47.60
C GLY C 184 1.36 -30.86 48.51
N TRP C 185 2.53 -30.38 48.94
CA TRP C 185 3.30 -31.01 50.03
C TRP C 185 3.62 -32.49 49.71
N VAL C 186 4.46 -32.68 48.70
CA VAL C 186 4.91 -34.03 48.39
C VAL C 186 5.70 -34.58 49.56
N ALA C 187 5.29 -35.74 50.07
CA ALA C 187 5.92 -36.34 51.22
C ALA C 187 6.30 -37.78 50.94
N VAL C 188 7.37 -38.24 51.59
CA VAL C 188 7.89 -39.59 51.41
C VAL C 188 7.86 -40.28 52.76
N PHE C 189 7.23 -41.45 52.82
CA PHE C 189 7.13 -42.25 54.03
C PHE C 189 7.77 -43.60 53.81
N GLN C 190 8.31 -44.18 54.88
CA GLN C 190 8.85 -45.54 54.85
C GLN C 190 7.88 -46.44 55.62
N VAL C 191 7.13 -47.26 54.89
CA VAL C 191 6.11 -48.10 55.51
C VAL C 191 6.71 -49.17 56.40
N THR C 192 7.99 -49.51 56.20
CA THR C 192 8.65 -50.54 56.99
C THR C 192 9.42 -49.87 58.13
N ASP C 193 9.07 -50.21 59.36
CA ASP C 193 9.77 -49.70 60.53
C ASP C 193 11.00 -50.50 60.89
N THR C 194 11.27 -51.59 60.18
CA THR C 194 12.43 -52.44 60.45
C THR C 194 13.66 -51.94 59.69
N HIS C 195 14.02 -50.69 59.95
CA HIS C 195 15.20 -50.10 59.34
C HIS C 195 16.45 -50.79 59.84
N SER C 196 17.36 -51.10 58.91
CA SER C 196 18.57 -51.85 59.23
C SER C 196 19.79 -50.95 59.39
N ALA C 197 20.12 -50.17 58.35
CA ALA C 197 21.32 -49.34 58.37
C ALA C 197 20.99 -48.02 57.68
N GLU C 198 22.04 -47.25 57.39
CA GLU C 198 21.91 -45.93 56.78
C GLU C 198 21.88 -46.09 55.25
N ALA C 199 20.72 -45.88 54.66
CA ALA C 199 20.54 -45.92 53.22
C ALA C 199 20.48 -44.50 52.67
N ALA C 200 20.18 -44.38 51.38
CA ALA C 200 20.06 -43.08 50.74
C ALA C 200 19.09 -43.18 49.58
N VAL C 201 18.31 -42.12 49.39
CA VAL C 201 17.35 -42.04 48.29
C VAL C 201 17.60 -40.74 47.53
N VAL C 202 17.90 -40.85 46.25
CA VAL C 202 18.15 -39.70 45.39
C VAL C 202 16.83 -39.27 44.75
N VAL C 203 16.50 -37.99 44.85
CA VAL C 203 15.25 -37.45 44.37
C VAL C 203 15.54 -36.42 43.29
N SER C 204 14.85 -36.52 42.16
CA SER C 204 14.98 -35.55 41.08
C SER C 204 13.59 -35.24 40.54
N VAL C 205 13.50 -34.15 39.78
CA VAL C 205 12.22 -33.68 39.25
C VAL C 205 12.36 -33.48 37.75
N SER C 206 11.23 -33.62 37.05
CA SER C 206 11.18 -33.34 35.62
C SER C 206 9.77 -32.88 35.27
N ALA C 207 9.67 -32.20 34.14
CA ALA C 207 8.38 -31.68 33.70
C ALA C 207 7.50 -32.82 33.20
N GLY C 208 6.20 -32.71 33.49
CA GLY C 208 5.24 -33.67 33.00
C GLY C 208 4.96 -33.47 31.53
N PRO C 209 4.33 -34.47 30.89
CA PRO C 209 4.02 -34.34 29.47
C PRO C 209 3.07 -33.21 29.14
N ASP C 210 2.29 -32.73 30.10
CA ASP C 210 1.31 -31.67 29.87
C ASP C 210 1.72 -30.32 30.43
N LEU C 211 2.90 -30.22 31.03
CA LEU C 211 3.33 -28.96 31.61
C LEU C 211 3.55 -27.90 30.53
N GLU C 212 3.28 -26.65 30.89
CA GLU C 212 3.35 -25.55 29.95
C GLU C 212 3.61 -24.26 30.71
N PHE C 213 4.68 -23.57 30.37
CA PHE C 213 4.96 -22.22 30.85
C PHE C 213 4.43 -21.19 29.86
N ARG C 214 4.24 -19.97 30.36
CA ARG C 214 3.72 -18.91 29.51
C ARG C 214 4.14 -17.55 30.06
N PHE C 215 4.16 -16.56 29.16
CA PHE C 215 4.50 -15.17 29.41
C PHE C 215 5.93 -15.02 29.90
N PRO C 216 6.92 -15.18 29.02
CA PRO C 216 8.31 -15.00 29.44
C PRO C 216 8.55 -13.60 29.98
N VAL C 217 9.36 -13.54 31.04
CA VAL C 217 9.56 -12.32 31.81
C VAL C 217 11.04 -12.18 32.14
N ASP C 218 11.55 -10.95 32.07
CA ASP C 218 12.89 -10.66 32.57
C ASP C 218 12.79 -10.38 34.06
N PRO C 219 13.36 -11.22 34.93
CA PRO C 219 13.33 -10.92 36.37
C PRO C 219 14.41 -9.90 36.71
N VAL C 220 13.99 -8.76 37.25
CA VAL C 220 14.93 -7.71 37.63
C VAL C 220 14.79 -7.46 39.12
N ARG C 221 14.42 -8.50 39.87
CA ARG C 221 14.24 -8.40 41.30
C ARG C 221 15.56 -8.08 42.01
N LYS D 26 -26.27 13.24 -21.83
CA LYS D 26 -25.96 12.98 -20.44
C LYS D 26 -25.35 14.20 -19.77
N ARG D 27 -26.01 14.68 -18.71
CA ARG D 27 -25.54 15.83 -17.94
C ARG D 27 -25.05 15.36 -16.59
N VAL D 28 -23.84 15.75 -16.22
CA VAL D 28 -23.17 15.27 -15.03
C VAL D 28 -22.97 16.39 -14.00
N HIS D 29 -22.45 17.53 -14.45
CA HIS D 29 -22.10 18.61 -13.52
C HIS D 29 -23.30 19.26 -12.87
N THR D 30 -24.51 18.98 -13.34
CA THR D 30 -25.73 19.51 -12.74
C THR D 30 -26.48 18.43 -11.97
N ASP D 31 -25.80 17.35 -11.59
CA ASP D 31 -26.42 16.29 -10.80
C ASP D 31 -26.36 16.65 -9.33
N VAL D 32 -27.45 16.37 -8.61
CA VAL D 32 -27.56 16.77 -7.21
C VAL D 32 -26.49 16.06 -6.37
N ALA D 33 -26.29 14.76 -6.60
CA ALA D 33 -25.29 14.02 -5.84
C ALA D 33 -23.87 14.49 -6.16
N PHE D 34 -23.67 15.20 -7.27
CA PHE D 34 -22.36 15.71 -7.63
C PHE D 34 -22.11 17.12 -7.12
N VAL D 35 -23.10 18.00 -7.24
CA VAL D 35 -22.91 19.40 -6.87
C VAL D 35 -22.74 19.53 -5.36
N MET D 36 -23.61 18.87 -4.59
CA MET D 36 -23.59 19.03 -3.14
C MET D 36 -22.38 18.36 -2.50
N ASP D 37 -21.64 17.54 -3.24
CA ASP D 37 -20.48 16.83 -2.70
C ASP D 37 -19.26 17.75 -2.75
N ARG D 38 -19.28 18.76 -1.88
CA ARG D 38 -18.22 19.75 -1.80
C ARG D 38 -18.10 20.24 -0.36
N PHE D 39 -16.90 20.69 -0.01
CA PHE D 39 -16.66 21.30 1.30
C PHE D 39 -16.96 22.79 1.19
N THR D 40 -17.98 23.25 1.89
CA THR D 40 -18.36 24.66 1.90
C THR D 40 -18.02 25.27 3.25
N HIS D 41 -17.39 26.44 3.23
CA HIS D 41 -17.09 27.15 4.46
C HIS D 41 -18.38 27.70 5.05
N VAL D 42 -18.67 27.34 6.30
CA VAL D 42 -19.95 27.63 6.93
C VAL D 42 -19.81 28.64 8.06
N LEU D 43 -18.77 28.52 8.88
CA LEU D 43 -18.61 29.45 9.99
C LEU D 43 -17.13 29.50 10.37
N THR D 44 -16.74 30.62 10.98
CA THR D 44 -15.33 30.91 11.25
C THR D 44 -15.15 31.23 12.72
N ASN D 45 -14.10 30.68 13.33
CA ASN D 45 -13.68 30.99 14.69
C ASN D 45 -14.81 30.72 15.70
N ARG D 46 -15.19 29.44 15.79
CA ARG D 46 -16.14 28.99 16.79
C ARG D 46 -15.59 27.74 17.47
N THR D 47 -15.71 27.70 18.79
CA THR D 47 -15.20 26.56 19.55
C THR D 47 -16.28 25.51 19.82
N ALA D 48 -17.52 25.93 20.06
CA ALA D 48 -18.63 25.03 20.26
C ALA D 48 -19.78 25.49 19.40
N PHE D 49 -20.33 24.58 18.58
CA PHE D 49 -21.34 24.95 17.62
C PHE D 49 -22.21 23.75 17.29
N ALA D 50 -23.48 24.02 17.02
CA ALA D 50 -24.35 22.98 16.50
C ALA D 50 -24.00 22.67 15.05
N VAL D 51 -24.43 21.50 14.58
CA VAL D 51 -24.09 21.06 13.23
C VAL D 51 -25.31 21.20 12.35
N ASP D 52 -26.14 22.19 12.63
CA ASP D 52 -27.26 22.51 11.75
C ASP D 52 -26.74 22.82 10.35
N LEU D 53 -27.41 22.30 9.34
CA LEU D 53 -27.00 22.49 7.96
C LEU D 53 -27.49 23.81 7.38
N MET D 54 -28.24 24.60 8.15
CA MET D 54 -28.68 25.92 7.71
C MET D 54 -27.69 27.01 8.06
N ASP D 55 -26.58 26.67 8.70
CA ASP D 55 -25.51 27.66 8.93
C ASP D 55 -24.75 27.99 7.67
N THR D 56 -24.96 27.25 6.58
CA THR D 56 -24.26 27.51 5.33
C THR D 56 -24.68 28.87 4.78
N ASN D 57 -23.74 29.52 4.09
CA ASN D 57 -24.04 30.81 3.47
C ASN D 57 -25.10 30.63 2.39
N GLU D 58 -26.10 31.51 2.42
CA GLU D 58 -27.24 31.38 1.52
C GLU D 58 -26.90 31.73 0.08
N LYS D 59 -25.72 32.29 -0.18
CA LYS D 59 -25.32 32.64 -1.54
C LYS D 59 -24.33 31.67 -2.15
N THR D 60 -23.75 30.77 -1.36
CA THR D 60 -22.81 29.80 -1.89
C THR D 60 -23.54 28.76 -2.74
N LEU D 61 -22.76 28.03 -3.54
CA LEU D 61 -23.35 27.00 -4.40
C LEU D 61 -24.05 25.93 -3.57
N VAL D 62 -23.38 25.43 -2.52
CA VAL D 62 -23.98 24.40 -1.69
C VAL D 62 -25.11 24.98 -0.84
N GLY D 63 -24.93 26.20 -0.33
CA GLY D 63 -25.91 26.78 0.57
C GLY D 63 -27.16 27.32 -0.09
N ALA D 64 -27.12 27.55 -1.40
CA ALA D 64 -28.28 28.07 -2.12
C ALA D 64 -29.12 26.98 -2.76
N LEU D 65 -28.49 25.94 -3.30
CA LEU D 65 -29.24 24.82 -3.83
C LEU D 65 -29.88 23.99 -2.72
N LEU D 66 -29.29 23.99 -1.53
CA LEU D 66 -29.92 23.32 -0.39
C LEU D 66 -31.21 24.02 -0.01
N ARG D 67 -31.23 25.35 -0.02
CA ARG D 67 -32.43 26.12 0.28
C ARG D 67 -33.44 26.10 -0.86
N ALA D 68 -33.07 25.58 -2.02
CA ALA D 68 -33.99 25.35 -3.12
C ALA D 68 -34.70 24.02 -3.01
N ALA D 69 -34.65 23.38 -1.85
CA ALA D 69 -35.30 22.10 -1.59
C ALA D 69 -36.04 22.17 -0.27
N THR D 70 -37.24 21.60 -0.24
CA THR D 70 -38.02 21.61 1.00
C THR D 70 -37.46 20.61 2.01
N TYR D 71 -37.00 19.45 1.55
CA TYR D 71 -36.46 18.42 2.43
C TYR D 71 -35.15 17.91 1.85
N TYR D 72 -34.35 17.27 2.70
CA TYR D 72 -33.05 16.76 2.27
C TYR D 72 -32.63 15.65 3.22
N PHE D 73 -31.52 14.98 2.86
CA PHE D 73 -30.93 13.92 3.66
C PHE D 73 -29.49 13.69 3.21
N CYS D 74 -28.55 13.65 4.15
CA CYS D 74 -27.16 13.47 3.80
C CYS D 74 -26.40 12.94 5.00
N ASP D 75 -25.22 12.37 4.73
CA ASP D 75 -24.28 11.95 5.76
C ASP D 75 -23.15 12.98 5.77
N LEU D 76 -23.20 13.88 6.74
CA LEU D 76 -22.33 15.04 6.73
C LEU D 76 -20.88 14.66 7.00
N GLU D 77 -19.96 15.42 6.41
CA GLU D 77 -18.54 15.36 6.72
C GLU D 77 -18.10 16.72 7.24
N ILE D 78 -17.42 16.74 8.37
CA ILE D 78 -16.98 17.97 9.01
C ILE D 78 -15.47 18.03 8.96
N ALA D 79 -14.95 19.19 8.56
CA ALA D 79 -13.52 19.45 8.58
C ALA D 79 -13.26 20.71 9.38
N CYS D 80 -12.33 20.63 10.34
CA CYS D 80 -11.97 21.75 11.18
C CYS D 80 -10.55 22.16 10.86
N LEU D 81 -10.35 23.43 10.51
CA LEU D 81 -9.03 23.97 10.21
C LEU D 81 -8.67 25.01 11.25
N GLY D 82 -7.52 24.84 11.89
CA GLY D 82 -7.06 25.78 12.89
C GLY D 82 -6.14 25.10 13.88
N GLU D 83 -5.67 25.89 14.83
CA GLU D 83 -4.76 25.39 15.87
C GLU D 83 -5.61 24.81 17.00
N HIS D 84 -5.99 23.55 16.84
CA HIS D 84 -6.77 22.85 17.85
C HIS D 84 -6.16 21.47 18.08
N GLU D 85 -6.10 21.05 19.34
CA GLU D 85 -5.54 19.74 19.65
C GLU D 85 -6.51 18.62 19.25
N ARG D 86 -7.78 18.78 19.57
CA ARG D 86 -8.76 17.73 19.31
C ARG D 86 -10.15 18.35 19.29
N VAL D 87 -11.11 17.59 18.75
CA VAL D 87 -12.48 18.03 18.64
C VAL D 87 -13.39 16.90 19.06
N TRP D 88 -14.55 17.25 19.63
CA TRP D 88 -15.55 16.29 20.06
C TRP D 88 -16.78 16.37 19.18
N TRP D 89 -17.64 15.36 19.30
CA TRP D 89 -18.90 15.35 18.58
C TRP D 89 -19.91 14.51 19.35
N GLN D 90 -21.07 15.08 19.63
CA GLN D 90 -22.16 14.37 20.28
C GLN D 90 -23.29 14.13 19.30
N PRO D 91 -23.89 12.95 19.29
CA PRO D 91 -25.03 12.70 18.40
C PRO D 91 -26.23 13.54 18.81
N ASN D 92 -27.12 13.75 17.84
CA ASN D 92 -28.32 14.54 18.07
C ASN D 92 -29.16 13.91 19.17
N GLY D 93 -29.62 14.74 20.11
CA GLY D 93 -30.39 14.30 21.24
C GLY D 93 -29.60 14.13 22.52
N ALA D 94 -28.27 14.03 22.42
CA ALA D 94 -27.45 13.92 23.62
C ALA D 94 -27.48 15.22 24.40
N PRO D 95 -27.44 15.16 25.73
CA PRO D 95 -27.47 16.40 26.53
C PRO D 95 -26.23 17.25 26.32
N ARG D 96 -26.42 18.55 26.44
CA ARG D 96 -25.34 19.51 26.25
C ARG D 96 -24.63 19.74 27.57
N THR D 97 -23.32 19.52 27.59
CA THR D 97 -22.51 19.68 28.79
C THR D 97 -21.26 20.48 28.45
N THR D 98 -20.72 21.15 29.48
CA THR D 98 -19.50 21.94 29.30
C THR D 98 -18.30 21.05 29.03
N THR D 99 -18.19 19.94 29.76
CA THR D 99 -17.07 19.02 29.63
C THR D 99 -17.55 17.70 29.03
N LEU D 100 -16.74 17.15 28.12
CA LEU D 100 -17.07 15.90 27.44
C LEU D 100 -16.01 14.85 27.78
N ARG D 101 -16.46 13.69 28.24
CA ARG D 101 -15.59 12.60 28.63
C ARG D 101 -15.97 11.36 27.82
N ASP D 102 -15.01 10.81 27.09
CA ASP D 102 -15.15 9.60 26.31
C ASP D 102 -16.20 9.72 25.21
N ASN D 103 -16.73 10.92 24.97
CA ASN D 103 -17.55 11.15 23.80
C ASN D 103 -16.70 11.07 22.54
N PRO D 104 -17.30 10.81 21.37
CA PRO D 104 -16.51 10.67 20.15
C PRO D 104 -15.54 11.81 19.92
N MET D 105 -14.25 11.51 19.96
CA MET D 105 -13.19 12.50 19.96
C MET D 105 -12.18 12.17 18.87
N VAL D 106 -11.76 13.18 18.11
CA VAL D 106 -10.77 13.03 17.06
C VAL D 106 -9.67 14.04 17.29
N PHE D 107 -8.42 13.58 17.25
CA PHE D 107 -7.27 14.45 17.38
C PHE D 107 -6.88 15.02 16.01
N SER D 108 -6.43 16.26 16.01
CA SER D 108 -6.07 16.93 14.77
C SER D 108 -4.72 16.45 14.26
N HIS D 109 -4.62 16.29 12.94
CA HIS D 109 -3.37 15.94 12.28
C HIS D 109 -3.05 17.04 11.27
N ASN D 110 -1.87 17.67 11.44
CA ASN D 110 -1.48 18.82 10.63
C ASN D 110 -2.52 19.93 10.68
N ASN D 111 -3.09 20.14 11.88
CA ASN D 111 -4.08 21.20 12.12
C ASN D 111 -5.32 21.03 11.25
N VAL D 112 -5.65 19.79 10.90
CA VAL D 112 -6.87 19.48 10.17
C VAL D 112 -7.54 18.30 10.85
N THR D 113 -8.85 18.38 11.04
CA THR D 113 -9.62 17.31 11.66
C THR D 113 -10.84 17.02 10.78
N ARG D 114 -10.75 15.99 9.96
CA ARG D 114 -11.84 15.58 9.09
C ARG D 114 -12.43 14.28 9.61
N PHE D 115 -13.75 14.25 9.79
CA PHE D 115 -14.42 13.07 10.29
C PHE D 115 -15.86 13.05 9.75
N ALA D 116 -16.32 11.85 9.40
CA ALA D 116 -17.63 11.68 8.78
C ALA D 116 -18.68 11.48 9.87
N VAL D 117 -19.64 12.39 9.91
CA VAL D 117 -20.72 12.34 10.89
C VAL D 117 -21.92 11.64 10.24
N PRO D 118 -22.41 10.53 10.78
CA PRO D 118 -23.59 9.89 10.21
C PRO D 118 -24.85 10.71 10.47
N TYR D 119 -25.86 10.48 9.64
CA TYR D 119 -27.16 11.09 9.87
C TYR D 119 -27.71 10.66 11.21
N THR D 120 -28.17 11.63 12.00
CA THR D 120 -28.45 11.39 13.41
C THR D 120 -29.83 11.83 13.86
N ALA D 121 -30.51 12.70 13.12
CA ALA D 121 -31.79 13.23 13.59
C ALA D 121 -32.83 12.12 13.66
N PRO D 122 -33.75 12.20 14.63
CA PRO D 122 -34.81 11.19 14.71
C PRO D 122 -35.73 11.17 13.49
N HIS D 123 -35.94 12.31 12.83
CA HIS D 123 -36.85 12.38 11.72
C HIS D 123 -36.30 11.64 10.51
N ARG D 124 -37.21 11.15 9.66
CA ARG D 124 -36.80 10.47 8.45
C ARG D 124 -36.07 11.41 7.50
N LEU D 125 -36.55 12.65 7.37
CA LEU D 125 -35.96 13.65 6.52
C LEU D 125 -35.86 14.97 7.27
N LEU D 126 -34.81 15.73 6.96
CA LEU D 126 -34.67 17.08 7.47
C LEU D 126 -35.34 18.06 6.51
N SER D 127 -35.68 19.24 7.01
CA SER D 127 -36.35 20.25 6.23
C SER D 127 -35.64 21.58 6.37
N THR D 128 -35.54 22.31 5.25
CA THR D 128 -34.98 23.65 5.29
C THR D 128 -35.99 24.66 5.84
N ARG D 129 -37.27 24.45 5.60
CA ARG D 129 -38.33 25.33 6.06
C ARG D 129 -39.28 24.56 6.96
N TYR D 130 -40.08 25.31 7.72
CA TYR D 130 -41.06 24.70 8.62
C TYR D 130 -42.13 25.74 8.92
N ASN D 131 -43.38 25.43 8.55
CA ASN D 131 -44.51 26.34 8.80
C ASN D 131 -45.13 25.97 10.14
N GLY D 132 -44.49 26.41 11.20
CA GLY D 132 -44.96 26.13 12.55
C GLY D 132 -44.65 27.23 13.54
N LYS D 160 -39.22 29.51 12.82
CA LYS D 160 -37.84 29.05 12.86
C LYS D 160 -37.79 27.53 13.00
N LEU D 161 -36.74 26.93 12.45
CA LEU D 161 -36.60 25.48 12.52
C LEU D 161 -36.37 25.04 13.96
N PRO D 162 -37.00 23.95 14.40
CA PRO D 162 -36.75 23.44 15.75
C PRO D 162 -35.37 22.85 15.89
N SER D 163 -34.94 22.69 17.14
CA SER D 163 -33.58 22.26 17.44
C SER D 163 -33.30 20.84 16.97
N THR D 164 -34.32 20.04 16.68
CA THR D 164 -34.10 18.66 16.28
C THR D 164 -33.51 18.52 14.88
N PHE D 165 -33.46 19.60 14.10
CA PHE D 165 -32.94 19.55 12.74
C PHE D 165 -31.46 19.94 12.74
N ASN D 166 -30.63 19.01 13.20
CA ASN D 166 -29.19 19.19 13.17
C ASN D 166 -28.54 17.81 13.16
N PHE D 167 -27.25 17.79 12.83
CA PHE D 167 -26.49 16.55 12.76
C PHE D 167 -25.70 16.28 14.03
N GLY D 168 -25.90 17.07 15.06
CA GLY D 168 -25.26 16.84 16.33
C GLY D 168 -24.74 18.13 16.91
N TYR D 169 -23.80 17.98 17.84
CA TYR D 169 -23.12 19.11 18.47
C TYR D 169 -21.63 18.86 18.46
N VAL D 170 -20.85 19.89 18.18
CA VAL D 170 -19.41 19.77 18.07
C VAL D 170 -18.77 20.82 18.97
N THR D 171 -17.83 20.39 19.82
CA THR D 171 -17.03 21.28 20.63
C THR D 171 -15.56 21.05 20.31
N ALA D 172 -14.82 22.14 20.13
CA ALA D 172 -13.40 22.07 19.82
C ALA D 172 -12.58 22.62 20.97
N ASP D 173 -11.32 22.18 21.04
CA ASP D 173 -10.42 22.67 22.07
C ASP D 173 -10.17 24.16 21.92
N LYS D 174 -9.94 24.62 20.69
CA LYS D 174 -9.72 26.02 20.38
C LYS D 174 -10.54 26.37 19.15
N PRO D 175 -10.87 27.64 18.96
CA PRO D 175 -11.73 28.01 17.82
C PRO D 175 -11.11 27.60 16.49
N VAL D 176 -11.97 27.11 15.60
CA VAL D 176 -11.56 26.58 14.31
C VAL D 176 -12.50 27.07 13.22
N ASP D 177 -12.06 26.90 11.97
CA ASP D 177 -12.90 27.15 10.80
C ASP D 177 -13.48 25.82 10.34
N VAL D 178 -14.78 25.82 10.06
CA VAL D 178 -15.53 24.59 9.86
C VAL D 178 -16.02 24.53 8.42
N TYR D 179 -15.91 23.34 7.81
CA TYR D 179 -16.37 23.08 6.46
C TYR D 179 -17.31 21.89 6.48
N TYR D 180 -18.47 22.00 5.84
CA TYR D 180 -19.44 20.93 5.74
C TYR D 180 -19.42 20.33 4.36
N ARG D 181 -19.65 19.02 4.30
CA ARG D 181 -19.71 18.29 3.02
C ARG D 181 -20.87 17.31 3.08
N MET D 182 -21.79 17.42 2.13
CA MET D 182 -22.99 16.58 2.10
C MET D 182 -22.69 15.35 1.25
N LYS D 183 -22.43 14.22 1.92
CA LYS D 183 -22.22 12.97 1.22
C LYS D 183 -23.55 12.31 0.91
N ARG D 184 -23.73 11.90 -0.33
CA ARG D 184 -24.95 11.22 -0.78
C ARG D 184 -26.19 12.06 -0.49
N ALA D 185 -26.15 13.31 -0.94
CA ALA D 185 -27.28 14.22 -0.72
C ALA D 185 -28.49 13.76 -1.50
N GLU D 186 -29.68 13.97 -0.91
CA GLU D 186 -30.95 13.61 -1.52
C GLU D 186 -31.93 14.74 -1.27
N LEU D 187 -32.14 15.59 -2.28
CA LEU D 187 -33.04 16.72 -2.14
C LEU D 187 -34.45 16.33 -2.56
N TYR D 188 -35.43 17.03 -2.00
CA TYR D 188 -36.84 16.76 -2.25
C TYR D 188 -37.60 18.06 -2.44
N CYS D 189 -38.67 18.00 -3.25
CA CYS D 189 -39.63 19.10 -3.41
C CYS D 189 -38.94 20.41 -3.76
N PRO D 190 -38.46 20.57 -4.99
CA PRO D 190 -37.67 21.75 -5.34
C PRO D 190 -38.44 23.05 -5.13
N ARG D 191 -37.70 24.07 -4.71
CA ARG D 191 -38.23 25.38 -4.38
C ARG D 191 -37.63 26.44 -5.30
N PRO D 192 -38.24 27.62 -5.39
CA PRO D 192 -37.71 28.66 -6.28
C PRO D 192 -36.27 29.01 -5.96
N LEU D 193 -35.49 29.20 -7.02
CA LEU D 193 -34.08 29.55 -6.93
C LEU D 193 -33.87 30.84 -7.70
N LEU D 194 -33.18 31.80 -7.07
CA LEU D 194 -32.99 33.09 -7.69
C LEU D 194 -31.51 33.41 -7.84
N PRO D 195 -31.14 34.23 -8.83
CA PRO D 195 -29.73 34.62 -8.98
C PRO D 195 -29.25 35.41 -7.76
N GLY D 196 -28.17 34.92 -7.15
CA GLY D 196 -27.62 35.59 -5.99
C GLY D 196 -27.04 36.95 -6.32
N TYR D 197 -26.40 37.08 -7.48
CA TYR D 197 -25.73 38.31 -7.88
C TYR D 197 -26.21 38.73 -9.25
N ASP D 198 -26.19 40.04 -9.49
CA ASP D 198 -26.65 40.60 -10.76
C ASP D 198 -25.49 41.13 -11.58
N GLY E 1 10.87 1.32 -7.86
CA GLY E 1 10.62 0.21 -6.96
C GLY E 1 10.03 0.65 -5.63
N ILE E 2 9.63 1.92 -5.56
CA ILE E 2 9.06 2.52 -4.37
C ILE E 2 7.64 2.97 -4.69
N ILE E 3 6.69 2.56 -3.86
CA ILE E 3 5.28 2.93 -4.03
C ILE E 3 5.10 4.40 -3.65
N PRO E 4 4.64 5.26 -4.56
CA PRO E 4 4.41 6.65 -4.20
C PRO E 4 3.11 6.83 -3.44
N VAL E 5 3.19 7.43 -2.25
CA VAL E 5 2.02 7.68 -1.42
C VAL E 5 1.95 9.16 -1.09
N ALA E 6 0.94 9.54 -0.32
CA ALA E 6 0.76 10.94 0.07
C ALA E 6 0.01 10.97 1.39
N CYS E 7 0.69 11.43 2.45
CA CYS E 7 0.08 11.47 3.78
C CYS E 7 -0.91 12.62 3.83
N PHE E 8 -2.20 12.30 3.80
CA PHE E 8 -3.23 13.33 3.80
C PHE E 8 -3.32 14.02 5.16
N ASP E 9 -3.78 15.27 5.13
CA ASP E 9 -4.01 16.04 6.34
C ASP E 9 -5.45 15.89 6.78
N GLY E 10 -5.64 15.66 8.08
CA GLY E 10 -6.97 15.46 8.63
C GLY E 10 -7.13 14.08 9.22
N TYR E 11 -6.59 13.08 8.54
CA TYR E 11 -6.58 11.72 9.06
C TYR E 11 -5.29 11.47 9.82
N GLY E 12 -5.35 10.52 10.75
CA GLY E 12 -4.18 10.12 11.52
C GLY E 12 -4.26 10.44 12.99
N GLY E 13 -5.17 11.33 13.40
CA GLY E 13 -5.30 11.64 14.80
C GLY E 13 -5.85 10.47 15.59
N PHE E 14 -5.59 10.51 16.89
CA PHE E 14 -6.05 9.45 17.78
C PHE E 14 -7.56 9.58 17.98
N GLN E 15 -8.32 8.66 17.39
CA GLN E 15 -9.76 8.60 17.58
C GLN E 15 -10.09 7.54 18.62
N ASN E 16 -10.96 7.88 19.55
CA ASN E 16 -11.30 6.94 20.62
C ASN E 16 -12.27 5.87 20.17
N THR E 17 -12.83 5.96 18.96
CA THR E 17 -13.78 4.98 18.46
C THR E 17 -13.37 4.48 17.07
N ASP E 18 -12.07 4.48 16.78
CA ASP E 18 -11.60 4.07 15.47
C ASP E 18 -11.73 2.56 15.30
N PRO E 19 -12.08 2.10 14.09
CA PRO E 19 -12.18 0.65 13.86
C PRO E 19 -10.85 -0.05 13.80
N LYS E 20 -9.74 0.68 13.62
CA LYS E 20 -8.45 0.04 13.43
C LYS E 20 -7.96 -0.60 14.72
N THR E 21 -7.27 -1.72 14.58
CA THR E 21 -6.68 -2.42 15.72
C THR E 21 -5.24 -1.98 15.93
N ALA E 22 -4.66 -2.43 17.04
CA ALA E 22 -3.29 -2.09 17.41
C ALA E 22 -2.38 -3.30 17.21
N ASP E 23 -1.10 -3.08 17.47
CA ASP E 23 -0.10 -4.15 17.31
C ASP E 23 0.07 -4.88 18.63
N PRO E 24 -0.21 -6.17 18.70
CA PRO E 24 -0.11 -6.89 19.97
C PRO E 24 1.33 -7.07 20.41
N ILE E 25 1.50 -7.30 21.71
CA ILE E 25 2.82 -7.53 22.29
C ILE E 25 3.14 -9.02 22.28
N TYR E 26 2.32 -9.81 22.96
CA TYR E 26 2.42 -11.27 22.94
C TYR E 26 1.39 -11.78 21.94
N GLY E 27 1.80 -11.88 20.68
CA GLY E 27 0.90 -12.25 19.62
C GLY E 27 0.57 -13.72 19.50
N TYR E 28 1.15 -14.56 20.35
CA TYR E 28 0.93 -16.00 20.26
C TYR E 28 0.32 -16.56 21.54
N VAL E 29 -0.67 -15.85 22.08
CA VAL E 29 -1.40 -16.31 23.26
C VAL E 29 -2.67 -17.01 22.81
N TYR E 30 -3.08 -18.02 23.59
CA TYR E 30 -4.27 -18.82 23.26
C TYR E 30 -4.99 -19.15 24.56
N ASN E 31 -5.97 -18.32 24.91
CA ASN E 31 -6.81 -18.61 26.06
C ASN E 31 -7.70 -19.81 25.74
N PRO E 32 -7.89 -20.72 26.70
CA PRO E 32 -8.46 -22.04 26.37
C PRO E 32 -9.84 -22.02 25.74
N SER E 33 -10.85 -21.53 26.48
CA SER E 33 -12.22 -21.54 26.00
C SER E 33 -13.11 -20.88 27.03
N ARG E 34 -14.25 -20.35 26.57
CA ARG E 34 -15.32 -19.86 27.44
C ARG E 34 -16.68 -20.35 26.97
N ASN E 35 -16.71 -21.49 26.26
CA ASN E 35 -17.95 -21.94 25.64
C ASN E 35 -18.96 -22.41 26.67
N ASP E 36 -18.52 -23.17 27.67
CA ASP E 36 -19.42 -23.77 28.65
C ASP E 36 -19.64 -22.87 29.86
N CYS E 37 -19.50 -21.56 29.72
CA CYS E 37 -19.77 -20.63 30.80
C CYS E 37 -21.24 -20.21 30.77
N HIS E 38 -21.75 -19.82 31.93
CA HIS E 38 -23.16 -19.52 32.11
C HIS E 38 -23.39 -18.02 32.19
N GLY E 39 -24.55 -17.57 31.72
CA GLY E 39 -24.98 -16.21 31.88
C GLY E 39 -24.46 -15.23 30.85
N ARG E 40 -23.80 -15.70 29.80
CA ARG E 40 -23.28 -14.79 28.79
C ARG E 40 -24.42 -14.12 28.04
N TYR E 41 -24.32 -12.80 27.89
CA TYR E 41 -25.24 -12.04 27.07
C TYR E 41 -24.45 -11.18 26.10
N SER E 42 -24.79 -11.27 24.83
CA SER E 42 -24.11 -10.51 23.78
C SER E 42 -24.88 -9.28 23.34
N ASN E 43 -26.04 -9.02 23.93
CA ASN E 43 -26.83 -7.85 23.57
C ASN E 43 -27.54 -7.33 24.81
N LEU E 44 -27.40 -6.03 25.07
CA LEU E 44 -27.97 -5.44 26.27
C LEU E 44 -29.49 -5.50 26.27
N LEU E 45 -30.11 -5.21 25.13
CA LEU E 45 -31.57 -5.16 25.09
C LEU E 45 -32.17 -6.56 25.21
N ASP E 46 -31.43 -7.59 24.81
CA ASP E 46 -31.90 -8.96 25.06
C ASP E 46 -32.06 -9.22 26.54
N VAL E 47 -31.19 -8.63 27.36
CA VAL E 47 -31.33 -8.75 28.82
C VAL E 47 -32.56 -8.00 29.30
N ALA E 48 -32.85 -6.84 28.69
CA ALA E 48 -33.96 -6.03 29.15
C ALA E 48 -35.31 -6.63 28.78
N GLU E 49 -35.37 -7.39 27.70
CA GLU E 49 -36.63 -8.00 27.29
C GLU E 49 -37.04 -9.13 28.23
N ALA E 50 -36.07 -9.92 28.69
CA ALA E 50 -36.35 -11.09 29.49
C ALA E 50 -36.32 -10.83 30.99
N CYS E 51 -36.02 -9.60 31.40
CA CYS E 51 -35.87 -9.26 32.81
C CYS E 51 -36.69 -8.01 33.13
N PRO E 52 -37.98 -8.18 33.42
CA PRO E 52 -38.80 -7.03 33.82
C PRO E 52 -38.39 -6.52 35.20
N THR E 53 -38.27 -5.20 35.32
CA THR E 53 -37.88 -4.57 36.57
C THR E 53 -38.99 -3.65 37.05
N PHE E 54 -39.10 -3.52 38.37
CA PHE E 54 -40.25 -2.88 38.98
C PHE E 54 -40.23 -1.37 38.79
N LEU E 55 -41.38 -0.75 39.03
CA LEU E 55 -41.57 0.69 38.92
C LEU E 55 -41.50 1.33 40.30
N ASN E 56 -41.37 2.65 40.31
CA ASN E 56 -41.18 3.41 41.54
C ASN E 56 -42.44 4.25 41.79
N PHE E 57 -43.36 3.70 42.59
CA PHE E 57 -44.58 4.40 42.98
C PHE E 57 -44.36 4.98 44.38
N ASP E 58 -43.62 6.08 44.43
CA ASP E 58 -43.27 6.76 45.68
C ASP E 58 -42.53 5.84 46.63
N GLY E 59 -41.47 5.21 46.12
CA GLY E 59 -40.62 4.35 46.92
C GLY E 59 -41.06 2.90 47.00
N LYS E 60 -42.21 2.56 46.43
CA LYS E 60 -42.74 1.21 46.47
C LYS E 60 -43.12 0.76 45.07
N PRO E 61 -43.00 -0.54 44.78
CA PRO E 61 -43.36 -1.03 43.45
C PRO E 61 -44.84 -1.36 43.27
N TYR E 62 -45.62 -1.36 44.34
CA TYR E 62 -47.02 -1.77 44.29
C TYR E 62 -47.94 -0.56 44.40
N VAL E 63 -49.21 -0.79 44.12
CA VAL E 63 -50.24 0.24 44.15
C VAL E 63 -51.33 -0.20 45.13
N VAL E 64 -51.73 0.71 46.02
CA VAL E 64 -52.75 0.41 47.01
C VAL E 64 -54.11 0.82 46.47
N THR E 65 -55.07 -0.09 46.54
CA THR E 65 -56.44 0.21 46.11
C THR E 65 -57.06 1.23 47.05
N LYS E 66 -57.71 2.24 46.48
CA LYS E 66 -58.31 3.32 47.25
C LYS E 66 -59.81 3.07 47.44
N ASN E 67 -60.31 3.37 48.64
CA ASN E 67 -61.73 3.21 48.92
C ASN E 67 -62.57 4.31 48.29
N ASN E 68 -62.01 5.50 48.13
CA ASN E 68 -62.75 6.60 47.53
C ASN E 68 -63.03 6.32 46.05
N GLY E 69 -64.06 6.99 45.53
CA GLY E 69 -64.44 6.77 44.16
C GLY E 69 -63.67 7.63 43.17
N ASP E 70 -62.61 7.06 42.61
CA ASP E 70 -61.83 7.74 41.58
C ASP E 70 -61.54 6.86 40.37
N LYS E 71 -61.58 5.52 40.51
CA LYS E 71 -61.42 4.57 39.44
C LYS E 71 -60.06 4.65 38.75
N VAL E 72 -59.10 5.37 39.34
CA VAL E 72 -57.76 5.53 38.79
C VAL E 72 -56.78 5.25 39.90
N MET E 73 -56.21 4.03 39.91
CA MET E 73 -55.19 3.71 40.90
C MET E 73 -53.91 4.48 40.63
N THR E 74 -53.44 4.48 39.38
CA THR E 74 -52.23 5.20 39.00
C THR E 74 -52.42 5.80 37.61
N CYS E 75 -51.62 6.84 37.35
CA CYS E 75 -51.57 7.46 36.02
C CYS E 75 -50.14 7.97 35.83
N PHE E 76 -49.32 7.16 35.19
CA PHE E 76 -47.90 7.47 35.00
C PHE E 76 -47.57 7.54 33.52
N ASP E 77 -46.58 8.37 33.20
CA ASP E 77 -46.16 8.55 31.82
C ASP E 77 -45.42 7.31 31.33
N VAL E 78 -44.98 7.35 30.08
CA VAL E 78 -44.21 6.27 29.49
C VAL E 78 -42.82 6.78 29.14
N ALA E 79 -42.34 7.75 29.90
CA ALA E 79 -41.04 8.36 29.68
C ALA E 79 -40.00 7.73 30.59
N PHE E 80 -38.82 7.43 30.03
CA PHE E 80 -37.75 6.86 30.81
C PHE E 80 -37.19 7.82 31.85
N THR E 81 -37.36 9.13 31.64
CA THR E 81 -36.88 10.12 32.60
C THR E 81 -37.88 10.39 33.72
N HIS E 82 -39.09 9.85 33.64
CA HIS E 82 -40.08 10.04 34.69
C HIS E 82 -39.62 9.35 35.96
N LYS E 83 -40.02 9.90 37.11
CA LYS E 83 -39.60 9.33 38.38
C LYS E 83 -40.15 7.94 38.59
N VAL E 84 -41.23 7.57 37.91
CA VAL E 84 -41.79 6.23 38.06
C VAL E 84 -40.84 5.19 37.49
N HIS E 85 -40.31 5.45 36.29
CA HIS E 85 -39.41 4.52 35.64
C HIS E 85 -37.97 4.66 36.12
N LYS E 86 -37.71 5.53 37.09
CA LYS E 86 -36.34 5.88 37.46
C LYS E 86 -35.51 4.68 37.87
N ASN E 87 -36.12 3.70 38.53
CA ASN E 87 -35.38 2.56 39.08
C ASN E 87 -35.33 1.36 38.13
N THR E 88 -35.94 1.46 36.96
CA THR E 88 -35.99 0.31 36.05
C THR E 88 -34.65 0.11 35.35
N PHE E 89 -34.42 -1.13 34.90
CA PHE E 89 -33.21 -1.44 34.15
C PHE E 89 -33.22 -0.73 32.80
N LEU E 90 -34.40 -0.59 32.19
CA LEU E 90 -34.49 0.11 30.91
C LEU E 90 -34.07 1.56 31.04
N ALA E 91 -34.53 2.24 32.09
CA ALA E 91 -34.14 3.64 32.30
C ALA E 91 -32.65 3.76 32.54
N GLY E 92 -32.08 2.83 33.31
CA GLY E 92 -30.64 2.81 33.49
C GLY E 92 -29.90 2.57 32.19
N LEU E 93 -30.45 1.72 31.34
CA LEU E 93 -29.88 1.48 30.02
C LEU E 93 -30.18 2.61 29.04
N ALA E 94 -31.30 3.31 29.22
CA ALA E 94 -31.64 4.40 28.32
C ALA E 94 -30.84 5.66 28.60
N ASP E 95 -30.29 5.80 29.80
CA ASP E 95 -29.52 7.00 30.13
C ASP E 95 -28.26 7.11 29.31
N TYR E 96 -27.77 6.01 28.74
CA TYR E 96 -26.54 6.00 27.97
C TYR E 96 -26.77 6.00 26.47
N TYR E 97 -28.02 6.15 26.03
CA TYR E 97 -28.36 6.15 24.62
C TYR E 97 -29.16 7.40 24.27
N ALA E 98 -28.83 8.00 23.13
CA ALA E 98 -29.46 9.26 22.74
C ALA E 98 -30.92 9.07 22.33
N GLN E 99 -31.19 8.07 21.49
CA GLN E 99 -32.50 7.90 20.88
C GLN E 99 -32.97 6.46 21.03
N TYR E 100 -34.27 6.26 20.83
CA TYR E 100 -34.87 4.94 20.89
C TYR E 100 -36.15 4.91 20.08
N GLN E 101 -36.60 3.70 19.77
CA GLN E 101 -37.90 3.48 19.16
C GLN E 101 -38.32 2.05 19.43
N GLY E 102 -39.61 1.84 19.58
CA GLY E 102 -40.14 0.52 19.81
C GLY E 102 -41.20 0.54 20.89
N SER E 103 -41.64 -0.66 21.27
CA SER E 103 -42.74 -0.85 22.19
C SER E 103 -42.25 -1.29 23.55
N LEU E 104 -43.09 -1.06 24.57
CA LEU E 104 -42.83 -1.48 25.93
C LEU E 104 -43.90 -2.44 26.40
N ASN E 105 -43.50 -3.41 27.22
CA ASN E 105 -44.42 -4.35 27.84
C ASN E 105 -44.46 -4.07 29.33
N TYR E 106 -45.67 -3.87 29.86
CA TYR E 106 -45.87 -3.59 31.27
C TYR E 106 -46.52 -4.81 31.91
N HIS E 107 -45.87 -5.34 32.94
CA HIS E 107 -46.34 -6.54 33.64
C HIS E 107 -47.00 -6.13 34.95
N PHE E 108 -48.20 -6.65 35.18
CA PHE E 108 -48.96 -6.37 36.39
C PHE E 108 -49.21 -7.68 37.14
N MET E 109 -48.95 -7.67 38.43
CA MET E 109 -49.14 -8.84 39.28
C MET E 109 -49.96 -8.46 40.48
N TYR E 110 -50.99 -9.25 40.77
CA TYR E 110 -51.90 -9.00 41.87
C TYR E 110 -51.47 -9.84 43.07
N THR E 111 -51.26 -9.20 44.21
CA THR E 111 -50.75 -9.88 45.39
C THR E 111 -51.72 -9.77 46.55
N GLY E 112 -53.01 -9.99 46.31
CA GLY E 112 -54.00 -9.93 47.35
C GLY E 112 -54.46 -11.30 47.79
N PRO E 113 -55.43 -11.35 48.70
CA PRO E 113 -55.98 -12.64 49.13
C PRO E 113 -56.66 -13.37 47.98
N THR E 114 -56.64 -14.70 48.05
CA THR E 114 -57.21 -15.51 46.99
C THR E 114 -58.73 -15.39 46.94
N HIS E 115 -59.37 -15.09 48.07
CA HIS E 115 -60.83 -15.00 48.09
C HIS E 115 -61.33 -13.77 47.34
N HIS E 116 -60.58 -12.68 47.38
CA HIS E 116 -61.00 -11.42 46.78
C HIS E 116 -60.60 -11.41 45.31
N LYS E 117 -61.60 -11.38 44.43
CA LYS E 117 -61.39 -11.32 42.99
C LYS E 117 -61.76 -9.93 42.49
N ALA E 118 -60.82 -9.30 41.78
CA ALA E 118 -61.03 -7.97 41.24
C ALA E 118 -60.73 -7.97 39.74
N LYS E 119 -61.42 -7.10 39.02
CA LYS E 119 -61.25 -6.97 37.57
C LYS E 119 -60.65 -5.59 37.28
N PHE E 120 -59.54 -5.58 36.55
CA PHE E 120 -58.84 -4.36 36.22
C PHE E 120 -58.76 -4.19 34.71
N MET E 121 -58.79 -2.95 34.26
CA MET E 121 -58.57 -2.61 32.86
C MET E 121 -57.40 -1.65 32.76
N VAL E 122 -56.55 -1.88 31.75
CA VAL E 122 -55.38 -1.05 31.51
C VAL E 122 -55.59 -0.32 30.19
N ALA E 123 -55.47 1.00 30.22
CA ALA E 123 -55.73 1.84 29.06
C ALA E 123 -54.51 2.67 28.71
N TYR E 124 -54.24 2.78 27.42
CA TYR E 124 -53.18 3.62 26.88
C TYR E 124 -53.81 4.80 26.15
N ILE E 125 -53.39 6.01 26.50
CA ILE E 125 -54.04 7.21 26.00
C ILE E 125 -53.05 8.00 25.14
N PRO E 126 -53.03 7.78 23.82
CA PRO E 126 -52.03 8.44 22.99
C PRO E 126 -52.19 9.95 23.05
N PRO E 127 -51.09 10.70 22.91
CA PRO E 127 -51.07 12.16 22.94
C PRO E 127 -52.05 12.80 21.95
N LEU E 134 -55.90 15.04 27.96
CA LEU E 134 -56.35 13.68 27.67
C LEU E 134 -57.37 13.20 28.69
N PRO E 135 -58.51 12.71 28.21
CA PRO E 135 -59.56 12.26 29.13
C PRO E 135 -59.13 11.04 29.93
N LYS E 136 -59.72 10.92 31.13
CA LYS E 136 -59.41 9.80 32.01
C LYS E 136 -60.65 8.98 32.34
N THR E 137 -61.45 8.65 31.32
CA THR E 137 -62.64 7.86 31.51
C THR E 137 -62.61 6.62 30.63
N PRO E 138 -63.16 5.49 31.10
CA PRO E 138 -63.15 4.28 30.28
C PRO E 138 -63.87 4.43 28.95
N GLU E 139 -64.96 5.21 28.92
CA GLU E 139 -65.69 5.40 27.67
C GLU E 139 -64.85 6.12 26.64
N ASP E 140 -64.13 7.16 27.07
CA ASP E 140 -63.23 7.86 26.13
C ASP E 140 -62.00 7.03 25.81
N ALA E 141 -61.62 6.12 26.71
CA ALA E 141 -60.52 5.20 26.45
C ALA E 141 -60.95 4.02 25.57
N ALA E 142 -62.26 3.81 25.39
CA ALA E 142 -62.72 2.77 24.48
C ALA E 142 -62.32 3.07 23.04
N HIS E 143 -62.44 4.32 22.63
CA HIS E 143 -61.97 4.72 21.30
C HIS E 143 -60.45 4.69 21.20
N CYS E 144 -59.75 4.67 22.33
CA CYS E 144 -58.31 4.55 22.37
C CYS E 144 -57.91 3.12 22.68
N TYR E 145 -56.61 2.89 22.83
CA TYR E 145 -56.12 1.55 23.14
C TYR E 145 -56.43 1.19 24.59
N HIS E 146 -56.94 -0.02 24.79
CA HIS E 146 -57.30 -0.47 26.12
C HIS E 146 -57.35 -2.00 26.15
N SER E 147 -57.30 -2.54 27.36
CA SER E 147 -57.43 -3.98 27.56
C SER E 147 -57.81 -4.22 29.01
N GLU E 148 -58.57 -5.29 29.25
CA GLU E 148 -59.10 -5.58 30.57
C GLU E 148 -58.76 -7.02 30.94
N TRP E 149 -58.30 -7.22 32.17
CA TRP E 149 -57.95 -8.53 32.68
C TRP E 149 -58.58 -8.72 34.06
N ASP E 150 -59.08 -9.92 34.32
CA ASP E 150 -59.73 -10.26 35.57
C ASP E 150 -58.80 -11.12 36.41
N THR E 151 -58.66 -10.77 37.69
CA THR E 151 -57.77 -11.50 38.58
C THR E 151 -58.47 -12.75 39.13
N GLY E 152 -58.99 -13.58 38.23
CA GLY E 152 -59.58 -14.84 38.62
C GLY E 152 -59.07 -15.98 37.76
N LEU E 153 -58.41 -15.64 36.66
CA LEU E 153 -57.81 -16.61 35.76
C LEU E 153 -56.29 -16.63 35.86
N ASN E 154 -55.65 -15.46 35.78
CA ASN E 154 -54.21 -15.35 35.87
C ASN E 154 -53.88 -14.06 36.61
N SER E 155 -53.17 -14.18 37.74
CA SER E 155 -52.72 -13.00 38.46
C SER E 155 -51.41 -12.50 37.87
N GLN E 156 -51.37 -12.34 36.55
CA GLN E 156 -50.20 -11.87 35.83
C GLN E 156 -50.67 -11.37 34.48
N PHE E 157 -50.52 -10.08 34.22
CA PHE E 157 -51.02 -9.48 33.00
C PHE E 157 -49.90 -8.71 32.30
N THR E 158 -49.83 -8.86 30.99
CA THR E 158 -48.88 -8.15 30.15
C THR E 158 -49.63 -7.17 29.26
N PHE E 159 -49.22 -5.91 29.29
CA PHE E 159 -49.89 -4.84 28.54
C PHE E 159 -48.88 -4.20 27.61
N ALA E 160 -48.85 -4.67 26.36
CA ALA E 160 -47.94 -4.10 25.38
C ALA E 160 -48.36 -2.67 25.04
N VAL E 161 -47.39 -1.76 25.05
CA VAL E 161 -47.61 -0.35 24.77
C VAL E 161 -47.03 -0.05 23.39
N PRO E 162 -47.86 0.21 22.38
CA PRO E 162 -47.33 0.47 21.04
C PRO E 162 -46.64 1.82 20.97
N TYR E 163 -45.74 1.94 19.99
CA TYR E 163 -44.99 3.16 19.76
C TYR E 163 -45.79 4.06 18.82
N VAL E 164 -46.29 5.18 19.35
CA VAL E 164 -47.11 6.10 18.59
C VAL E 164 -46.53 7.51 18.56
N SER E 165 -45.22 7.63 18.78
CA SER E 165 -44.57 8.93 18.68
C SER E 165 -44.61 9.45 17.25
N ALA E 166 -44.65 10.78 17.12
CA ALA E 166 -44.73 11.39 15.80
C ALA E 166 -43.48 11.07 14.97
N SER E 167 -42.31 11.28 15.57
CA SER E 167 -41.05 11.01 14.88
C SER E 167 -40.77 9.50 14.88
N ASP E 168 -39.85 9.11 13.99
CA ASP E 168 -39.45 7.70 13.93
C ASP E 168 -38.78 7.27 15.23
N PHE E 169 -37.91 8.11 15.77
CA PHE E 169 -37.21 7.84 17.01
C PHE E 169 -37.55 8.92 18.04
N SER E 170 -37.57 8.52 19.30
CA SER E 170 -37.83 9.45 20.39
C SER E 170 -36.53 9.76 21.13
N TYR E 171 -36.59 10.79 21.97
CA TYR E 171 -35.44 11.23 22.74
C TYR E 171 -35.50 10.60 24.13
N THR E 172 -34.45 9.89 24.50
CA THR E 172 -34.38 9.29 25.83
C THR E 172 -34.31 10.36 26.92
N HIS E 173 -33.56 11.44 26.66
CA HIS E 173 -33.38 12.51 27.62
C HIS E 173 -34.36 13.64 27.29
N THR E 174 -35.19 14.01 28.26
CA THR E 174 -36.16 15.08 28.08
C THR E 174 -36.58 15.57 29.46
N ASP E 175 -37.50 16.54 29.48
CA ASP E 175 -37.99 17.13 30.73
C ASP E 175 -39.49 17.37 30.58
N THR E 176 -40.29 16.38 31.00
CA THR E 176 -41.74 16.45 30.94
C THR E 176 -42.31 15.82 32.20
N PRO E 177 -42.68 16.61 33.20
CA PRO E 177 -43.20 16.04 34.46
C PRO E 177 -44.51 15.29 34.28
N ALA E 178 -45.55 15.99 33.83
CA ALA E 178 -46.84 15.38 33.55
C ALA E 178 -47.42 15.93 32.26
N MET E 179 -46.57 16.06 31.24
CA MET E 179 -47.01 16.65 29.98
C MET E 179 -48.05 15.76 29.30
N ALA E 180 -49.07 16.39 28.72
CA ALA E 180 -50.15 15.66 28.10
C ALA E 180 -49.68 14.86 26.89
N THR E 181 -48.56 15.22 26.29
CA THR E 181 -48.01 14.55 25.13
C THR E 181 -46.66 13.93 25.43
N THR E 182 -46.52 13.33 26.62
CA THR E 182 -45.20 12.81 27.01
C THR E 182 -44.87 11.55 26.23
N ASN E 183 -45.58 10.46 26.51
CA ASN E 183 -45.50 9.30 25.64
C ASN E 183 -46.78 8.50 25.54
N GLY E 184 -47.86 8.88 26.22
CA GLY E 184 -49.09 8.11 26.11
C GLY E 184 -49.86 7.84 27.39
N TRP E 185 -49.31 8.20 28.54
CA TRP E 185 -50.05 8.22 29.81
C TRP E 185 -50.72 6.89 30.11
N VAL E 186 -49.89 5.87 30.36
CA VAL E 186 -50.42 4.58 30.79
C VAL E 186 -51.09 4.74 32.15
N ALA E 187 -52.34 4.30 32.25
CA ALA E 187 -53.10 4.39 33.48
C ALA E 187 -53.84 3.09 33.73
N VAL E 188 -54.12 2.82 35.01
CA VAL E 188 -54.77 1.58 35.43
C VAL E 188 -56.11 1.95 36.06
N PHE E 189 -57.19 1.36 35.55
CA PHE E 189 -58.54 1.60 36.04
C PHE E 189 -59.10 0.30 36.60
N GLN E 190 -59.72 0.39 37.77
CA GLN E 190 -60.40 -0.74 38.38
C GLN E 190 -61.90 -0.60 38.12
N VAL E 191 -62.47 -1.57 37.39
CA VAL E 191 -63.87 -1.47 36.98
C VAL E 191 -64.83 -1.87 38.09
N THR E 192 -64.35 -2.55 39.13
CA THR E 192 -65.22 -3.03 40.21
C THR E 192 -65.25 -1.98 41.32
N ASP E 193 -66.42 -1.35 41.49
CA ASP E 193 -66.60 -0.39 42.57
C ASP E 193 -66.90 -1.07 43.91
N THR E 194 -67.11 -2.38 43.92
CA THR E 194 -67.40 -3.11 45.15
C THR E 194 -66.10 -3.59 45.80
N HIS E 195 -65.24 -2.62 46.11
CA HIS E 195 -63.97 -2.93 46.76
C HIS E 195 -64.20 -3.46 48.17
N SER E 196 -63.49 -4.52 48.51
CA SER E 196 -63.64 -5.18 49.81
C SER E 196 -62.63 -4.67 50.83
N ALA E 197 -61.34 -4.80 50.54
CA ALA E 197 -60.30 -4.40 51.48
C ALA E 197 -59.08 -3.94 50.69
N GLU E 198 -57.99 -3.70 51.39
CA GLU E 198 -56.76 -3.23 50.76
C GLU E 198 -56.02 -4.37 50.08
N ALA E 199 -55.52 -4.10 48.88
CA ALA E 199 -54.74 -5.07 48.12
C ALA E 199 -53.53 -4.35 47.53
N ALA E 200 -52.82 -5.03 46.64
CA ALA E 200 -51.64 -4.45 46.01
C ALA E 200 -51.53 -4.97 44.58
N VAL E 201 -50.90 -4.17 43.72
CA VAL E 201 -50.66 -4.54 42.33
C VAL E 201 -49.22 -4.18 42.00
N VAL E 202 -48.38 -5.18 41.80
CA VAL E 202 -46.98 -4.97 41.46
C VAL E 202 -46.87 -4.70 39.96
N VAL E 203 -46.20 -3.61 39.60
CA VAL E 203 -46.08 -3.18 38.21
C VAL E 203 -44.60 -3.19 37.84
N SER E 204 -44.28 -3.80 36.70
CA SER E 204 -42.92 -3.84 36.19
C SER E 204 -42.96 -3.70 34.68
N VAL E 205 -41.86 -3.20 34.12
CA VAL E 205 -41.77 -2.89 32.69
C VAL E 205 -40.61 -3.67 32.09
N SER E 206 -40.83 -4.24 30.91
CA SER E 206 -39.80 -4.93 30.16
C SER E 206 -39.83 -4.47 28.71
N ALA E 207 -38.67 -4.48 28.08
CA ALA E 207 -38.57 -4.02 26.70
C ALA E 207 -39.36 -4.93 25.78
N GLY E 208 -39.99 -4.33 24.78
CA GLY E 208 -40.72 -5.07 23.78
C GLY E 208 -39.79 -5.76 22.80
N PRO E 209 -40.31 -6.71 22.03
CA PRO E 209 -39.47 -7.42 21.05
C PRO E 209 -38.91 -6.53 19.96
N ASP E 210 -39.50 -5.36 19.73
CA ASP E 210 -39.07 -4.47 18.65
C ASP E 210 -38.35 -3.22 19.13
N LEU E 211 -38.17 -3.06 20.44
CA LEU E 211 -37.51 -1.87 20.95
C LEU E 211 -36.03 -1.86 20.53
N GLU E 212 -35.52 -0.66 20.27
CA GLU E 212 -34.16 -0.53 19.78
C GLU E 212 -33.60 0.82 20.22
N PHE E 213 -32.50 0.78 20.97
CA PHE E 213 -31.74 1.98 21.31
C PHE E 213 -30.65 2.22 20.27
N ARG E 214 -30.14 3.44 20.25
CA ARG E 214 -29.11 3.80 19.27
C ARG E 214 -28.29 4.96 19.81
N PHE E 215 -27.11 5.14 19.21
CA PHE E 215 -26.22 6.27 19.49
C PHE E 215 -25.82 6.30 20.95
N PRO E 216 -24.94 5.40 21.39
CA PRO E 216 -24.51 5.40 22.80
C PRO E 216 -23.89 6.74 23.18
N VAL E 217 -24.24 7.23 24.36
CA VAL E 217 -23.86 8.56 24.83
C VAL E 217 -23.37 8.44 26.26
N ASP E 218 -22.32 9.18 26.58
CA ASP E 218 -21.86 9.27 27.96
C ASP E 218 -22.46 10.52 28.58
N PRO E 219 -23.39 10.40 29.52
CA PRO E 219 -24.00 11.59 30.13
C PRO E 219 -23.04 12.25 31.10
N VAL E 220 -22.73 13.53 30.85
CA VAL E 220 -21.86 14.28 31.73
C VAL E 220 -22.65 15.45 32.30
N ARG E 221 -23.95 15.27 32.45
CA ARG E 221 -24.83 16.31 32.97
C ARG E 221 -24.46 16.67 34.41
N LYS F 26 11.42 2.78 -34.67
CA LYS F 26 10.53 3.39 -33.69
C LYS F 26 11.20 4.54 -32.96
N ARG F 27 10.62 5.73 -33.10
CA ARG F 27 11.13 6.94 -32.45
C ARG F 27 10.18 7.33 -31.32
N VAL F 28 10.73 7.47 -30.12
CA VAL F 28 9.95 7.71 -28.92
C VAL F 28 10.19 9.10 -28.35
N HIS F 29 11.46 9.52 -28.28
CA HIS F 29 11.81 10.78 -27.65
C HIS F 29 11.33 12.00 -28.42
N THR F 30 10.89 11.82 -29.66
CA THR F 30 10.38 12.92 -30.47
C THR F 30 8.87 12.82 -30.65
N ASP F 31 8.18 12.11 -29.78
CA ASP F 31 6.73 12.00 -29.83
C ASP F 31 6.10 13.17 -29.11
N VAL F 32 5.02 13.71 -29.69
CA VAL F 32 4.39 14.91 -29.15
C VAL F 32 3.84 14.64 -27.75
N ALA F 33 3.18 13.48 -27.57
CA ALA F 33 2.64 13.15 -26.26
C ALA F 33 3.72 12.91 -25.21
N PHE F 34 4.97 12.70 -25.65
CA PHE F 34 6.08 12.47 -24.72
C PHE F 34 6.83 13.76 -24.41
N VAL F 35 7.09 14.59 -25.41
CA VAL F 35 7.90 15.79 -25.20
C VAL F 35 7.15 16.79 -24.33
N MET F 36 5.88 17.04 -24.64
CA MET F 36 5.13 18.07 -23.94
C MET F 36 4.78 17.68 -22.51
N ASP F 37 4.97 16.42 -22.13
CA ASP F 37 4.62 15.93 -20.79
C ASP F 37 5.77 16.26 -19.83
N ARG F 38 5.96 17.56 -19.60
CA ARG F 38 7.03 18.05 -18.75
C ARG F 38 6.58 19.32 -18.04
N PHE F 39 7.07 19.51 -16.82
CA PHE F 39 6.79 20.71 -16.06
C PHE F 39 7.75 21.81 -16.51
N THR F 40 7.21 22.85 -17.14
CA THR F 40 8.02 23.97 -17.60
C THR F 40 7.75 25.19 -16.72
N HIS F 41 8.80 25.88 -16.32
CA HIS F 41 8.66 27.10 -15.54
C HIS F 41 8.13 28.21 -16.42
N VAL F 42 7.02 28.82 -16.02
CA VAL F 42 6.30 29.76 -16.86
C VAL F 42 6.34 31.18 -16.29
N LEU F 43 6.22 31.33 -14.97
CA LEU F 43 6.23 32.65 -14.37
C LEU F 43 6.66 32.54 -12.92
N THR F 44 7.18 33.63 -12.38
CA THR F 44 7.80 33.64 -11.06
C THR F 44 7.20 34.75 -10.21
N ASN F 45 6.86 34.41 -8.97
CA ASN F 45 6.41 35.37 -7.96
C ASN F 45 5.16 36.13 -8.43
N ARG F 46 4.08 35.38 -8.63
CA ARG F 46 2.78 35.95 -8.94
C ARG F 46 1.74 35.32 -8.03
N THR F 47 0.88 36.16 -7.45
CA THR F 47 -0.16 35.67 -6.54
C THR F 47 -1.47 35.37 -7.25
N ALA F 48 -1.83 36.17 -8.25
CA ALA F 48 -3.02 35.94 -9.05
C ALA F 48 -2.66 36.05 -10.52
N PHE F 49 -3.05 35.06 -11.30
CA PHE F 49 -2.62 34.99 -12.69
C PHE F 49 -3.59 34.12 -13.48
N ALA F 50 -3.79 34.47 -14.74
CA ALA F 50 -4.54 33.60 -15.63
C ALA F 50 -3.68 32.40 -16.02
N VAL F 51 -4.34 31.35 -16.51
CA VAL F 51 -3.66 30.10 -16.79
C VAL F 51 -3.50 29.94 -18.30
N ASP F 52 -3.36 31.07 -19.00
CA ASP F 52 -3.07 31.02 -20.43
C ASP F 52 -1.79 30.22 -20.67
N LEU F 53 -1.82 29.37 -21.69
CA LEU F 53 -0.68 28.52 -21.99
C LEU F 53 0.38 29.23 -22.84
N MET F 54 0.15 30.48 -23.21
CA MET F 54 1.13 31.27 -23.94
C MET F 54 2.06 32.05 -23.02
N ASP F 55 1.90 31.92 -21.70
CA ASP F 55 2.85 32.51 -20.77
C ASP F 55 4.17 31.76 -20.73
N THR F 56 4.24 30.58 -21.34
CA THR F 56 5.48 29.81 -21.36
C THR F 56 6.55 30.56 -22.14
N ASN F 57 7.80 30.38 -21.72
CA ASN F 57 8.92 31.01 -22.42
C ASN F 57 9.00 30.45 -23.84
N GLU F 58 9.16 31.37 -24.81
CA GLU F 58 9.14 30.98 -26.21
C GLU F 58 10.40 30.26 -26.64
N LYS F 59 11.44 30.22 -25.80
CA LYS F 59 12.68 29.53 -26.13
C LYS F 59 12.81 28.17 -25.47
N THR F 60 11.95 27.85 -24.50
CA THR F 60 12.03 26.56 -23.83
C THR F 60 11.57 25.45 -24.77
N LEU F 61 11.82 24.21 -24.36
CA LEU F 61 11.42 23.05 -25.15
C LEU F 61 9.90 23.02 -25.31
N VAL F 62 9.17 23.13 -24.19
CA VAL F 62 7.72 23.07 -24.26
C VAL F 62 7.15 24.33 -24.92
N GLY F 63 7.73 25.49 -24.61
CA GLY F 63 7.19 26.73 -25.15
C GLY F 63 7.36 26.85 -26.66
N ALA F 64 8.52 26.44 -27.17
CA ALA F 64 8.78 26.62 -28.60
C ALA F 64 8.00 25.63 -29.44
N LEU F 65 7.90 24.37 -28.99
CA LEU F 65 7.15 23.38 -29.76
C LEU F 65 5.65 23.66 -29.71
N LEU F 66 5.18 24.29 -28.64
CA LEU F 66 3.78 24.69 -28.58
C LEU F 66 3.47 25.75 -29.62
N ARG F 67 4.38 26.70 -29.83
CA ARG F 67 4.20 27.75 -30.81
C ARG F 67 4.48 27.28 -32.23
N ALA F 68 4.95 26.05 -32.41
CA ALA F 68 5.09 25.45 -33.72
C ALA F 68 3.80 24.78 -34.18
N ALA F 69 2.73 24.89 -33.41
CA ALA F 69 1.43 24.32 -33.74
C ALA F 69 0.39 25.43 -33.77
N THR F 70 -0.51 25.38 -34.76
CA THR F 70 -1.57 26.38 -34.83
C THR F 70 -2.62 26.14 -33.75
N TYR F 71 -3.00 24.89 -33.51
CA TYR F 71 -4.01 24.56 -32.54
C TYR F 71 -3.48 23.46 -31.62
N TYR F 72 -4.06 23.38 -30.42
CA TYR F 72 -3.62 22.40 -29.44
C TYR F 72 -4.77 22.07 -28.50
N PHE F 73 -4.54 21.08 -27.64
CA PHE F 73 -5.51 20.65 -26.65
C PHE F 73 -4.79 19.82 -25.60
N CYS F 74 -5.02 20.12 -24.33
CA CYS F 74 -4.37 19.39 -23.26
C CYS F 74 -5.15 19.57 -21.97
N ASP F 75 -4.89 18.68 -21.02
CA ASP F 75 -5.41 18.78 -19.66
C ASP F 75 -4.26 19.24 -18.77
N LEU F 76 -4.25 20.53 -18.45
CA LEU F 76 -3.10 21.13 -17.80
C LEU F 76 -2.96 20.67 -16.36
N GLU F 77 -1.71 20.57 -15.90
CA GLU F 77 -1.38 20.38 -14.50
C GLU F 77 -0.59 21.58 -14.02
N ILE F 78 -0.98 22.12 -12.87
CA ILE F 78 -0.36 23.30 -12.30
C ILE F 78 0.36 22.91 -11.03
N ALA F 79 1.61 23.37 -10.89
CA ALA F 79 2.38 23.16 -9.68
C ALA F 79 2.88 24.52 -9.18
N CYS F 80 2.67 24.79 -7.91
CA CYS F 80 3.08 26.04 -7.29
C CYS F 80 4.13 25.75 -6.22
N LEU F 81 5.28 26.41 -6.33
CA LEU F 81 6.37 26.24 -5.38
C LEU F 81 6.59 27.56 -4.65
N GLY F 82 6.64 27.51 -3.33
CA GLY F 82 6.87 28.71 -2.54
C GLY F 82 6.08 28.70 -1.24
N GLU F 83 6.33 29.70 -0.39
CA GLU F 83 5.63 29.80 0.89
C GLU F 83 4.22 30.29 0.64
N HIS F 84 3.27 29.36 0.61
CA HIS F 84 1.86 29.70 0.44
C HIS F 84 1.02 28.68 1.18
N GLU F 85 -0.12 29.13 1.71
CA GLU F 85 -0.97 28.24 2.48
C GLU F 85 -1.89 27.43 1.58
N ARG F 86 -2.53 28.09 0.62
CA ARG F 86 -3.50 27.42 -0.25
C ARG F 86 -3.60 28.16 -1.57
N VAL F 87 -4.13 27.46 -2.58
CA VAL F 87 -4.26 27.96 -3.93
C VAL F 87 -5.69 27.71 -4.40
N TRP F 88 -6.33 28.75 -4.94
CA TRP F 88 -7.66 28.64 -5.52
C TRP F 88 -7.56 28.52 -7.03
N TRP F 89 -8.63 28.00 -7.63
CA TRP F 89 -8.70 27.89 -9.08
C TRP F 89 -10.15 28.05 -9.52
N GLN F 90 -10.38 28.95 -10.46
CA GLN F 90 -11.71 29.17 -11.03
C GLN F 90 -11.76 28.63 -12.45
N PRO F 91 -12.84 27.98 -12.85
CA PRO F 91 -12.96 27.52 -14.23
C PRO F 91 -13.07 28.70 -15.19
N ASN F 92 -12.72 28.44 -16.44
CA ASN F 92 -12.78 29.46 -17.48
C ASN F 92 -14.21 29.95 -17.65
N GLY F 93 -14.38 31.26 -17.71
CA GLY F 93 -15.68 31.89 -17.82
C GLY F 93 -16.26 32.38 -16.51
N ALA F 94 -15.72 31.92 -15.39
CA ALA F 94 -16.19 32.38 -14.09
C ALA F 94 -15.81 33.85 -13.88
N PRO F 95 -16.66 34.62 -13.19
CA PRO F 95 -16.33 36.03 -12.96
C PRO F 95 -15.11 36.19 -12.07
N ARG F 96 -14.39 37.28 -12.30
CA ARG F 96 -13.17 37.58 -11.57
C ARG F 96 -13.52 38.38 -10.32
N THR F 97 -13.15 37.85 -9.15
CA THR F 97 -13.43 38.50 -7.88
C THR F 97 -12.19 38.46 -7.01
N THR F 98 -12.10 39.42 -6.08
CA THR F 98 -10.94 39.51 -5.21
C THR F 98 -10.95 38.38 -4.17
N THR F 99 -12.09 38.11 -3.56
CA THR F 99 -12.21 37.10 -2.52
C THR F 99 -12.92 35.89 -3.08
N LEU F 100 -12.37 34.71 -2.82
CA LEU F 100 -12.92 33.46 -3.32
C LEU F 100 -13.42 32.62 -2.14
N ARG F 101 -14.68 32.19 -2.21
CA ARG F 101 -15.32 31.42 -1.16
C ARG F 101 -15.80 30.10 -1.75
N ASP F 102 -15.30 29.00 -1.20
CA ASP F 102 -15.69 27.64 -1.58
C ASP F 102 -15.41 27.32 -3.05
N ASN F 103 -14.63 28.17 -3.73
CA ASN F 103 -14.12 27.81 -5.04
C ASN F 103 -13.08 26.71 -4.91
N PRO F 104 -12.81 25.96 -5.98
CA PRO F 104 -11.82 24.86 -5.90
C PRO F 104 -10.51 25.30 -5.28
N MET F 105 -10.20 24.74 -4.11
CA MET F 105 -9.09 25.18 -3.29
C MET F 105 -8.24 23.98 -2.87
N VAL F 106 -6.93 24.14 -2.97
CA VAL F 106 -5.97 23.10 -2.60
C VAL F 106 -4.99 23.70 -1.61
N PHE F 107 -4.78 23.02 -0.49
CA PHE F 107 -3.78 23.43 0.49
C PHE F 107 -2.41 22.89 0.11
N SER F 108 -1.38 23.66 0.45
CA SER F 108 -0.02 23.29 0.11
C SER F 108 0.53 22.28 1.10
N HIS F 109 1.25 21.28 0.58
CA HIS F 109 1.92 20.28 1.39
C HIS F 109 3.40 20.33 1.08
N ASN F 110 4.23 20.60 2.10
CA ASN F 110 5.66 20.80 1.94
C ASN F 110 5.96 21.91 0.93
N ASN F 111 5.16 22.97 0.98
CA ASN F 111 5.33 24.15 0.14
C ASN F 111 5.24 23.82 -1.35
N VAL F 112 4.47 22.78 -1.69
CA VAL F 112 4.22 22.42 -3.08
C VAL F 112 2.72 22.16 -3.23
N THR F 113 2.12 22.73 -4.27
CA THR F 113 0.69 22.55 -4.56
C THR F 113 0.56 22.12 -6.00
N ARG F 114 0.36 20.82 -6.22
CA ARG F 114 0.16 20.26 -7.55
C ARG F 114 -1.28 19.78 -7.69
N PHE F 115 -1.96 20.22 -8.74
CA PHE F 115 -3.33 19.82 -8.97
C PHE F 115 -3.64 19.84 -10.46
N ALA F 116 -4.31 18.79 -10.92
CA ALA F 116 -4.65 18.66 -12.33
C ALA F 116 -5.85 19.53 -12.66
N VAL F 117 -5.76 20.28 -13.75
CA VAL F 117 -6.80 21.20 -14.20
C VAL F 117 -7.42 20.64 -15.47
N PRO F 118 -8.73 20.41 -15.52
CA PRO F 118 -9.34 19.94 -16.76
C PRO F 118 -9.40 21.02 -17.81
N TYR F 119 -9.51 20.59 -19.06
CA TYR F 119 -9.71 21.53 -20.16
C TYR F 119 -11.04 22.24 -19.98
N THR F 120 -11.01 23.57 -19.92
CA THR F 120 -12.15 24.35 -19.49
C THR F 120 -12.69 25.31 -20.54
N ALA F 121 -11.95 25.56 -21.62
CA ALA F 121 -12.36 26.55 -22.60
C ALA F 121 -13.64 26.10 -23.32
N PRO F 122 -14.52 27.03 -23.65
CA PRO F 122 -15.71 26.67 -24.43
C PRO F 122 -15.40 26.13 -25.81
N HIS F 123 -14.30 26.56 -26.42
CA HIS F 123 -13.95 26.15 -27.76
C HIS F 123 -13.51 24.69 -27.78
N ARG F 124 -13.65 24.07 -28.96
CA ARG F 124 -13.20 22.69 -29.11
C ARG F 124 -11.69 22.59 -29.03
N LEU F 125 -10.98 23.55 -29.62
CA LEU F 125 -9.52 23.59 -29.61
C LEU F 125 -9.05 25.00 -29.28
N LEU F 126 -7.87 25.08 -28.68
CA LEU F 126 -7.20 26.35 -28.44
C LEU F 126 -6.18 26.61 -29.54
N SER F 127 -5.92 27.89 -29.79
CA SER F 127 -5.00 28.29 -30.84
C SER F 127 -3.90 29.17 -30.27
N THR F 128 -2.67 28.94 -30.75
CA THR F 128 -1.56 29.80 -30.35
C THR F 128 -1.63 31.15 -31.05
N ARG F 129 -2.00 31.16 -32.33
CA ARG F 129 -2.13 32.38 -33.11
C ARG F 129 -3.61 32.62 -33.43
N TYR F 130 -3.91 33.85 -33.82
CA TYR F 130 -5.27 34.22 -34.18
C TYR F 130 -5.23 35.45 -35.04
N ASN F 131 -5.72 35.35 -36.27
CA ASN F 131 -5.75 36.48 -37.20
C ASN F 131 -7.08 37.21 -37.02
N GLY F 132 -7.16 37.97 -35.92
CA GLY F 132 -8.34 38.73 -35.61
C GLY F 132 -8.13 40.23 -35.70
N LYS F 160 -3.86 40.09 -30.86
CA LYS F 160 -3.64 39.35 -29.63
C LYS F 160 -4.72 38.28 -29.45
N LEU F 161 -4.38 37.23 -28.72
CA LEU F 161 -5.34 36.15 -28.50
C LEU F 161 -6.52 36.63 -27.66
N PRO F 162 -7.72 36.14 -27.93
CA PRO F 162 -8.86 36.50 -27.08
C PRO F 162 -8.72 35.90 -25.69
N SER F 163 -9.43 36.53 -24.73
CA SER F 163 -9.33 36.14 -23.34
C SER F 163 -9.86 34.73 -23.08
N THR F 164 -10.65 34.18 -24.00
CA THR F 164 -11.23 32.86 -23.80
C THR F 164 -10.22 31.73 -23.92
N PHE F 165 -9.01 32.01 -24.40
CA PHE F 165 -7.99 30.99 -24.57
C PHE F 165 -7.13 30.88 -23.30
N ASN F 166 -7.72 30.27 -22.28
CA ASN F 166 -7.02 30.00 -21.05
C ASN F 166 -7.68 28.82 -20.36
N PHE F 167 -6.97 28.26 -19.38
CA PHE F 167 -7.45 27.10 -18.63
C PHE F 167 -8.07 27.49 -17.30
N GLY F 168 -8.33 28.77 -17.08
CA GLY F 168 -8.98 29.22 -15.86
C GLY F 168 -8.25 30.41 -15.28
N TYR F 169 -8.44 30.59 -13.98
CA TYR F 169 -7.79 31.65 -13.23
C TYR F 169 -7.33 31.08 -11.90
N VAL F 170 -6.13 31.45 -11.47
CA VAL F 170 -5.55 30.93 -10.24
C VAL F 170 -5.14 32.11 -9.36
N THR F 171 -5.55 32.06 -8.10
CA THR F 171 -5.11 33.01 -7.09
C THR F 171 -4.45 32.25 -5.95
N ALA F 172 -3.29 32.72 -5.52
CA ALA F 172 -2.56 32.10 -4.42
C ALA F 172 -2.54 33.01 -3.21
N ASP F 173 -2.38 32.40 -2.03
CA ASP F 173 -2.33 33.17 -0.80
C ASP F 173 -1.13 34.12 -0.80
N LYS F 174 0.03 33.63 -1.23
CA LYS F 174 1.25 34.40 -1.34
C LYS F 174 1.90 34.10 -2.68
N PRO F 175 2.73 35.00 -3.20
CA PRO F 175 3.32 34.79 -4.53
C PRO F 175 4.11 33.49 -4.59
N VAL F 176 3.97 32.78 -5.72
CA VAL F 176 4.57 31.47 -5.91
C VAL F 176 5.16 31.38 -7.30
N ASP F 177 5.99 30.36 -7.51
CA ASP F 177 6.53 30.01 -8.82
C ASP F 177 5.68 28.90 -9.40
N VAL F 178 5.26 29.06 -10.65
CA VAL F 178 4.24 28.23 -11.27
C VAL F 178 4.85 27.42 -12.40
N TYR F 179 4.48 26.14 -12.47
CA TYR F 179 4.93 25.22 -13.50
C TYR F 179 3.72 24.61 -14.19
N TYR F 180 3.75 24.58 -15.52
CA TYR F 180 2.67 24.00 -16.32
C TYR F 180 3.11 22.68 -16.92
N ARG F 181 2.21 21.69 -16.88
CA ARG F 181 2.45 20.40 -17.51
C ARG F 181 1.26 20.05 -18.39
N MET F 182 1.54 19.75 -19.67
CA MET F 182 0.49 19.45 -20.64
C MET F 182 0.29 17.95 -20.68
N LYS F 183 -0.79 17.48 -20.07
CA LYS F 183 -1.13 16.06 -20.08
C LYS F 183 -1.93 15.72 -21.33
N ARG F 184 -1.52 14.67 -22.05
CA ARG F 184 -2.19 14.21 -23.25
C ARG F 184 -2.31 15.34 -24.29
N ALA F 185 -1.18 15.99 -24.55
CA ALA F 185 -1.16 17.10 -25.51
C ALA F 185 -1.46 16.60 -26.91
N GLU F 186 -2.19 17.41 -27.67
CA GLU F 186 -2.55 17.10 -29.05
C GLU F 186 -2.34 18.36 -29.88
N LEU F 187 -1.31 18.36 -30.72
CA LEU F 187 -0.98 19.52 -31.55
C LEU F 187 -1.56 19.35 -32.95
N TYR F 188 -1.82 20.48 -33.60
CA TYR F 188 -2.44 20.50 -34.92
C TYR F 188 -1.75 21.53 -35.80
N CYS F 189 -1.74 21.26 -37.11
CA CYS F 189 -1.30 22.20 -38.14
C CYS F 189 0.09 22.75 -37.85
N PRO F 190 1.15 21.96 -38.05
CA PRO F 190 2.49 22.40 -37.64
C PRO F 190 2.92 23.68 -38.34
N ARG F 191 3.68 24.49 -37.61
CA ARG F 191 4.15 25.79 -38.03
C ARG F 191 5.66 25.83 -38.03
N PRO F 192 6.28 26.79 -38.72
CA PRO F 192 7.74 26.85 -38.77
C PRO F 192 8.37 26.92 -37.39
N LEU F 193 9.44 26.16 -37.21
CA LEU F 193 10.20 26.11 -35.97
C LEU F 193 11.63 26.51 -36.27
N LEU F 194 12.15 27.47 -35.53
CA LEU F 194 13.49 27.97 -35.79
C LEU F 194 14.40 27.69 -34.62
N PRO F 195 15.70 27.55 -34.85
CA PRO F 195 16.64 27.34 -33.72
C PRO F 195 16.63 28.53 -32.78
N GLY F 196 16.46 28.23 -31.49
CA GLY F 196 16.45 29.29 -30.49
C GLY F 196 17.80 29.95 -30.32
N TYR F 197 18.87 29.17 -30.38
CA TYR F 197 20.23 29.68 -30.14
C TYR F 197 21.13 29.25 -31.29
N ASP F 198 22.19 30.03 -31.49
CA ASP F 198 23.16 29.74 -32.54
C ASP F 198 24.49 29.29 -31.97
N GLY G 1 10.05 -6.92 5.73
CA GLY G 1 8.64 -7.06 6.02
C GLY G 1 7.91 -5.73 6.06
N ILE G 2 8.60 -4.68 5.66
CA ILE G 2 8.07 -3.32 5.65
C ILE G 2 7.97 -2.86 4.20
N ILE G 3 6.79 -2.39 3.81
CA ILE G 3 6.56 -1.89 2.46
C ILE G 3 7.24 -0.53 2.32
N PRO G 4 8.18 -0.36 1.39
CA PRO G 4 8.83 0.95 1.21
C PRO G 4 7.93 1.89 0.41
N VAL G 5 7.70 3.07 0.97
CA VAL G 5 6.89 4.11 0.34
C VAL G 5 7.69 5.39 0.28
N ALA G 6 7.08 6.44 -0.27
CA ALA G 6 7.73 7.74 -0.39
C ALA G 6 6.64 8.80 -0.42
N CYS G 7 6.58 9.63 0.62
CA CYS G 7 5.56 10.66 0.75
C CYS G 7 5.91 11.80 -0.21
N PHE G 8 5.19 11.87 -1.33
CA PHE G 8 5.47 12.89 -2.33
C PHE G 8 5.06 14.28 -1.84
N ASP G 9 5.79 15.29 -2.30
CA ASP G 9 5.48 16.68 -2.00
C ASP G 9 4.51 17.22 -3.05
N GLY G 10 3.48 17.93 -2.57
CA GLY G 10 2.48 18.48 -3.46
C GLY G 10 1.10 17.91 -3.19
N TYR G 11 1.04 16.62 -2.91
CA TYR G 11 -0.21 15.97 -2.55
C TYR G 11 -0.35 15.92 -1.03
N GLY G 12 -1.59 15.73 -0.58
CA GLY G 12 -1.90 15.63 0.82
C GLY G 12 -2.57 16.86 1.42
N GLY G 13 -2.54 17.99 0.71
CA GLY G 13 -3.21 19.16 1.20
C GLY G 13 -4.72 19.00 1.22
N PHE G 14 -5.37 19.80 2.06
CA PHE G 14 -6.82 19.73 2.20
C PHE G 14 -7.48 20.33 0.97
N GLN G 15 -8.10 19.49 0.15
CA GLN G 15 -8.88 19.94 -0.99
C GLN G 15 -10.37 19.93 -0.61
N ASN G 16 -11.07 20.99 -0.99
CA ASN G 16 -12.48 21.09 -0.69
C ASN G 16 -13.35 20.30 -1.65
N THR G 17 -12.77 19.71 -2.70
CA THR G 17 -13.51 18.92 -3.68
C THR G 17 -12.85 17.57 -3.91
N ASP G 18 -12.14 17.05 -2.90
CA ASP G 18 -11.43 15.80 -3.06
C ASP G 18 -12.40 14.62 -3.10
N PRO G 19 -12.13 13.63 -3.96
CA PRO G 19 -13.02 12.45 -4.02
C PRO G 19 -12.92 11.56 -2.79
N LYS G 20 -11.87 11.69 -1.99
CA LYS G 20 -11.65 10.78 -0.88
C LYS G 20 -12.67 11.02 0.23
N THR G 21 -13.04 9.94 0.91
CA THR G 21 -13.98 9.99 2.02
C THR G 21 -13.23 10.03 3.35
N ALA G 22 -13.97 10.30 4.42
CA ALA G 22 -13.41 10.41 5.75
C ALA G 22 -13.68 9.12 6.54
N ASP G 23 -13.18 9.09 7.77
CA ASP G 23 -13.37 7.94 8.64
C ASP G 23 -14.59 8.16 9.52
N PRO G 24 -15.65 7.36 9.38
CA PRO G 24 -16.87 7.60 10.15
C PRO G 24 -16.66 7.33 11.64
N ILE G 25 -17.52 7.97 12.44
CA ILE G 25 -17.49 7.80 13.89
C ILE G 25 -18.39 6.64 14.28
N TYR G 26 -19.68 6.75 13.98
CA TYR G 26 -20.64 5.67 14.20
C TYR G 26 -20.82 4.96 12.86
N GLY G 27 -19.96 3.98 12.60
CA GLY G 27 -19.98 3.29 11.33
C GLY G 27 -21.02 2.21 11.17
N TYR G 28 -21.84 1.97 12.18
CA TYR G 28 -22.85 0.92 12.15
C TYR G 28 -24.25 1.51 12.31
N VAL G 29 -24.54 2.59 11.60
CA VAL G 29 -25.85 3.20 11.59
C VAL G 29 -26.55 2.79 10.30
N TYR G 30 -27.88 2.63 10.38
CA TYR G 30 -28.68 2.19 9.24
C TYR G 30 -30.01 2.95 9.26
N ASN G 31 -30.06 4.05 8.52
CA ASN G 31 -31.31 4.77 8.38
C ASN G 31 -32.30 3.93 7.58
N PRO G 32 -33.58 3.91 7.97
CA PRO G 32 -34.50 2.89 7.44
C PRO G 32 -34.69 2.91 5.92
N SER G 33 -35.21 4.00 5.38
CA SER G 33 -35.52 4.08 3.95
C SER G 33 -36.04 5.45 3.55
N ARG G 34 -35.86 5.82 2.28
CA ARG G 34 -36.48 7.00 1.69
C ARG G 34 -37.09 6.69 0.34
N ASN G 35 -37.44 5.43 0.09
CA ASN G 35 -37.89 5.02 -1.24
C ASN G 35 -39.28 5.58 -1.57
N ASP G 36 -40.20 5.54 -0.60
CA ASP G 36 -41.58 5.95 -0.84
C ASP G 36 -41.82 7.42 -0.55
N CYS G 37 -40.78 8.25 -0.64
CA CYS G 37 -40.92 9.68 -0.48
C CYS G 37 -41.27 10.34 -1.81
N HIS G 38 -41.81 11.56 -1.72
CA HIS G 38 -42.31 12.27 -2.89
C HIS G 38 -41.45 13.48 -3.20
N GLY G 39 -41.31 13.76 -4.50
CA GLY G 39 -40.65 14.97 -4.96
C GLY G 39 -39.14 14.90 -5.07
N ARG G 40 -38.55 13.73 -4.90
CA ARG G 40 -37.10 13.61 -5.02
C ARG G 40 -36.65 13.92 -6.44
N TYR G 41 -35.64 14.78 -6.56
CA TYR G 41 -35.02 15.07 -7.84
C TYR G 41 -33.52 14.85 -7.71
N SER G 42 -32.97 14.04 -8.60
CA SER G 42 -31.55 13.73 -8.59
C SER G 42 -30.74 14.58 -9.55
N ASN G 43 -31.39 15.38 -10.39
CA ASN G 43 -30.71 16.23 -11.35
C ASN G 43 -31.40 17.59 -11.39
N LEU G 44 -30.60 18.66 -11.34
CA LEU G 44 -31.18 20.00 -11.29
C LEU G 44 -31.84 20.39 -12.62
N LEU G 45 -31.20 20.05 -13.73
CA LEU G 45 -31.75 20.45 -15.03
C LEU G 45 -33.01 19.68 -15.37
N ASP G 46 -33.18 18.48 -14.83
CA ASP G 46 -34.44 17.77 -15.00
C ASP G 46 -35.60 18.56 -14.39
N VAL G 47 -35.33 19.26 -13.28
CA VAL G 47 -36.34 20.12 -12.68
C VAL G 47 -36.63 21.30 -13.60
N ALA G 48 -35.59 21.86 -14.23
CA ALA G 48 -35.77 23.05 -15.06
C ALA G 48 -36.51 22.73 -16.36
N GLU G 49 -36.35 21.51 -16.87
CA GLU G 49 -37.03 21.14 -18.11
C GLU G 49 -38.53 20.99 -17.90
N ALA G 50 -38.94 20.45 -16.76
CA ALA G 50 -40.34 20.15 -16.48
C ALA G 50 -41.07 21.28 -15.77
N CYS G 51 -40.38 22.36 -15.42
CA CYS G 51 -40.97 23.46 -14.65
C CYS G 51 -40.66 24.79 -15.31
N PRO G 52 -41.45 25.19 -16.31
CA PRO G 52 -41.26 26.51 -16.91
C PRO G 52 -41.55 27.61 -15.89
N THR G 53 -40.79 28.69 -15.99
CA THR G 53 -40.93 29.84 -15.10
C THR G 53 -41.08 31.11 -15.92
N PHE G 54 -41.84 32.05 -15.38
CA PHE G 54 -42.26 33.21 -16.16
C PHE G 54 -41.11 34.19 -16.38
N LEU G 55 -41.32 35.09 -17.33
CA LEU G 55 -40.35 36.12 -17.70
C LEU G 55 -40.71 37.44 -17.02
N ASN G 56 -39.77 38.38 -17.08
CA ASN G 56 -39.90 39.67 -16.40
C ASN G 56 -40.00 40.77 -17.46
N PHE G 57 -41.23 41.10 -17.84
CA PHE G 57 -41.49 42.19 -18.77
C PHE G 57 -41.89 43.43 -17.98
N ASP G 58 -40.87 44.09 -17.42
CA ASP G 58 -41.03 45.28 -16.61
C ASP G 58 -41.93 45.01 -15.39
N GLY G 59 -41.60 43.95 -14.66
CA GLY G 59 -42.31 43.59 -13.45
C GLY G 59 -43.53 42.71 -13.65
N LYS G 60 -43.90 42.41 -14.90
CA LYS G 60 -45.06 41.59 -15.19
C LYS G 60 -44.67 40.48 -16.14
N PRO G 61 -45.32 39.32 -16.05
CA PRO G 61 -44.98 38.20 -16.95
C PRO G 61 -45.71 38.25 -18.28
N TYR G 62 -46.69 39.13 -18.45
CA TYR G 62 -47.51 39.17 -19.65
C TYR G 62 -47.14 40.38 -20.52
N VAL G 63 -47.65 40.37 -21.74
CA VAL G 63 -47.40 41.41 -22.72
C VAL G 63 -48.73 41.99 -23.16
N VAL G 64 -48.83 43.32 -23.16
CA VAL G 64 -50.05 44.01 -23.55
C VAL G 64 -50.00 44.30 -25.04
N THR G 65 -51.08 43.94 -25.75
CA THR G 65 -51.17 44.21 -27.17
C THR G 65 -51.27 45.72 -27.41
N LYS G 66 -50.48 46.22 -28.35
CA LYS G 66 -50.42 47.64 -28.67
C LYS G 66 -51.33 47.97 -29.83
N ASN G 67 -52.07 49.08 -29.71
CA ASN G 67 -52.95 49.53 -30.78
C ASN G 67 -52.17 50.17 -31.92
N ASN G 68 -51.04 50.80 -31.63
CA ASN G 68 -50.25 51.45 -32.66
C ASN G 68 -49.67 50.41 -33.63
N GLY G 69 -49.33 50.87 -34.83
CA GLY G 69 -48.82 49.96 -35.84
C GLY G 69 -47.33 49.76 -35.75
N ASP G 70 -46.92 48.68 -35.07
CA ASP G 70 -45.53 48.29 -34.99
C ASP G 70 -45.29 46.81 -35.25
N LYS G 71 -46.31 45.97 -35.12
CA LYS G 71 -46.25 44.53 -35.39
C LYS G 71 -45.28 43.80 -34.47
N VAL G 72 -44.77 44.46 -33.43
CA VAL G 72 -43.85 43.87 -32.47
C VAL G 72 -44.40 44.11 -31.07
N MET G 73 -44.50 43.04 -30.28
CA MET G 73 -44.90 43.14 -28.89
C MET G 73 -43.69 43.16 -27.95
N THR G 74 -42.79 42.18 -28.09
CA THR G 74 -41.57 42.15 -27.30
C THR G 74 -40.40 41.77 -28.20
N CYS G 75 -39.21 42.23 -27.81
CA CYS G 75 -37.96 41.87 -28.47
C CYS G 75 -36.92 41.73 -27.36
N PHE G 76 -36.74 40.50 -26.87
CA PHE G 76 -35.85 40.23 -25.76
C PHE G 76 -34.77 39.25 -26.19
N ASP G 77 -33.61 39.36 -25.56
CA ASP G 77 -32.48 38.50 -25.87
C ASP G 77 -32.74 37.08 -25.34
N VAL G 78 -31.78 36.20 -25.57
CA VAL G 78 -31.85 34.84 -25.07
C VAL G 78 -30.71 34.61 -24.08
N ALA G 79 -30.31 35.68 -23.39
CA ALA G 79 -29.22 35.63 -22.43
C ALA G 79 -29.79 35.53 -21.02
N PHE G 80 -29.20 34.64 -20.21
CA PHE G 80 -29.67 34.45 -18.85
C PHE G 80 -29.38 35.65 -17.96
N THR G 81 -28.45 36.52 -18.35
CA THR G 81 -28.15 37.72 -17.58
C THR G 81 -29.04 38.91 -17.95
N HIS G 82 -29.84 38.79 -18.99
CA HIS G 82 -30.74 39.87 -19.38
C HIS G 82 -31.82 40.07 -18.31
N LYS G 83 -32.31 41.31 -18.20
CA LYS G 83 -33.31 41.61 -17.19
C LYS G 83 -34.61 40.85 -17.41
N VAL G 84 -34.88 40.42 -18.64
CA VAL G 84 -36.11 39.67 -18.92
C VAL G 84 -36.07 38.31 -18.23
N HIS G 85 -34.96 37.59 -18.38
CA HIS G 85 -34.82 36.27 -17.80
C HIS G 85 -34.44 36.30 -16.32
N LYS G 86 -34.34 37.50 -15.73
CA LYS G 86 -33.77 37.64 -14.39
C LYS G 86 -34.49 36.80 -13.34
N ASN G 87 -35.82 36.66 -13.46
CA ASN G 87 -36.61 35.99 -12.44
C ASN G 87 -36.83 34.51 -12.73
N THR G 88 -36.30 33.98 -13.82
CA THR G 88 -36.57 32.59 -14.18
C THR G 88 -35.74 31.65 -13.32
N PHE G 89 -36.19 30.40 -13.25
CA PHE G 89 -35.43 29.37 -12.54
C PHE G 89 -34.13 29.05 -13.28
N LEU G 90 -34.16 29.10 -14.62
CA LEU G 90 -32.96 28.82 -15.39
C LEU G 90 -31.86 29.84 -15.11
N ALA G 91 -32.22 31.12 -15.07
CA ALA G 91 -31.23 32.15 -14.77
C ALA G 91 -30.70 32.00 -13.35
N GLY G 92 -31.58 31.66 -12.40
CA GLY G 92 -31.11 31.40 -11.05
C GLY G 92 -30.19 30.20 -10.99
N LEU G 93 -30.47 29.17 -11.77
CA LEU G 93 -29.60 28.02 -11.85
C LEU G 93 -28.35 28.29 -12.68
N ALA G 94 -28.42 29.19 -13.64
CA ALA G 94 -27.27 29.52 -14.47
C ALA G 94 -26.26 30.40 -13.76
N ASP G 95 -26.67 31.09 -12.69
CA ASP G 95 -25.75 31.97 -11.96
C ASP G 95 -24.63 31.19 -11.30
N TYR G 96 -24.82 29.90 -11.04
CA TYR G 96 -23.84 29.09 -10.34
C TYR G 96 -23.02 28.21 -11.27
N TYR G 97 -23.19 28.35 -12.58
CA TYR G 97 -22.47 27.56 -13.57
C TYR G 97 -21.75 28.47 -14.55
N ALA G 98 -20.51 28.10 -14.90
CA ALA G 98 -19.69 28.95 -15.75
C ALA G 98 -20.16 28.91 -17.20
N GLN G 99 -20.47 27.71 -17.71
CA GLN G 99 -20.75 27.54 -19.13
C GLN G 99 -22.01 26.70 -19.32
N TYR G 100 -22.56 26.78 -20.54
CA TYR G 100 -23.75 26.01 -20.88
C TYR G 100 -23.79 25.81 -22.39
N GLN G 101 -24.62 24.86 -22.81
CA GLN G 101 -24.94 24.67 -24.23
C GLN G 101 -26.25 23.91 -24.32
N GLY G 102 -27.03 24.22 -25.34
CA GLY G 102 -28.29 23.55 -25.56
C GLY G 102 -29.36 24.51 -25.98
N SER G 103 -30.58 23.99 -26.05
CA SER G 103 -31.73 24.73 -26.56
C SER G 103 -32.65 25.16 -25.42
N LEU G 104 -33.46 26.18 -25.71
CA LEU G 104 -34.47 26.67 -24.78
C LEU G 104 -35.84 26.55 -25.39
N ASN G 105 -36.83 26.25 -24.56
CA ASN G 105 -38.23 26.20 -24.96
C ASN G 105 -38.96 27.37 -24.33
N TYR G 106 -39.64 28.17 -25.16
CA TYR G 106 -40.38 29.32 -24.70
C TYR G 106 -41.88 29.02 -24.84
N HIS G 107 -42.60 29.12 -23.73
CA HIS G 107 -44.02 28.80 -23.68
C HIS G 107 -44.83 30.10 -23.67
N PHE G 108 -45.78 30.20 -24.58
CA PHE G 108 -46.63 31.37 -24.71
C PHE G 108 -48.08 30.97 -24.45
N MET G 109 -48.75 31.69 -23.56
CA MET G 109 -50.13 31.41 -23.22
C MET G 109 -50.96 32.68 -23.40
N TYR G 110 -52.08 32.55 -24.10
CA TYR G 110 -52.97 33.68 -24.37
C TYR G 110 -54.08 33.70 -23.33
N THR G 111 -54.25 34.85 -22.66
CA THR G 111 -55.20 34.94 -21.57
C THR G 111 -56.26 36.01 -21.85
N GLY G 112 -56.80 36.04 -23.06
CA GLY G 112 -57.81 37.00 -23.42
C GLY G 112 -59.19 36.38 -23.50
N PRO G 113 -60.18 37.19 -23.89
CA PRO G 113 -61.54 36.66 -24.04
C PRO G 113 -61.61 35.58 -25.12
N THR G 114 -62.53 34.64 -24.92
CA THR G 114 -62.66 33.53 -25.86
C THR G 114 -63.19 33.97 -27.22
N HIS G 115 -63.96 35.05 -27.26
CA HIS G 115 -64.52 35.50 -28.53
C HIS G 115 -63.44 36.07 -29.45
N HIS G 116 -62.43 36.73 -28.88
CA HIS G 116 -61.38 37.37 -29.66
C HIS G 116 -60.31 36.35 -29.99
N LYS G 117 -60.14 36.07 -31.28
CA LYS G 117 -59.14 35.15 -31.78
C LYS G 117 -58.06 35.94 -32.50
N ALA G 118 -56.80 35.71 -32.13
CA ALA G 118 -55.67 36.40 -32.73
C ALA G 118 -54.62 35.39 -33.16
N LYS G 119 -53.87 35.73 -34.20
CA LYS G 119 -52.82 34.88 -34.74
C LYS G 119 -51.47 35.55 -34.51
N PHE G 120 -50.55 34.81 -33.88
CA PHE G 120 -49.23 35.32 -33.55
C PHE G 120 -48.16 34.45 -34.20
N MET G 121 -47.06 35.09 -34.59
CA MET G 121 -45.90 34.38 -35.10
C MET G 121 -44.70 34.71 -34.21
N VAL G 122 -43.90 33.68 -33.93
CA VAL G 122 -42.70 33.81 -33.11
C VAL G 122 -41.49 33.57 -33.99
N ALA G 123 -40.56 34.51 -33.99
CA ALA G 123 -39.39 34.48 -34.86
C ALA G 123 -38.11 34.52 -34.04
N TYR G 124 -37.13 33.70 -34.45
CA TYR G 124 -35.80 33.70 -33.86
C TYR G 124 -34.81 34.25 -34.88
N ILE G 125 -34.04 35.25 -34.47
CA ILE G 125 -33.17 35.96 -35.39
C ILE G 125 -31.71 35.72 -35.02
N PRO G 126 -31.05 34.75 -35.63
CA PRO G 126 -29.69 34.42 -35.21
C PRO G 126 -28.76 35.60 -35.43
N PRO G 127 -27.73 35.74 -34.60
CA PRO G 127 -26.74 36.83 -34.67
C PRO G 127 -26.08 36.94 -36.05
N LEU G 134 -29.84 43.42 -36.81
CA LEU G 134 -30.74 42.35 -37.23
C LEU G 134 -32.11 42.91 -37.60
N PRO G 135 -32.59 42.56 -38.79
CA PRO G 135 -33.89 43.07 -39.24
C PRO G 135 -35.04 42.56 -38.37
N LYS G 136 -36.08 43.37 -38.29
CA LYS G 136 -37.24 43.03 -37.47
C LYS G 136 -38.51 42.97 -38.31
N THR G 137 -38.46 42.29 -39.46
CA THR G 137 -39.61 42.14 -40.33
C THR G 137 -39.87 40.68 -40.61
N PRO G 138 -41.14 40.29 -40.77
CA PRO G 138 -41.45 38.88 -41.05
C PRO G 138 -40.84 38.36 -42.34
N GLU G 139 -40.73 39.20 -43.38
CA GLU G 139 -40.13 38.77 -44.62
C GLU G 139 -38.66 38.43 -44.44
N ASP G 140 -37.92 39.26 -43.69
CA ASP G 140 -36.53 38.95 -43.39
C ASP G 140 -36.43 37.77 -42.42
N ALA G 141 -37.45 37.56 -41.58
CA ALA G 141 -37.48 36.42 -40.69
C ALA G 141 -37.88 35.14 -41.39
N ALA G 142 -38.41 35.22 -42.62
CA ALA G 142 -38.72 34.02 -43.37
C ALA G 142 -37.47 33.23 -43.70
N HIS G 143 -36.39 33.92 -44.07
CA HIS G 143 -35.11 33.27 -44.29
C HIS G 143 -34.48 32.79 -42.99
N CYS G 144 -34.98 33.22 -41.84
CA CYS G 144 -34.51 32.80 -40.53
C CYS G 144 -35.51 31.83 -39.91
N TYR G 145 -35.21 31.39 -38.70
CA TYR G 145 -36.07 30.46 -37.99
C TYR G 145 -37.28 31.19 -37.42
N HIS G 146 -38.47 30.67 -37.68
CA HIS G 146 -39.69 31.28 -37.19
C HIS G 146 -40.80 30.24 -37.21
N SER G 147 -41.88 30.54 -36.48
CA SER G 147 -43.06 29.69 -36.47
C SER G 147 -44.27 30.56 -36.12
N GLU G 148 -45.44 30.08 -36.48
CA GLU G 148 -46.67 30.84 -36.29
C GLU G 148 -47.74 29.95 -35.67
N TRP G 149 -48.46 30.51 -34.68
CA TRP G 149 -49.52 29.79 -33.99
C TRP G 149 -50.74 30.68 -33.89
N ASP G 150 -51.92 30.09 -34.06
CA ASP G 150 -53.18 30.81 -34.00
C ASP G 150 -53.90 30.47 -32.71
N THR G 151 -54.39 31.50 -32.03
CA THR G 151 -55.09 31.31 -30.76
C THR G 151 -56.55 30.92 -31.00
N GLY G 152 -56.76 29.88 -31.80
CA GLY G 152 -58.09 29.35 -32.03
C GLY G 152 -58.13 27.84 -31.88
N LEU G 153 -56.95 27.24 -31.84
CA LEU G 153 -56.80 25.80 -31.65
C LEU G 153 -56.26 25.45 -30.28
N ASN G 154 -55.16 26.08 -29.88
CA ASN G 154 -54.56 25.85 -28.57
C ASN G 154 -54.00 27.16 -28.05
N SER G 155 -54.47 27.60 -26.89
CA SER G 155 -53.91 28.81 -26.27
C SER G 155 -52.68 28.44 -25.46
N GLN G 156 -51.76 27.71 -26.07
CA GLN G 156 -50.51 27.28 -25.43
C GLN G 156 -49.55 26.91 -26.54
N PHE G 157 -48.47 27.65 -26.68
CA PHE G 157 -47.53 27.45 -27.76
C PHE G 157 -46.12 27.29 -27.21
N THR G 158 -45.38 26.32 -27.75
CA THR G 158 -44.00 26.07 -27.40
C THR G 158 -43.11 26.43 -28.58
N PHE G 159 -42.09 27.24 -28.34
CA PHE G 159 -41.18 27.73 -29.37
C PHE G 159 -39.76 27.33 -29.00
N ALA G 160 -39.29 26.20 -29.55
CA ALA G 160 -37.94 25.76 -29.28
C ALA G 160 -36.93 26.68 -29.94
N VAL G 161 -35.94 27.10 -29.17
CA VAL G 161 -34.88 28.01 -29.64
C VAL G 161 -33.61 27.19 -29.81
N PRO G 162 -33.15 26.95 -31.04
CA PRO G 162 -31.94 26.16 -31.23
C PRO G 162 -30.70 26.91 -30.79
N TYR G 163 -29.65 26.14 -30.49
CA TYR G 163 -28.37 26.69 -30.07
C TYR G 163 -27.52 26.96 -31.30
N VAL G 164 -27.33 28.23 -31.63
CA VAL G 164 -26.58 28.63 -32.82
C VAL G 164 -25.36 29.47 -32.46
N SER G 165 -24.88 29.37 -31.22
CA SER G 165 -23.68 30.09 -30.83
C SER G 165 -22.46 29.53 -31.57
N ALA G 166 -21.49 30.41 -31.82
CA ALA G 166 -20.30 30.01 -32.56
C ALA G 166 -19.51 28.95 -31.80
N SER G 167 -19.24 29.19 -30.52
CA SER G 167 -18.50 28.24 -29.73
C SER G 167 -19.39 27.05 -29.34
N ASP G 168 -18.75 25.95 -28.96
CA ASP G 168 -19.49 24.79 -28.50
C ASP G 168 -20.29 25.10 -27.25
N PHE G 169 -19.69 25.81 -26.31
CA PHE G 169 -20.34 26.24 -25.08
C PHE G 169 -20.35 27.76 -25.01
N SER G 170 -21.38 28.30 -24.36
CA SER G 170 -21.50 29.73 -24.17
C SER G 170 -21.15 30.09 -22.73
N TYR G 171 -21.16 31.39 -22.44
CA TYR G 171 -20.85 31.89 -21.12
C TYR G 171 -22.13 32.35 -20.44
N THR G 172 -22.42 31.77 -19.27
CA THR G 172 -23.61 32.18 -18.52
C THR G 172 -23.50 33.62 -18.05
N HIS G 173 -22.32 34.03 -17.60
CA HIS G 173 -22.10 35.39 -17.10
C HIS G 173 -21.52 36.25 -18.21
N THR G 174 -22.19 37.36 -18.50
CA THR G 174 -21.74 38.29 -19.53
C THR G 174 -22.44 39.63 -19.29
N ASP G 175 -22.24 40.58 -20.20
CA ASP G 175 -22.85 41.90 -20.06
C ASP G 175 -23.17 42.42 -21.46
N THR G 176 -24.40 42.20 -21.90
CA THR G 176 -24.86 42.66 -23.22
C THR G 176 -26.32 43.11 -23.08
N PRO G 177 -26.56 44.43 -23.00
CA PRO G 177 -27.93 44.91 -22.81
C PRO G 177 -28.86 44.60 -23.98
N ALA G 178 -28.52 45.09 -25.18
CA ALA G 178 -29.30 44.81 -26.38
C ALA G 178 -28.35 44.55 -27.55
N MET G 179 -27.29 43.79 -27.30
CA MET G 179 -26.30 43.54 -28.34
C MET G 179 -26.91 42.74 -29.49
N ALA G 180 -26.53 43.11 -30.71
CA ALA G 180 -27.10 42.45 -31.89
C ALA G 180 -26.70 40.99 -31.98
N THR G 181 -25.66 40.58 -31.27
CA THR G 181 -25.18 39.19 -31.29
C THR G 181 -25.22 38.59 -29.88
N THR G 182 -26.31 38.82 -29.16
CA THR G 182 -26.35 38.35 -27.77
C THR G 182 -26.60 36.85 -27.71
N ASN G 183 -27.81 36.42 -28.08
CA ASN G 183 -28.02 35.00 -28.32
C ASN G 183 -29.03 34.70 -29.40
N GLY G 184 -29.64 35.69 -30.05
CA GLY G 184 -30.60 35.39 -31.10
C GLY G 184 -31.88 36.20 -31.14
N TRP G 185 -32.10 37.05 -30.15
CA TRP G 185 -33.16 38.07 -30.20
C TRP G 185 -34.53 37.46 -30.51
N VAL G 186 -35.03 36.66 -29.56
CA VAL G 186 -36.38 36.14 -29.68
C VAL G 186 -37.37 37.30 -29.65
N ALA G 187 -38.25 37.36 -30.64
CA ALA G 187 -39.25 38.42 -30.75
C ALA G 187 -40.59 37.82 -31.12
N VAL G 188 -41.65 38.52 -30.75
CA VAL G 188 -43.03 38.06 -30.98
C VAL G 188 -43.71 39.08 -31.87
N PHE G 189 -44.27 38.62 -32.99
CA PHE G 189 -44.97 39.46 -33.94
C PHE G 189 -46.42 39.02 -34.05
N GLN G 190 -47.32 39.99 -34.08
CA GLN G 190 -48.75 39.74 -34.31
C GLN G 190 -49.08 40.04 -35.76
N VAL G 191 -49.53 39.02 -36.49
CA VAL G 191 -49.79 39.19 -37.92
C VAL G 191 -51.13 39.86 -38.20
N THR G 192 -52.03 39.90 -37.23
CA THR G 192 -53.35 40.48 -37.44
C THR G 192 -53.33 41.93 -36.99
N ASP G 193 -53.52 42.84 -37.94
CA ASP G 193 -53.60 44.27 -37.62
C ASP G 193 -54.99 44.68 -37.16
N THR G 194 -55.98 43.78 -37.23
CA THR G 194 -57.34 44.07 -36.79
C THR G 194 -57.49 43.82 -35.30
N HIS G 195 -56.70 44.54 -34.51
CA HIS G 195 -56.77 44.43 -33.07
C HIS G 195 -58.09 44.99 -32.56
N SER G 196 -58.70 44.27 -31.62
CA SER G 196 -60.01 44.64 -31.08
C SER G 196 -59.89 45.34 -29.74
N ALA G 197 -59.26 44.70 -28.75
CA ALA G 197 -59.15 45.26 -27.41
C ALA G 197 -57.85 44.78 -26.79
N GLU G 198 -57.64 45.13 -25.53
CA GLU G 198 -56.43 44.76 -24.82
C GLU G 198 -56.47 43.30 -24.40
N ALA G 199 -55.34 42.61 -24.59
CA ALA G 199 -55.21 41.22 -24.20
C ALA G 199 -53.86 41.04 -23.50
N ALA G 200 -53.50 39.80 -23.22
CA ALA G 200 -52.24 39.50 -22.55
C ALA G 200 -51.69 38.19 -23.09
N VAL G 201 -50.36 38.06 -23.00
CA VAL G 201 -49.66 36.86 -23.44
C VAL G 201 -48.62 36.51 -22.38
N VAL G 202 -48.88 35.47 -21.60
CA VAL G 202 -47.94 35.03 -20.58
C VAL G 202 -46.82 34.23 -21.23
N VAL G 203 -45.58 34.63 -20.94
CA VAL G 203 -44.39 34.03 -21.55
C VAL G 203 -43.55 33.40 -20.46
N SER G 204 -43.14 32.14 -20.66
CA SER G 204 -42.29 31.44 -19.74
C SER G 204 -41.27 30.61 -20.51
N VAL G 205 -40.15 30.31 -19.87
CA VAL G 205 -39.04 29.61 -20.51
C VAL G 205 -38.71 28.37 -19.69
N SER G 206 -38.45 27.26 -20.41
CA SER G 206 -38.03 26.02 -19.78
C SER G 206 -36.86 25.45 -20.57
N ALA G 207 -35.99 24.74 -19.87
CA ALA G 207 -34.81 24.17 -20.50
C ALA G 207 -35.19 23.12 -21.53
N GLY G 208 -34.48 23.11 -22.64
CA GLY G 208 -34.68 22.12 -23.67
C GLY G 208 -34.15 20.77 -23.24
N PRO G 209 -34.54 19.71 -23.96
CA PRO G 209 -34.08 18.37 -23.60
C PRO G 209 -32.57 18.18 -23.73
N ASP G 210 -31.90 19.01 -24.53
CA ASP G 210 -30.46 18.87 -24.77
C ASP G 210 -29.62 19.89 -24.03
N LEU G 211 -30.23 20.77 -23.25
CA LEU G 211 -29.47 21.79 -22.53
C LEU G 211 -28.59 21.13 -21.46
N GLU G 212 -27.42 21.72 -21.23
CA GLU G 212 -26.46 21.16 -20.29
C GLU G 212 -25.58 22.27 -19.73
N PHE G 213 -25.65 22.47 -18.42
CA PHE G 213 -24.73 23.36 -17.72
C PHE G 213 -23.49 22.58 -17.30
N ARG G 214 -22.41 23.31 -17.03
CA ARG G 214 -21.15 22.66 -16.65
C ARG G 214 -20.33 23.61 -15.79
N PHE G 215 -19.36 23.04 -15.09
CA PHE G 215 -18.40 23.78 -14.27
C PHE G 215 -19.09 24.62 -13.22
N PRO G 216 -19.65 24.01 -12.17
CA PRO G 216 -20.29 24.81 -11.12
C PRO G 216 -19.31 25.74 -10.46
N VAL G 217 -19.77 26.97 -10.21
CA VAL G 217 -18.92 28.01 -9.64
C VAL G 217 -19.73 28.77 -8.58
N ASP G 218 -19.01 29.48 -7.71
CA ASP G 218 -19.63 30.30 -6.69
C ASP G 218 -19.48 31.76 -7.08
N PRO G 219 -20.56 32.45 -7.44
CA PRO G 219 -20.45 33.86 -7.79
C PRO G 219 -20.20 34.74 -6.57
N VAL G 220 -19.05 35.42 -6.54
CA VAL G 220 -18.73 36.32 -5.43
C VAL G 220 -18.61 37.74 -5.98
N ARG G 221 -19.35 38.02 -7.04
CA ARG G 221 -19.32 39.33 -7.67
C ARG G 221 -19.81 40.42 -6.72
N LYS H 26 27.57 -22.96 -6.92
CA LYS H 26 27.06 -21.64 -7.29
C LYS H 26 27.71 -20.55 -6.46
N ARG H 27 28.34 -19.59 -7.15
CA ARG H 27 28.99 -18.46 -6.52
C ARG H 27 28.20 -17.19 -6.84
N VAL H 28 27.82 -16.46 -5.81
CA VAL H 28 26.92 -15.31 -5.94
C VAL H 28 27.64 -14.01 -5.64
N HIS H 29 28.40 -13.95 -4.55
CA HIS H 29 29.00 -12.70 -4.10
C HIS H 29 30.13 -12.23 -5.00
N THR H 30 30.59 -13.06 -5.93
CA THR H 30 31.63 -12.67 -6.87
C THR H 30 31.08 -12.45 -8.27
N ASP H 31 29.77 -12.20 -8.38
CA ASP H 31 29.12 -11.94 -9.66
C ASP H 31 29.19 -10.45 -9.97
N VAL H 32 29.46 -10.13 -11.24
CA VAL H 32 29.66 -8.74 -11.63
C VAL H 32 28.38 -7.93 -11.41
N ALA H 33 27.24 -8.48 -11.78
CA ALA H 33 25.98 -7.76 -11.61
C ALA H 33 25.61 -7.57 -10.14
N PHE H 34 26.24 -8.31 -9.24
CA PHE H 34 25.98 -8.18 -7.81
C PHE H 34 26.98 -7.24 -7.13
N VAL H 35 28.26 -7.34 -7.49
CA VAL H 35 29.29 -6.56 -6.82
C VAL H 35 29.12 -5.08 -7.12
N MET H 36 28.93 -4.73 -8.39
CA MET H 36 28.87 -3.33 -8.79
C MET H 36 27.59 -2.64 -8.35
N ASP H 37 26.58 -3.40 -7.90
CA ASP H 37 25.31 -2.82 -7.47
C ASP H 37 25.41 -2.28 -6.04
N ARG H 38 26.23 -1.23 -5.90
CA ARG H 38 26.48 -0.63 -4.60
C ARG H 38 26.74 0.86 -4.79
N PHE H 39 26.30 1.65 -3.82
CA PHE H 39 26.57 3.08 -3.82
C PHE H 39 27.98 3.32 -3.31
N THR H 40 28.83 3.91 -4.15
CA THR H 40 30.20 4.21 -3.79
C THR H 40 30.40 5.72 -3.74
N HIS H 41 31.07 6.19 -2.69
CA HIS H 41 31.39 7.60 -2.58
C HIS H 41 32.47 7.95 -3.59
N VAL H 42 32.23 8.97 -4.41
CA VAL H 42 33.11 9.30 -5.52
C VAL H 42 33.74 10.67 -5.34
N LEU H 43 32.99 11.66 -4.87
CA LEU H 43 33.54 13.00 -4.67
C LEU H 43 32.74 13.71 -3.60
N THR H 44 33.36 14.71 -2.98
CA THR H 44 32.81 15.38 -1.81
C THR H 44 32.79 16.88 -2.04
N ASN H 45 31.67 17.51 -1.71
CA ASN H 45 31.51 18.97 -1.72
C ASN H 45 31.82 19.56 -3.11
N ARG H 46 31.00 19.16 -4.08
CA ARG H 46 31.07 19.72 -5.42
C ARG H 46 29.68 20.19 -5.85
N THR H 47 29.64 21.37 -6.46
CA THR H 47 28.37 21.96 -6.90
C THR H 47 28.00 21.47 -8.29
N ALA H 48 28.85 21.73 -9.28
CA ALA H 48 28.65 21.28 -10.65
C ALA H 48 29.78 20.32 -11.01
N PHE H 49 29.41 19.16 -11.55
CA PHE H 49 30.39 18.14 -11.85
C PHE H 49 29.91 17.27 -13.00
N ALA H 50 30.84 16.78 -13.80
CA ALA H 50 30.51 15.78 -14.79
C ALA H 50 30.25 14.44 -14.12
N VAL H 51 29.55 13.56 -14.84
CA VAL H 51 29.13 12.28 -14.25
C VAL H 51 29.98 11.17 -14.83
N ASP H 52 31.24 11.49 -15.14
CA ASP H 52 32.18 10.46 -15.58
C ASP H 52 32.31 9.39 -14.49
N LEU H 53 32.33 8.14 -14.91
CA LEU H 53 32.42 7.03 -13.97
C LEU H 53 33.84 6.74 -13.53
N MET H 54 34.82 7.46 -14.06
CA MET H 54 36.21 7.31 -13.64
C MET H 54 36.57 8.19 -12.45
N ASP H 55 35.62 8.96 -11.93
CA ASP H 55 35.87 9.72 -10.71
C ASP H 55 35.87 8.84 -9.47
N THR H 56 35.46 7.58 -9.59
CA THR H 56 35.46 6.68 -8.45
C THR H 56 36.88 6.45 -7.95
N ASN H 57 37.01 6.26 -6.65
CA ASN H 57 38.31 5.99 -6.06
C ASN H 57 38.85 4.67 -6.59
N GLU H 58 40.13 4.69 -7.00
CA GLU H 58 40.72 3.53 -7.65
C GLU H 58 40.99 2.38 -6.70
N LYS H 59 40.83 2.59 -5.39
CA LYS H 59 41.06 1.53 -4.41
C LYS H 59 39.77 0.94 -3.85
N THR H 60 38.63 1.55 -4.10
CA THR H 60 37.36 1.02 -3.61
C THR H 60 37.00 -0.25 -4.38
N LEU H 61 35.99 -0.97 -3.86
CA LEU H 61 35.53 -2.18 -4.52
C LEU H 61 34.98 -1.88 -5.91
N VAL H 62 34.09 -0.89 -6.01
CA VAL H 62 33.51 -0.54 -7.30
C VAL H 62 34.56 0.09 -8.21
N GLY H 63 35.39 0.98 -7.65
CA GLY H 63 36.36 1.69 -8.46
C GLY H 63 37.44 0.77 -9.02
N ALA H 64 37.95 -0.15 -8.21
CA ALA H 64 39.05 -0.99 -8.65
C ALA H 64 38.59 -2.02 -9.67
N LEU H 65 37.45 -2.68 -9.41
CA LEU H 65 36.94 -3.68 -10.34
C LEU H 65 36.47 -3.07 -11.65
N LEU H 66 36.04 -1.80 -11.64
CA LEU H 66 35.70 -1.13 -12.88
C LEU H 66 36.92 -0.94 -13.76
N ARG H 67 38.06 -0.59 -13.15
CA ARG H 67 39.30 -0.42 -13.90
C ARG H 67 39.96 -1.74 -14.27
N ALA H 68 39.42 -2.86 -13.79
CA ALA H 68 39.87 -4.18 -14.23
C ALA H 68 39.17 -4.62 -15.50
N ALA H 69 38.30 -3.78 -16.07
CA ALA H 69 37.59 -4.07 -17.31
C ALA H 69 37.93 -3.01 -18.34
N THR H 70 38.13 -3.44 -19.58
CA THR H 70 38.45 -2.49 -20.64
C THR H 70 37.21 -1.69 -21.06
N TYR H 71 36.06 -2.34 -21.14
CA TYR H 71 34.82 -1.68 -21.54
C TYR H 71 33.73 -2.03 -20.54
N TYR H 72 32.71 -1.17 -20.47
CA TYR H 72 31.64 -1.37 -19.52
C TYR H 72 30.37 -0.69 -20.04
N PHE H 73 29.27 -0.97 -19.35
CA PHE H 73 27.97 -0.38 -19.67
C PHE H 73 27.07 -0.54 -18.46
N CYS H 74 26.41 0.55 -18.06
CA CYS H 74 25.54 0.50 -16.90
C CYS H 74 24.54 1.65 -16.96
N ASP H 75 23.48 1.52 -16.17
CA ASP H 75 22.51 2.59 -15.98
C ASP H 75 22.76 3.18 -14.59
N LEU H 76 23.33 4.38 -14.55
CA LEU H 76 23.83 4.94 -13.31
C LEU H 76 22.69 5.44 -12.42
N GLU H 77 22.91 5.34 -11.11
CA GLU H 77 22.06 5.98 -10.11
C GLU H 77 22.92 6.95 -9.32
N ILE H 78 22.43 8.18 -9.18
CA ILE H 78 23.15 9.23 -8.48
C ILE H 78 22.40 9.58 -7.21
N ALA H 79 23.13 9.67 -6.10
CA ALA H 79 22.58 10.11 -4.83
C ALA H 79 23.39 11.29 -4.33
N CYS H 80 22.70 12.37 -3.95
CA CYS H 80 23.36 13.57 -3.44
C CYS H 80 22.95 13.76 -1.99
N LEU H 81 23.94 13.84 -1.11
CA LEU H 81 23.72 14.03 0.31
C LEU H 81 24.29 15.39 0.73
N GLY H 82 23.47 16.19 1.38
CA GLY H 82 23.90 17.50 1.83
C GLY H 82 22.75 18.48 1.83
N GLU H 83 23.03 19.66 2.36
CA GLU H 83 22.04 20.74 2.43
C GLU H 83 21.91 21.37 1.05
N HIS H 84 20.99 20.84 0.25
CA HIS H 84 20.72 21.37 -1.07
C HIS H 84 19.22 21.33 -1.32
N GLU H 85 18.74 22.24 -2.17
CA GLU H 85 17.31 22.32 -2.47
C GLU H 85 16.94 21.42 -3.64
N ARG H 86 17.72 21.45 -4.71
CA ARG H 86 17.38 20.68 -5.91
C ARG H 86 18.65 20.39 -6.69
N VAL H 87 18.55 19.39 -7.57
CA VAL H 87 19.66 18.92 -8.39
C VAL H 87 19.19 18.87 -9.83
N TRP H 88 19.97 19.47 -10.73
CA TRP H 88 19.70 19.41 -12.15
C TRP H 88 20.57 18.35 -12.82
N TRP H 89 20.09 17.82 -13.93
CA TRP H 89 20.85 16.84 -14.71
C TRP H 89 20.49 17.01 -16.18
N GLN H 90 21.51 17.11 -17.03
CA GLN H 90 21.31 17.17 -18.46
C GLN H 90 22.09 16.06 -19.14
N PRO H 91 21.54 15.46 -20.19
CA PRO H 91 22.17 14.27 -20.78
C PRO H 91 23.48 14.61 -21.47
N ASN H 92 24.19 13.56 -21.86
CA ASN H 92 25.47 13.72 -22.53
C ASN H 92 25.27 14.37 -23.88
N GLY H 93 26.09 15.37 -24.20
CA GLY H 93 26.01 16.11 -25.43
C GLY H 93 25.28 17.43 -25.33
N ALA H 94 24.48 17.63 -24.28
CA ALA H 94 23.80 18.90 -24.10
C ALA H 94 24.82 20.00 -23.80
N PRO H 95 24.60 21.22 -24.29
CA PRO H 95 25.55 22.30 -24.03
C PRO H 95 25.61 22.66 -22.56
N ARG H 96 26.79 23.10 -22.13
CA ARG H 96 27.03 23.46 -20.74
C ARG H 96 26.67 24.93 -20.54
N THR H 97 25.76 25.19 -19.61
CA THR H 97 25.32 26.54 -19.29
C THR H 97 25.31 26.74 -17.79
N THR H 98 25.48 28.00 -17.37
CA THR H 98 25.49 28.31 -15.95
C THR H 98 24.11 28.14 -15.33
N THR H 99 23.07 28.60 -16.01
CA THR H 99 21.70 28.52 -15.53
C THR H 99 20.94 27.47 -16.32
N LEU H 100 20.25 26.58 -15.61
CA LEU H 100 19.48 25.51 -16.22
C LEU H 100 18.00 25.75 -15.97
N ARG H 101 17.22 25.78 -17.04
CA ARG H 101 15.78 26.03 -16.98
C ARG H 101 15.07 24.87 -17.66
N ASP H 102 14.11 24.26 -16.96
CA ASP H 102 13.28 23.17 -17.46
C ASP H 102 14.09 21.92 -17.79
N ASN H 103 15.39 21.91 -17.51
CA ASN H 103 16.16 20.69 -17.60
C ASN H 103 15.76 19.75 -16.48
N PRO H 104 15.97 18.43 -16.65
CA PRO H 104 15.56 17.47 -15.63
C PRO H 104 16.04 17.85 -14.24
N MET H 105 15.08 18.13 -13.34
CA MET H 105 15.36 18.66 -12.02
C MET H 105 14.66 17.82 -10.97
N VAL H 106 15.37 17.52 -9.89
CA VAL H 106 14.83 16.75 -8.78
C VAL H 106 15.05 17.53 -7.50
N PHE H 107 13.99 17.69 -6.71
CA PHE H 107 14.07 18.36 -5.43
C PHE H 107 14.51 17.37 -4.35
N SER H 108 15.27 17.87 -3.38
CA SER H 108 15.78 17.04 -2.31
C SER H 108 14.72 16.79 -1.26
N HIS H 109 14.62 15.53 -0.82
CA HIS H 109 13.73 15.14 0.27
C HIS H 109 14.57 14.59 1.40
N ASN H 110 14.46 15.22 2.58
CA ASN H 110 15.29 14.88 3.73
C ASN H 110 16.78 14.96 3.40
N ASN H 111 17.15 15.99 2.62
CA ASN H 111 18.53 16.26 2.24
C ASN H 111 19.17 15.09 1.49
N VAL H 112 18.35 14.34 0.76
CA VAL H 112 18.82 13.24 -0.09
C VAL H 112 18.13 13.38 -1.44
N THR H 113 18.90 13.26 -2.52
CA THR H 113 18.37 13.36 -3.88
C THR H 113 18.86 12.16 -4.67
N ARG H 114 18.06 11.12 -4.75
CA ARG H 114 18.39 9.92 -5.50
C ARG H 114 17.54 9.87 -6.77
N PHE H 115 18.19 9.67 -7.91
CA PHE H 115 17.49 9.61 -9.19
C PHE H 115 18.28 8.75 -10.17
N ALA H 116 17.57 7.84 -10.82
CA ALA H 116 18.20 6.96 -11.80
C ALA H 116 18.50 7.72 -13.08
N VAL H 117 19.72 7.57 -13.59
CA VAL H 117 20.19 8.26 -14.78
C VAL H 117 20.33 7.23 -15.90
N PRO H 118 19.73 7.45 -17.05
CA PRO H 118 19.90 6.50 -18.16
C PRO H 118 21.27 6.63 -18.80
N TYR H 119 21.66 5.60 -19.54
CA TYR H 119 22.91 5.61 -20.28
C TYR H 119 22.74 6.48 -21.52
N THR H 120 23.36 7.66 -21.51
CA THR H 120 23.13 8.67 -22.53
C THR H 120 24.28 8.83 -23.50
N ALA H 121 25.37 8.08 -23.34
CA ALA H 121 26.52 8.26 -24.22
C ALA H 121 26.19 7.79 -25.64
N PRO H 122 26.69 8.51 -26.66
CA PRO H 122 26.44 8.07 -28.04
C PRO H 122 27.05 6.71 -28.35
N HIS H 123 28.16 6.36 -27.72
CA HIS H 123 28.84 5.12 -28.04
C HIS H 123 28.07 3.92 -27.50
N ARG H 124 28.29 2.76 -28.13
CA ARG H 124 27.65 1.53 -27.68
C ARG H 124 28.17 1.12 -26.31
N LEU H 125 29.47 1.26 -26.08
CA LEU H 125 30.10 0.91 -24.80
C LEU H 125 31.05 2.02 -24.39
N LEU H 126 31.25 2.14 -23.08
CA LEU H 126 32.24 3.05 -22.53
C LEU H 126 33.51 2.29 -22.18
N SER H 127 34.63 2.99 -22.20
CA SER H 127 35.94 2.39 -21.96
C SER H 127 36.63 3.08 -20.81
N THR H 128 37.26 2.29 -19.94
CA THR H 128 38.06 2.87 -18.86
C THR H 128 39.38 3.42 -19.40
N ARG H 129 39.98 2.73 -20.35
CA ARG H 129 41.23 3.15 -20.97
C ARG H 129 40.99 3.52 -22.43
N TYR H 130 41.94 4.26 -23.00
CA TYR H 130 41.85 4.65 -24.39
C TYR H 130 43.25 4.98 -24.89
N ASN H 131 43.70 4.28 -25.93
CA ASN H 131 45.03 4.50 -26.50
C ASN H 131 44.89 5.50 -27.64
N GLY H 132 44.85 6.77 -27.27
CA GLY H 132 44.72 7.85 -28.24
C GLY H 132 45.74 8.95 -28.04
N LYS H 160 44.39 10.57 -22.44
CA LYS H 160 43.26 10.80 -21.53
C LYS H 160 41.95 10.47 -22.23
N LEU H 161 40.95 10.09 -21.43
CA LEU H 161 39.66 9.72 -22.00
C LEU H 161 38.98 10.94 -22.61
N PRO H 162 38.31 10.77 -23.74
CA PRO H 162 37.56 11.89 -24.33
C PRO H 162 36.36 12.27 -23.48
N SER H 163 35.88 13.50 -23.69
CA SER H 163 34.78 14.02 -22.90
C SER H 163 33.46 13.29 -23.15
N THR H 164 33.37 12.52 -24.23
CA THR H 164 32.14 11.81 -24.55
C THR H 164 31.87 10.63 -23.63
N PHE H 165 32.83 10.24 -22.80
CA PHE H 165 32.68 9.10 -21.90
C PHE H 165 32.20 9.58 -20.54
N ASN H 166 30.91 9.93 -20.48
CA ASN H 166 30.28 10.31 -19.22
C ASN H 166 28.78 10.08 -19.34
N PHE H 167 28.12 10.08 -18.19
CA PHE H 167 26.68 9.85 -18.13
C PHE H 167 25.89 11.14 -18.06
N GLY H 168 26.53 12.28 -18.27
CA GLY H 168 25.81 13.54 -18.29
C GLY H 168 26.53 14.65 -17.57
N TYR H 169 25.76 15.54 -16.96
CA TYR H 169 26.30 16.65 -16.19
C TYR H 169 25.30 17.02 -15.12
N VAL H 170 25.78 17.20 -13.90
CA VAL H 170 24.93 17.45 -12.75
C VAL H 170 25.35 18.77 -12.11
N THR H 171 24.38 19.65 -11.88
CA THR H 171 24.59 20.87 -11.11
C THR H 171 23.61 20.89 -9.95
N ALA H 172 24.12 21.19 -8.76
CA ALA H 172 23.31 21.25 -7.56
C ALA H 172 23.21 22.69 -7.06
N ASP H 173 22.18 22.95 -6.26
CA ASP H 173 22.02 24.28 -5.68
C ASP H 173 23.17 24.62 -4.76
N LYS H 174 23.59 23.68 -3.92
CA LYS H 174 24.68 23.85 -2.98
C LYS H 174 25.55 22.60 -3.06
N PRO H 175 26.83 22.71 -2.68
CA PRO H 175 27.72 21.54 -2.78
C PRO H 175 27.21 20.36 -1.97
N VAL H 176 27.35 19.17 -2.57
CA VAL H 176 26.82 17.94 -2.00
C VAL H 176 27.84 16.82 -2.15
N ASP H 177 27.64 15.76 -1.36
CA ASP H 177 28.39 14.52 -1.51
C ASP H 177 27.64 13.59 -2.46
N VAL H 178 28.39 12.97 -3.37
CA VAL H 178 27.80 12.26 -4.50
C VAL H 178 28.18 10.79 -4.42
N TYR H 179 27.19 9.92 -4.63
CA TYR H 179 27.38 8.48 -4.63
C TYR H 179 26.86 7.91 -5.95
N TYR H 180 27.66 7.06 -6.58
CA TYR H 180 27.29 6.43 -7.84
C TYR H 180 26.91 4.98 -7.61
N ARG H 181 26.01 4.47 -8.45
CA ARG H 181 25.57 3.09 -8.39
C ARG H 181 25.36 2.57 -9.81
N MET H 182 26.02 1.47 -10.14
CA MET H 182 25.94 0.90 -11.48
C MET H 182 24.86 -0.16 -11.49
N LYS H 183 23.71 0.17 -12.08
CA LYS H 183 22.60 -0.77 -12.21
C LYS H 183 22.78 -1.60 -13.48
N ARG H 184 22.63 -2.92 -13.34
CA ARG H 184 22.77 -3.85 -14.46
C ARG H 184 24.12 -3.68 -15.15
N ALA H 185 25.17 -3.61 -14.34
CA ALA H 185 26.50 -3.37 -14.85
C ALA H 185 26.98 -4.53 -15.70
N GLU H 186 27.68 -4.21 -16.78
CA GLU H 186 28.31 -5.19 -17.66
C GLU H 186 29.76 -4.82 -17.85
N LEU H 187 30.64 -5.81 -17.84
CA LEU H 187 32.06 -5.58 -18.01
C LEU H 187 32.60 -6.44 -19.14
N TYR H 188 33.64 -5.95 -19.81
CA TYR H 188 34.20 -6.61 -20.97
C TYR H 188 35.72 -6.58 -20.89
N CYS H 189 36.36 -7.61 -21.46
CA CYS H 189 37.80 -7.69 -21.64
C CYS H 189 38.55 -7.45 -20.32
N PRO H 190 38.54 -8.43 -19.41
CA PRO H 190 39.13 -8.21 -18.08
C PRO H 190 40.61 -7.85 -18.16
N ARG H 191 41.02 -6.98 -17.25
CA ARG H 191 42.35 -6.41 -17.17
C ARG H 191 43.01 -6.81 -15.85
N PRO H 192 44.33 -6.69 -15.75
CA PRO H 192 45.01 -7.06 -14.50
C PRO H 192 44.46 -6.29 -13.31
N LEU H 193 44.28 -7.02 -12.21
CA LEU H 193 43.80 -6.48 -10.95
C LEU H 193 44.84 -6.75 -9.88
N LEU H 194 45.26 -5.71 -9.17
CA LEU H 194 46.30 -5.86 -8.18
C LEU H 194 45.77 -5.57 -6.78
N PRO H 195 46.35 -6.17 -5.74
CA PRO H 195 45.91 -5.87 -4.38
C PRO H 195 46.14 -4.41 -4.03
N GLY H 196 45.10 -3.76 -3.53
CA GLY H 196 45.21 -2.36 -3.17
C GLY H 196 46.12 -2.13 -1.99
N TYR H 197 46.08 -3.02 -1.00
CA TYR H 197 46.83 -2.88 0.23
C TYR H 197 47.63 -4.14 0.51
N ASP H 198 48.72 -3.99 1.26
CA ASP H 198 49.57 -5.11 1.60
C ASP H 198 49.48 -5.44 3.09
N GLY I 1 -3.68 -4.21 12.31
CA GLY I 1 -4.66 -3.75 11.33
C GLY I 1 -4.17 -2.55 10.55
N ILE I 2 -2.91 -2.17 10.77
CA ILE I 2 -2.30 -1.03 10.12
C ILE I 2 -1.12 -1.54 9.30
N ILE I 3 -1.07 -1.15 8.03
CA ILE I 3 0.01 -1.56 7.13
C ILE I 3 1.28 -0.81 7.51
N PRO I 4 2.37 -1.51 7.86
CA PRO I 4 3.62 -0.82 8.18
C PRO I 4 4.34 -0.39 6.92
N VAL I 5 4.76 0.87 6.88
CA VAL I 5 5.48 1.44 5.76
C VAL I 5 6.75 2.11 6.27
N ALA I 6 7.49 2.71 5.35
CA ALA I 6 8.74 3.37 5.70
C ALA I 6 9.03 4.44 4.66
N CYS I 7 8.89 5.70 5.03
CA CYS I 7 9.09 6.81 4.11
C CYS I 7 10.58 6.97 3.84
N PHE I 8 11.01 6.50 2.67
CA PHE I 8 12.43 6.55 2.33
C PHE I 8 12.90 7.97 2.10
N ASP I 9 14.18 8.21 2.35
CA ASP I 9 14.81 9.49 2.07
C ASP I 9 15.40 9.48 0.67
N GLY I 10 15.16 10.56 -0.06
CA GLY I 10 15.65 10.67 -1.42
C GLY I 10 14.52 10.77 -2.43
N TYR I 11 13.47 10.01 -2.22
CA TYR I 11 12.29 10.08 -3.07
C TYR I 11 11.28 11.07 -2.48
N GLY I 12 10.40 11.56 -3.35
CA GLY I 12 9.34 12.46 -2.93
C GLY I 12 9.55 13.91 -3.33
N GLY I 13 10.75 14.29 -3.74
CA GLY I 13 10.95 15.64 -4.20
C GLY I 13 10.22 15.92 -5.49
N PHE I 14 9.94 17.21 -5.72
CA PHE I 14 9.22 17.63 -6.91
C PHE I 14 10.11 17.45 -8.14
N GLN I 15 9.79 16.47 -8.97
CA GLN I 15 10.49 16.26 -10.22
C GLN I 15 9.66 16.82 -11.37
N ASN I 16 10.30 17.57 -12.25
CA ASN I 16 9.57 18.18 -13.36
C ASN I 16 9.27 17.21 -14.48
N THR I 17 9.79 15.98 -14.43
CA THR I 17 9.54 14.98 -15.47
C THR I 17 9.04 13.67 -14.86
N ASP I 18 8.40 13.74 -13.70
CA ASP I 18 7.94 12.53 -13.04
C ASP I 18 6.76 11.91 -13.78
N PRO I 19 6.70 10.58 -13.84
CA PRO I 19 5.56 9.92 -14.50
C PRO I 19 4.25 10.01 -13.73
N LYS I 20 4.30 10.32 -12.44
CA LYS I 20 3.11 10.30 -11.61
C LYS I 20 2.16 11.44 -12.00
N THR I 21 0.87 11.15 -11.99
CA THR I 21 -0.14 12.14 -12.28
C THR I 21 -0.53 12.88 -11.00
N ALA I 22 -1.46 13.83 -11.13
CA ALA I 22 -1.94 14.63 -10.01
C ALA I 22 -3.39 14.28 -9.70
N ASP I 23 -3.96 15.03 -8.75
CA ASP I 23 -5.35 14.81 -8.35
C ASP I 23 -6.23 15.85 -9.03
N PRO I 24 -7.13 15.45 -9.92
CA PRO I 24 -7.94 16.44 -10.64
C PRO I 24 -8.94 17.11 -9.73
N ILE I 25 -9.35 18.32 -10.14
CA ILE I 25 -10.33 19.09 -9.39
C ILE I 25 -11.73 18.70 -9.85
N TYR I 26 -12.02 18.88 -11.13
CA TYR I 26 -13.28 18.44 -11.73
C TYR I 26 -13.02 17.11 -12.41
N GLY I 27 -13.31 16.02 -11.70
CA GLY I 27 -13.07 14.69 -12.22
C GLY I 27 -14.11 14.13 -13.15
N TYR I 28 -15.18 14.90 -13.42
CA TYR I 28 -16.26 14.40 -14.27
C TYR I 28 -16.43 15.29 -15.49
N VAL I 29 -15.32 15.64 -16.14
CA VAL I 29 -15.33 16.46 -17.35
C VAL I 29 -15.20 15.55 -18.56
N TYR I 30 -16.01 15.80 -19.59
CA TYR I 30 -16.03 14.98 -20.80
C TYR I 30 -16.03 15.91 -22.01
N ASN I 31 -14.85 16.24 -22.51
CA ASN I 31 -14.76 17.00 -23.75
C ASN I 31 -15.22 16.13 -24.92
N PRO I 32 -16.00 16.69 -25.85
CA PRO I 32 -16.74 15.85 -26.80
C PRO I 32 -15.89 14.94 -27.67
N SER I 33 -15.02 15.52 -28.51
CA SER I 33 -14.22 14.75 -29.45
C SER I 33 -13.32 15.68 -30.23
N ARG I 34 -12.20 15.14 -30.73
CA ARG I 34 -11.34 15.82 -31.68
C ARG I 34 -10.97 14.91 -32.84
N ASN I 35 -11.81 13.91 -33.14
CA ASN I 35 -11.46 12.90 -34.13
C ASN I 35 -11.45 13.46 -35.54
N ASP I 36 -12.44 14.30 -35.88
CA ASP I 36 -12.58 14.80 -37.25
C ASP I 36 -11.84 16.12 -37.47
N CYS I 37 -10.80 16.39 -36.69
CA CYS I 37 -9.98 17.57 -36.89
C CYS I 37 -8.89 17.29 -37.91
N HIS I 38 -8.31 18.35 -38.46
CA HIS I 38 -7.34 18.27 -39.54
C HIS I 38 -5.97 18.73 -39.06
N GLY I 39 -4.93 18.08 -39.57
CA GLY I 39 -3.57 18.51 -39.34
C GLY I 39 -2.92 18.00 -38.08
N ARG I 40 -3.55 17.05 -37.38
CA ARG I 40 -2.96 16.52 -36.15
C ARG I 40 -1.69 15.74 -36.48
N TYR I 41 -0.63 16.02 -35.74
CA TYR I 41 0.61 15.24 -35.83
C TYR I 41 0.98 14.77 -34.43
N SER I 42 1.22 13.47 -34.30
CA SER I 42 1.59 12.88 -33.03
C SER I 42 3.08 12.65 -32.90
N ASN I 43 3.87 13.00 -33.92
CA ASN I 43 5.31 12.80 -33.87
C ASN I 43 5.98 13.91 -34.64
N LEU I 44 6.98 14.54 -34.02
CA LEU I 44 7.64 15.70 -34.63
C LEU I 44 8.42 15.30 -35.87
N LEU I 45 9.13 14.16 -35.82
CA LEU I 45 9.94 13.76 -36.95
C LEU I 45 9.10 13.33 -38.15
N ASP I 46 7.90 12.82 -37.90
CA ASP I 46 6.99 12.53 -39.01
C ASP I 46 6.66 13.80 -39.78
N VAL I 47 6.60 14.94 -39.09
CA VAL I 47 6.40 16.22 -39.77
C VAL I 47 7.63 16.57 -40.60
N ALA I 48 8.82 16.28 -40.08
CA ALA I 48 10.06 16.65 -40.76
C ALA I 48 10.32 15.81 -42.00
N GLU I 49 9.81 14.57 -42.04
CA GLU I 49 10.04 13.72 -43.20
C GLU I 49 9.20 14.16 -44.39
N ALA I 50 7.98 14.64 -44.15
CA ALA I 50 7.07 14.99 -45.22
C ALA I 50 7.13 16.46 -45.61
N CYS I 51 7.96 17.26 -44.95
CA CYS I 51 8.02 18.70 -45.16
C CYS I 51 9.46 19.15 -45.34
N PRO I 52 10.00 19.03 -46.57
CA PRO I 52 11.35 19.53 -46.82
C PRO I 52 11.39 21.05 -46.73
N THR I 53 12.44 21.57 -46.10
CA THR I 53 12.64 23.01 -45.93
C THR I 53 13.96 23.42 -46.57
N PHE I 54 13.99 24.65 -47.09
CA PHE I 54 15.08 25.09 -47.93
C PHE I 54 16.35 25.34 -47.13
N LEU I 55 17.46 25.46 -47.86
CA LEU I 55 18.78 25.66 -47.29
C LEU I 55 19.21 27.12 -47.47
N ASN I 56 20.03 27.60 -46.55
CA ASN I 56 20.44 29.01 -46.53
C ASN I 56 21.76 29.14 -47.28
N PHE I 57 21.69 29.48 -48.57
CA PHE I 57 22.88 29.75 -49.38
C PHE I 57 23.07 31.26 -49.45
N ASP I 58 23.59 31.83 -48.36
CA ASP I 58 23.83 33.26 -48.25
C ASP I 58 22.55 34.06 -48.44
N GLY I 59 21.51 33.67 -47.69
CA GLY I 59 20.25 34.38 -47.71
C GLY I 59 19.28 33.93 -48.78
N LYS I 60 19.69 33.02 -49.67
CA LYS I 60 18.84 32.54 -50.74
C LYS I 60 18.83 31.03 -50.75
N PRO I 61 17.73 30.40 -51.18
CA PRO I 61 17.66 28.95 -51.21
C PRO I 61 18.19 28.31 -52.48
N TYR I 62 18.57 29.11 -53.48
CA TYR I 62 18.98 28.59 -54.78
C TYR I 62 20.47 28.83 -54.99
N VAL I 63 21.02 28.16 -56.00
CA VAL I 63 22.42 28.24 -56.35
C VAL I 63 22.53 28.70 -57.81
N VAL I 64 23.38 29.70 -58.04
CA VAL I 64 23.55 30.27 -59.37
C VAL I 64 24.70 29.55 -60.08
N THR I 65 24.44 29.09 -61.30
CA THR I 65 25.48 28.45 -62.09
C THR I 65 26.56 29.46 -62.44
N LYS I 66 27.81 29.06 -62.29
CA LYS I 66 28.96 29.93 -62.54
C LYS I 66 29.55 29.64 -63.91
N ASN I 67 29.95 30.70 -64.61
CA ASN I 67 30.58 30.55 -65.92
C ASN I 67 32.03 30.07 -65.81
N ASN I 68 32.72 30.42 -64.74
CA ASN I 68 34.10 30.00 -64.58
C ASN I 68 34.17 28.49 -64.38
N GLY I 69 35.34 27.93 -64.71
CA GLY I 69 35.51 26.49 -64.62
C GLY I 69 35.92 26.02 -63.24
N ASP I 70 34.95 25.60 -62.45
CA ASP I 70 35.21 25.03 -61.13
C ASP I 70 34.43 23.74 -60.88
N LYS I 71 33.33 23.50 -61.59
CA LYS I 71 32.55 22.27 -61.53
C LYS I 71 31.98 22.00 -60.14
N VAL I 72 31.97 22.99 -59.25
CA VAL I 72 31.46 22.85 -57.90
C VAL I 72 30.57 24.06 -57.63
N MET I 73 29.26 23.88 -57.75
CA MET I 73 28.34 24.97 -57.44
C MET I 73 28.31 25.24 -55.94
N THR I 74 28.20 24.20 -55.13
CA THR I 74 28.19 24.34 -53.68
C THR I 74 28.97 23.19 -53.05
N CYS I 75 29.44 23.45 -51.82
CA CYS I 75 30.08 22.41 -51.02
C CYS I 75 29.76 22.73 -49.56
N PHE I 76 28.73 22.10 -49.04
CA PHE I 76 28.25 22.38 -47.69
C PHE I 76 28.26 21.12 -46.86
N ASP I 77 28.43 21.30 -45.55
CA ASP I 77 28.49 20.18 -44.63
C ASP I 77 27.10 19.56 -44.44
N VAL I 78 27.02 18.55 -43.60
CA VAL I 78 25.76 17.89 -43.28
C VAL I 78 25.51 18.04 -41.79
N ALA I 79 25.96 19.16 -41.21
CA ALA I 79 25.80 19.44 -39.80
C ALA I 79 24.64 20.40 -39.58
N PHE I 80 23.82 20.10 -38.57
CA PHE I 80 22.66 20.93 -38.28
C PHE I 80 23.06 22.31 -37.74
N THR I 81 24.29 22.47 -37.26
CA THR I 81 24.75 23.75 -36.77
C THR I 81 25.39 24.62 -37.86
N HIS I 82 25.58 24.08 -39.05
CA HIS I 82 26.15 24.86 -40.14
C HIS I 82 25.20 25.97 -40.55
N LYS I 83 25.76 27.07 -41.05
CA LYS I 83 24.92 28.19 -41.45
C LYS I 83 24.02 27.86 -42.63
N VAL I 84 24.37 26.84 -43.42
CA VAL I 84 23.53 26.44 -44.54
C VAL I 84 22.21 25.86 -44.04
N HIS I 85 22.27 24.95 -43.07
CA HIS I 85 21.07 24.32 -42.53
C HIS I 85 20.38 25.18 -41.48
N LYS I 86 20.85 26.41 -41.25
CA LYS I 86 20.38 27.21 -40.12
C LYS I 86 18.87 27.45 -40.17
N ASN I 87 18.31 27.63 -41.37
CA ASN I 87 16.90 27.97 -41.50
C ASN I 87 15.98 26.77 -41.69
N THR I 88 16.52 25.56 -41.70
CA THR I 88 15.70 24.38 -41.95
C THR I 88 14.88 24.02 -40.73
N PHE I 89 13.82 23.23 -40.97
CA PHE I 89 13.00 22.73 -39.87
C PHE I 89 13.75 21.68 -39.05
N LEU I 90 14.59 20.88 -39.69
CA LEU I 90 15.36 19.88 -38.96
C LEU I 90 16.33 20.53 -37.97
N ALA I 91 17.03 21.58 -38.41
CA ALA I 91 17.95 22.27 -37.50
C ALA I 91 17.20 22.91 -36.35
N GLY I 92 16.04 23.50 -36.62
CA GLY I 92 15.23 24.04 -35.54
C GLY I 92 14.76 22.96 -34.59
N LEU I 93 14.44 21.78 -35.12
CA LEU I 93 14.07 20.65 -34.28
C LEU I 93 15.28 20.00 -33.63
N ALA I 94 16.45 20.10 -34.24
CA ALA I 94 17.66 19.52 -33.67
C ALA I 94 18.22 20.34 -32.53
N ASP I 95 17.85 21.62 -32.42
CA ASP I 95 18.37 22.46 -31.35
C ASP I 95 17.89 22.03 -29.98
N TYR I 96 16.78 21.30 -29.90
CA TYR I 96 16.21 20.88 -28.64
C TYR I 96 16.51 19.43 -28.29
N TYR I 97 17.33 18.75 -29.08
CA TYR I 97 17.69 17.36 -28.85
C TYR I 97 19.21 17.21 -28.78
N ALA I 98 19.68 16.42 -27.82
CA ALA I 98 21.11 16.28 -27.60
C ALA I 98 21.77 15.47 -28.72
N GLN I 99 21.18 14.33 -29.08
CA GLN I 99 21.81 13.38 -29.99
C GLN I 99 20.84 12.98 -31.09
N TYR I 100 21.39 12.41 -32.16
CA TYR I 100 20.59 11.95 -33.28
C TYR I 100 21.35 10.87 -34.03
N GLN I 101 20.62 10.12 -34.85
CA GLN I 101 21.21 9.18 -35.78
C GLN I 101 20.22 8.92 -36.90
N GLY I 102 20.73 8.72 -38.11
CA GLY I 102 19.90 8.41 -39.24
C GLY I 102 20.37 9.15 -40.47
N SER I 103 19.57 9.06 -41.53
CA SER I 103 19.91 9.60 -42.83
C SER I 103 19.08 10.84 -43.14
N LEU I 104 19.61 11.68 -44.03
CA LEU I 104 18.93 12.87 -44.49
C LEU I 104 18.69 12.76 -46.00
N ASN I 105 17.53 13.23 -46.43
CA ASN I 105 17.19 13.30 -47.85
C ASN I 105 17.30 14.74 -48.32
N TYR I 106 18.10 14.98 -49.36
CA TYR I 106 18.29 16.30 -49.91
C TYR I 106 17.55 16.39 -51.24
N HIS I 107 16.67 17.38 -51.37
CA HIS I 107 15.84 17.55 -52.55
C HIS I 107 16.37 18.70 -53.38
N PHE I 108 16.53 18.47 -54.68
CA PHE I 108 17.02 19.47 -55.62
C PHE I 108 15.96 19.69 -56.69
N MET I 109 15.75 20.95 -57.05
CA MET I 109 14.76 21.32 -58.06
C MET I 109 15.37 22.33 -59.01
N TYR I 110 15.49 21.94 -60.28
CA TYR I 110 16.01 22.86 -61.29
C TYR I 110 14.98 23.93 -61.63
N THR I 111 15.47 25.14 -61.87
CA THR I 111 14.60 26.31 -62.04
C THR I 111 15.04 27.14 -63.24
N GLY I 112 15.24 26.47 -64.38
CA GLY I 112 15.66 27.16 -65.58
C GLY I 112 14.63 27.07 -66.68
N PRO I 113 14.93 27.69 -67.82
CA PRO I 113 14.03 27.57 -68.97
C PRO I 113 13.95 26.14 -69.46
N THR I 114 12.80 25.80 -70.05
CA THR I 114 12.57 24.43 -70.50
C THR I 114 13.49 24.05 -71.66
N HIS I 115 13.95 25.03 -72.43
CA HIS I 115 14.83 24.73 -73.56
C HIS I 115 16.21 24.30 -73.10
N HIS I 116 16.69 24.85 -71.99
CA HIS I 116 18.03 24.58 -71.50
C HIS I 116 18.01 23.32 -70.64
N LYS I 117 18.73 22.29 -71.09
CA LYS I 117 18.84 21.03 -70.36
C LYS I 117 20.26 20.89 -69.83
N ALA I 118 20.37 20.59 -68.54
CA ALA I 118 21.67 20.42 -67.89
C ALA I 118 21.68 19.13 -67.09
N LYS I 119 22.86 18.54 -66.97
CA LYS I 119 23.05 17.30 -66.22
C LYS I 119 23.90 17.59 -64.99
N PHE I 120 23.39 17.21 -63.82
CA PHE I 120 24.06 17.46 -62.56
C PHE I 120 24.32 16.15 -61.84
N MET I 121 25.41 16.10 -61.08
CA MET I 121 25.70 14.99 -60.21
C MET I 121 25.98 15.51 -58.81
N VAL I 122 25.58 14.75 -57.80
CA VAL I 122 25.79 15.10 -56.40
C VAL I 122 26.53 13.96 -55.74
N ALA I 123 27.55 14.31 -54.95
CA ALA I 123 28.42 13.32 -54.33
C ALA I 123 28.48 13.55 -52.82
N TYR I 124 28.49 12.45 -52.07
CA TYR I 124 28.68 12.47 -50.62
C TYR I 124 30.08 11.96 -50.33
N ILE I 125 30.86 12.75 -49.60
CA ILE I 125 32.28 12.45 -49.38
C ILE I 125 32.51 12.13 -47.92
N PRO I 126 32.49 10.86 -47.52
CA PRO I 126 32.60 10.53 -46.11
C PRO I 126 33.92 11.00 -45.55
N PRO I 127 33.97 11.37 -44.25
CA PRO I 127 35.17 11.85 -43.57
C PRO I 127 36.35 10.88 -43.68
N LEU I 134 39.58 16.09 -48.03
CA LEU I 134 38.71 15.31 -48.90
C LEU I 134 38.74 15.86 -50.33
N PRO I 135 39.04 14.99 -51.30
CA PRO I 135 39.12 15.43 -52.69
C PRO I 135 37.77 15.90 -53.22
N LYS I 136 37.82 16.84 -54.16
CA LYS I 136 36.63 17.43 -54.77
C LYS I 136 36.59 17.16 -56.27
N THR I 137 36.88 15.92 -56.66
CA THR I 137 36.85 15.54 -58.06
C THR I 137 35.88 14.38 -58.27
N PRO I 138 35.18 14.34 -59.41
CA PRO I 138 34.24 13.24 -59.66
C PRO I 138 34.91 11.87 -59.69
N GLU I 139 36.14 11.78 -60.20
CA GLU I 139 36.84 10.49 -60.24
C GLU I 139 37.11 9.97 -58.83
N ASP I 140 37.54 10.84 -57.93
CA ASP I 140 37.74 10.43 -56.54
C ASP I 140 36.41 10.22 -55.83
N ALA I 141 35.36 10.92 -56.27
CA ALA I 141 34.02 10.70 -55.73
C ALA I 141 33.35 9.46 -56.30
N ALA I 142 33.89 8.90 -57.40
CA ALA I 142 33.36 7.65 -57.93
C ALA I 142 33.57 6.50 -56.93
N HIS I 143 34.73 6.45 -56.29
CA HIS I 143 34.97 5.47 -55.25
C HIS I 143 34.12 5.74 -54.01
N CYS I 144 33.61 6.96 -53.86
CA CYS I 144 32.74 7.33 -52.76
C CYS I 144 31.29 7.30 -53.24
N TYR I 145 30.37 7.71 -52.37
CA TYR I 145 28.96 7.73 -52.73
C TYR I 145 28.66 8.90 -53.65
N HIS I 146 27.91 8.63 -54.72
CA HIS I 146 27.58 9.66 -55.69
C HIS I 146 26.34 9.23 -56.47
N SER I 147 25.71 10.20 -57.12
CA SER I 147 24.57 9.96 -57.98
C SER I 147 24.44 11.11 -58.95
N GLU I 148 23.90 10.83 -60.13
CA GLU I 148 23.79 11.81 -61.20
C GLU I 148 22.36 11.85 -61.72
N TRP I 149 21.84 13.05 -61.91
CA TRP I 149 20.49 13.24 -62.43
C TRP I 149 20.52 14.28 -63.55
N ASP I 150 19.75 14.02 -64.60
CA ASP I 150 19.68 14.91 -65.76
C ASP I 150 18.38 15.67 -65.74
N THR I 151 18.46 16.99 -65.94
CA THR I 151 17.27 17.84 -65.92
C THR I 151 16.56 17.79 -67.26
N GLY I 152 16.24 16.59 -67.73
CA GLY I 152 15.48 16.42 -68.95
C GLY I 152 14.35 15.43 -68.76
N LEU I 153 14.39 14.70 -67.66
CA LEU I 153 13.34 13.73 -67.30
C LEU I 153 12.50 14.20 -66.13
N ASN I 154 13.13 14.63 -65.04
CA ASN I 154 12.43 15.13 -63.86
C ASN I 154 13.25 16.26 -63.27
N SER I 155 12.65 17.45 -63.19
CA SER I 155 13.32 18.57 -62.54
C SER I 155 13.07 18.52 -61.03
N GLN I 156 13.32 17.35 -60.44
CA GLN I 156 13.14 17.13 -59.00
C GLN I 156 13.94 15.89 -58.65
N PHE I 157 14.98 16.05 -57.83
CA PHE I 157 15.88 14.96 -57.51
C PHE I 157 16.01 14.82 -56.00
N THR I 158 15.98 13.59 -55.52
CA THR I 158 16.18 13.27 -54.12
C THR I 158 17.49 12.51 -53.97
N PHE I 159 18.35 12.98 -53.07
CA PHE I 159 19.67 12.40 -52.87
C PHE I 159 19.81 12.00 -51.39
N ALA I 160 19.51 10.74 -51.10
CA ALA I 160 19.63 10.25 -49.74
C ALA I 160 21.08 10.26 -49.29
N VAL I 161 21.31 10.75 -48.07
CA VAL I 161 22.64 10.85 -47.49
C VAL I 161 22.74 9.81 -46.38
N PRO I 162 23.54 8.76 -46.56
CA PRO I 162 23.63 7.73 -45.52
C PRO I 162 24.37 8.22 -44.29
N TYR I 163 24.11 7.56 -43.17
CA TYR I 163 24.74 7.89 -41.89
C TYR I 163 26.01 7.06 -41.76
N VAL I 164 27.16 7.72 -41.78
CA VAL I 164 28.45 7.03 -41.73
C VAL I 164 29.30 7.57 -40.59
N SER I 165 28.65 8.12 -39.56
CA SER I 165 29.39 8.59 -38.40
C SER I 165 30.03 7.42 -37.66
N ALA I 166 31.17 7.69 -37.03
CA ALA I 166 31.89 6.64 -36.32
C ALA I 166 31.07 6.09 -35.17
N SER I 167 30.47 6.96 -34.37
CA SER I 167 29.66 6.52 -33.24
C SER I 167 28.25 6.18 -33.70
N ASP I 168 27.52 5.47 -32.83
CA ASP I 168 26.14 5.13 -33.13
C ASP I 168 25.27 6.38 -33.25
N PHE I 169 25.46 7.33 -32.35
CA PHE I 169 24.73 8.59 -32.37
C PHE I 169 25.70 9.75 -32.50
N SER I 170 25.25 10.80 -33.17
CA SER I 170 26.05 12.01 -33.34
C SER I 170 25.52 13.11 -32.41
N TYR I 171 26.28 14.20 -32.34
CA TYR I 171 25.94 15.33 -31.49
C TYR I 171 25.30 16.42 -32.34
N THR I 172 24.08 16.81 -31.96
CA THR I 172 23.40 17.89 -32.68
C THR I 172 24.12 19.22 -32.51
N HIS I 173 24.61 19.50 -31.31
CA HIS I 173 25.32 20.74 -31.01
C HIS I 173 26.81 20.52 -31.13
N THR I 174 27.47 21.31 -31.98
CA THR I 174 28.91 21.21 -32.18
C THR I 174 29.38 22.51 -32.81
N ASP I 175 30.69 22.58 -33.09
CA ASP I 175 31.31 23.78 -33.68
C ASP I 175 32.35 23.32 -34.70
N THR I 176 31.93 23.21 -35.95
CA THR I 176 32.81 22.81 -37.06
C THR I 176 32.43 23.64 -38.29
N PRO I 177 33.18 24.71 -38.58
CA PRO I 177 32.82 25.56 -39.73
C PRO I 177 32.95 24.84 -41.07
N ALA I 178 34.16 24.37 -41.39
CA ALA I 178 34.39 23.62 -42.62
C ALA I 178 35.31 22.44 -42.34
N MET I 179 35.09 21.75 -41.23
CA MET I 179 35.97 20.66 -40.83
C MET I 179 35.88 19.52 -41.82
N ALA I 180 37.03 18.91 -42.11
CA ALA I 180 37.09 17.83 -43.09
C ALA I 180 36.31 16.62 -42.66
N THR I 181 36.02 16.47 -41.37
CA THR I 181 35.27 15.34 -40.84
C THR I 181 33.98 15.81 -40.17
N THR I 182 33.28 16.76 -40.79
CA THR I 182 32.10 17.31 -40.14
C THR I 182 30.94 16.33 -40.20
N ASN I 183 30.39 16.10 -41.39
CA ASN I 183 29.46 14.99 -41.56
C ASN I 183 29.51 14.35 -42.94
N GLY I 184 30.34 14.81 -43.86
CA GLY I 184 30.37 14.18 -45.17
C GLY I 184 30.43 15.08 -46.38
N TRP I 185 30.28 16.39 -46.20
CA TRP I 185 30.54 17.38 -47.25
C TRP I 185 29.74 17.09 -48.53
N VAL I 186 28.42 17.21 -48.42
CA VAL I 186 27.59 17.10 -49.61
C VAL I 186 27.93 18.22 -50.57
N ALA I 187 28.21 17.87 -51.83
CA ALA I 187 28.58 18.84 -52.83
C ALA I 187 27.85 18.52 -54.13
N VAL I 188 27.64 19.55 -54.94
CA VAL I 188 26.92 19.44 -56.21
C VAL I 188 27.88 19.78 -57.34
N PHE I 189 28.00 18.87 -58.30
CA PHE I 189 28.88 19.03 -59.45
C PHE I 189 28.06 19.06 -60.73
N GLN I 190 28.35 20.01 -61.60
CA GLN I 190 27.72 20.11 -62.92
C GLN I 190 28.65 19.49 -63.94
N VAL I 191 28.27 18.33 -64.48
CA VAL I 191 29.13 17.62 -65.41
C VAL I 191 29.22 18.29 -66.78
N THR I 192 28.27 19.16 -67.10
CA THR I 192 28.23 19.81 -68.40
C THR I 192 28.97 21.14 -68.34
N ASP I 193 30.10 21.23 -69.06
CA ASP I 193 30.86 22.46 -69.14
C ASP I 193 30.31 23.43 -70.19
N THR I 194 29.30 23.01 -70.95
CA THR I 194 28.70 23.86 -71.98
C THR I 194 27.55 24.68 -71.39
N HIS I 195 27.89 25.46 -70.37
CA HIS I 195 26.91 26.33 -69.73
C HIS I 195 26.43 27.40 -70.70
N SER I 196 25.12 27.63 -70.72
CA SER I 196 24.51 28.58 -71.64
C SER I 196 24.23 29.93 -70.98
N ALA I 197 23.44 29.92 -69.91
CA ALA I 197 23.05 31.15 -69.24
C ALA I 197 22.86 30.86 -67.75
N GLU I 198 22.42 31.87 -67.02
CA GLU I 198 22.21 31.74 -65.58
C GLU I 198 20.95 30.92 -65.29
N ALA I 199 21.06 30.03 -64.32
CA ALA I 199 19.94 29.20 -63.88
C ALA I 199 19.93 29.20 -62.36
N ALA I 200 19.09 28.35 -61.78
CA ALA I 200 18.98 28.23 -60.33
C ALA I 200 18.68 26.79 -59.96
N VAL I 201 19.10 26.40 -58.75
CA VAL I 201 18.83 25.08 -58.22
C VAL I 201 18.38 25.21 -56.78
N VAL I 202 17.08 25.03 -56.54
CA VAL I 202 16.53 25.11 -55.19
C VAL I 202 16.86 23.83 -54.45
N VAL I 203 17.44 23.97 -53.25
CA VAL I 203 17.90 22.85 -52.46
C VAL I 203 17.14 22.85 -51.12
N SER I 204 16.62 21.69 -50.75
CA SER I 204 15.92 21.55 -49.48
C SER I 204 16.24 20.18 -48.89
N VAL I 205 16.10 20.07 -47.57
CA VAL I 205 16.46 18.87 -46.83
C VAL I 205 15.25 18.39 -46.04
N SER I 206 15.02 17.08 -46.05
CA SER I 206 13.96 16.46 -45.28
C SER I 206 14.52 15.25 -44.54
N ALA I 207 13.93 14.96 -43.39
CA ALA I 207 14.39 13.85 -42.57
C ALA I 207 14.19 12.53 -43.31
N GLY I 208 15.17 11.65 -43.21
CA GLY I 208 15.09 10.34 -43.80
C GLY I 208 14.15 9.44 -43.01
N PRO I 209 13.79 8.30 -43.60
CA PRO I 209 12.87 7.38 -42.90
C PRO I 209 13.45 6.80 -41.63
N ASP I 210 14.77 6.81 -41.46
CA ASP I 210 15.41 6.20 -40.29
C ASP I 210 15.99 7.22 -39.32
N LEU I 211 15.86 8.52 -39.60
CA LEU I 211 16.40 9.53 -38.71
C LEU I 211 15.66 9.49 -37.37
N GLU I 212 16.41 9.69 -36.29
CA GLU I 212 15.84 9.59 -34.95
C GLU I 212 16.60 10.50 -34.00
N PHE I 213 15.90 11.44 -33.39
CA PHE I 213 16.46 12.28 -32.34
C PHE I 213 16.16 11.68 -30.97
N ARG I 214 16.92 12.11 -29.97
CA ARG I 214 16.77 11.58 -28.63
C ARG I 214 17.22 12.61 -27.61
N PHE I 215 16.79 12.41 -26.36
CA PHE I 215 17.19 13.22 -25.22
C PHE I 215 16.83 14.69 -25.40
N PRO I 216 15.54 15.04 -25.30
CA PRO I 216 15.16 16.45 -25.45
C PRO I 216 15.84 17.31 -24.40
N VAL I 217 16.28 18.50 -24.82
CA VAL I 217 17.10 19.38 -24.01
C VAL I 217 16.62 20.81 -24.19
N ASP I 218 16.55 21.55 -23.10
CA ASP I 218 16.34 22.99 -23.19
C ASP I 218 17.67 23.68 -23.42
N PRO I 219 17.88 24.33 -24.56
CA PRO I 219 19.14 25.05 -24.79
C PRO I 219 19.11 26.40 -24.09
N VAL I 220 20.10 26.64 -23.23
CA VAL I 220 20.19 27.89 -22.51
C VAL I 220 21.52 28.55 -22.82
N ARG I 221 22.04 28.29 -24.01
CA ARG I 221 23.32 28.85 -24.44
C ARG I 221 23.28 30.37 -24.52
N LYS J 26 -0.02 -28.38 23.05
CA LYS J 26 0.87 -27.52 22.29
C LYS J 26 1.38 -26.36 23.14
N ARG J 27 2.70 -26.23 23.22
CA ARG J 27 3.35 -25.17 23.97
C ARG J 27 4.06 -24.24 23.01
N VAL J 28 3.76 -22.95 23.10
CA VAL J 28 4.24 -21.95 22.14
C VAL J 28 5.24 -21.01 22.78
N HIS J 29 4.92 -20.49 23.97
CA HIS J 29 5.75 -19.45 24.59
C HIS J 29 7.10 -19.97 25.05
N THR J 30 7.31 -21.28 25.08
CA THR J 30 8.59 -21.85 25.47
C THR J 30 9.35 -22.43 24.28
N ASP J 31 9.03 -21.99 23.07
CA ASP J 31 9.71 -22.42 21.87
C ASP J 31 10.96 -21.57 21.66
N VAL J 32 12.05 -22.23 21.27
CA VAL J 32 13.33 -21.53 21.13
C VAL J 32 13.25 -20.47 20.05
N ALA J 33 12.62 -20.79 18.91
CA ALA J 33 12.48 -19.81 17.83
C ALA J 33 11.57 -18.65 18.22
N PHE J 34 10.79 -18.78 19.29
CA PHE J 34 9.91 -17.72 19.76
C PHE J 34 10.52 -16.89 20.86
N VAL J 35 11.22 -17.52 21.81
CA VAL J 35 11.77 -16.81 22.95
C VAL J 35 12.90 -15.87 22.50
N MET J 36 13.81 -16.38 21.69
CA MET J 36 14.99 -15.61 21.32
C MET J 36 14.67 -14.49 20.33
N ASP J 37 13.46 -14.47 19.77
CA ASP J 37 13.07 -13.45 18.79
C ASP J 37 12.63 -12.17 19.50
N ARG J 38 13.59 -11.54 20.18
CA ARG J 38 13.33 -10.34 20.96
C ARG J 38 14.56 -9.45 20.95
N PHE J 39 14.34 -8.14 20.94
CA PHE J 39 15.44 -7.19 21.05
C PHE J 39 15.86 -7.08 22.51
N THR J 40 17.11 -7.43 22.79
CA THR J 40 17.66 -7.35 24.14
C THR J 40 18.72 -6.25 24.19
N HIS J 41 18.66 -5.41 25.22
CA HIS J 41 19.66 -4.37 25.39
C HIS J 41 20.97 -5.00 25.83
N VAL J 42 22.03 -4.76 25.07
CA VAL J 42 23.30 -5.44 25.28
C VAL J 42 24.39 -4.50 25.74
N LEU J 43 24.44 -3.27 25.22
CA LEU J 43 25.47 -2.33 25.63
C LEU J 43 24.96 -0.91 25.39
N THR J 44 25.56 0.03 26.11
CA THR J 44 25.09 1.41 26.12
C THR J 44 26.25 2.35 25.89
N ASN J 45 26.03 3.35 25.02
CA ASN J 45 27.00 4.42 24.77
C ASN J 45 28.34 3.87 24.29
N ARG J 46 28.31 3.21 23.14
CA ARG J 46 29.51 2.75 22.46
C ARG J 46 29.44 3.15 21.00
N THR J 47 30.54 3.69 20.48
CA THR J 47 30.59 4.13 19.10
C THR J 47 31.14 3.05 18.16
N ALA J 48 32.11 2.27 18.61
CA ALA J 48 32.65 1.16 17.83
C ALA J 48 32.71 -0.07 18.71
N PHE J 49 32.15 -1.16 18.22
CA PHE J 49 32.04 -2.37 19.04
C PHE J 49 31.94 -3.58 18.12
N ALA J 50 32.46 -4.71 18.60
CA ALA J 50 32.24 -5.96 17.93
C ALA J 50 30.80 -6.44 18.15
N VAL J 51 30.35 -7.34 17.30
CA VAL J 51 28.96 -7.80 17.34
C VAL J 51 28.92 -9.20 17.94
N ASP J 52 29.86 -9.48 18.84
CA ASP J 52 29.83 -10.74 19.57
C ASP J 52 28.52 -10.87 20.32
N LEU J 53 27.93 -12.07 20.27
CA LEU J 53 26.65 -12.31 20.90
C LEU J 53 26.77 -12.62 22.38
N MET J 54 27.98 -12.67 22.92
CA MET J 54 28.19 -12.89 24.34
C MET J 54 28.22 -11.58 25.13
N ASP J 55 28.05 -10.44 24.48
CA ASP J 55 27.91 -9.18 25.19
C ASP J 55 26.57 -9.04 25.87
N THR J 56 25.62 -9.93 25.59
CA THR J 56 24.32 -9.86 26.22
C THR J 56 24.43 -10.08 27.72
N ASN J 57 23.55 -9.42 28.48
CA ASN J 57 23.53 -9.59 29.92
C ASN J 57 23.19 -11.03 30.26
N GLU J 58 23.96 -11.62 31.19
CA GLU J 58 23.81 -13.03 31.50
C GLU J 58 22.58 -13.34 32.33
N LYS J 59 21.85 -12.32 32.79
CA LYS J 59 20.65 -12.53 33.58
C LYS J 59 19.36 -12.28 32.80
N THR J 60 19.45 -11.68 31.61
CA THR J 60 18.26 -11.44 30.81
C THR J 60 17.74 -12.75 30.21
N LEU J 61 16.52 -12.70 29.70
CA LEU J 61 15.91 -13.88 29.10
C LEU J 61 16.73 -14.37 27.91
N VAL J 62 17.08 -13.47 27.00
CA VAL J 62 17.86 -13.87 25.83
C VAL J 62 19.28 -14.25 26.22
N GLY J 63 19.89 -13.49 27.12
CA GLY J 63 21.26 -13.76 27.49
C GLY J 63 21.44 -15.06 28.24
N ALA J 64 20.54 -15.36 29.17
CA ALA J 64 20.69 -16.55 30.00
C ALA J 64 20.41 -17.82 29.21
N LEU J 65 19.35 -17.81 28.38
CA LEU J 65 19.03 -19.00 27.61
C LEU J 65 20.06 -19.25 26.51
N LEU J 66 20.70 -18.19 26.01
CA LEU J 66 21.79 -18.38 25.06
C LEU J 66 22.96 -19.11 25.69
N ARG J 67 23.29 -18.78 26.93
CA ARG J 67 24.37 -19.45 27.65
C ARG J 67 23.97 -20.81 28.17
N ALA J 68 22.69 -21.18 28.05
CA ALA J 68 22.24 -22.53 28.36
C ALA J 68 22.43 -23.49 27.19
N ALA J 69 22.99 -23.02 26.08
CA ALA J 69 23.26 -23.83 24.91
C ALA J 69 24.76 -23.81 24.61
N THR J 70 25.30 -24.95 24.21
CA THR J 70 26.72 -25.01 23.88
C THR J 70 26.99 -24.37 22.52
N TYR J 71 26.10 -24.56 21.55
CA TYR J 71 26.25 -24.00 20.22
C TYR J 71 24.96 -23.35 19.79
N TYR J 72 25.06 -22.41 18.85
CA TYR J 72 23.88 -21.69 18.39
C TYR J 72 24.14 -21.20 16.96
N PHE J 73 23.09 -20.62 16.36
CA PHE J 73 23.15 -20.09 15.01
C PHE J 73 21.96 -19.18 14.81
N CYS J 74 22.19 -17.97 14.31
CA CYS J 74 21.11 -17.03 14.10
C CYS J 74 21.53 -15.98 13.09
N ASP J 75 20.54 -15.29 12.53
CA ASP J 75 20.76 -14.12 11.66
C ASP J 75 20.43 -12.90 12.49
N LEU J 76 21.48 -12.20 12.95
CA LEU J 76 21.29 -11.15 13.92
C LEU J 76 20.64 -9.91 13.31
N GLU J 77 19.86 -9.21 14.13
CA GLU J 77 19.34 -7.90 13.81
C GLU J 77 19.85 -6.90 14.84
N ILE J 78 20.37 -5.78 14.36
CA ILE J 78 20.96 -4.75 15.21
C ILE J 78 20.09 -3.51 15.15
N ALA J 79 19.83 -2.93 16.31
CA ALA J 79 19.11 -1.67 16.42
C ALA J 79 19.96 -0.69 17.24
N CYS J 80 20.11 0.52 16.73
CA CYS J 80 20.88 1.57 17.40
C CYS J 80 19.96 2.72 17.71
N LEU J 81 19.90 3.10 18.99
CA LEU J 81 19.07 4.20 19.45
C LEU J 81 19.95 5.31 19.99
N GLY J 82 19.77 6.51 19.47
CA GLY J 82 20.53 7.66 19.93
C GLY J 82 20.79 8.62 18.80
N GLU J 83 21.38 9.75 19.16
CA GLU J 83 21.71 10.78 18.18
C GLU J 83 22.90 10.39 17.35
N HIS J 84 22.66 9.77 16.19
CA HIS J 84 23.73 9.38 15.29
C HIS J 84 23.25 9.56 13.86
N GLU J 85 24.13 10.08 13.00
CA GLU J 85 23.75 10.30 11.61
C GLU J 85 23.67 8.99 10.85
N ARG J 86 24.66 8.12 11.02
CA ARG J 86 24.74 6.89 10.25
C ARG J 86 25.61 5.89 10.99
N VAL J 87 25.52 4.64 10.58
CA VAL J 87 26.27 3.55 11.19
C VAL J 87 26.81 2.65 10.08
N TRP J 88 27.96 2.05 10.34
CA TRP J 88 28.61 1.15 9.40
C TRP J 88 28.57 -0.28 9.94
N TRP J 89 28.98 -1.22 9.09
CA TRP J 89 29.05 -2.63 9.49
C TRP J 89 29.99 -3.36 8.56
N GLN J 90 31.08 -3.91 9.10
CA GLN J 90 31.92 -4.78 8.29
C GLN J 90 31.61 -6.23 8.59
N PRO J 91 31.67 -7.11 7.59
CA PRO J 91 31.49 -8.53 7.85
C PRO J 91 32.67 -9.12 8.61
N ASN J 92 32.43 -10.28 9.23
CA ASN J 92 33.47 -10.94 10.01
C ASN J 92 34.65 -11.30 9.13
N GLY J 93 35.86 -10.99 9.60
CA GLY J 93 37.08 -11.22 8.86
C GLY J 93 37.64 -10.00 8.16
N ALA J 94 36.82 -8.97 7.96
CA ALA J 94 37.31 -7.75 7.34
C ALA J 94 38.29 -7.04 8.26
N PRO J 95 39.30 -6.38 7.71
CA PRO J 95 40.28 -5.68 8.55
C PRO J 95 39.66 -4.50 9.28
N ARG J 96 40.20 -4.22 10.47
CA ARG J 96 39.70 -3.14 11.31
C ARG J 96 40.43 -1.85 10.94
N THR J 97 39.67 -0.83 10.55
CA THR J 97 40.22 0.45 10.15
C THR J 97 39.41 1.57 10.78
N THR J 98 40.07 2.71 10.99
CA THR J 98 39.40 3.85 11.62
C THR J 98 38.44 4.54 10.67
N THR J 99 38.84 4.73 9.41
CA THR J 99 38.02 5.40 8.41
C THR J 99 37.41 4.35 7.48
N LEU J 100 36.11 4.44 7.26
CA LEU J 100 35.37 3.49 6.45
C LEU J 100 34.84 4.18 5.21
N ARG J 101 35.11 3.60 4.04
CA ARG J 101 34.67 4.14 2.76
C ARG J 101 33.87 3.08 2.03
N ASP J 102 32.62 3.39 1.72
CA ASP J 102 31.73 2.55 0.93
C ASP J 102 31.42 1.21 1.59
N ASN J 103 31.84 1.01 2.84
CA ASN J 103 31.43 -0.16 3.59
C ASN J 103 29.93 -0.09 3.88
N PRO J 104 29.29 -1.24 4.13
CA PRO J 104 27.83 -1.24 4.37
C PRO J 104 27.40 -0.21 5.40
N MET J 105 26.64 0.78 4.95
CA MET J 105 26.32 1.96 5.75
C MET J 105 24.82 2.20 5.73
N VAL J 106 24.25 2.50 6.89
CA VAL J 106 22.83 2.78 7.03
C VAL J 106 22.67 4.12 7.74
N PHE J 107 21.81 4.97 7.20
CA PHE J 107 21.50 6.25 7.83
C PHE J 107 20.33 6.08 8.80
N SER J 108 20.36 6.86 9.87
CA SER J 108 19.34 6.77 10.91
C SER J 108 18.09 7.53 10.51
N HIS J 109 16.94 6.93 10.79
CA HIS J 109 15.64 7.57 10.57
C HIS J 109 14.95 7.68 11.93
N ASN J 110 14.63 8.92 12.33
CA ASN J 110 14.06 9.19 13.65
C ASN J 110 14.95 8.66 14.77
N ASN J 111 16.26 8.80 14.59
CA ASN J 111 17.26 8.40 15.59
C ASN J 111 17.19 6.91 15.91
N VAL J 112 16.79 6.10 14.93
CA VAL J 112 16.78 4.64 15.07
C VAL J 112 17.38 4.07 13.80
N THR J 113 18.27 3.08 13.96
CA THR J 113 18.92 2.42 12.82
C THR J 113 18.78 0.92 13.02
N ARG J 114 17.79 0.31 12.38
CA ARG J 114 17.58 -1.12 12.44
C ARG J 114 17.99 -1.76 11.12
N PHE J 115 18.88 -2.74 11.19
CA PHE J 115 19.33 -3.42 9.99
C PHE J 115 19.64 -4.87 10.33
N ALA J 116 19.39 -5.76 9.37
CA ALA J 116 19.54 -7.19 9.56
C ALA J 116 20.93 -7.62 9.11
N VAL J 117 21.68 -8.21 10.02
CA VAL J 117 23.05 -8.67 9.77
C VAL J 117 22.99 -10.17 9.46
N PRO J 118 23.43 -10.62 8.30
CA PRO J 118 23.44 -12.05 8.03
C PRO J 118 24.53 -12.74 8.83
N TYR J 119 24.36 -14.04 9.04
CA TYR J 119 25.39 -14.84 9.69
C TYR J 119 26.67 -14.80 8.85
N THR J 120 27.79 -14.56 9.52
CA THR J 120 29.01 -14.19 8.82
C THR J 120 30.24 -15.00 9.22
N ALA J 121 30.24 -15.65 10.37
CA ALA J 121 31.45 -16.33 10.83
C ALA J 121 31.79 -17.50 9.90
N PRO J 122 33.07 -17.78 9.71
CA PRO J 122 33.45 -18.92 8.85
C PRO J 122 32.98 -20.26 9.37
N HIS J 123 32.86 -20.41 10.69
CA HIS J 123 32.48 -21.69 11.28
C HIS J 123 31.02 -22.00 10.96
N ARG J 124 30.72 -23.31 10.93
CA ARG J 124 29.34 -23.73 10.69
C ARG J 124 28.42 -23.30 11.82
N LEU J 125 28.87 -23.41 13.07
CA LEU J 125 28.11 -23.00 14.23
C LEU J 125 29.00 -22.19 15.16
N LEU J 126 28.37 -21.29 15.91
CA LEU J 126 29.06 -20.55 16.96
C LEU J 126 28.90 -21.29 18.28
N SER J 127 29.75 -20.94 19.24
CA SER J 127 29.72 -21.56 20.55
C SER J 127 29.79 -20.50 21.64
N THR J 128 29.13 -20.78 22.76
CA THR J 128 29.20 -19.90 23.92
C THR J 128 30.43 -20.21 24.78
N ARG J 129 30.70 -21.48 25.02
CA ARG J 129 31.88 -21.91 25.74
C ARG J 129 32.90 -22.50 24.77
N TYR J 130 34.15 -22.57 25.23
CA TYR J 130 35.22 -23.13 24.41
C TYR J 130 36.35 -23.56 25.32
N ASN J 131 36.64 -24.86 25.34
CA ASN J 131 37.72 -25.41 26.16
C ASN J 131 39.00 -25.42 25.32
N GLY J 132 39.64 -24.26 25.26
CA GLY J 132 40.87 -24.10 24.50
C GLY J 132 41.79 -23.04 25.06
N LYS J 160 38.90 -18.38 26.97
CA LYS J 160 38.11 -17.29 26.39
C LYS J 160 37.80 -17.58 24.93
N LEU J 161 36.64 -17.11 24.46
CA LEU J 161 36.26 -17.34 23.08
C LEU J 161 37.20 -16.61 22.12
N PRO J 162 37.59 -17.24 21.02
CA PRO J 162 38.42 -16.54 20.03
C PRO J 162 37.62 -15.48 19.30
N SER J 163 38.36 -14.58 18.64
CA SER J 163 37.76 -13.43 17.99
C SER J 163 36.88 -13.80 16.80
N THR J 164 36.97 -15.04 16.31
CA THR J 164 36.21 -15.44 15.14
C THR J 164 34.73 -15.65 15.44
N PHE J 165 34.32 -15.65 16.71
CA PHE J 165 32.92 -15.87 17.07
C PHE J 165 32.25 -14.51 17.26
N ASN J 166 31.91 -13.88 16.14
CA ASN J 166 31.16 -12.64 16.15
C ASN J 166 30.44 -12.50 14.81
N PHE J 167 29.47 -11.60 14.78
CA PHE J 167 28.68 -11.35 13.59
C PHE J 167 29.19 -10.16 12.79
N GLY J 168 30.35 -9.63 13.14
CA GLY J 168 30.92 -8.54 12.38
C GLY J 168 31.53 -7.46 13.25
N TYR J 169 31.53 -6.23 12.76
CA TYR J 169 32.03 -5.09 13.51
C TYR J 169 31.21 -3.87 13.10
N VAL J 170 30.80 -3.09 14.10
CA VAL J 170 29.92 -1.95 13.87
C VAL J 170 30.59 -0.71 14.42
N THR J 171 30.65 0.34 13.62
CA THR J 171 31.12 1.65 14.05
C THR J 171 30.01 2.67 13.79
N ALA J 172 29.70 3.47 14.80
CA ALA J 172 28.67 4.49 14.70
C ALA J 172 29.30 5.88 14.67
N ASP J 173 28.55 6.83 14.08
CA ASP J 173 29.01 8.21 14.04
C ASP J 173 29.15 8.78 15.44
N LYS J 174 28.17 8.53 16.29
CA LYS J 174 28.16 8.96 17.68
C LYS J 174 27.71 7.79 18.54
N PRO J 175 28.07 7.78 19.82
CA PRO J 175 27.73 6.64 20.68
C PRO J 175 26.21 6.40 20.72
N VAL J 176 25.83 5.13 20.70
CA VAL J 176 24.43 4.72 20.64
C VAL J 176 24.19 3.56 21.60
N ASP J 177 22.92 3.30 21.86
CA ASP J 177 22.49 2.12 22.62
C ASP J 177 22.08 1.04 21.63
N VAL J 178 22.58 -0.18 21.85
CA VAL J 178 22.49 -1.24 20.86
C VAL J 178 21.61 -2.36 21.39
N TYR J 179 20.75 -2.88 20.51
CA TYR J 179 19.85 -3.98 20.82
C TYR J 179 20.08 -5.10 19.81
N TYR J 180 20.17 -6.33 20.30
CA TYR J 180 20.38 -7.50 19.46
C TYR J 180 19.10 -8.33 19.40
N ARG J 181 18.80 -8.84 18.22
CA ARG J 181 17.65 -9.73 18.02
C ARG J 181 18.11 -10.95 17.24
N MET J 182 17.79 -12.14 17.75
CA MET J 182 18.21 -13.39 17.13
C MET J 182 17.07 -13.90 16.26
N LYS J 183 17.23 -13.79 14.95
CA LYS J 183 16.24 -14.28 14.00
C LYS J 183 16.54 -15.74 13.67
N ARG J 184 15.52 -16.58 13.75
CA ARG J 184 15.63 -18.01 13.42
C ARG J 184 16.75 -18.67 14.23
N ALA J 185 16.72 -18.45 15.54
CA ALA J 185 17.75 -19.00 16.40
C ALA J 185 17.66 -20.53 16.45
N GLU J 186 18.82 -21.17 16.52
CA GLU J 186 18.91 -22.63 16.59
C GLU J 186 19.92 -22.98 17.67
N LEU J 187 19.45 -23.43 18.82
CA LEU J 187 20.32 -23.79 19.94
C LEU J 187 20.64 -25.27 19.90
N TYR J 188 21.80 -25.63 20.45
CA TYR J 188 22.29 -26.99 20.44
C TYR J 188 22.89 -27.33 21.80
N CYS J 189 22.81 -28.63 22.15
CA CYS J 189 23.47 -29.19 23.33
C CYS J 189 23.15 -28.41 24.59
N PRO J 190 21.95 -28.55 25.15
CA PRO J 190 21.54 -27.73 26.29
C PRO J 190 22.47 -27.91 27.48
N ARG J 191 22.66 -26.81 28.21
CA ARG J 191 23.54 -26.70 29.36
C ARG J 191 22.74 -26.32 30.59
N PRO J 192 23.30 -26.52 31.79
CA PRO J 192 22.55 -26.19 33.01
C PRO J 192 22.12 -24.74 33.04
N LEU J 193 20.89 -24.52 33.48
CA LEU J 193 20.29 -23.19 33.62
C LEU J 193 19.89 -23.01 35.07
N LEU J 194 20.23 -21.85 35.64
CA LEU J 194 19.98 -21.64 37.05
C LEU J 194 19.12 -20.39 37.25
N PRO J 195 18.33 -20.34 38.32
CA PRO J 195 17.54 -19.14 38.60
C PRO J 195 18.43 -17.93 38.85
N GLY J 196 18.19 -16.87 38.10
CA GLY J 196 18.99 -15.66 38.26
C GLY J 196 18.78 -14.98 39.60
N TYR J 197 17.54 -14.98 40.09
CA TYR J 197 17.19 -14.29 41.32
C TYR J 197 16.47 -15.25 42.26
N ASP J 198 16.55 -14.95 43.55
CA ASP J 198 15.93 -15.78 44.58
C ASP J 198 14.78 -15.04 45.25
N GLY K 1 -11.80 5.76 2.53
CA GLY K 1 -11.13 5.67 1.25
C GLY K 1 -9.63 5.92 1.34
N ILE K 2 -9.14 6.04 2.57
CA ILE K 2 -7.73 6.31 2.84
C ILE K 2 -7.14 5.07 3.51
N ILE K 3 -6.05 4.57 2.95
CA ILE K 3 -5.38 3.39 3.50
C ILE K 3 -4.58 3.82 4.74
N PRO K 4 -4.87 3.24 5.91
CA PRO K 4 -4.10 3.60 7.11
C PRO K 4 -2.74 2.93 7.10
N VAL K 5 -1.69 3.71 7.32
CA VAL K 5 -0.32 3.23 7.35
C VAL K 5 0.33 3.73 8.64
N ALA K 6 1.61 3.39 8.81
CA ALA K 6 2.35 3.80 9.99
C ALA K 6 3.84 3.82 9.63
N CYS K 7 4.43 5.01 9.60
CA CYS K 7 5.83 5.16 9.21
C CYS K 7 6.70 4.69 10.37
N PHE K 8 7.26 3.49 10.23
CA PHE K 8 8.07 2.92 11.31
C PHE K 8 9.39 3.68 11.46
N ASP K 9 9.86 3.74 12.69
CA ASP K 9 11.16 4.33 13.00
C ASP K 9 12.25 3.28 12.85
N GLY K 10 13.34 3.67 12.22
CA GLY K 10 14.44 2.75 11.97
C GLY K 10 14.67 2.49 10.51
N TYR K 11 13.59 2.32 9.76
CA TYR K 11 13.67 2.17 8.32
C TYR K 11 13.51 3.52 7.65
N GLY K 12 14.14 3.67 6.48
CA GLY K 12 14.05 4.88 5.70
C GLY K 12 15.38 5.57 5.45
N GLY K 13 16.42 5.20 6.18
CA GLY K 13 17.72 5.82 5.95
C GLY K 13 18.31 5.44 4.62
N PHE K 14 19.31 6.21 4.21
CA PHE K 14 19.98 5.98 2.94
C PHE K 14 20.99 4.84 3.11
N GLN K 15 20.61 3.65 2.67
CA GLN K 15 21.53 2.52 2.64
C GLN K 15 22.28 2.52 1.32
N ASN K 16 23.59 2.29 1.38
CA ASN K 16 24.38 2.26 0.17
C ASN K 16 24.29 0.92 -0.56
N THR K 17 23.64 -0.09 0.02
CA THR K 17 23.49 -1.40 -0.60
C THR K 17 22.03 -1.82 -0.61
N ASP K 18 21.11 -0.87 -0.65
CA ASP K 18 19.69 -1.21 -0.61
C ASP K 18 19.24 -1.83 -1.93
N PRO K 19 18.35 -2.83 -1.88
CA PRO K 19 17.87 -3.43 -3.13
C PRO K 19 16.92 -2.53 -3.92
N LYS K 20 16.38 -1.49 -3.30
CA LYS K 20 15.37 -0.67 -3.94
C LYS K 20 15.97 0.16 -5.07
N THR K 21 15.19 0.39 -6.11
CA THR K 21 15.60 1.18 -7.25
C THR K 21 15.12 2.63 -7.09
N ALA K 22 15.60 3.49 -7.97
CA ALA K 22 15.26 4.91 -7.95
C ALA K 22 14.23 5.20 -9.03
N ASP K 23 13.91 6.50 -9.20
CA ASP K 23 12.94 6.92 -10.19
C ASP K 23 13.68 7.45 -11.41
N PRO K 24 13.58 6.81 -12.57
CA PRO K 24 14.34 7.27 -13.73
C PRO K 24 13.85 8.62 -14.24
N ILE K 25 14.76 9.34 -14.88
CA ILE K 25 14.45 10.65 -15.44
C ILE K 25 13.89 10.46 -16.85
N TYR K 26 14.68 9.89 -17.75
CA TYR K 26 14.23 9.55 -19.09
C TYR K 26 13.83 8.07 -19.08
N GLY K 27 12.55 7.81 -18.83
CA GLY K 27 12.07 6.45 -18.70
C GLY K 27 11.82 5.72 -20.00
N TYR K 28 12.03 6.37 -21.14
CA TYR K 28 11.76 5.74 -22.43
C TYR K 28 13.03 5.66 -23.27
N VAL K 29 14.14 5.25 -22.65
CA VAL K 29 15.41 5.08 -23.32
C VAL K 29 15.60 3.61 -23.66
N TYR K 30 16.05 3.33 -24.88
CA TYR K 30 16.23 1.96 -25.37
C TYR K 30 17.57 1.88 -26.08
N ASN K 31 18.60 1.50 -25.35
CA ASN K 31 19.91 1.27 -25.97
C ASN K 31 19.84 0.01 -26.84
N PRO K 32 20.47 0.04 -28.03
CA PRO K 32 20.16 -0.99 -29.04
C PRO K 32 20.45 -2.43 -28.61
N SER K 33 21.71 -2.74 -28.33
CA SER K 33 22.11 -4.11 -28.00
C SER K 33 23.58 -4.21 -27.66
N ARG K 34 23.95 -5.23 -26.87
CA ARG K 34 25.34 -5.57 -26.59
C ARG K 34 25.55 -7.07 -26.72
N ASN K 35 24.73 -7.73 -27.55
CA ASN K 35 24.77 -9.18 -27.62
C ASN K 35 26.02 -9.69 -28.33
N ASP K 36 26.40 -9.05 -29.45
CA ASP K 36 27.51 -9.52 -30.27
C ASP K 36 28.84 -8.90 -29.87
N CYS K 37 28.98 -8.47 -28.62
CA CYS K 37 30.25 -7.95 -28.13
C CYS K 37 31.14 -9.08 -27.66
N HIS K 38 32.43 -8.78 -27.52
CA HIS K 38 33.44 -9.78 -27.20
C HIS K 38 34.04 -9.52 -25.83
N GLY K 39 34.33 -10.60 -25.10
CA GLY K 39 35.03 -10.51 -23.84
C GLY K 39 34.19 -10.27 -22.61
N ARG K 40 32.86 -10.29 -22.74
CA ARG K 40 32.01 -10.08 -21.59
C ARG K 40 32.19 -11.18 -20.56
N TYR K 41 32.36 -10.79 -19.30
CA TYR K 41 32.41 -11.73 -18.19
C TYR K 41 31.41 -11.29 -17.14
N SER K 42 30.53 -12.21 -16.74
CA SER K 42 29.50 -11.93 -15.76
C SER K 42 29.87 -12.41 -14.36
N ASN K 43 31.04 -13.03 -14.20
CA ASN K 43 31.45 -13.52 -12.90
C ASN K 43 32.96 -13.37 -12.78
N LEU K 44 33.41 -12.77 -11.67
CA LEU K 44 34.84 -12.51 -11.50
C LEU K 44 35.63 -13.79 -11.36
N LEU K 45 35.11 -14.76 -10.61
CA LEU K 45 35.87 -15.99 -10.38
C LEU K 45 35.96 -16.84 -11.64
N ASP K 46 34.98 -16.73 -12.55
CA ASP K 46 35.09 -17.41 -13.83
C ASP K 46 36.31 -16.91 -14.60
N VAL K 47 36.65 -15.63 -14.44
CA VAL K 47 37.85 -15.10 -15.07
C VAL K 47 39.10 -15.68 -14.42
N ALA K 48 39.07 -15.85 -13.10
CA ALA K 48 40.25 -16.34 -12.38
C ALA K 48 40.51 -17.81 -12.63
N GLU K 49 39.48 -18.59 -12.97
CA GLU K 49 39.67 -20.01 -13.23
C GLU K 49 40.33 -20.24 -14.59
N ALA K 50 39.99 -19.44 -15.58
CA ALA K 50 40.47 -19.62 -16.94
C ALA K 50 41.74 -18.83 -17.24
N CYS K 51 42.23 -18.03 -16.30
CA CYS K 51 43.37 -17.15 -16.53
C CYS K 51 44.38 -17.30 -15.41
N PRO K 52 45.25 -18.32 -15.48
CA PRO K 52 46.32 -18.44 -14.49
C PRO K 52 47.28 -17.25 -14.56
N THR K 53 47.77 -16.83 -13.40
CA THR K 53 48.67 -15.70 -13.29
C THR K 53 49.91 -16.12 -12.50
N PHE K 54 51.05 -15.56 -12.88
CA PHE K 54 52.33 -16.04 -12.39
C PHE K 54 52.54 -15.67 -10.92
N LEU K 55 53.49 -16.37 -10.30
CA LEU K 55 53.87 -16.17 -8.91
C LEU K 55 55.10 -15.27 -8.82
N ASN K 56 55.35 -14.77 -7.62
CA ASN K 56 56.43 -13.82 -7.37
C ASN K 56 57.53 -14.53 -6.57
N PHE K 57 58.53 -15.05 -7.27
CA PHE K 57 59.70 -15.67 -6.63
C PHE K 57 60.83 -14.65 -6.64
N ASP K 58 60.73 -13.69 -5.72
CA ASP K 58 61.71 -12.62 -5.58
C ASP K 58 61.85 -11.81 -6.88
N GLY K 59 60.70 -11.36 -7.40
CA GLY K 59 60.67 -10.53 -8.58
C GLY K 59 60.61 -11.29 -9.89
N LYS K 60 60.70 -12.61 -9.86
CA LYS K 60 60.68 -13.42 -11.07
C LYS K 60 59.66 -14.53 -10.92
N PRO K 61 59.03 -14.95 -12.02
CA PRO K 61 58.04 -16.03 -11.95
C PRO K 61 58.61 -17.43 -12.07
N TYR K 62 59.91 -17.58 -12.30
CA TYR K 62 60.51 -18.89 -12.51
C TYR K 62 61.42 -19.25 -11.34
N VAL K 63 61.84 -20.51 -11.33
CA VAL K 63 62.69 -21.06 -10.27
C VAL K 63 63.93 -21.65 -10.92
N VAL K 64 65.10 -21.32 -10.37
CA VAL K 64 66.37 -21.79 -10.90
C VAL K 64 66.78 -23.06 -10.16
N THR K 65 67.11 -24.10 -10.92
CA THR K 65 67.60 -25.34 -10.32
C THR K 65 68.94 -25.12 -9.64
N LYS K 66 69.08 -25.65 -8.43
CA LYS K 66 70.29 -25.50 -7.64
C LYS K 66 71.14 -26.76 -7.72
N ASN K 67 72.46 -26.56 -7.80
CA ASN K 67 73.38 -27.69 -7.86
C ASN K 67 73.58 -28.35 -6.49
N ASN K 68 73.47 -27.58 -5.42
CA ASN K 68 73.66 -28.13 -4.08
C ASN K 68 72.53 -29.11 -3.75
N GLY K 69 72.81 -30.02 -2.82
CA GLY K 69 71.85 -31.04 -2.49
C GLY K 69 70.87 -30.60 -1.41
N ASP K 70 69.70 -30.13 -1.86
CA ASP K 70 68.61 -29.78 -0.96
C ASP K 70 67.26 -30.35 -1.40
N LYS K 71 67.09 -30.68 -2.68
CA LYS K 71 65.90 -31.33 -3.22
C LYS K 71 64.63 -30.50 -3.03
N VAL K 72 64.77 -29.22 -2.71
CA VAL K 72 63.63 -28.33 -2.51
C VAL K 72 63.93 -27.05 -3.28
N MET K 73 63.36 -26.91 -4.48
CA MET K 73 63.54 -25.68 -5.23
C MET K 73 62.81 -24.51 -4.58
N THR K 74 61.55 -24.71 -4.21
CA THR K 74 60.76 -23.68 -3.55
C THR K 74 59.91 -24.31 -2.46
N CYS K 75 59.59 -23.50 -1.44
CA CYS K 75 58.66 -23.89 -0.38
C CYS K 75 57.85 -22.64 -0.02
N PHE K 76 56.70 -22.50 -0.66
CA PHE K 76 55.86 -21.33 -0.49
C PHE K 76 54.50 -21.74 0.08
N ASP K 77 53.89 -20.82 0.82
CA ASP K 77 52.60 -21.08 1.43
C ASP K 77 51.49 -21.05 0.38
N VAL K 78 50.26 -21.25 0.83
CA VAL K 78 49.10 -21.19 -0.04
C VAL K 78 48.20 -20.06 0.44
N ALA K 79 48.81 -19.02 1.00
CA ALA K 79 48.08 -17.87 1.52
C ALA K 79 48.11 -16.74 0.49
N PHE K 80 46.95 -16.11 0.28
CA PHE K 80 46.86 -15.00 -0.66
C PHE K 80 47.63 -13.77 -0.21
N THR K 81 47.93 -13.65 1.08
CA THR K 81 48.68 -12.53 1.60
C THR K 81 50.19 -12.75 1.55
N HIS K 82 50.64 -13.96 1.21
CA HIS K 82 52.06 -14.23 1.11
C HIS K 82 52.66 -13.43 -0.04
N LYS K 83 53.95 -13.08 0.10
CA LYS K 83 54.61 -12.29 -0.94
C LYS K 83 54.72 -13.07 -2.26
N VAL K 84 54.66 -14.39 -2.21
CA VAL K 84 54.72 -15.18 -3.44
C VAL K 84 53.49 -14.95 -4.30
N HIS K 85 52.31 -15.01 -3.68
CA HIS K 85 51.05 -14.83 -4.40
C HIS K 85 50.69 -13.37 -4.58
N LYS K 86 51.60 -12.44 -4.25
CA LYS K 86 51.25 -11.02 -4.18
C LYS K 86 50.79 -10.48 -5.54
N ASN K 87 51.41 -10.92 -6.63
CA ASN K 87 51.14 -10.36 -7.95
C ASN K 87 50.06 -11.10 -8.72
N THR K 88 49.45 -12.12 -8.13
CA THR K 88 48.47 -12.91 -8.86
C THR K 88 47.13 -12.17 -8.96
N PHE K 89 46.31 -12.61 -9.92
CA PHE K 89 44.96 -12.06 -10.05
C PHE K 89 44.09 -12.48 -8.87
N LEU K 90 44.29 -13.70 -8.36
CA LEU K 90 43.50 -14.17 -7.24
C LEU K 90 43.75 -13.33 -6.00
N ALA K 91 45.01 -13.01 -5.71
CA ALA K 91 45.30 -12.17 -4.55
C ALA K 91 44.69 -10.78 -4.70
N GLY K 92 44.76 -10.21 -5.90
CA GLY K 92 44.08 -8.96 -6.15
C GLY K 92 42.59 -9.07 -5.99
N LEU K 93 42.02 -10.20 -6.42
CA LEU K 93 40.59 -10.43 -6.24
C LEU K 93 40.25 -10.76 -4.80
N ALA K 94 41.16 -11.43 -4.08
CA ALA K 94 40.90 -11.79 -2.70
C ALA K 94 41.03 -10.62 -1.74
N ASP K 95 41.71 -9.55 -2.15
CA ASP K 95 41.87 -8.40 -1.27
C ASP K 95 40.55 -7.71 -0.96
N TYR K 96 39.55 -7.89 -1.81
CA TYR K 96 38.27 -7.23 -1.65
C TYR K 96 37.19 -8.15 -1.07
N TYR K 97 37.57 -9.35 -0.63
CA TYR K 97 36.63 -10.31 -0.07
C TYR K 97 37.12 -10.78 1.29
N ALA K 98 36.18 -10.89 2.23
CA ALA K 98 36.54 -11.24 3.60
C ALA K 98 36.93 -12.71 3.74
N GLN K 99 36.16 -13.60 3.12
CA GLN K 99 36.33 -15.04 3.33
C GLN K 99 36.33 -15.77 1.99
N TYR K 100 36.81 -17.00 2.02
CA TYR K 100 36.85 -17.84 0.82
C TYR K 100 36.88 -19.30 1.23
N GLN K 101 36.59 -20.17 0.26
CA GLN K 101 36.76 -21.61 0.44
C GLN K 101 36.84 -22.24 -0.94
N GLY K 102 37.64 -23.28 -1.06
CA GLY K 102 37.78 -23.99 -2.31
C GLY K 102 39.22 -24.36 -2.57
N SER K 103 39.47 -24.89 -3.76
CA SER K 103 40.75 -25.43 -4.14
C SER K 103 41.47 -24.51 -5.11
N LEU K 104 42.80 -24.61 -5.15
CA LEU K 104 43.63 -23.85 -6.06
C LEU K 104 44.36 -24.80 -7.00
N ASN K 105 44.47 -24.40 -8.26
CA ASN K 105 45.23 -25.14 -9.26
C ASN K 105 46.54 -24.42 -9.51
N TYR K 106 47.65 -25.13 -9.36
CA TYR K 106 48.98 -24.57 -9.58
C TYR K 106 49.55 -25.16 -10.86
N HIS K 107 49.94 -24.29 -11.79
CA HIS K 107 50.43 -24.69 -13.10
C HIS K 107 51.94 -24.53 -13.15
N PHE K 108 52.63 -25.57 -13.61
CA PHE K 108 54.08 -25.57 -13.72
C PHE K 108 54.47 -25.82 -15.18
N MET K 109 55.43 -25.05 -15.67
CA MET K 109 55.86 -25.16 -17.07
C MET K 109 57.38 -25.18 -17.11
N TYR K 110 57.95 -26.32 -17.48
CA TYR K 110 59.40 -26.42 -17.61
C TYR K 110 59.89 -25.59 -18.79
N THR K 111 61.05 -24.98 -18.63
CA THR K 111 61.58 -24.00 -19.58
C THR K 111 63.05 -24.27 -19.88
N GLY K 112 63.38 -25.52 -20.15
CA GLY K 112 64.75 -25.89 -20.43
C GLY K 112 64.95 -26.38 -21.86
N PRO K 113 66.18 -26.74 -22.19
CA PRO K 113 66.43 -27.31 -23.52
C PRO K 113 65.71 -28.64 -23.69
N THR K 114 65.36 -28.95 -24.95
CA THR K 114 64.62 -30.16 -25.22
C THR K 114 65.43 -31.42 -24.93
N HIS K 115 66.75 -31.33 -24.98
CA HIS K 115 67.57 -32.52 -24.71
C HIS K 115 67.58 -32.87 -23.24
N HIS K 116 67.50 -31.87 -22.36
CA HIS K 116 67.58 -32.10 -20.92
C HIS K 116 66.20 -32.49 -20.40
N LYS K 117 66.08 -33.71 -19.90
CA LYS K 117 64.84 -34.22 -19.33
C LYS K 117 64.99 -34.35 -17.82
N ALA K 118 64.03 -33.80 -17.08
CA ALA K 118 64.06 -33.84 -15.63
C ALA K 118 62.69 -34.28 -15.12
N LYS K 119 62.69 -34.92 -13.96
CA LYS K 119 61.47 -35.41 -13.32
C LYS K 119 61.27 -34.65 -12.02
N PHE K 120 60.09 -34.05 -11.87
CA PHE K 120 59.77 -33.24 -10.70
C PHE K 120 58.54 -33.82 -10.00
N MET K 121 58.54 -33.70 -8.66
CA MET K 121 57.39 -34.05 -7.86
C MET K 121 57.02 -32.85 -6.99
N VAL K 122 55.71 -32.61 -6.87
CA VAL K 122 55.20 -31.52 -6.04
C VAL K 122 54.32 -32.12 -4.95
N ALA K 123 54.51 -31.65 -3.72
CA ALA K 123 53.82 -32.21 -2.57
C ALA K 123 53.10 -31.11 -1.82
N TYR K 124 51.88 -31.41 -1.36
CA TYR K 124 51.10 -30.54 -0.51
C TYR K 124 51.14 -31.10 0.91
N ILE K 125 51.55 -30.27 1.87
CA ILE K 125 51.78 -30.74 3.23
C ILE K 125 50.76 -30.11 4.16
N PRO K 126 49.65 -30.78 4.45
CA PRO K 126 48.60 -30.15 5.25
C PRO K 126 49.12 -29.79 6.63
N PRO K 127 48.60 -28.70 7.22
CA PRO K 127 49.00 -28.20 8.54
C PRO K 127 48.89 -29.26 9.64
N LEU K 134 56.50 -29.17 9.89
CA LEU K 134 56.12 -30.08 8.80
C LEU K 134 57.36 -30.61 8.09
N PRO K 135 57.42 -31.94 7.94
CA PRO K 135 58.59 -32.54 7.30
C PRO K 135 58.72 -32.15 5.84
N LYS K 136 59.97 -32.12 5.36
CA LYS K 136 60.24 -31.74 3.99
C LYS K 136 60.98 -32.85 3.24
N THR K 137 60.50 -34.08 3.37
CA THR K 137 61.10 -35.21 2.68
C THR K 137 60.05 -35.94 1.84
N PRO K 138 60.45 -36.50 0.69
CA PRO K 138 59.47 -37.22 -0.15
C PRO K 138 58.82 -38.41 0.55
N GLU K 139 59.56 -39.12 1.40
CA GLU K 139 58.99 -40.27 2.09
C GLU K 139 57.89 -39.83 3.05
N ASP K 140 58.11 -38.74 3.79
CA ASP K 140 57.05 -38.22 4.66
C ASP K 140 55.94 -37.58 3.85
N ALA K 141 56.26 -37.00 2.69
CA ALA K 141 55.24 -36.45 1.82
C ALA K 141 54.46 -37.54 1.09
N ALA K 142 54.98 -38.76 1.05
CA ALA K 142 54.24 -39.87 0.46
C ALA K 142 52.96 -40.16 1.23
N HIS K 143 53.05 -40.12 2.56
CA HIS K 143 51.86 -40.27 3.39
C HIS K 143 50.92 -39.08 3.26
N CYS K 144 51.41 -37.96 2.76
CA CYS K 144 50.61 -36.77 2.51
C CYS K 144 50.23 -36.70 1.03
N TYR K 145 49.59 -35.61 0.64
CA TYR K 145 49.17 -35.44 -0.75
C TYR K 145 50.35 -34.99 -1.60
N HIS K 146 50.59 -35.69 -2.70
CA HIS K 146 51.70 -35.36 -3.58
C HIS K 146 51.42 -35.95 -4.95
N SER K 147 52.16 -35.44 -5.94
CA SER K 147 52.10 -35.98 -7.30
C SER K 147 53.43 -35.71 -7.99
N GLU K 148 53.70 -36.48 -9.03
CA GLU K 148 54.97 -36.41 -9.74
C GLU K 148 54.73 -36.35 -11.24
N TRP K 149 55.48 -35.48 -11.91
CA TRP K 149 55.39 -35.32 -13.35
C TRP K 149 56.78 -35.28 -13.95
N ASP K 150 56.94 -35.91 -15.11
CA ASP K 150 58.22 -35.97 -15.80
C ASP K 150 58.19 -35.06 -17.02
N THR K 151 59.24 -34.26 -17.18
CA THR K 151 59.32 -33.32 -18.29
C THR K 151 59.81 -34.01 -19.55
N GLY K 152 59.14 -35.10 -19.93
CA GLY K 152 59.44 -35.80 -21.17
C GLY K 152 58.19 -36.08 -21.97
N LEU K 153 57.03 -35.95 -21.32
CA LEU K 153 55.74 -36.14 -21.95
C LEU K 153 55.00 -34.83 -22.18
N ASN K 154 54.88 -34.00 -21.15
CA ASN K 154 54.22 -32.71 -21.25
C ASN K 154 54.96 -31.72 -20.37
N SER K 155 55.46 -30.64 -20.97
CA SER K 155 56.10 -29.59 -20.18
C SER K 155 55.05 -28.61 -19.67
N GLN K 156 54.00 -29.15 -19.05
CA GLN K 156 52.92 -28.36 -18.48
C GLN K 156 52.18 -29.25 -17.50
N PHE K 157 52.22 -28.90 -16.23
CA PHE K 157 51.66 -29.73 -15.18
C PHE K 157 50.71 -28.90 -14.32
N THR K 158 49.56 -29.50 -13.99
CA THR K 158 48.58 -28.88 -13.12
C THR K 158 48.50 -29.69 -11.83
N PHE K 159 48.63 -29.00 -10.69
CA PHE K 159 48.64 -29.64 -9.38
C PHE K 159 47.52 -29.05 -8.54
N ALA K 160 46.43 -29.78 -8.41
CA ALA K 160 45.29 -29.31 -7.63
C ALA K 160 45.63 -29.35 -6.13
N VAL K 161 45.32 -28.27 -5.44
CA VAL K 161 45.56 -28.14 -4.01
C VAL K 161 44.22 -28.19 -3.30
N PRO K 162 43.90 -29.28 -2.58
CA PRO K 162 42.60 -29.38 -1.92
C PRO K 162 42.50 -28.44 -0.73
N TYR K 163 41.26 -28.11 -0.38
CA TYR K 163 40.96 -27.24 0.75
C TYR K 163 40.82 -28.10 1.99
N VAL K 164 41.80 -28.00 2.90
CA VAL K 164 41.82 -28.84 4.10
C VAL K 164 41.86 -27.96 5.35
N SER K 165 41.34 -26.74 5.24
CA SER K 165 41.28 -25.86 6.40
C SER K 165 40.28 -26.40 7.42
N ALA K 166 40.53 -26.07 8.69
CA ALA K 166 39.67 -26.57 9.77
C ALA K 166 38.24 -26.06 9.62
N SER K 167 38.08 -24.75 9.44
CA SER K 167 36.77 -24.15 9.31
C SER K 167 36.25 -24.32 7.88
N ASP K 168 34.94 -24.10 7.71
CA ASP K 168 34.35 -24.18 6.38
C ASP K 168 34.93 -23.10 5.47
N PHE K 169 35.11 -21.90 5.99
CA PHE K 169 35.70 -20.79 5.26
C PHE K 169 36.95 -20.32 5.99
N SER K 170 37.85 -19.68 5.25
CA SER K 170 39.07 -19.14 5.81
C SER K 170 39.17 -17.66 5.48
N TYR K 171 39.95 -16.95 6.29
CA TYR K 171 40.09 -15.51 6.13
C TYR K 171 41.11 -15.19 5.04
N THR K 172 40.71 -14.34 4.10
CA THR K 172 41.64 -13.90 3.05
C THR K 172 42.76 -13.03 3.63
N HIS K 173 42.43 -12.17 4.58
CA HIS K 173 43.41 -11.28 5.19
C HIS K 173 43.97 -11.91 6.46
N THR K 174 45.29 -12.04 6.54
CA THR K 174 45.95 -12.58 7.70
C THR K 174 47.40 -12.13 7.69
N ASP K 175 48.19 -12.62 8.66
CA ASP K 175 49.60 -12.25 8.75
C ASP K 175 50.37 -13.49 9.24
N THR K 176 50.90 -14.26 8.30
CA THR K 176 51.66 -15.47 8.60
C THR K 176 52.80 -15.57 7.60
N PRO K 177 54.03 -15.20 8.00
CA PRO K 177 55.15 -15.23 7.06
C PRO K 177 55.51 -16.64 6.59
N ALA K 178 55.87 -17.52 7.51
CA ALA K 178 56.17 -18.91 7.20
C ALA K 178 55.57 -19.82 8.26
N MET K 179 54.34 -19.55 8.67
CA MET K 179 53.70 -20.31 9.73
C MET K 179 53.49 -21.76 9.29
N ALA K 180 53.73 -22.69 10.21
CA ALA K 180 53.63 -24.11 9.90
C ALA K 180 52.21 -24.52 9.56
N THR K 181 51.21 -23.71 9.93
CA THR K 181 49.81 -24.01 9.67
C THR K 181 49.17 -22.91 8.84
N THR K 182 49.87 -22.44 7.80
CA THR K 182 49.35 -21.31 7.04
C THR K 182 48.24 -21.75 6.10
N ASN K 183 48.57 -22.53 5.07
CA ASN K 183 47.54 -23.21 4.31
C ASN K 183 47.96 -24.56 3.75
N GLY K 184 49.20 -25.02 3.98
CA GLY K 184 49.59 -26.32 3.46
C GLY K 184 50.95 -26.45 2.82
N TRP K 185 51.68 -25.33 2.67
CA TRP K 185 53.10 -25.35 2.30
C TRP K 185 53.35 -26.17 1.02
N VAL K 186 52.83 -25.64 -0.09
CA VAL K 186 53.14 -26.26 -1.38
C VAL K 186 54.63 -26.14 -1.65
N ALA K 187 55.26 -27.28 -1.97
CA ALA K 187 56.69 -27.32 -2.23
C ALA K 187 56.96 -28.17 -3.45
N VAL K 188 58.08 -27.89 -4.11
CA VAL K 188 58.47 -28.58 -5.34
C VAL K 188 59.78 -29.32 -5.07
N PHE K 189 59.79 -30.62 -5.34
CA PHE K 189 60.96 -31.47 -5.14
C PHE K 189 61.40 -32.04 -6.48
N GLN K 190 62.71 -32.01 -6.73
CA GLN K 190 63.30 -32.61 -7.91
C GLN K 190 63.91 -33.95 -7.54
N VAL K 191 63.36 -35.04 -8.09
CA VAL K 191 63.81 -36.37 -7.72
C VAL K 191 65.13 -36.75 -8.41
N THR K 192 65.50 -36.06 -9.47
CA THR K 192 66.72 -36.39 -10.21
C THR K 192 67.88 -35.59 -9.63
N ASP K 193 68.82 -36.29 -9.00
CA ASP K 193 70.01 -35.66 -8.46
C ASP K 193 71.08 -35.41 -9.51
N THR K 194 70.89 -35.93 -10.72
CA THR K 194 71.86 -35.74 -11.81
C THR K 194 71.56 -34.44 -12.56
N HIS K 195 71.69 -33.33 -11.85
CA HIS K 195 71.48 -32.02 -12.45
C HIS K 195 72.58 -31.73 -13.47
N SER K 196 72.18 -31.25 -14.64
CA SER K 196 73.10 -31.00 -15.74
C SER K 196 73.48 -29.53 -15.85
N ALA K 197 72.50 -28.64 -15.98
CA ALA K 197 72.77 -27.22 -16.13
C ALA K 197 71.59 -26.44 -15.55
N GLU K 198 71.61 -25.12 -15.73
CA GLU K 198 70.57 -24.26 -15.21
C GLU K 198 69.32 -24.33 -16.08
N ALA K 199 68.16 -24.41 -15.42
CA ALA K 199 66.88 -24.45 -16.10
C ALA K 199 65.93 -23.49 -15.39
N ALA K 200 64.67 -23.51 -15.78
CA ALA K 200 63.66 -22.64 -15.18
C ALA K 200 62.33 -23.37 -15.13
N VAL K 201 61.52 -23.01 -14.13
CA VAL K 201 60.19 -23.57 -13.97
C VAL K 201 59.21 -22.44 -13.68
N VAL K 202 58.40 -22.08 -14.68
CA VAL K 202 57.40 -21.02 -14.51
C VAL K 202 56.22 -21.58 -13.73
N VAL K 203 55.83 -20.87 -12.67
CA VAL K 203 54.76 -21.32 -11.78
C VAL K 203 53.66 -20.28 -11.80
N SER K 204 52.42 -20.72 -12.00
CA SER K 204 51.26 -19.84 -11.98
C SER K 204 50.11 -20.55 -11.28
N VAL K 205 49.19 -19.76 -10.72
CA VAL K 205 48.09 -20.27 -9.92
C VAL K 205 46.78 -19.80 -10.55
N SER K 206 45.80 -20.71 -10.60
CA SER K 206 44.47 -20.38 -11.07
C SER K 206 43.45 -20.98 -10.12
N ALA K 207 42.31 -20.33 -9.99
CA ALA K 207 41.27 -20.79 -9.08
C ALA K 207 40.72 -22.14 -9.53
N GLY K 208 40.43 -23.00 -8.56
CA GLY K 208 39.84 -24.28 -8.85
C GLY K 208 38.39 -24.14 -9.22
N PRO K 209 37.80 -25.23 -9.74
CA PRO K 209 36.38 -25.16 -10.15
C PRO K 209 35.42 -24.93 -9.00
N ASP K 210 35.83 -25.18 -7.76
CA ASP K 210 34.94 -25.07 -6.61
C ASP K 210 35.27 -23.91 -5.69
N LEU K 211 36.25 -23.07 -6.03
CA LEU K 211 36.59 -21.95 -5.18
C LEU K 211 35.46 -20.92 -5.18
N GLU K 212 35.27 -20.27 -4.04
CA GLU K 212 34.18 -19.32 -3.88
C GLU K 212 34.58 -18.26 -2.87
N PHE K 213 34.56 -17.00 -3.30
CA PHE K 213 34.74 -15.86 -2.42
C PHE K 213 33.38 -15.36 -1.94
N ARG K 214 33.39 -14.62 -0.83
CA ARG K 214 32.14 -14.14 -0.26
C ARG K 214 32.41 -12.87 0.55
N PHE K 215 31.33 -12.13 0.80
CA PHE K 215 31.35 -10.94 1.65
C PHE K 215 32.32 -9.89 1.12
N PRO K 216 31.98 -9.21 0.03
CA PRO K 216 32.88 -8.19 -0.52
C PRO K 216 33.18 -7.09 0.50
N VAL K 217 34.43 -6.65 0.53
CA VAL K 217 34.93 -5.74 1.55
C VAL K 217 35.78 -4.68 0.87
N ASP K 218 35.67 -3.43 1.33
CA ASP K 218 36.56 -2.38 0.89
C ASP K 218 37.73 -2.27 1.86
N PRO K 219 38.94 -2.64 1.48
CA PRO K 219 40.08 -2.55 2.40
C PRO K 219 40.53 -1.09 2.53
N VAL K 220 40.55 -0.59 3.77
CA VAL K 220 41.00 0.77 4.03
C VAL K 220 42.19 0.70 4.97
N ARG K 221 42.95 -0.38 4.90
CA ARG K 221 44.11 -0.57 5.76
C ARG K 221 45.18 0.49 5.51
N GLU L 134 -53.97 -31.03 20.95
CA GLU L 134 -53.50 -29.81 21.61
C GLU L 134 -52.45 -30.14 22.67
N ASN L 135 -51.49 -29.23 22.86
CA ASN L 135 -50.45 -29.43 23.85
C ASN L 135 -51.03 -29.37 25.26
N ASN L 136 -50.59 -30.30 26.11
CA ASN L 136 -51.08 -30.39 27.49
C ASN L 136 -50.07 -29.72 28.42
N CYS L 137 -50.09 -28.38 28.41
CA CYS L 137 -49.30 -27.58 29.32
C CYS L 137 -50.15 -26.44 29.84
N PRO L 138 -49.84 -25.93 31.05
CA PRO L 138 -50.59 -24.79 31.58
C PRO L 138 -50.40 -23.53 30.73
N ASP L 139 -51.11 -22.47 31.09
CA ASP L 139 -51.04 -21.23 30.33
C ASP L 139 -49.63 -20.65 30.39
N GLY L 140 -49.11 -20.25 29.23
CA GLY L 140 -47.78 -19.68 29.14
C GLY L 140 -46.66 -20.69 29.06
N TYR L 141 -46.97 -21.99 29.10
CA TYR L 141 -45.97 -23.04 29.03
C TYR L 141 -46.03 -23.72 27.67
N SER L 142 -44.86 -23.94 27.07
CA SER L 142 -44.75 -24.58 25.77
C SER L 142 -43.79 -25.76 25.85
N CYS L 143 -44.01 -26.75 24.99
CA CYS L 143 -43.16 -27.93 24.94
C CYS L 143 -41.89 -27.62 24.15
N GLY L 144 -41.14 -28.65 23.82
CA GLY L 144 -39.87 -28.48 23.15
C GLY L 144 -38.68 -28.25 24.06
N TYR L 145 -38.87 -28.36 25.37
CA TYR L 145 -37.79 -28.23 26.35
C TYR L 145 -37.44 -29.61 26.88
N ARG L 146 -36.17 -30.00 26.72
CA ARG L 146 -35.73 -31.29 27.25
C ARG L 146 -35.80 -31.28 28.77
N CYS L 147 -36.36 -32.35 29.33
CA CYS L 147 -36.49 -32.45 30.77
C CYS L 147 -35.12 -32.69 31.39
N ARG L 148 -34.81 -31.92 32.43
CA ARG L 148 -33.56 -32.12 33.16
C ARG L 148 -33.71 -33.29 34.12
N SER L 149 -32.58 -33.70 34.71
CA SER L 149 -32.58 -34.85 35.61
C SER L 149 -33.44 -34.57 36.84
N GLY L 150 -34.28 -35.54 37.18
CA GLY L 150 -35.12 -35.43 38.35
C GLY L 150 -36.57 -35.08 38.05
N TRP L 151 -37.09 -35.57 36.93
CA TRP L 151 -38.49 -35.35 36.57
C TRP L 151 -39.24 -36.62 36.17
N GLY L 152 -38.56 -37.65 35.67
CA GLY L 152 -39.24 -38.89 35.33
C GLY L 152 -40.24 -38.77 34.20
N CYS L 153 -39.88 -38.07 33.13
CA CYS L 153 -40.72 -37.95 31.95
C CYS L 153 -40.19 -38.91 30.88
N SER L 154 -41.06 -39.80 30.41
CA SER L 154 -40.64 -40.79 29.43
C SER L 154 -40.23 -40.14 28.10
N GLY L 155 -41.00 -39.16 27.64
CA GLY L 155 -40.73 -38.53 26.36
C GLY L 155 -39.63 -37.48 26.37
N ASP L 156 -39.12 -37.14 27.55
CA ASP L 156 -38.08 -36.11 27.69
C ASP L 156 -38.52 -34.76 27.13
N GLU L 157 -39.82 -34.50 27.16
CA GLU L 157 -40.38 -33.21 26.77
C GLU L 157 -41.13 -32.64 27.96
N CYS L 158 -40.73 -31.43 28.38
CA CYS L 158 -41.28 -30.79 29.56
C CYS L 158 -41.88 -29.43 29.18
N CYS L 159 -42.86 -29.00 29.96
CA CYS L 159 -43.52 -27.71 29.73
C CYS L 159 -42.57 -26.60 30.17
N GLY L 160 -41.59 -26.32 29.32
CA GLY L 160 -40.63 -25.30 29.62
C GLY L 160 -41.22 -23.91 29.51
N ARG L 161 -40.53 -22.95 30.14
CA ARG L 161 -41.00 -21.56 30.17
C ARG L 161 -39.82 -20.67 30.53
N ARG L 162 -39.40 -19.82 29.61
CA ARG L 162 -38.34 -18.87 29.88
C ARG L 162 -38.83 -17.82 30.86
N GLY L 163 -38.06 -17.59 31.92
CA GLY L 163 -38.43 -16.58 32.89
C GLY L 163 -37.76 -16.84 34.22
N GLY L 164 -37.84 -15.83 35.09
CA GLY L 164 -37.23 -15.90 36.40
C GLY L 164 -35.85 -15.29 36.50
N GLY L 165 -35.40 -14.56 35.50
CA GLY L 165 -34.08 -13.97 35.49
C GLY L 165 -33.55 -13.94 34.08
N TRP L 166 -32.22 -13.92 33.96
CA TRP L 166 -31.55 -13.98 32.67
C TRP L 166 -31.06 -15.40 32.42
N GLY L 167 -31.46 -15.97 31.29
CA GLY L 167 -31.09 -17.32 30.94
C GLY L 167 -31.80 -18.40 31.73
N SER L 168 -32.70 -18.04 32.64
CA SER L 168 -33.37 -19.05 33.45
C SER L 168 -34.42 -19.78 32.62
N ILE L 169 -34.55 -21.08 32.88
CA ILE L 169 -35.53 -21.93 32.23
C ILE L 169 -36.32 -22.65 33.32
N GLU L 170 -37.64 -22.59 33.24
CA GLU L 170 -38.52 -23.15 34.25
C GLU L 170 -39.28 -24.34 33.69
N LEU L 171 -39.27 -25.45 34.43
CA LEU L 171 -40.00 -26.66 34.07
C LEU L 171 -41.00 -26.98 35.15
N ILE L 172 -42.22 -27.35 34.75
CA ILE L 172 -43.30 -27.54 35.71
C ILE L 172 -43.84 -28.97 35.66
N ALA L 173 -43.76 -29.61 34.50
CA ALA L 173 -44.31 -30.95 34.33
C ALA L 173 -43.82 -31.49 32.98
N CYS L 174 -44.29 -32.68 32.62
CA CYS L 174 -43.94 -33.30 31.36
C CYS L 174 -44.88 -32.83 30.24
N CYS L 175 -44.55 -33.24 29.01
CA CYS L 175 -45.36 -32.94 27.83
C CYS L 175 -45.95 -34.22 27.27
N SER L 176 -47.26 -34.23 27.07
CA SER L 176 -47.97 -35.38 26.53
C SER L 176 -48.63 -35.00 25.21
N SER L 177 -48.45 -35.83 24.20
CA SER L 177 -49.02 -35.57 22.87
C SER L 177 -50.01 -36.66 22.49
N GLU M 134 -56.15 4.93 -33.92
CA GLU M 134 -55.45 6.05 -33.32
C GLU M 134 -55.86 6.24 -31.87
N ASN M 135 -54.95 6.76 -31.05
CA ASN M 135 -55.24 6.97 -29.64
C ASN M 135 -56.28 8.08 -29.48
N ASN M 136 -57.25 7.84 -28.60
CA ASN M 136 -58.34 8.77 -28.36
C ASN M 136 -58.03 9.58 -27.10
N CYS M 137 -57.14 10.55 -27.24
CA CYS M 137 -56.81 11.49 -26.18
C CYS M 137 -56.73 12.89 -26.78
N PRO M 138 -56.99 13.93 -25.98
CA PRO M 138 -56.86 15.30 -26.48
C PRO M 138 -55.43 15.66 -26.84
N ASP M 139 -55.23 16.88 -27.35
CA ASP M 139 -53.91 17.31 -27.76
C ASP M 139 -52.96 17.35 -26.56
N GLY M 140 -51.77 16.78 -26.75
CA GLY M 140 -50.76 16.75 -25.71
C GLY M 140 -50.94 15.65 -24.68
N TYR M 141 -51.96 14.82 -24.81
CA TYR M 141 -52.23 13.74 -23.86
C TYR M 141 -51.90 12.41 -24.50
N SER M 142 -51.21 11.55 -23.76
CA SER M 142 -50.81 10.23 -24.23
C SER M 142 -51.26 9.18 -23.24
N CYS M 143 -51.50 7.97 -23.74
CA CYS M 143 -51.92 6.86 -22.91
C CYS M 143 -50.71 6.25 -22.22
N GLY M 144 -50.89 5.07 -21.62
CA GLY M 144 -49.85 4.45 -20.85
C GLY M 144 -49.75 4.90 -19.40
N TYR M 145 -50.70 5.70 -18.94
CA TYR M 145 -50.75 6.12 -17.54
C TYR M 145 -51.87 5.37 -16.84
N ARG M 146 -51.53 4.67 -15.75
CA ARG M 146 -52.53 3.95 -14.99
C ARG M 146 -53.49 4.93 -14.32
N CYS M 147 -54.78 4.66 -14.48
CA CYS M 147 -55.80 5.53 -13.88
C CYS M 147 -55.78 5.36 -12.36
N ARG M 148 -55.77 6.49 -11.65
CA ARG M 148 -55.84 6.45 -10.20
C ARG M 148 -57.29 6.27 -9.75
N SER M 149 -57.46 6.11 -8.43
CA SER M 149 -58.79 5.89 -7.88
C SER M 149 -59.68 7.11 -8.11
N GLY M 150 -60.89 6.86 -8.62
CA GLY M 150 -61.84 7.92 -8.87
C GLY M 150 -62.06 8.28 -10.31
N TRP M 151 -61.84 7.35 -11.24
CA TRP M 151 -62.07 7.62 -12.66
C TRP M 151 -62.99 6.56 -13.28
N GLY M 152 -62.92 5.35 -12.77
CA GLY M 152 -63.78 4.27 -13.26
C GLY M 152 -63.53 3.90 -14.71
N CYS M 153 -62.26 3.76 -15.08
CA CYS M 153 -61.88 3.32 -16.42
C CYS M 153 -61.63 1.82 -16.39
N SER M 154 -62.32 1.08 -17.27
CA SER M 154 -62.19 -0.37 -17.29
C SER M 154 -60.79 -0.80 -17.68
N GLY M 155 -60.21 -0.16 -18.68
CA GLY M 155 -58.89 -0.55 -19.18
C GLY M 155 -57.72 -0.10 -18.33
N ASP M 156 -57.97 0.72 -17.30
CA ASP M 156 -56.93 1.24 -16.43
C ASP M 156 -55.86 2.00 -17.21
N GLU M 157 -56.26 2.63 -18.31
CA GLU M 157 -55.38 3.48 -19.10
C GLU M 157 -56.03 4.85 -19.23
N CYS M 158 -55.31 5.89 -18.84
CA CYS M 158 -55.82 7.25 -18.82
C CYS M 158 -54.91 8.17 -19.62
N CYS M 159 -55.50 9.25 -20.14
CA CYS M 159 -54.77 10.22 -20.94
C CYS M 159 -53.89 11.05 -20.00
N GLY M 160 -52.76 10.46 -19.63
CA GLY M 160 -51.84 11.14 -18.75
C GLY M 160 -51.09 12.27 -19.44
N ARG M 161 -50.54 13.16 -18.63
CA ARG M 161 -49.81 14.31 -19.15
C ARG M 161 -48.91 14.83 -18.05
N ARG M 162 -47.60 14.69 -18.25
CA ARG M 162 -46.63 15.17 -17.26
C ARG M 162 -46.61 16.69 -17.27
N GLY M 163 -47.17 17.30 -16.23
CA GLY M 163 -47.19 18.74 -16.13
C GLY M 163 -47.92 19.18 -14.88
N GLY M 164 -47.76 20.47 -14.58
CA GLY M 164 -48.36 21.06 -13.40
C GLY M 164 -47.39 21.37 -12.29
N GLY M 165 -46.13 20.96 -12.41
CA GLY M 165 -45.15 21.21 -11.37
C GLY M 165 -43.96 20.28 -11.54
N TRP M 166 -43.41 19.79 -10.44
CA TRP M 166 -42.36 18.78 -10.48
C TRP M 166 -42.94 17.45 -10.02
N GLY M 167 -42.84 16.43 -10.88
CA GLY M 167 -43.41 15.14 -10.60
C GLY M 167 -44.91 15.06 -10.74
N SER M 168 -45.57 16.15 -11.08
CA SER M 168 -47.02 16.14 -11.22
C SER M 168 -47.44 15.35 -12.45
N ILE M 169 -48.51 14.57 -12.30
CA ILE M 169 -49.10 13.81 -13.40
C ILE M 169 -50.58 14.16 -13.48
N GLU M 170 -51.04 14.51 -14.67
CA GLU M 170 -52.41 14.97 -14.88
C GLU M 170 -53.18 13.95 -15.68
N LEU M 171 -54.38 13.60 -15.21
CA LEU M 171 -55.28 12.68 -15.90
C LEU M 171 -56.58 13.41 -16.21
N ILE M 172 -57.08 13.23 -17.43
CA ILE M 172 -58.24 13.99 -17.87
C ILE M 172 -59.40 13.07 -18.23
N ALA M 173 -59.11 11.86 -18.69
CA ALA M 173 -60.13 10.92 -19.14
C ALA M 173 -59.48 9.54 -19.29
N CYS M 174 -60.26 8.59 -19.79
CA CYS M 174 -59.79 7.23 -20.00
C CYS M 174 -59.14 7.10 -21.38
N CYS M 175 -58.60 5.92 -21.67
CA CYS M 175 -58.00 5.61 -22.96
C CYS M 175 -58.77 4.47 -23.63
N SER M 176 -59.10 4.66 -24.91
CA SER M 176 -59.82 3.68 -25.68
C SER M 176 -59.02 3.32 -26.93
N SER M 177 -58.91 2.02 -27.20
CA SER M 177 -58.15 1.54 -28.36
C SER M 177 -59.06 0.75 -29.30
N GLU N 134 0.92 -3.13 -65.56
CA GLU N 134 1.59 -2.08 -64.80
C GLU N 134 0.63 -0.92 -64.53
N ASN N 135 0.84 -0.24 -63.40
CA ASN N 135 0.00 0.88 -63.03
C ASN N 135 0.24 2.05 -63.97
N ASN N 136 -0.86 2.69 -64.39
CA ASN N 136 -0.80 3.81 -65.33
C ASN N 136 -0.90 5.11 -64.54
N CYS N 137 0.22 5.49 -63.92
CA CYS N 137 0.36 6.75 -63.23
C CYS N 137 1.70 7.36 -63.56
N PRO N 138 1.82 8.68 -63.51
CA PRO N 138 3.12 9.32 -63.77
C PRO N 138 4.17 8.97 -62.72
N ASP N 139 5.39 9.47 -62.90
CA ASP N 139 6.47 9.17 -61.98
C ASP N 139 6.16 9.71 -60.59
N GLY N 140 6.36 8.88 -59.58
CA GLY N 140 6.10 9.25 -58.21
C GLY N 140 4.66 9.16 -57.76
N TYR N 141 3.75 8.75 -58.65
CA TYR N 141 2.34 8.63 -58.34
C TYR N 141 1.95 7.16 -58.22
N SER N 142 1.20 6.84 -57.18
CA SER N 142 0.75 5.48 -56.92
C SER N 142 -0.76 5.47 -56.74
N CYS N 143 -1.37 4.33 -57.06
CA CYS N 143 -2.81 4.17 -56.93
C CYS N 143 -3.15 3.86 -55.47
N GLY N 144 -4.40 3.45 -55.23
CA GLY N 144 -4.87 3.22 -53.88
C GLY N 144 -5.39 4.44 -53.17
N TYR N 145 -5.50 5.57 -53.85
CA TYR N 145 -6.07 6.79 -53.29
C TYR N 145 -7.47 7.00 -53.85
N ARG N 146 -8.46 7.05 -52.97
CA ARG N 146 -9.83 7.28 -53.40
C ARG N 146 -9.96 8.69 -53.96
N CYS N 147 -10.56 8.81 -55.14
CA CYS N 147 -10.77 10.11 -55.75
C CYS N 147 -11.78 10.91 -54.93
N ARG N 148 -11.51 12.20 -54.78
CA ARG N 148 -12.40 13.08 -54.04
C ARG N 148 -13.59 13.46 -54.92
N SER N 149 -14.36 14.46 -54.50
CA SER N 149 -15.64 14.75 -55.13
C SER N 149 -15.47 15.35 -56.52
N GLY N 150 -15.50 14.49 -57.54
CA GLY N 150 -15.49 14.90 -58.93
C GLY N 150 -14.13 14.83 -59.58
N TRP N 151 -13.83 13.70 -60.23
CA TRP N 151 -12.61 13.57 -61.01
C TRP N 151 -12.91 12.83 -62.32
N GLY N 152 -14.16 12.42 -62.51
CA GLY N 152 -14.52 11.65 -63.67
C GLY N 152 -13.86 10.29 -63.76
N CYS N 153 -13.69 9.62 -62.63
CA CYS N 153 -13.04 8.31 -62.56
C CYS N 153 -14.10 7.28 -62.19
N SER N 154 -14.21 6.22 -63.01
CA SER N 154 -15.22 5.20 -62.76
C SER N 154 -14.83 4.31 -61.59
N GLY N 155 -13.56 3.92 -61.50
CA GLY N 155 -13.12 3.01 -60.46
C GLY N 155 -12.83 3.61 -59.11
N ASP N 156 -12.99 4.93 -58.96
CA ASP N 156 -12.73 5.64 -57.71
C ASP N 156 -11.30 5.42 -57.23
N GLU N 157 -10.36 5.27 -58.15
CA GLU N 157 -8.94 5.15 -57.84
C GLU N 157 -8.19 6.23 -58.60
N CYS N 158 -7.44 7.05 -57.88
CA CYS N 158 -6.71 8.17 -58.46
C CYS N 158 -5.23 8.05 -58.14
N CYS N 159 -4.41 8.64 -59.01
CA CYS N 159 -2.96 8.60 -58.85
C CYS N 159 -2.58 9.56 -57.72
N GLY N 160 -2.72 9.08 -56.50
CA GLY N 160 -2.41 9.90 -55.34
C GLY N 160 -0.91 10.08 -55.15
N ARG N 161 -0.56 11.08 -54.36
CA ARG N 161 0.83 11.41 -54.10
C ARG N 161 0.89 12.21 -52.81
N ARG N 162 1.46 11.63 -51.75
CA ARG N 162 1.58 12.32 -50.48
C ARG N 162 2.60 13.44 -50.59
N GLY N 163 2.13 14.67 -50.65
CA GLY N 163 3.03 15.81 -50.75
C GLY N 163 2.26 17.09 -50.86
N GLY N 164 2.97 18.20 -50.60
CA GLY N 164 2.40 19.53 -50.64
C GLY N 164 2.48 20.25 -49.31
N GLY N 165 2.58 19.50 -48.21
CA GLY N 165 2.66 20.08 -46.89
C GLY N 165 2.64 19.00 -45.82
N TRP N 166 1.87 19.21 -44.77
CA TRP N 166 1.64 18.17 -43.78
C TRP N 166 0.23 17.64 -43.96
N GLY N 167 0.12 16.32 -44.17
CA GLY N 167 -1.16 15.71 -44.43
C GLY N 167 -1.74 15.96 -45.80
N SER N 168 -1.03 16.71 -46.65
CA SER N 168 -1.55 17.01 -47.97
C SER N 168 -1.54 15.77 -48.86
N ILE N 169 -2.57 15.62 -49.68
CA ILE N 169 -2.70 14.54 -50.64
C ILE N 169 -3.01 15.15 -51.99
N GLU N 170 -2.26 14.74 -53.01
CA GLU N 170 -2.38 15.31 -54.34
C GLU N 170 -2.88 14.26 -55.31
N LEU N 171 -3.90 14.62 -56.09
CA LEU N 171 -4.47 13.76 -57.12
C LEU N 171 -4.29 14.43 -58.48
N ILE N 172 -3.92 13.64 -59.49
CA ILE N 172 -3.59 14.21 -60.79
C ILE N 172 -4.44 13.60 -61.90
N ALA N 173 -4.90 12.37 -61.71
CA ALA N 173 -5.65 11.65 -62.75
C ALA N 173 -6.26 10.40 -62.12
N CYS N 174 -6.86 9.57 -62.96
CA CYS N 174 -7.48 8.33 -62.52
C CYS N 174 -6.47 7.18 -62.58
N CYS N 175 -6.91 6.02 -62.12
CA CYS N 175 -6.09 4.81 -62.12
C CYS N 175 -6.77 3.73 -62.97
N SER N 176 -6.00 3.13 -63.88
CA SER N 176 -6.49 2.09 -64.77
C SER N 176 -5.64 0.84 -64.59
N SER N 177 -6.30 -0.31 -64.46
CA SER N 177 -5.61 -1.57 -64.28
C SER N 177 -5.86 -2.51 -65.46
N GLU O 134 38.05 -44.03 -30.16
CA GLU O 134 38.62 -42.97 -29.34
C GLU O 134 38.86 -41.71 -30.16
N ASN O 135 38.70 -40.55 -29.53
CA ASN O 135 38.91 -39.28 -30.22
C ASN O 135 40.39 -39.10 -30.57
N ASN O 136 40.63 -38.62 -31.80
CA ASN O 136 41.99 -38.43 -32.29
C ASN O 136 42.37 -36.96 -32.15
N CYS O 137 42.69 -36.58 -30.92
CA CYS O 137 43.19 -35.25 -30.61
C CYS O 137 44.38 -35.36 -29.66
N PRO O 138 45.30 -34.40 -29.69
CA PRO O 138 46.43 -34.42 -28.76
C PRO O 138 45.99 -34.28 -27.31
N ASP O 139 46.95 -34.39 -26.38
CA ASP O 139 46.63 -34.32 -24.96
C ASP O 139 46.05 -32.95 -24.62
N GLY O 140 44.95 -32.95 -23.86
CA GLY O 140 44.29 -31.72 -23.47
C GLY O 140 43.35 -31.14 -24.50
N TYR O 141 43.21 -31.76 -25.66
CA TYR O 141 42.34 -31.27 -26.72
C TYR O 141 41.11 -32.16 -26.84
N SER O 142 39.95 -31.53 -26.98
CA SER O 142 38.69 -32.25 -27.12
C SER O 142 37.95 -31.76 -28.34
N CYS O 143 37.12 -32.63 -28.91
CA CYS O 143 36.33 -32.29 -30.08
C CYS O 143 35.09 -31.51 -29.65
N GLY O 144 34.14 -31.35 -30.57
CA GLY O 144 32.97 -30.54 -30.29
C GLY O 144 33.13 -29.06 -30.54
N TYR O 145 34.26 -28.63 -31.10
CA TYR O 145 34.50 -27.24 -31.46
C TYR O 145 34.38 -27.09 -32.97
N ARG O 146 33.47 -26.23 -33.42
CA ARG O 146 33.31 -25.99 -34.84
C ARG O 146 34.56 -25.33 -35.39
N CYS O 147 35.08 -25.87 -36.50
CA CYS O 147 36.27 -25.32 -37.12
C CYS O 147 35.96 -23.97 -37.74
N ARG O 148 36.80 -22.98 -37.46
CA ARG O 148 36.66 -21.67 -38.08
C ARG O 148 37.23 -21.71 -39.50
N SER O 149 36.95 -20.65 -40.25
CA SER O 149 37.39 -20.59 -41.64
C SER O 149 38.90 -20.61 -41.73
N GLY O 150 39.42 -21.44 -42.62
CA GLY O 150 40.85 -21.53 -42.84
C GLY O 150 41.48 -22.79 -42.27
N TRP O 151 40.71 -23.87 -42.17
CA TRP O 151 41.24 -25.14 -41.68
C TRP O 151 40.95 -26.28 -42.66
N GLY O 152 39.84 -26.18 -43.39
CA GLY O 152 39.50 -27.19 -44.37
C GLY O 152 39.21 -28.55 -43.78
N CYS O 153 38.42 -28.60 -42.71
CA CYS O 153 38.00 -29.86 -42.10
C CYS O 153 36.62 -30.21 -42.62
N SER O 154 36.47 -31.41 -43.18
CA SER O 154 35.19 -31.81 -43.76
C SER O 154 34.12 -31.95 -42.69
N GLY O 155 34.46 -32.53 -41.55
CA GLY O 155 33.47 -32.77 -40.51
C GLY O 155 33.11 -31.57 -39.67
N ASP O 156 33.81 -30.44 -39.86
CA ASP O 156 33.57 -29.22 -39.09
C ASP O 156 33.73 -29.45 -37.59
N GLU O 157 34.60 -30.38 -37.22
CA GLU O 157 34.93 -30.64 -35.82
C GLU O 157 36.43 -30.53 -35.67
N CYS O 158 36.88 -29.68 -34.75
CA CYS O 158 38.28 -29.41 -34.54
C CYS O 158 38.66 -29.66 -33.08
N CYS O 159 39.94 -29.98 -32.87
CA CYS O 159 40.45 -30.25 -31.53
C CYS O 159 40.58 -28.93 -30.78
N GLY O 160 39.43 -28.46 -30.28
CA GLY O 160 39.41 -27.21 -29.53
C GLY O 160 40.03 -27.34 -28.16
N ARG O 161 40.38 -26.20 -27.59
CA ARG O 161 41.01 -26.16 -26.26
C ARG O 161 40.80 -24.76 -25.69
N ARG O 162 39.99 -24.67 -24.64
CA ARG O 162 39.73 -23.39 -23.99
C ARG O 162 40.99 -22.93 -23.26
N GLY O 163 41.66 -21.91 -23.79
CA GLY O 163 42.86 -21.41 -23.15
C GLY O 163 43.48 -20.32 -24.01
N GLY O 164 44.42 -19.61 -23.40
CA GLY O 164 45.12 -18.50 -24.05
C GLY O 164 44.74 -17.13 -23.51
N GLY O 165 43.70 -17.04 -22.69
CA GLY O 165 43.28 -15.77 -22.14
C GLY O 165 41.89 -15.87 -21.53
N TRP O 166 41.05 -14.87 -21.76
CA TRP O 166 39.64 -14.95 -21.37
C TRP O 166 38.80 -15.07 -22.63
N GLY O 167 38.00 -16.14 -22.71
CA GLY O 167 37.21 -16.40 -23.87
C GLY O 167 37.97 -16.93 -25.07
N SER O 168 39.28 -17.10 -24.95
CA SER O 168 40.07 -17.58 -26.07
C SER O 168 39.80 -19.06 -26.34
N ILE O 169 39.75 -19.41 -27.62
CA ILE O 169 39.56 -20.79 -28.05
C ILE O 169 40.67 -21.13 -29.04
N GLU O 170 41.34 -22.24 -28.81
CA GLU O 170 42.49 -22.65 -29.62
C GLU O 170 42.14 -23.89 -30.42
N LEU O 171 42.44 -23.85 -31.72
CA LEU O 171 42.23 -24.97 -32.63
C LEU O 171 43.57 -25.38 -33.22
N ILE O 172 43.81 -26.70 -33.26
CA ILE O 172 45.13 -27.20 -33.68
C ILE O 172 45.01 -28.09 -34.91
N ALA O 173 43.89 -28.78 -35.06
CA ALA O 173 43.70 -29.74 -36.15
C ALA O 173 42.22 -30.10 -36.22
N CYS O 174 41.89 -31.05 -37.10
CA CYS O 174 40.52 -31.51 -37.27
C CYS O 174 40.23 -32.65 -36.30
N CYS O 175 39.00 -33.15 -36.35
CA CYS O 175 38.55 -34.27 -35.52
C CYS O 175 38.08 -35.41 -36.41
N SER O 176 38.50 -36.62 -36.06
CA SER O 176 38.12 -37.83 -36.80
C SER O 176 37.49 -38.83 -35.84
N SER O 177 36.36 -39.39 -36.24
CA SER O 177 35.66 -40.37 -35.41
C SER O 177 35.68 -41.75 -36.05
N GLU P 134 4.19 -61.32 23.27
CA GLU P 134 4.60 -60.11 23.96
C GLU P 134 6.05 -59.76 23.65
N ASN P 135 6.37 -58.48 23.73
CA ASN P 135 7.73 -58.02 23.44
C ASN P 135 8.69 -58.50 24.53
N ASN P 136 9.85 -58.98 24.09
CA ASN P 136 10.86 -59.52 25.00
C ASN P 136 11.93 -58.45 25.24
N CYS P 137 11.58 -57.49 26.09
CA CYS P 137 12.51 -56.45 26.52
C CYS P 137 12.34 -56.25 28.02
N PRO P 138 13.39 -55.80 28.71
CA PRO P 138 13.26 -55.52 30.15
C PRO P 138 12.29 -54.39 30.44
N ASP P 139 12.04 -54.12 31.73
CA ASP P 139 11.09 -53.09 32.11
C ASP P 139 11.57 -51.72 31.63
N GLY P 140 10.64 -50.96 31.03
CA GLY P 140 10.95 -49.65 30.51
C GLY P 140 11.61 -49.62 29.15
N TYR P 141 11.86 -50.78 28.54
CA TYR P 141 12.49 -50.87 27.24
C TYR P 141 11.48 -51.28 26.20
N SER P 142 11.49 -50.62 25.05
CA SER P 142 10.57 -50.90 23.96
C SER P 142 11.36 -51.10 22.67
N CYS P 143 10.77 -51.88 21.77
CA CYS P 143 11.40 -52.15 20.48
C CYS P 143 11.14 -50.98 19.53
N GLY P 144 11.43 -51.18 18.25
CA GLY P 144 11.31 -50.11 17.28
C GLY P 144 12.53 -49.22 17.16
N TYR P 145 13.62 -49.55 17.83
CA TYR P 145 14.87 -48.82 17.73
C TYR P 145 15.86 -49.64 16.89
N ARG P 146 16.34 -49.05 15.80
CA ARG P 146 17.31 -49.74 14.97
C ARG P 146 18.61 -49.93 15.73
N CYS P 147 19.13 -51.16 15.70
CA CYS P 147 20.37 -51.45 16.39
C CYS P 147 21.54 -50.78 15.69
N ARG P 148 22.38 -50.09 16.47
CA ARG P 148 23.59 -49.50 15.91
C ARG P 148 24.65 -50.59 15.75
N SER P 149 25.73 -50.24 15.04
CA SER P 149 26.78 -51.20 14.75
C SER P 149 27.44 -51.67 16.04
N GLY P 150 27.62 -52.98 16.17
CA GLY P 150 28.24 -53.56 17.34
C GLY P 150 27.30 -54.26 18.28
N TRP P 151 26.19 -54.78 17.76
CA TRP P 151 25.23 -55.52 18.57
C TRP P 151 24.92 -56.88 17.97
N GLY P 152 24.99 -56.98 16.64
CA GLY P 152 24.78 -58.25 15.97
C GLY P 152 23.38 -58.82 16.12
N CYS P 153 22.36 -57.99 15.95
CA CYS P 153 20.97 -58.43 15.98
C CYS P 153 20.48 -58.63 14.55
N SER P 154 19.97 -59.83 14.26
CA SER P 154 19.54 -60.15 12.91
C SER P 154 18.38 -59.27 12.46
N GLY P 155 17.41 -59.05 13.33
CA GLY P 155 16.25 -58.26 12.98
C GLY P 155 16.46 -56.75 12.99
N ASP P 156 17.62 -56.29 13.44
CA ASP P 156 17.94 -54.87 13.54
C ASP P 156 16.94 -54.12 14.42
N GLU P 157 16.37 -54.81 15.40
CA GLU P 157 15.48 -54.21 16.39
C GLU P 157 16.07 -54.43 17.77
N CYS P 158 16.25 -53.34 18.50
CA CYS P 158 16.88 -53.38 19.82
C CYS P 158 15.97 -52.74 20.86
N CYS P 159 16.13 -53.16 22.11
CA CYS P 159 15.33 -52.65 23.22
C CYS P 159 15.81 -51.23 23.53
N GLY P 160 15.36 -50.29 22.72
CA GLY P 160 15.73 -48.90 22.92
C GLY P 160 15.06 -48.28 24.12
N ARG P 161 15.65 -47.18 24.59
CA ARG P 161 15.14 -46.49 25.77
C ARG P 161 15.64 -45.05 25.72
N ARG P 162 14.73 -44.10 25.55
CA ARG P 162 15.09 -42.68 25.48
C ARG P 162 15.48 -42.21 26.87
N GLY P 163 16.78 -42.06 27.10
CA GLY P 163 17.26 -41.61 28.39
C GLY P 163 18.77 -41.53 28.39
N GLY P 164 19.29 -40.89 29.44
CA GLY P 164 20.72 -40.70 29.62
C GLY P 164 21.15 -39.24 29.50
N GLY P 165 20.31 -38.40 28.89
CA GLY P 165 20.62 -37.00 28.74
C GLY P 165 19.60 -36.31 27.86
N TRP P 166 20.06 -35.47 26.94
CA TRP P 166 19.19 -34.90 25.92
C TRP P 166 19.51 -35.56 24.58
N GLY P 167 18.50 -36.17 23.97
CA GLY P 167 18.70 -36.87 22.72
C GLY P 167 19.38 -38.21 22.84
N SER P 168 19.76 -38.61 24.05
CA SER P 168 20.45 -39.88 24.23
C SER P 168 19.50 -41.05 24.02
N ILE P 169 19.99 -42.10 23.39
CA ILE P 169 19.24 -43.33 23.16
C ILE P 169 20.06 -44.49 23.69
N GLU P 170 19.43 -45.34 24.50
CA GLU P 170 20.12 -46.44 25.16
C GLU P 170 19.63 -47.76 24.60
N LEU P 171 20.56 -48.64 24.24
CA LEU P 171 20.27 -49.98 23.74
C LEU P 171 20.90 -51.00 24.67
N ILE P 172 20.14 -52.05 25.00
CA ILE P 172 20.60 -53.00 26.00
C ILE P 172 20.70 -54.41 25.42
N ALA P 173 19.88 -54.72 24.43
CA ALA P 173 19.84 -56.07 23.85
C ALA P 173 19.06 -56.00 22.54
N CYS P 174 18.81 -57.17 21.95
CA CYS P 174 18.05 -57.27 20.71
C CYS P 174 16.56 -57.39 21.02
N CYS P 175 15.76 -57.45 19.96
CA CYS P 175 14.31 -57.62 20.06
C CYS P 175 13.88 -58.89 19.35
N SER P 176 13.03 -59.68 20.01
CA SER P 176 12.52 -60.92 19.46
C SER P 176 11.00 -60.88 19.46
N SER P 177 10.39 -61.26 18.34
CA SER P 177 8.94 -61.26 18.21
C SER P 177 8.42 -62.68 18.02
N VAL Q 30 -56.60 21.39 -18.51
CA VAL Q 30 -57.83 21.01 -17.82
C VAL Q 30 -57.76 19.55 -17.41
N GLY Q 31 -58.17 19.26 -16.20
CA GLY Q 31 -58.16 17.91 -15.68
C GLY Q 31 -57.89 17.91 -14.18
N ILE Q 32 -57.28 16.82 -13.71
CA ILE Q 32 -56.94 16.64 -12.31
C ILE Q 32 -55.43 16.46 -12.20
N THR Q 33 -54.80 17.26 -11.35
CA THR Q 33 -53.35 17.24 -11.19
C THR Q 33 -53.00 16.54 -9.88
N TYR Q 34 -52.08 15.58 -9.95
CA TYR Q 34 -51.60 14.84 -8.78
C TYR Q 34 -50.16 15.27 -8.52
N GLY Q 35 -49.99 16.27 -7.65
CA GLY Q 35 -48.67 16.79 -7.38
C GLY Q 35 -47.80 15.75 -6.68
N TYR Q 36 -46.51 15.77 -7.02
CA TYR Q 36 -45.53 14.87 -6.43
C TYR Q 36 -45.96 13.41 -6.55
N ALA Q 37 -46.51 13.07 -7.70
CA ALA Q 37 -47.01 11.73 -7.92
C ALA Q 37 -45.86 10.73 -8.04
N ASP Q 38 -46.18 9.46 -7.79
CA ASP Q 38 -45.21 8.39 -7.88
C ASP Q 38 -45.24 7.78 -9.27
N ALA Q 39 -44.07 7.69 -9.91
CA ALA Q 39 -44.01 7.16 -11.26
C ALA Q 39 -44.44 5.70 -11.32
N ASP Q 40 -44.00 4.90 -10.33
CA ASP Q 40 -44.35 3.48 -10.31
C ASP Q 40 -45.84 3.29 -10.09
N SER Q 41 -46.46 4.12 -9.25
CA SER Q 41 -47.87 3.98 -8.97
C SER Q 41 -48.74 4.23 -10.20
N PHE Q 42 -48.24 4.98 -11.18
CA PHE Q 42 -48.98 5.25 -12.41
C PHE Q 42 -48.59 4.34 -13.56
N ARG Q 43 -47.72 3.37 -13.33
CA ARG Q 43 -47.40 2.40 -14.37
C ARG Q 43 -48.59 1.48 -14.62
N PRO Q 44 -48.86 1.12 -15.88
CA PRO Q 44 -49.98 0.23 -16.22
C PRO Q 44 -49.59 -1.24 -16.21
N VAL Q 55 -55.07 3.03 -2.24
CA VAL Q 55 -55.86 4.02 -2.96
C VAL Q 55 -56.31 5.13 -2.01
N GLU Q 56 -56.82 6.22 -2.58
CA GLU Q 56 -57.25 7.37 -1.79
C GLU Q 56 -58.56 7.90 -2.37
N GLN Q 57 -59.28 8.66 -1.57
CA GLN Q 57 -60.55 9.26 -1.96
C GLN Q 57 -60.87 10.36 -0.94
N ALA Q 58 -61.69 11.31 -1.38
CA ALA Q 58 -62.04 12.44 -0.54
C ALA Q 58 -63.13 12.07 0.45
N GLU Q 59 -62.84 12.23 1.74
CA GLU Q 59 -63.80 11.88 2.79
C GLU Q 59 -64.80 13.00 3.05
N ARG Q 60 -64.31 14.16 3.51
CA ARG Q 60 -65.18 15.27 3.85
C ARG Q 60 -65.33 16.26 2.70
N PHE Q 61 -65.96 17.41 2.96
CA PHE Q 61 -66.15 18.45 1.96
C PHE Q 61 -66.24 19.83 2.61
N PHE Q 62 -66.02 20.87 1.82
CA PHE Q 62 -66.09 22.25 2.32
C PHE Q 62 -66.09 23.23 1.16
N LYS Q 63 -66.67 24.42 1.38
CA LYS Q 63 -66.67 25.48 0.39
C LYS Q 63 -66.44 26.81 1.07
N GLU Q 64 -65.79 27.72 0.36
CA GLU Q 64 -65.50 29.05 0.91
C GLU Q 64 -65.12 29.99 -0.23
N LYS Q 65 -65.66 31.21 -0.18
CA LYS Q 65 -65.25 32.24 -1.11
C LYS Q 65 -63.90 32.81 -0.72
N LEU Q 66 -63.05 33.05 -1.71
CA LEU Q 66 -61.69 33.52 -1.47
C LEU Q 66 -61.53 35.02 -1.65
N PHE Q 67 -61.85 35.53 -2.85
CA PHE Q 67 -61.68 36.94 -3.13
C PHE Q 67 -62.52 37.32 -4.34
N ASP Q 68 -62.69 38.62 -4.53
CA ASP Q 68 -63.39 39.16 -5.69
C ASP Q 68 -62.37 39.45 -6.79
N TRP Q 69 -62.34 38.60 -7.81
CA TRP Q 69 -61.42 38.79 -8.92
C TRP Q 69 -61.85 40.02 -9.71
N THR Q 70 -61.08 41.10 -9.61
CA THR Q 70 -61.40 42.36 -10.27
C THR Q 70 -60.16 42.89 -10.97
N SER Q 71 -60.40 43.77 -11.96
CA SER Q 71 -59.31 44.32 -12.76
C SER Q 71 -58.39 45.22 -11.94
N ASP Q 72 -58.82 45.70 -10.78
CA ASP Q 72 -58.01 46.60 -9.99
C ASP Q 72 -56.80 45.91 -9.37
N LYS Q 73 -56.73 44.59 -9.39
CA LYS Q 73 -55.61 43.87 -8.80
C LYS Q 73 -54.61 43.50 -9.87
N PRO Q 74 -53.40 44.07 -9.84
CA PRO Q 74 -52.41 43.73 -10.87
C PRO Q 74 -51.75 42.37 -10.62
N PHE Q 75 -50.76 42.04 -11.43
CA PHE Q 75 -50.03 40.78 -11.24
C PHE Q 75 -49.36 40.75 -9.87
N GLY Q 76 -49.39 39.58 -9.24
CA GLY Q 76 -48.78 39.40 -7.94
C GLY Q 76 -49.69 39.58 -6.75
N THR Q 77 -51.01 39.63 -6.96
CA THR Q 77 -51.96 39.77 -5.85
C THR Q 77 -52.18 38.41 -5.23
N LEU Q 78 -51.27 38.05 -4.31
CA LEU Q 78 -51.31 36.74 -3.69
C LEU Q 78 -52.47 36.61 -2.71
N TYR Q 79 -53.00 35.40 -2.60
CA TYR Q 79 -53.99 35.03 -1.59
C TYR Q 79 -53.61 33.66 -1.05
N VAL Q 80 -53.06 33.63 0.16
CA VAL Q 80 -52.55 32.41 0.77
C VAL Q 80 -53.57 31.90 1.77
N LEU Q 81 -53.92 30.63 1.65
CA LEU Q 81 -54.86 29.98 2.57
C LEU Q 81 -54.17 28.75 3.17
N GLU Q 82 -53.95 28.79 4.48
CA GLU Q 82 -53.31 27.67 5.15
C GLU Q 82 -54.28 26.49 5.27
N LEU Q 83 -53.73 25.28 5.15
CA LEU Q 83 -54.52 24.07 5.25
C LEU Q 83 -54.00 23.22 6.40
N PRO Q 84 -54.85 22.79 7.33
CA PRO Q 84 -56.30 23.05 7.41
C PRO Q 84 -56.61 24.45 7.92
N LYS Q 85 -57.79 24.98 7.58
CA LYS Q 85 -58.17 26.31 8.02
C LYS Q 85 -58.67 26.29 9.45
N MET Q 101 -52.94 14.30 10.89
CA MET Q 101 -53.75 13.09 10.75
C MET Q 101 -53.30 12.29 9.53
N ARG Q 102 -52.13 12.64 8.98
CA ARG Q 102 -51.57 11.99 7.80
C ARG Q 102 -52.58 11.94 6.66
N ASN Q 103 -52.97 13.11 6.16
CA ASN Q 103 -54.00 13.19 5.13
C ASN Q 103 -53.47 13.98 3.94
N GLY Q 104 -53.95 13.61 2.76
CA GLY Q 104 -53.69 14.34 1.54
C GLY Q 104 -54.89 15.21 1.20
N TRP Q 105 -54.62 16.35 0.57
CA TRP Q 105 -55.66 17.32 0.29
C TRP Q 105 -56.15 17.22 -1.15
N ASP Q 106 -57.30 17.84 -1.41
CA ASP Q 106 -57.92 17.82 -2.73
C ASP Q 106 -58.77 19.08 -2.84
N VAL Q 107 -58.26 20.08 -3.55
CA VAL Q 107 -58.88 21.39 -3.64
C VAL Q 107 -59.35 21.64 -5.07
N GLN Q 108 -60.59 22.09 -5.22
CA GLN Q 108 -61.19 22.43 -6.50
C GLN Q 108 -61.51 23.92 -6.49
N VAL Q 109 -60.55 24.73 -6.90
CA VAL Q 109 -60.76 26.18 -7.01
C VAL Q 109 -61.53 26.47 -8.30
N SER Q 110 -62.63 27.19 -8.18
CA SER Q 110 -63.47 27.52 -9.32
C SER Q 110 -63.75 29.01 -9.34
N ALA Q 111 -64.06 29.51 -10.52
CA ALA Q 111 -64.38 30.92 -10.71
C ALA Q 111 -65.61 31.04 -11.61
N THR Q 112 -66.31 32.17 -11.47
CA THR Q 112 -67.51 32.45 -12.26
C THR Q 112 -67.13 33.43 -13.36
N SER Q 113 -66.87 32.90 -14.55
CA SER Q 113 -66.46 33.71 -15.69
C SER Q 113 -67.31 33.35 -16.90
N THR Q 114 -67.59 34.35 -17.73
CA THR Q 114 -68.40 34.22 -18.92
C THR Q 114 -67.52 34.38 -20.16
N GLN Q 115 -68.16 34.38 -21.34
CA GLN Q 115 -67.42 34.55 -22.58
C GLN Q 115 -66.84 35.95 -22.72
N PHE Q 116 -67.34 36.92 -21.95
CA PHE Q 116 -66.83 38.29 -21.97
C PHE Q 116 -65.79 38.54 -20.89
N ASN Q 117 -65.39 37.51 -20.15
CA ASN Q 117 -64.39 37.65 -19.10
C ASN Q 117 -63.04 37.13 -19.58
N GLY Q 118 -61.99 37.87 -19.23
CA GLY Q 118 -60.64 37.48 -19.60
C GLY Q 118 -59.65 37.66 -18.47
N GLY Q 119 -58.75 36.71 -18.30
CA GLY Q 119 -57.77 36.78 -17.23
C GLY Q 119 -57.07 35.45 -17.07
N SER Q 120 -56.36 35.33 -15.96
CA SER Q 120 -55.65 34.10 -15.64
C SER Q 120 -55.28 34.10 -14.17
N LEU Q 121 -55.50 32.96 -13.51
CA LEU Q 121 -55.11 32.76 -12.12
C LEU Q 121 -54.17 31.57 -12.02
N LEU Q 122 -53.15 31.70 -11.20
CA LEU Q 122 -52.23 30.60 -10.91
C LEU Q 122 -52.59 30.04 -9.54
N VAL Q 123 -53.11 28.82 -9.53
CA VAL Q 123 -53.52 28.14 -8.30
C VAL Q 123 -52.52 27.03 -8.03
N ALA Q 124 -51.85 27.11 -6.88
CA ALA Q 124 -50.81 26.16 -6.52
C ALA Q 124 -50.91 25.81 -5.05
N MET Q 125 -50.23 24.73 -4.66
CA MET Q 125 -50.14 24.29 -3.27
C MET Q 125 -48.67 24.25 -2.89
N VAL Q 126 -48.22 25.29 -2.17
CA VAL Q 126 -46.82 25.37 -1.75
C VAL Q 126 -46.64 24.65 -0.43
N PRO Q 127 -45.81 23.61 -0.36
CA PRO Q 127 -45.57 22.92 0.91
C PRO Q 127 -44.69 23.77 1.82
N GLU Q 128 -45.22 24.08 3.01
CA GLU Q 128 -44.50 24.84 4.03
C GLU Q 128 -44.07 26.21 3.50
N LEU Q 129 -45.07 27.01 3.16
CA LEU Q 129 -44.85 28.37 2.64
C LEU Q 129 -44.75 29.32 3.83
N CYS Q 130 -43.53 29.48 4.34
CA CYS Q 130 -43.29 30.45 5.41
C CYS Q 130 -43.51 31.87 4.91
N SER Q 131 -42.88 32.22 3.80
CA SER Q 131 -43.04 33.54 3.20
C SER Q 131 -42.63 33.46 1.74
N LEU Q 132 -43.03 34.47 0.98
CA LEU Q 132 -42.70 34.57 -0.44
C LEU Q 132 -41.93 35.86 -0.67
N LYS Q 133 -40.77 35.76 -1.29
CA LYS Q 133 -39.90 36.91 -1.48
C LYS Q 133 -40.40 37.78 -2.63
N ASP Q 134 -39.63 38.81 -2.98
CA ASP Q 134 -40.09 39.78 -3.97
C ASP Q 134 -40.15 39.16 -5.36
N ARG Q 135 -39.10 38.46 -5.77
CA ARG Q 135 -39.03 37.86 -7.09
C ARG Q 135 -39.36 36.37 -7.07
N GLU Q 136 -39.86 35.87 -5.94
CA GLU Q 136 -40.14 34.44 -5.82
C GLU Q 136 -41.48 34.07 -6.45
N GLU Q 137 -42.30 35.07 -6.78
CA GLU Q 137 -43.59 34.79 -7.41
C GLU Q 137 -43.42 34.19 -8.79
N PHE Q 138 -42.42 34.65 -9.54
CA PHE Q 138 -42.26 34.21 -10.92
C PHE Q 138 -41.93 32.73 -11.04
N GLN Q 139 -41.37 32.12 -10.00
CA GLN Q 139 -41.05 30.70 -10.02
C GLN Q 139 -42.06 29.88 -9.23
N LEU Q 140 -43.28 30.38 -9.07
CA LEU Q 140 -44.31 29.64 -8.34
C LEU Q 140 -44.75 28.40 -9.10
N SER Q 141 -44.36 28.27 -10.37
CA SER Q 141 -44.74 27.13 -11.18
C SER Q 141 -43.94 25.89 -10.83
N LEU Q 142 -42.94 26.04 -9.95
CA LEU Q 142 -42.17 24.90 -9.48
C LEU Q 142 -42.98 23.98 -8.57
N TYR Q 143 -44.16 24.39 -8.16
CA TYR Q 143 -45.03 23.64 -7.26
C TYR Q 143 -46.21 23.05 -8.03
N PRO Q 144 -46.87 22.02 -7.46
CA PRO Q 144 -48.11 21.52 -8.08
C PRO Q 144 -49.11 22.63 -8.32
N HIS Q 145 -49.42 22.92 -9.58
CA HIS Q 145 -50.20 24.10 -9.91
C HIS Q 145 -51.08 23.83 -11.12
N GLN Q 146 -52.07 24.70 -11.29
CA GLN Q 146 -52.90 24.73 -12.48
C GLN Q 146 -53.27 26.17 -12.79
N PHE Q 147 -53.65 26.42 -14.03
CA PHE Q 147 -54.02 27.75 -14.50
C PHE Q 147 -55.54 27.81 -14.68
N ILE Q 148 -56.14 28.91 -14.26
CA ILE Q 148 -57.56 29.15 -14.45
C ILE Q 148 -57.71 30.24 -15.50
N ASN Q 149 -58.15 29.85 -16.69
CA ASN Q 149 -58.43 30.78 -17.77
C ASN Q 149 -59.91 30.77 -18.07
N PRO Q 150 -60.56 31.93 -18.17
CA PRO Q 150 -61.99 31.94 -18.54
C PRO Q 150 -62.27 31.30 -19.89
N ARG Q 151 -61.30 31.31 -20.80
CA ARG Q 151 -61.51 30.75 -22.13
C ARG Q 151 -61.03 29.31 -22.28
N THR Q 152 -60.35 28.76 -21.28
CA THR Q 152 -59.78 27.42 -21.41
C THR Q 152 -60.44 26.42 -20.46
N ASN Q 153 -60.46 26.67 -19.15
CA ASN Q 153 -61.00 25.68 -18.23
C ASN Q 153 -61.90 26.28 -17.15
N THR Q 154 -61.61 27.52 -16.75
CA THR Q 154 -62.37 28.27 -15.72
C THR Q 154 -62.58 27.47 -14.43
N THR Q 155 -61.77 26.43 -14.21
CA THR Q 155 -61.91 25.61 -13.01
C THR Q 155 -60.63 24.82 -12.81
N ALA Q 156 -60.12 24.80 -11.58
CA ALA Q 156 -58.91 24.08 -11.23
C ALA Q 156 -59.22 22.94 -10.27
N HIS Q 157 -58.34 21.95 -10.25
CA HIS Q 157 -58.51 20.79 -9.37
C HIS Q 157 -57.14 20.17 -9.15
N ILE Q 158 -56.61 20.27 -7.94
CA ILE Q 158 -55.29 19.76 -7.59
C ILE Q 158 -55.43 18.82 -6.41
N GLN Q 159 -54.71 17.70 -6.46
CA GLN Q 159 -54.68 16.73 -5.36
C GLN Q 159 -53.23 16.46 -5.01
N VAL Q 160 -52.91 16.53 -3.72
CA VAL Q 160 -51.53 16.35 -3.26
C VAL Q 160 -51.50 15.30 -2.16
N PRO Q 161 -50.40 14.56 -2.00
CA PRO Q 161 -50.33 13.55 -0.93
C PRO Q 161 -49.87 14.14 0.39
N TYR Q 162 -49.78 13.31 1.42
CA TYR Q 162 -49.24 13.77 2.69
C TYR Q 162 -47.74 14.02 2.54
N LEU Q 163 -47.29 15.13 3.11
CA LEU Q 163 -45.90 15.55 2.98
C LEU Q 163 -45.43 16.12 4.31
N GLY Q 164 -44.29 15.63 4.78
CA GLY Q 164 -43.74 16.13 6.03
C GLY Q 164 -42.49 15.35 6.41
N VAL Q 165 -41.83 15.86 7.44
CA VAL Q 165 -40.62 15.20 7.94
C VAL Q 165 -40.97 13.87 8.60
N ASN Q 166 -42.09 13.82 9.30
CA ASN Q 166 -42.53 12.62 9.99
C ASN Q 166 -43.68 11.97 9.24
N ARG Q 167 -44.08 10.79 9.71
CA ARG Q 167 -45.19 10.05 9.14
C ARG Q 167 -46.53 10.44 9.75
N HIS Q 168 -46.53 11.26 10.80
CA HIS Q 168 -47.75 11.76 11.41
C HIS Q 168 -47.59 13.26 11.65
N ASP Q 169 -48.61 14.03 11.29
CA ASP Q 169 -48.57 15.47 11.40
C ASP Q 169 -49.43 15.94 12.57
N GLN Q 170 -49.12 17.15 13.05
CA GLN Q 170 -49.87 17.75 14.14
C GLN Q 170 -51.31 18.07 13.72
N HIS Q 174 -49.47 22.59 12.54
CA HIS Q 174 -48.44 22.56 11.51
C HIS Q 174 -49.06 22.61 10.12
N GLN Q 175 -49.04 23.78 9.51
CA GLN Q 175 -49.63 23.99 8.18
C GLN Q 175 -48.66 23.43 7.14
N ALA Q 176 -48.80 22.14 6.86
CA ALA Q 176 -47.92 21.50 5.88
C ALA Q 176 -48.16 22.06 4.48
N TRP Q 177 -49.42 22.25 4.09
CA TRP Q 177 -49.77 22.75 2.78
C TRP Q 177 -50.50 24.07 2.89
N SER Q 178 -50.32 24.93 1.90
CA SER Q 178 -50.99 26.22 1.85
C SER Q 178 -51.43 26.49 0.42
N LEU Q 179 -52.72 26.71 0.23
CA LEU Q 179 -53.26 27.02 -1.09
C LEU Q 179 -53.02 28.49 -1.40
N VAL Q 180 -52.26 28.75 -2.46
CA VAL Q 180 -51.91 30.10 -2.88
C VAL Q 180 -52.57 30.35 -4.24
N VAL Q 181 -53.26 31.48 -4.36
CA VAL Q 181 -53.90 31.89 -5.60
C VAL Q 181 -53.31 33.24 -5.98
N MET Q 182 -52.69 33.31 -7.15
CA MET Q 182 -52.04 34.52 -7.64
C MET Q 182 -52.70 34.96 -8.94
N VAL Q 183 -52.91 36.27 -9.07
CA VAL Q 183 -53.53 36.84 -10.26
C VAL Q 183 -52.43 36.99 -11.31
N LEU Q 184 -52.33 36.01 -12.20
CA LEU Q 184 -51.28 36.02 -13.21
C LEU Q 184 -51.44 37.20 -14.16
N THR Q 185 -52.65 37.46 -14.62
CA THR Q 185 -52.95 38.61 -15.46
C THR Q 185 -54.19 39.32 -14.94
N PRO Q 186 -54.24 40.65 -15.06
CA PRO Q 186 -55.42 41.38 -14.58
C PRO Q 186 -56.66 41.00 -15.35
N LEU Q 187 -57.80 41.06 -14.67
CA LEU Q 187 -59.07 40.71 -15.29
C LEU Q 187 -59.42 41.70 -16.39
N THR Q 188 -59.92 41.18 -17.50
CA THR Q 188 -60.32 41.99 -18.64
C THR Q 188 -61.75 41.63 -19.05
N THR Q 189 -62.53 42.66 -19.36
CA THR Q 189 -63.92 42.47 -19.79
C THR Q 189 -64.18 43.17 -21.10
N GLU Q 190 -65.45 43.20 -21.52
CA GLU Q 190 -65.82 43.88 -22.76
C GLU Q 190 -66.73 45.07 -22.47
N GLY Q 196 -71.61 42.50 -12.95
CA GLY Q 196 -70.55 41.88 -13.72
C GLY Q 196 -69.25 41.76 -12.96
N THR Q 197 -69.22 40.90 -11.96
CA THR Q 197 -68.05 40.66 -11.14
C THR Q 197 -67.73 39.18 -11.10
N VAL Q 198 -66.45 38.87 -10.99
CA VAL Q 198 -65.96 37.49 -10.97
C VAL Q 198 -65.60 37.12 -9.54
N GLU Q 199 -66.12 35.99 -9.07
CA GLU Q 199 -65.88 35.51 -7.72
C GLU Q 199 -65.18 34.16 -7.78
N VAL Q 200 -64.33 33.91 -6.79
CA VAL Q 200 -63.55 32.68 -6.69
C VAL Q 200 -64.00 31.91 -5.47
N TYR Q 201 -64.38 30.65 -5.66
CA TYR Q 201 -64.80 29.78 -4.57
C TYR Q 201 -63.91 28.54 -4.56
N ALA Q 202 -63.44 28.18 -3.37
CA ALA Q 202 -62.53 27.06 -3.18
C ALA Q 202 -63.23 25.93 -2.46
N ASN Q 203 -63.16 24.73 -3.02
CA ASN Q 203 -63.72 23.52 -2.41
C ASN Q 203 -62.58 22.63 -1.97
N ILE Q 204 -62.45 22.44 -0.66
CA ILE Q 204 -61.32 21.72 -0.07
C ILE Q 204 -61.85 20.47 0.61
N ALA Q 205 -61.20 19.33 0.35
CA ALA Q 205 -61.64 18.06 0.89
C ALA Q 205 -60.43 17.16 1.20
N PRO Q 206 -60.23 16.79 2.46
CA PRO Q 206 -59.12 15.89 2.79
C PRO Q 206 -59.32 14.52 2.17
N THR Q 207 -58.20 13.87 1.85
CA THR Q 207 -58.21 12.53 1.28
C THR Q 207 -57.30 11.62 2.09
N ASN Q 208 -57.79 10.40 2.34
CA ASN Q 208 -57.04 9.36 3.04
C ASN Q 208 -56.54 9.87 4.40
N VAL Q 209 -57.49 10.20 5.27
CA VAL Q 209 -57.17 10.70 6.60
C VAL Q 209 -56.74 9.56 7.52
N VAL R 30 2.45 18.79 -60.39
CA VAL R 30 1.28 19.27 -61.09
C VAL R 30 0.05 18.44 -60.69
N GLY R 31 -1.05 19.12 -60.43
CA GLY R 31 -2.28 18.45 -60.03
C GLY R 31 -3.06 19.33 -59.08
N ILE R 32 -3.84 18.69 -58.21
CA ILE R 32 -4.67 19.37 -57.22
C ILE R 32 -4.24 18.89 -55.83
N THR R 33 -3.92 19.85 -54.96
CA THR R 33 -3.43 19.55 -53.62
C THR R 33 -4.56 19.76 -52.62
N TYR R 34 -4.77 18.78 -51.74
CA TYR R 34 -5.79 18.85 -50.70
C TYR R 34 -5.08 18.96 -49.36
N GLY R 35 -4.91 20.20 -48.89
CA GLY R 35 -4.19 20.41 -47.64
C GLY R 35 -4.95 19.85 -46.45
N TYR R 36 -4.19 19.30 -45.51
CA TYR R 36 -4.74 18.75 -44.27
C TYR R 36 -5.83 17.73 -44.56
N ALA R 37 -5.60 16.90 -45.57
CA ALA R 37 -6.58 15.91 -45.97
C ALA R 37 -6.71 14.81 -44.92
N ASP R 38 -7.86 14.13 -44.96
CA ASP R 38 -8.14 13.04 -44.03
C ASP R 38 -7.72 11.73 -44.67
N ALA R 39 -6.91 10.95 -43.95
CA ALA R 39 -6.41 9.69 -44.50
C ALA R 39 -7.54 8.71 -44.74
N ASP R 40 -8.50 8.63 -43.81
CA ASP R 40 -9.62 7.70 -43.97
C ASP R 40 -10.50 8.09 -45.14
N SER R 41 -10.69 9.39 -45.36
CA SER R 41 -11.55 9.84 -46.45
C SER R 41 -10.99 9.48 -47.82
N PHE R 42 -9.68 9.26 -47.93
CA PHE R 42 -9.06 8.88 -49.19
C PHE R 42 -8.81 7.39 -49.32
N ARG R 43 -9.27 6.58 -48.35
CA ARG R 43 -9.16 5.15 -48.46
C ARG R 43 -10.12 4.63 -49.53
N PRO R 44 -9.71 3.63 -50.33
CA PRO R 44 -10.57 3.08 -51.39
C PRO R 44 -11.41 1.91 -50.90
N VAL R 55 -19.26 15.37 -49.33
CA VAL R 55 -18.53 15.83 -50.51
C VAL R 55 -18.54 17.36 -50.56
N GLU R 56 -17.66 17.93 -51.39
CA GLU R 56 -17.52 19.37 -51.50
C GLU R 56 -17.35 19.72 -52.98
N GLN R 57 -17.62 20.99 -53.30
CA GLN R 57 -17.48 21.51 -54.65
C GLN R 57 -17.50 23.03 -54.58
N ALA R 58 -16.89 23.66 -55.58
CA ALA R 58 -16.78 25.11 -55.60
C ALA R 58 -18.09 25.75 -56.05
N GLU R 59 -18.65 26.60 -55.19
CA GLU R 59 -19.92 27.26 -55.49
C GLU R 59 -19.73 28.50 -56.35
N ARG R 60 -19.02 29.49 -55.82
CA ARG R 60 -18.83 30.77 -56.53
C ARG R 60 -17.51 30.79 -57.31
N PHE R 61 -17.16 31.96 -57.84
CA PHE R 61 -15.91 32.12 -58.59
C PHE R 61 -15.42 33.55 -58.50
N PHE R 62 -14.13 33.77 -58.79
CA PHE R 62 -13.53 35.10 -58.75
C PHE R 62 -12.16 35.09 -59.41
N LYS R 63 -11.73 36.23 -59.93
CA LYS R 63 -10.41 36.38 -60.52
C LYS R 63 -9.83 37.72 -60.12
N GLU R 64 -8.51 37.76 -59.98
CA GLU R 64 -7.82 39.00 -59.61
C GLU R 64 -6.33 38.87 -59.92
N LYS R 65 -5.76 39.93 -60.49
CA LYS R 65 -4.32 39.99 -60.69
C LYS R 65 -3.62 40.29 -59.37
N LEU R 66 -2.50 39.60 -59.13
CA LEU R 66 -1.78 39.74 -57.87
C LEU R 66 -0.58 40.69 -57.98
N PHE R 67 0.36 40.38 -58.88
CA PHE R 67 1.56 41.20 -59.00
C PHE R 67 2.21 40.92 -60.36
N ASP R 68 3.13 41.79 -60.73
CA ASP R 68 3.91 41.64 -61.95
C ASP R 68 5.19 40.89 -61.61
N TRP R 69 5.25 39.62 -61.99
CA TRP R 69 6.44 38.81 -61.74
C TRP R 69 7.58 39.30 -62.62
N THR R 70 8.56 39.97 -62.00
CA THR R 70 9.69 40.53 -62.72
C THR R 70 10.99 40.15 -62.03
N SER R 71 12.08 40.23 -62.79
CA SER R 71 13.39 39.83 -62.28
C SER R 71 13.89 40.76 -61.18
N ASP R 72 13.32 41.95 -61.05
CA ASP R 72 13.79 42.91 -60.04
C ASP R 72 13.45 42.48 -58.61
N LYS R 73 12.58 41.48 -58.43
CA LYS R 73 12.19 41.04 -57.10
C LYS R 73 13.02 39.83 -56.71
N PRO R 74 13.89 39.93 -55.70
CA PRO R 74 14.69 38.77 -55.29
C PRO R 74 13.89 37.78 -54.47
N PHE R 75 14.56 36.76 -53.94
CA PHE R 75 13.89 35.78 -53.10
C PHE R 75 13.32 36.43 -51.85
N GLY R 76 12.13 36.00 -51.46
CA GLY R 76 11.48 36.53 -50.28
C GLY R 76 10.50 37.64 -50.52
N THR R 77 10.12 37.90 -51.78
CA THR R 77 9.15 38.95 -52.10
C THR R 77 7.75 38.41 -51.87
N LEU R 78 7.32 38.49 -50.61
CA LEU R 78 6.04 37.94 -50.20
C LEU R 78 4.88 38.76 -50.76
N TYR R 79 3.76 38.09 -51.01
CA TYR R 79 2.50 38.73 -51.36
C TYR R 79 1.38 37.98 -50.65
N VAL R 80 0.87 38.58 -49.57
CA VAL R 80 -0.12 37.95 -48.71
C VAL R 80 -1.49 38.48 -49.09
N LEU R 81 -2.44 37.57 -49.31
CA LEU R 81 -3.82 37.93 -49.62
C LEU R 81 -4.73 37.24 -48.61
N GLU R 82 -5.41 38.02 -47.80
CA GLU R 82 -6.32 37.47 -46.81
C GLU R 82 -7.59 36.94 -47.48
N LEU R 83 -8.11 35.85 -46.93
CA LEU R 83 -9.32 35.23 -47.44
C LEU R 83 -10.38 35.20 -46.35
N PRO R 84 -11.60 35.70 -46.61
CA PRO R 84 -12.06 36.32 -47.86
C PRO R 84 -11.55 37.75 -48.04
N LYS R 85 -11.46 38.23 -49.27
CA LYS R 85 -10.98 39.57 -49.53
C LYS R 85 -12.09 40.60 -49.28
N MET R 101 -18.73 31.26 -42.38
CA MET R 101 -19.79 30.51 -43.03
C MET R 101 -19.41 29.03 -43.15
N ARG R 102 -18.36 28.65 -42.43
CA ARG R 102 -17.85 27.28 -42.44
C ARG R 102 -17.60 26.79 -43.86
N ASN R 103 -16.67 27.42 -44.56
CA ASN R 103 -16.41 27.10 -45.96
C ASN R 103 -14.94 26.76 -46.14
N GLY R 104 -14.67 25.89 -47.10
CA GLY R 104 -13.32 25.58 -47.53
C GLY R 104 -13.01 26.30 -48.82
N TRP R 105 -11.75 26.67 -49.01
CA TRP R 105 -11.35 27.48 -50.14
C TRP R 105 -10.74 26.62 -51.25
N ASP R 106 -10.64 27.21 -52.44
CA ASP R 106 -10.10 26.52 -53.61
C ASP R 106 -9.52 27.59 -54.53
N VAL R 107 -8.20 27.73 -54.52
CA VAL R 107 -7.52 28.80 -55.25
C VAL R 107 -6.68 28.20 -56.37
N GLN R 108 -6.80 28.77 -57.56
CA GLN R 108 -6.03 28.37 -58.73
C GLN R 108 -5.16 29.54 -59.15
N VAL R 109 -3.95 29.62 -58.59
CA VAL R 109 -3.00 30.65 -58.97
C VAL R 109 -2.32 30.25 -60.27
N SER R 110 -2.37 31.14 -61.26
CA SER R 110 -1.80 30.88 -62.57
C SER R 110 -0.89 32.03 -62.97
N ALA R 111 0.04 31.72 -63.87
CA ALA R 111 0.98 32.71 -64.38
C ALA R 111 1.12 32.56 -65.89
N THR R 112 1.48 33.65 -66.55
CA THR R 112 1.65 33.68 -68.00
C THR R 112 3.15 33.60 -68.29
N SER R 113 3.62 32.38 -68.59
CA SER R 113 5.03 32.14 -68.86
C SER R 113 5.18 31.34 -70.14
N THR R 114 6.26 31.62 -70.88
CA THR R 114 6.56 30.97 -72.14
C THR R 114 7.78 30.07 -71.98
N GLN R 115 8.23 29.50 -73.10
CA GLN R 115 9.41 28.64 -73.07
C GLN R 115 10.69 29.42 -72.76
N PHE R 116 10.67 30.73 -72.92
CA PHE R 116 11.82 31.58 -72.63
C PHE R 116 11.76 32.17 -71.22
N ASN R 117 10.79 31.78 -70.42
CA ASN R 117 10.64 32.29 -69.06
C ASN R 117 11.14 31.25 -68.06
N GLY R 118 11.85 31.73 -67.05
CA GLY R 118 12.34 30.85 -66.00
C GLY R 118 12.21 31.46 -64.62
N GLY R 119 11.78 30.65 -63.66
CA GLY R 119 11.59 31.13 -62.31
C GLY R 119 10.81 30.11 -61.48
N SER R 120 10.42 30.54 -60.29
CA SER R 120 9.66 29.67 -59.40
C SER R 120 8.90 30.52 -58.40
N LEU R 121 7.65 30.16 -58.15
CA LEU R 121 6.84 30.80 -57.12
C LEU R 121 6.37 29.72 -56.14
N LEU R 122 6.38 30.07 -54.85
CA LEU R 122 5.86 29.19 -53.82
C LEU R 122 4.49 29.71 -53.39
N VAL R 123 3.45 28.99 -53.77
CA VAL R 123 2.07 29.37 -53.47
C VAL R 123 1.56 28.47 -52.36
N ALA R 124 1.20 29.07 -51.23
CA ALA R 124 0.78 28.33 -50.05
C ALA R 124 -0.41 29.04 -49.40
N MET R 125 -1.08 28.32 -48.52
CA MET R 125 -2.19 28.85 -47.72
C MET R 125 -1.84 28.67 -46.24
N VAL R 126 -1.34 29.74 -45.62
CA VAL R 126 -0.96 29.69 -44.21
C VAL R 126 -2.20 29.95 -43.35
N PRO R 127 -2.60 29.02 -42.49
CA PRO R 127 -3.75 29.27 -41.62
C PRO R 127 -3.38 30.22 -40.50
N GLU R 128 -4.10 31.35 -40.42
CA GLU R 128 -3.91 32.35 -39.38
C GLU R 128 -2.48 32.90 -39.39
N LEU R 129 -2.14 33.55 -40.51
CA LEU R 129 -0.82 34.14 -40.70
C LEU R 129 -0.85 35.56 -40.14
N CYS R 130 -0.55 35.68 -38.84
CA CYS R 130 -0.46 37.00 -38.24
C CYS R 130 0.72 37.78 -38.80
N SER R 131 1.90 37.17 -38.83
CA SER R 131 3.09 37.79 -39.38
C SER R 131 4.09 36.71 -39.71
N LEU R 132 5.08 37.06 -40.53
CA LEU R 132 6.15 36.15 -40.93
C LEU R 132 7.47 36.75 -40.50
N LYS R 133 8.27 35.96 -39.78
CA LYS R 133 9.52 36.45 -39.21
C LYS R 133 10.60 36.49 -40.30
N ASP R 134 11.83 36.82 -39.89
CA ASP R 134 12.91 37.01 -40.86
C ASP R 134 13.31 35.69 -41.52
N ARG R 135 13.52 34.65 -40.72
CA ARG R 135 13.94 33.35 -41.23
C ARG R 135 12.78 32.37 -41.34
N GLU R 136 11.54 32.86 -41.17
CA GLU R 136 10.38 31.97 -41.22
C GLU R 136 9.96 31.66 -42.65
N GLU R 137 10.50 32.39 -43.63
CA GLU R 137 10.16 32.14 -45.02
C GLU R 137 10.66 30.78 -45.48
N PHE R 138 11.84 30.37 -45.01
CA PHE R 138 12.45 29.14 -45.49
C PHE R 138 11.65 27.90 -45.12
N GLN R 139 10.87 27.96 -44.04
CA GLN R 139 10.05 26.83 -43.63
C GLN R 139 8.59 27.00 -44.06
N LEU R 140 8.34 27.78 -45.10
CA LEU R 140 6.99 27.98 -45.58
C LEU R 140 6.44 26.70 -46.22
N SER R 141 7.29 25.72 -46.47
CA SER R 141 6.85 24.47 -47.07
C SER R 141 6.12 23.57 -46.08
N LEU R 142 6.08 23.98 -44.82
CA LEU R 142 5.32 23.24 -43.81
C LEU R 142 3.81 23.36 -44.00
N TYR R 143 3.37 24.25 -44.88
CA TYR R 143 1.95 24.50 -45.14
C TYR R 143 1.54 23.90 -46.47
N PRO R 144 0.23 23.67 -46.67
CA PRO R 144 -0.23 23.21 -47.99
C PRO R 144 0.20 24.14 -49.10
N HIS R 145 1.04 23.66 -50.02
CA HIS R 145 1.67 24.53 -50.99
C HIS R 145 1.86 23.80 -52.30
N GLN R 146 2.16 24.58 -53.35
CA GLN R 146 2.58 24.05 -54.64
C GLN R 146 3.60 25.01 -55.24
N PHE R 147 4.37 24.50 -56.19
CA PHE R 147 5.40 25.27 -56.87
C PHE R 147 4.94 25.59 -58.28
N ILE R 148 5.16 26.83 -58.71
CA ILE R 148 4.86 27.25 -60.06
C ILE R 148 6.17 27.41 -60.81
N ASN R 149 6.43 26.52 -61.75
CA ASN R 149 7.60 26.58 -62.60
C ASN R 149 7.16 26.75 -64.05
N PRO R 150 7.74 27.69 -64.79
CA PRO R 150 7.38 27.82 -66.21
C PRO R 150 7.66 26.57 -67.02
N ARG R 151 8.64 25.76 -66.62
CA ARG R 151 8.99 24.56 -67.36
C ARG R 151 8.30 23.30 -66.85
N THR R 152 7.59 23.37 -65.72
CA THR R 152 6.99 22.17 -65.14
C THR R 152 5.47 22.22 -65.16
N ASN R 153 4.83 23.24 -64.58
CA ASN R 153 3.38 23.24 -64.51
C ASN R 153 2.76 24.59 -64.84
N THR R 154 3.47 25.68 -64.52
CA THR R 154 3.06 27.07 -64.77
C THR R 154 1.65 27.37 -64.25
N THR R 155 1.12 26.54 -63.34
CA THR R 155 -0.21 26.74 -62.79
C THR R 155 -0.34 25.95 -61.50
N ALA R 156 -0.90 26.59 -60.47
CA ALA R 156 -1.10 25.96 -59.17
C ALA R 156 -2.58 25.83 -58.87
N HIS R 157 -2.90 24.88 -57.99
CA HIS R 157 -4.29 24.64 -57.60
C HIS R 157 -4.29 23.95 -56.24
N ILE R 158 -4.73 24.66 -55.21
CA ILE R 158 -4.74 24.17 -53.84
C ILE R 158 -6.16 24.28 -53.30
N GLN R 159 -6.59 23.24 -52.58
CA GLN R 159 -7.90 23.22 -51.94
C GLN R 159 -7.72 22.85 -50.47
N VAL R 160 -8.32 23.65 -49.58
CA VAL R 160 -8.16 23.44 -48.15
C VAL R 160 -9.53 23.38 -47.48
N PRO R 161 -9.67 22.65 -46.38
CA PRO R 161 -10.98 22.58 -45.70
C PRO R 161 -11.18 23.71 -44.73
N TYR R 162 -12.35 23.76 -44.10
CA TYR R 162 -12.58 24.73 -43.04
C TYR R 162 -11.71 24.42 -41.84
N LEU R 163 -11.11 25.46 -41.27
CA LEU R 163 -10.18 25.30 -40.16
C LEU R 163 -10.40 26.42 -39.16
N GLY R 164 -10.54 26.07 -37.89
CA GLY R 164 -10.74 27.07 -36.86
C GLY R 164 -10.98 26.42 -35.52
N VAL R 165 -10.98 27.26 -34.49
CA VAL R 165 -11.24 26.77 -33.13
C VAL R 165 -12.69 26.32 -33.00
N ASN R 166 -13.61 27.03 -33.62
CA ASN R 166 -15.03 26.72 -33.57
C ASN R 166 -15.49 26.09 -34.87
N ARG R 167 -16.74 25.64 -34.87
CA ARG R 167 -17.35 25.03 -36.05
C ARG R 167 -18.02 26.06 -36.95
N HIS R 168 -18.09 27.31 -36.53
CA HIS R 168 -18.63 28.39 -37.35
C HIS R 168 -17.70 29.59 -37.24
N ASP R 169 -17.36 30.18 -38.39
CA ASP R 169 -16.44 31.30 -38.45
C ASP R 169 -17.18 32.60 -38.68
N GLN R 170 -16.53 33.70 -38.31
CA GLN R 170 -17.10 35.03 -38.50
C GLN R 170 -17.21 35.37 -39.98
N HIS R 174 -12.67 37.43 -39.38
CA HIS R 174 -11.64 36.48 -38.97
C HIS R 174 -11.02 35.79 -40.19
N GLN R 175 -9.84 36.27 -40.59
CA GLN R 175 -9.13 35.74 -41.76
C GLN R 175 -8.47 34.42 -41.36
N ALA R 176 -9.24 33.33 -41.48
CA ALA R 176 -8.72 32.02 -41.13
C ALA R 176 -7.59 31.60 -42.06
N TRP R 177 -7.74 31.83 -43.36
CA TRP R 177 -6.75 31.44 -44.35
C TRP R 177 -6.23 32.69 -45.07
N SER R 178 -4.97 32.62 -45.49
CA SER R 178 -4.34 33.70 -46.22
C SER R 178 -3.48 33.11 -47.32
N LEU R 179 -3.73 33.50 -48.56
CA LEU R 179 -2.94 33.03 -49.69
C LEU R 179 -1.65 33.84 -49.76
N VAL R 180 -0.51 33.15 -49.63
CA VAL R 180 0.80 33.78 -49.68
C VAL R 180 1.53 33.28 -50.91
N VAL R 181 2.07 34.21 -51.70
CA VAL R 181 2.85 33.88 -52.89
C VAL R 181 4.23 34.47 -52.71
N MET R 182 5.25 33.61 -52.67
CA MET R 182 6.63 34.01 -52.47
C MET R 182 7.44 33.70 -53.71
N VAL R 183 8.29 34.64 -54.11
CA VAL R 183 9.16 34.47 -55.27
C VAL R 183 10.35 33.63 -54.83
N LEU R 184 10.28 32.33 -55.07
CA LEU R 184 11.34 31.43 -54.62
C LEU R 184 12.65 31.74 -55.32
N THR R 185 12.62 31.99 -56.62
CA THR R 185 13.79 32.35 -57.40
C THR R 185 13.45 33.53 -58.31
N PRO R 186 14.42 34.41 -58.57
CA PRO R 186 14.14 35.54 -59.45
C PRO R 186 13.83 35.09 -60.87
N LEU R 187 12.99 35.87 -61.54
CA LEU R 187 12.59 35.55 -62.90
C LEU R 187 13.79 35.65 -63.84
N THR R 188 13.89 34.70 -64.76
CA THR R 188 14.97 34.67 -65.74
C THR R 188 14.39 34.54 -67.14
N THR R 189 14.95 35.28 -68.08
CA THR R 189 14.51 35.24 -69.47
C THR R 189 15.67 34.99 -70.40
N GLU R 190 15.44 35.08 -71.71
CA GLU R 190 16.49 34.88 -72.70
C GLU R 190 16.76 36.17 -73.47
N GLY R 196 7.20 41.63 -72.91
CA GLY R 196 7.69 40.42 -72.29
C GLY R 196 7.69 40.47 -70.77
N THR R 197 6.50 40.48 -70.18
CA THR R 197 6.33 40.51 -68.74
C THR R 197 5.43 39.36 -68.31
N VAL R 198 5.68 38.87 -67.10
CA VAL R 198 4.93 37.75 -66.53
C VAL R 198 3.96 38.30 -65.49
N GLU R 199 2.69 37.91 -65.61
CA GLU R 199 1.65 38.35 -64.71
C GLU R 199 1.06 37.15 -63.99
N VAL R 200 0.63 37.36 -62.74
CA VAL R 200 0.06 36.31 -61.91
C VAL R 200 -1.39 36.66 -61.62
N TYR R 201 -2.28 35.71 -61.90
CA TYR R 201 -3.71 35.86 -61.68
C TYR R 201 -4.20 34.75 -60.76
N ALA R 202 -4.97 35.11 -59.74
CA ALA R 202 -5.45 34.17 -58.75
C ALA R 202 -6.97 33.99 -58.91
N ASN R 203 -7.39 32.74 -58.99
CA ASN R 203 -8.81 32.40 -59.09
C ASN R 203 -9.23 31.72 -57.79
N ILE R 204 -10.07 32.40 -57.02
CA ILE R 204 -10.46 31.94 -55.69
C ILE R 204 -11.95 31.60 -55.69
N ALA R 205 -12.29 30.45 -55.13
CA ALA R 205 -13.67 29.98 -55.11
C ALA R 205 -13.97 29.20 -53.84
N PRO R 206 -14.91 29.67 -53.02
CA PRO R 206 -15.26 28.91 -51.81
C PRO R 206 -15.91 27.58 -52.15
N THR R 207 -15.68 26.61 -51.26
CA THR R 207 -16.24 25.27 -51.41
C THR R 207 -16.98 24.88 -50.14
N ASN R 208 -18.18 24.31 -50.32
CA ASN R 208 -19.00 23.79 -49.22
C ASN R 208 -19.26 24.89 -48.19
N VAL R 209 -19.96 25.93 -48.62
CA VAL R 209 -20.30 27.05 -47.76
C VAL R 209 -21.46 26.69 -46.83
N VAL S 30 50.50 -25.22 -28.65
CA VAL S 30 50.76 -25.00 -30.07
C VAL S 30 49.44 -25.03 -30.85
N GLY S 31 49.29 -24.08 -31.76
CA GLY S 31 48.09 -23.99 -32.55
C GLY S 31 47.79 -22.54 -32.88
N ILE S 32 46.50 -22.26 -33.08
CA ILE S 32 46.02 -20.92 -33.42
C ILE S 32 45.02 -20.50 -32.34
N THR S 33 45.25 -19.32 -31.76
CA THR S 33 44.44 -18.81 -30.67
C THR S 33 43.52 -17.71 -31.19
N TYR S 34 42.23 -17.83 -30.87
CA TYR S 34 41.23 -16.84 -31.25
C TYR S 34 40.79 -16.11 -29.99
N GLY S 35 41.41 -14.97 -29.72
CA GLY S 35 41.09 -14.23 -28.51
C GLY S 35 39.69 -13.67 -28.54
N TYR S 36 39.03 -13.66 -27.38
CA TYR S 36 37.69 -13.13 -27.21
C TYR S 36 36.72 -13.76 -28.20
N ALA S 37 36.87 -15.06 -28.40
CA ALA S 37 36.05 -15.78 -29.36
C ALA S 37 34.61 -15.89 -28.85
N ASP S 38 33.69 -16.10 -29.80
CA ASP S 38 32.28 -16.25 -29.49
C ASP S 38 31.94 -17.72 -29.30
N ALA S 39 31.31 -18.04 -28.17
CA ALA S 39 31.00 -19.43 -27.88
C ALA S 39 30.01 -20.00 -28.89
N ASP S 40 29.01 -19.21 -29.27
CA ASP S 40 28.01 -19.69 -30.22
C ASP S 40 28.62 -19.92 -31.60
N SER S 41 29.56 -19.07 -32.00
CA SER S 41 30.18 -19.20 -33.32
C SER S 41 30.99 -20.49 -33.45
N PHE S 42 31.45 -21.05 -32.33
CA PHE S 42 32.21 -22.29 -32.35
C PHE S 42 31.37 -23.53 -32.03
N ARG S 43 30.06 -23.37 -31.89
CA ARG S 43 29.19 -24.51 -31.70
C ARG S 43 29.08 -25.30 -32.99
N PRO S 44 29.10 -26.65 -32.93
CA PRO S 44 29.01 -27.49 -34.12
C PRO S 44 27.56 -27.82 -34.50
N VAL S 55 32.51 -15.06 -42.00
CA VAL S 55 33.85 -15.64 -41.91
C VAL S 55 34.91 -14.56 -42.10
N GLU S 56 36.16 -14.90 -41.78
CA GLU S 56 37.26 -13.95 -41.87
C GLU S 56 38.48 -14.67 -42.45
N GLN S 57 39.41 -13.89 -42.98
CA GLN S 57 40.64 -14.39 -43.57
C GLN S 57 41.62 -13.23 -43.69
N ALA S 58 42.91 -13.56 -43.73
CA ALA S 58 43.94 -12.54 -43.77
C ALA S 58 44.11 -12.02 -45.20
N GLU S 59 43.95 -10.70 -45.36
CA GLU S 59 44.05 -10.08 -46.67
C GLU S 59 45.50 -9.77 -47.04
N ARG S 60 46.15 -8.90 -46.27
CA ARG S 60 47.51 -8.47 -46.57
C ARG S 60 48.54 -9.29 -45.81
N PHE S 61 49.80 -8.87 -45.85
CA PHE S 61 50.89 -9.55 -45.15
C PHE S 61 52.00 -8.57 -44.82
N PHE S 62 52.86 -8.95 -43.86
CA PHE S 62 53.98 -8.11 -43.45
C PHE S 62 54.95 -8.89 -42.57
N LYS S 63 56.21 -8.50 -42.56
CA LYS S 63 57.22 -9.12 -41.70
C LYS S 63 58.12 -8.05 -41.13
N GLU S 64 58.61 -8.27 -39.92
CA GLU S 64 59.50 -7.32 -39.26
C GLU S 64 60.21 -8.00 -38.10
N LYS S 65 61.51 -7.75 -37.97
CA LYS S 65 62.26 -8.21 -36.82
C LYS S 65 61.96 -7.34 -35.61
N LEU S 66 61.80 -7.98 -34.45
CA LEU S 66 61.43 -7.27 -33.23
C LEU S 66 62.63 -6.97 -32.34
N PHE S 67 63.36 -8.00 -31.91
CA PHE S 67 64.48 -7.81 -31.00
C PHE S 67 65.38 -9.04 -31.07
N ASP S 68 66.59 -8.88 -30.52
CA ASP S 68 67.54 -9.97 -30.41
C ASP S 68 67.35 -10.65 -29.04
N TRP S 69 66.74 -11.83 -29.05
CA TRP S 69 66.52 -12.58 -27.81
C TRP S 69 67.87 -13.07 -27.29
N THR S 70 68.35 -12.46 -26.21
CA THR S 70 69.64 -12.80 -25.63
C THR S 70 69.50 -12.98 -24.12
N SER S 71 70.46 -13.70 -23.55
CA SER S 71 70.42 -13.99 -22.12
C SER S 71 70.57 -12.76 -21.24
N ASP S 72 71.08 -11.66 -21.80
CA ASP S 72 71.31 -10.45 -21.01
C ASP S 72 70.02 -9.78 -20.58
N LYS S 73 68.87 -10.14 -21.15
CA LYS S 73 67.60 -9.52 -20.80
C LYS S 73 66.88 -10.37 -19.78
N PRO S 74 66.69 -9.88 -18.55
CA PRO S 74 65.99 -10.68 -17.54
C PRO S 74 64.49 -10.68 -17.74
N PHE S 75 63.76 -11.27 -16.81
CA PHE S 75 62.30 -11.28 -16.88
C PHE S 75 61.75 -9.85 -16.86
N GLY S 76 60.72 -9.61 -17.66
CA GLY S 76 60.09 -8.31 -17.72
C GLY S 76 60.60 -7.40 -18.80
N THR S 77 61.37 -7.90 -19.77
CA THR S 77 61.89 -7.08 -20.86
C THR S 77 60.79 -6.94 -21.92
N LEU S 78 59.92 -5.97 -21.70
CA LEU S 78 58.77 -5.78 -22.57
C LEU S 78 59.19 -5.20 -23.92
N TYR S 79 58.43 -5.58 -24.95
CA TYR S 79 58.55 -5.00 -26.28
C TYR S 79 57.15 -4.80 -26.83
N VAL S 80 56.70 -3.56 -26.85
CA VAL S 80 55.32 -3.21 -27.23
C VAL S 80 55.35 -2.69 -28.66
N LEU S 81 54.49 -3.25 -29.50
CA LEU S 81 54.35 -2.82 -30.89
C LEU S 81 52.89 -2.45 -31.13
N GLU S 82 52.65 -1.18 -31.42
CA GLU S 82 51.29 -0.72 -31.68
C GLU S 82 50.82 -1.19 -33.05
N LEU S 83 49.54 -1.51 -33.13
CA LEU S 83 48.92 -1.96 -34.37
C LEU S 83 47.81 -1.02 -34.78
N PRO S 84 47.81 -0.49 -36.01
CA PRO S 84 48.80 -0.71 -37.08
C PRO S 84 50.08 0.08 -36.86
N LYS S 85 51.20 -0.38 -37.43
CA LYS S 85 52.47 0.32 -37.27
C LYS S 85 52.56 1.51 -38.21
N MET S 101 39.30 0.85 -39.78
CA MET S 101 38.75 0.15 -40.94
C MET S 101 37.98 -1.09 -40.52
N ARG S 102 37.69 -1.18 -39.22
CA ARG S 102 36.98 -2.32 -38.63
C ARG S 102 37.61 -3.64 -39.04
N ASN S 103 38.86 -3.87 -38.63
CA ASN S 103 39.58 -5.06 -39.04
C ASN S 103 40.08 -5.81 -37.81
N GLY S 104 40.18 -7.13 -37.95
CA GLY S 104 40.78 -7.98 -36.94
C GLY S 104 42.20 -8.34 -37.37
N TRP S 105 43.07 -8.53 -36.40
CA TRP S 105 44.48 -8.78 -36.66
C TRP S 105 44.82 -10.26 -36.57
N ASP S 106 45.98 -10.61 -37.12
CA ASP S 106 46.45 -11.99 -37.15
C ASP S 106 47.97 -11.94 -37.18
N VAL S 107 48.61 -12.19 -36.05
CA VAL S 107 50.06 -12.06 -35.89
C VAL S 107 50.67 -13.43 -35.63
N GLN S 108 51.73 -13.73 -36.36
CA GLN S 108 52.49 -14.97 -36.21
C GLN S 108 53.90 -14.62 -35.77
N VAL S 109 54.11 -14.53 -34.46
CA VAL S 109 55.43 -14.25 -33.92
C VAL S 109 56.23 -15.55 -33.92
N SER S 110 57.42 -15.51 -34.52
CA SER S 110 58.27 -16.69 -34.62
C SER S 110 59.67 -16.35 -34.14
N ALA S 111 60.39 -17.38 -33.72
CA ALA S 111 61.76 -17.23 -33.24
C ALA S 111 62.62 -18.34 -33.83
N THR S 112 63.92 -18.06 -33.95
CA THR S 112 64.89 -19.01 -34.48
C THR S 112 65.63 -19.65 -33.30
N SER S 113 65.20 -20.85 -32.92
CA SER S 113 65.78 -21.57 -31.80
C SER S 113 66.08 -23.00 -32.20
N THR S 114 67.14 -23.54 -31.63
CA THR S 114 67.60 -24.89 -31.90
C THR S 114 67.38 -25.77 -30.67
N GLN S 115 67.87 -27.02 -30.75
CA GLN S 115 67.75 -27.93 -29.62
C GLN S 115 68.61 -27.50 -28.44
N PHE S 116 69.60 -26.64 -28.66
CA PHE S 116 70.46 -26.15 -27.60
C PHE S 116 69.99 -24.81 -27.04
N ASN S 117 68.83 -24.32 -27.47
CA ASN S 117 68.29 -23.05 -27.00
C ASN S 117 67.18 -23.30 -25.99
N GLY S 118 67.17 -22.49 -24.93
CA GLY S 118 66.14 -22.60 -23.92
C GLY S 118 65.65 -21.25 -23.44
N GLY S 119 64.35 -21.12 -23.25
CA GLY S 119 63.77 -19.86 -22.82
C GLY S 119 62.26 -19.89 -23.00
N SER S 120 61.65 -18.72 -22.81
CA SER S 120 60.22 -18.59 -22.97
C SER S 120 59.88 -17.12 -23.23
N LEU S 121 58.98 -16.90 -24.17
CA LEU S 121 58.45 -15.58 -24.46
C LEU S 121 56.94 -15.60 -24.29
N LEU S 122 56.39 -14.54 -23.71
CA LEU S 122 54.96 -14.38 -23.59
C LEU S 122 54.49 -13.38 -24.64
N VAL S 123 53.79 -13.87 -25.66
CA VAL S 123 53.31 -13.06 -26.76
C VAL S 123 51.80 -12.86 -26.56
N ALA S 124 51.38 -11.62 -26.39
CA ALA S 124 50.00 -11.30 -26.12
C ALA S 124 49.59 -10.06 -26.90
N MET S 125 48.28 -9.85 -27.02
CA MET S 125 47.71 -8.67 -27.65
C MET S 125 46.85 -7.96 -26.61
N VAL S 126 47.37 -6.89 -26.04
CA VAL S 126 46.64 -6.14 -25.02
C VAL S 126 45.79 -5.07 -25.70
N PRO S 127 44.46 -5.10 -25.53
CA PRO S 127 43.61 -4.06 -26.13
C PRO S 127 43.75 -2.75 -25.37
N GLU S 128 44.16 -1.71 -26.07
CA GLU S 128 44.30 -0.36 -25.52
C GLU S 128 45.28 -0.35 -24.33
N LEU S 129 46.53 -0.68 -24.64
CA LEU S 129 47.59 -0.71 -23.64
C LEU S 129 48.20 0.68 -23.53
N CYS S 130 47.61 1.51 -22.66
CA CYS S 130 48.17 2.83 -22.42
C CYS S 130 49.53 2.73 -21.74
N SER S 131 49.62 1.96 -20.67
CA SER S 131 50.87 1.75 -19.95
C SER S 131 50.74 0.48 -19.12
N LEU S 132 51.89 -0.04 -18.70
CA LEU S 132 51.95 -1.23 -17.86
C LEU S 132 52.64 -0.87 -16.56
N LYS S 133 51.99 -1.19 -15.44
CA LYS S 133 52.51 -0.80 -14.13
C LYS S 133 53.64 -1.76 -13.71
N ASP S 134 54.12 -1.59 -12.48
CA ASP S 134 55.28 -2.34 -12.02
C ASP S 134 54.95 -3.82 -11.85
N ARG S 135 53.85 -4.13 -11.18
CA ARG S 135 53.46 -5.51 -10.93
C ARG S 135 52.39 -6.00 -11.89
N GLU S 136 52.10 -5.21 -12.94
CA GLU S 136 51.05 -5.58 -13.88
C GLU S 136 51.54 -6.61 -14.90
N GLU S 137 52.84 -6.85 -14.97
CA GLU S 137 53.38 -7.82 -15.91
C GLU S 137 52.94 -9.24 -15.56
N PHE S 138 52.85 -9.54 -14.27
CA PHE S 138 52.55 -10.90 -13.83
C PHE S 138 51.15 -11.36 -14.24
N GLN S 139 50.22 -10.43 -14.43
CA GLN S 139 48.87 -10.75 -14.84
C GLN S 139 48.65 -10.53 -16.33
N LEU S 140 49.72 -10.55 -17.13
CA LEU S 140 49.58 -10.35 -18.57
C LEU S 140 48.87 -11.53 -19.23
N SER S 141 48.68 -12.62 -18.51
CA SER S 141 48.03 -13.80 -19.06
C SER S 141 46.51 -13.62 -19.14
N LEU S 142 45.99 -12.52 -18.60
CA LEU S 142 44.57 -12.23 -18.70
C LEU S 142 44.15 -11.86 -20.12
N TYR S 143 45.09 -11.65 -21.02
CA TYR S 143 44.85 -11.26 -22.40
C TYR S 143 45.08 -12.43 -23.34
N PRO S 144 44.54 -12.38 -24.57
CA PRO S 144 44.84 -13.42 -25.55
C PRO S 144 46.34 -13.57 -25.76
N HIS S 145 46.89 -14.73 -25.41
CA HIS S 145 48.34 -14.89 -25.37
C HIS S 145 48.73 -16.31 -25.76
N GLN S 146 50.01 -16.47 -26.08
CA GLN S 146 50.61 -17.78 -26.30
C GLN S 146 52.05 -17.72 -25.80
N PHE S 147 52.60 -18.90 -25.53
CA PHE S 147 53.96 -19.04 -25.04
C PHE S 147 54.85 -19.58 -26.16
N ILE S 148 56.04 -19.02 -26.29
CA ILE S 148 57.03 -19.49 -27.25
C ILE S 148 58.13 -20.19 -26.47
N ASN S 149 58.20 -21.51 -26.60
CA ASN S 149 59.24 -22.31 -25.99
C ASN S 149 60.05 -22.99 -27.08
N PRO S 150 61.39 -22.93 -27.03
CA PRO S 150 62.18 -23.64 -28.03
C PRO S 150 61.95 -25.14 -28.05
N ARG S 151 61.54 -25.73 -26.93
CA ARG S 151 61.32 -27.16 -26.85
C ARG S 151 59.87 -27.56 -27.08
N THR S 152 58.94 -26.62 -27.18
CA THR S 152 57.52 -26.96 -27.29
C THR S 152 56.94 -26.54 -28.64
N ASN S 153 57.02 -25.26 -29.01
CA ASN S 153 56.39 -24.84 -30.26
C ASN S 153 57.25 -23.90 -31.09
N THR S 154 58.09 -23.09 -30.42
CA THR S 154 59.00 -22.13 -31.03
C THR S 154 58.31 -21.20 -32.05
N THR S 155 56.99 -21.10 -31.99
CA THR S 155 56.24 -20.25 -32.92
C THR S 155 54.87 -19.97 -32.34
N ALA S 156 54.45 -18.72 -32.40
CA ALA S 156 53.15 -18.29 -31.89
C ALA S 156 52.27 -17.81 -33.02
N HIS S 157 50.96 -17.85 -32.79
CA HIS S 157 49.98 -17.41 -33.78
C HIS S 157 48.70 -17.06 -33.06
N ILE S 158 48.36 -15.77 -33.04
CA ILE S 158 47.19 -15.27 -32.34
C ILE S 158 46.34 -14.47 -33.31
N GLN S 159 45.03 -14.65 -33.25
CA GLN S 159 44.09 -13.92 -34.08
C GLN S 159 43.03 -13.29 -33.19
N VAL S 160 42.78 -12.00 -33.37
CA VAL S 160 41.83 -11.27 -32.53
C VAL S 160 40.82 -10.55 -33.40
N PRO S 161 39.59 -10.34 -32.91
CA PRO S 161 38.59 -9.63 -33.71
C PRO S 161 38.68 -8.12 -33.55
N TYR S 162 37.83 -7.39 -34.25
CA TYR S 162 37.76 -5.95 -34.07
C TYR S 162 37.19 -5.63 -32.69
N LEU S 163 37.79 -4.66 -32.02
CA LEU S 163 37.41 -4.31 -30.66
C LEU S 163 37.46 -2.80 -30.50
N GLY S 164 36.40 -2.22 -29.95
CA GLY S 164 36.36 -0.79 -29.73
C GLY S 164 35.00 -0.36 -29.24
N VAL S 165 34.93 0.90 -28.83
CA VAL S 165 33.67 1.46 -28.36
C VAL S 165 32.69 1.61 -29.52
N ASN S 166 33.18 1.96 -30.70
CA ASN S 166 32.36 2.16 -31.88
C ASN S 166 32.52 0.98 -32.84
N ARG S 167 31.71 0.99 -33.88
CA ARG S 167 31.76 -0.03 -34.92
C ARG S 167 32.73 0.31 -36.04
N HIS S 168 33.32 1.50 -36.02
CA HIS S 168 34.33 1.91 -36.98
C HIS S 168 35.47 2.60 -36.24
N ASP S 169 36.69 2.24 -36.56
CA ASP S 169 37.87 2.76 -35.90
C ASP S 169 38.59 3.77 -36.79
N GLN S 170 39.39 4.62 -36.15
CA GLN S 170 40.17 5.62 -36.87
C GLN S 170 41.25 4.96 -37.71
N HIS S 174 44.14 5.62 -33.68
CA HIS S 174 43.67 4.92 -32.48
C HIS S 174 44.21 3.49 -32.45
N GLN S 175 45.26 3.28 -31.66
CA GLN S 175 45.89 1.96 -31.55
C GLN S 175 45.03 1.08 -30.64
N ALA S 176 44.03 0.43 -31.25
CA ALA S 176 43.15 -0.44 -30.48
C ALA S 176 43.90 -1.63 -29.91
N TRP S 177 44.76 -2.26 -30.70
CA TRP S 177 45.52 -3.43 -30.28
C TRP S 177 47.01 -3.12 -30.30
N SER S 178 47.74 -3.76 -29.39
CA SER S 178 49.18 -3.60 -29.30
C SER S 178 49.80 -4.96 -29.00
N LEU S 179 50.72 -5.39 -29.87
CA LEU S 179 51.42 -6.65 -29.68
C LEU S 179 52.54 -6.45 -28.67
N VAL S 180 52.47 -7.17 -27.55
CA VAL S 180 53.47 -7.09 -26.49
C VAL S 180 54.17 -8.43 -26.39
N VAL S 181 55.51 -8.39 -26.39
CA VAL S 181 56.33 -9.58 -26.26
C VAL S 181 57.18 -9.40 -25.00
N MET S 182 57.00 -10.29 -24.03
CA MET S 182 57.71 -10.22 -22.77
C MET S 182 58.59 -11.46 -22.61
N VAL S 183 59.81 -11.24 -22.14
CA VAL S 183 60.77 -12.33 -21.93
C VAL S 183 60.42 -12.96 -20.60
N LEU S 184 59.64 -14.05 -20.64
CA LEU S 184 59.20 -14.71 -19.42
C LEU S 184 60.37 -15.28 -18.63
N THR S 185 61.31 -15.92 -19.31
CA THR S 185 62.52 -16.45 -18.70
C THR S 185 63.72 -16.09 -19.54
N PRO S 186 64.88 -15.86 -18.92
CA PRO S 186 66.07 -15.51 -19.68
C PRO S 186 66.50 -16.66 -20.58
N LEU S 187 67.10 -16.31 -21.72
CA LEU S 187 67.55 -17.30 -22.68
C LEU S 187 68.69 -18.12 -22.10
N THR S 188 68.65 -19.43 -22.35
CA THR S 188 69.66 -20.36 -21.87
C THR S 188 70.18 -21.19 -23.04
N THR S 189 71.49 -21.39 -23.06
CA THR S 189 72.13 -22.18 -24.10
C THR S 189 73.00 -23.28 -23.51
N GLU S 190 73.75 -23.97 -24.35
CA GLU S 190 74.66 -25.02 -23.88
C GLU S 190 76.11 -24.64 -24.14
N GLY S 196 75.56 -17.80 -32.78
CA GLY S 196 74.58 -18.42 -31.93
C GLY S 196 73.68 -17.42 -31.21
N THR S 197 72.83 -16.74 -31.97
CA THR S 197 71.92 -15.76 -31.43
C THR S 197 70.50 -16.07 -31.89
N VAL S 198 69.53 -15.72 -31.05
CA VAL S 198 68.12 -15.98 -31.32
C VAL S 198 67.45 -14.67 -31.72
N GLU S 199 66.74 -14.69 -32.84
CA GLU S 199 66.05 -13.52 -33.37
C GLU S 199 64.56 -13.79 -33.42
N VAL S 200 63.77 -12.73 -33.22
CA VAL S 200 62.33 -12.81 -33.20
C VAL S 200 61.78 -12.00 -34.37
N TYR S 201 60.97 -12.65 -35.21
CA TYR S 201 60.35 -12.00 -36.36
C TYR S 201 58.85 -12.11 -36.24
N ALA S 202 58.15 -11.00 -36.45
CA ALA S 202 56.70 -10.92 -36.31
C ALA S 202 56.06 -10.75 -37.67
N ASN S 203 55.08 -11.59 -37.98
CA ASN S 203 54.31 -11.53 -39.21
C ASN S 203 52.90 -11.09 -38.88
N ILE S 204 52.52 -9.90 -39.35
CA ILE S 204 51.25 -9.28 -39.00
C ILE S 204 50.41 -9.14 -40.26
N ALA S 205 49.14 -9.54 -40.18
CA ALA S 205 48.25 -9.51 -41.33
C ALA S 205 46.83 -9.17 -40.90
N PRO S 206 46.25 -8.06 -41.37
CA PRO S 206 44.87 -7.74 -41.03
C PRO S 206 43.90 -8.76 -41.61
N THR S 207 42.79 -8.96 -40.90
CA THR S 207 41.75 -9.88 -41.33
C THR S 207 40.41 -9.16 -41.33
N ASN S 208 39.63 -9.40 -42.39
CA ASN S 208 38.27 -8.85 -42.52
C ASN S 208 38.27 -7.33 -42.37
N VAL S 209 38.96 -6.67 -43.30
CA VAL S 209 39.06 -5.22 -43.30
C VAL S 209 37.78 -4.59 -43.84
N VAL T 30 21.09 -49.81 32.86
CA VAL T 30 22.22 -50.61 32.39
C VAL T 30 22.13 -50.79 30.87
N GLY T 31 23.26 -50.63 30.21
CA GLY T 31 23.32 -50.75 28.76
C GLY T 31 24.37 -49.82 28.20
N ILE T 32 24.16 -49.41 26.95
CA ILE T 32 25.06 -48.52 26.23
C ILE T 32 24.29 -47.27 25.85
N THR T 33 24.82 -46.11 26.21
CA THR T 33 24.17 -44.83 25.96
C THR T 33 24.85 -44.12 24.80
N TYR T 34 24.06 -43.66 23.84
CA TYR T 34 24.55 -42.92 22.68
C TYR T 34 24.10 -41.47 22.82
N GLY T 35 24.96 -40.64 23.38
CA GLY T 35 24.60 -39.25 23.62
C GLY T 35 24.41 -38.49 22.32
N TYR T 36 23.43 -37.58 22.33
CA TYR T 36 23.12 -36.73 21.16
C TYR T 36 22.89 -37.57 19.92
N ALA T 37 22.17 -38.69 20.09
CA ALA T 37 21.93 -39.60 18.99
C ALA T 37 20.97 -38.98 17.98
N ASP T 38 21.06 -39.48 16.74
CA ASP T 38 20.19 -39.02 15.66
C ASP T 38 18.95 -39.88 15.62
N ALA T 39 17.77 -39.24 15.64
CA ALA T 39 16.53 -39.99 15.64
C ALA T 39 16.34 -40.78 14.37
N ASP T 40 16.69 -40.18 13.22
CA ASP T 40 16.54 -40.87 11.94
C ASP T 40 17.48 -42.07 11.84
N SER T 41 18.69 -41.95 12.39
CA SER T 41 19.66 -43.04 12.32
C SER T 41 19.19 -44.28 13.09
N PHE T 42 18.32 -44.10 14.08
CA PHE T 42 17.79 -45.21 14.86
C PHE T 42 16.43 -45.69 14.39
N ARG T 43 15.91 -45.14 13.30
CA ARG T 43 14.65 -45.62 12.76
C ARG T 43 14.86 -47.00 12.10
N PRO T 44 13.92 -47.93 12.28
CA PRO T 44 14.04 -49.28 11.73
C PRO T 44 13.45 -49.38 10.33
N VAL T 55 28.70 -46.15 9.77
CA VAL T 55 28.80 -46.87 11.04
C VAL T 55 30.09 -46.48 11.77
N GLU T 56 30.18 -46.85 13.04
CA GLU T 56 31.33 -46.51 13.86
C GLU T 56 31.70 -47.72 14.71
N GLN T 57 32.94 -47.72 15.20
CA GLN T 57 33.47 -48.79 16.04
C GLN T 57 34.73 -48.28 16.72
N ALA T 58 35.06 -48.88 17.86
CA ALA T 58 36.20 -48.45 18.64
C ALA T 58 37.49 -49.00 18.05
N GLU T 59 38.41 -48.11 17.69
CA GLU T 59 39.68 -48.52 17.09
C GLU T 59 40.71 -48.91 18.15
N ARG T 60 41.10 -47.95 18.99
CA ARG T 60 42.13 -48.19 19.99
C ARG T 60 41.54 -48.57 21.34
N PHE T 61 42.38 -48.64 22.38
CA PHE T 61 41.93 -48.97 23.72
C PHE T 61 42.85 -48.34 24.78
N PHE T 62 42.36 -48.23 26.01
CA PHE T 62 43.14 -47.66 27.10
C PHE T 62 42.46 -47.92 28.43
N LYS T 63 43.25 -47.96 29.51
CA LYS T 63 42.72 -48.12 30.86
C LYS T 63 43.48 -47.22 31.81
N GLU T 64 42.80 -46.76 32.86
CA GLU T 64 43.41 -45.89 33.84
C GLU T 64 42.54 -45.84 35.08
N LYS T 65 43.17 -45.91 36.26
CA LYS T 65 42.47 -45.71 37.51
C LYS T 65 42.19 -44.23 37.73
N LEU T 66 40.99 -43.91 38.21
CA LEU T 66 40.57 -42.53 38.40
C LEU T 66 40.73 -42.06 39.84
N PHE T 67 40.07 -42.73 40.78
CA PHE T 67 40.11 -42.31 42.18
C PHE T 67 39.69 -43.49 43.05
N ASP T 68 39.95 -43.34 44.35
CA ASP T 68 39.53 -44.32 45.35
C ASP T 68 38.17 -43.89 45.90
N TRP T 69 37.12 -44.60 45.49
CA TRP T 69 35.78 -44.31 45.98
C TRP T 69 35.67 -44.69 47.44
N THR T 70 35.63 -43.68 48.32
CA THR T 70 35.58 -43.90 49.75
C THR T 70 34.48 -43.05 50.36
N SER T 71 34.05 -43.45 51.56
CA SER T 71 32.95 -42.76 52.24
C SER T 71 33.32 -41.35 52.66
N ASP T 72 34.62 -41.03 52.75
CA ASP T 72 35.04 -39.71 53.19
C ASP T 72 34.71 -38.60 52.20
N LYS T 73 34.34 -38.94 50.96
CA LYS T 73 34.04 -37.94 49.95
C LYS T 73 32.54 -37.71 49.90
N PRO T 74 32.04 -36.53 50.27
CA PRO T 74 30.60 -36.28 50.23
C PRO T 74 30.11 -36.01 48.82
N PHE T 75 28.83 -35.65 48.68
CA PHE T 75 28.27 -35.32 47.38
C PHE T 75 29.00 -34.13 46.77
N GLY T 76 29.24 -34.20 45.46
CA GLY T 76 29.90 -33.12 44.75
C GLY T 76 31.39 -33.28 44.57
N THR T 77 31.95 -34.46 44.85
CA THR T 77 33.38 -34.68 44.69
C THR T 77 33.66 -34.98 43.22
N LEU T 78 33.83 -33.89 42.46
CA LEU T 78 34.02 -34.00 41.02
C LEU T 78 35.40 -34.55 40.67
N TYR T 79 35.46 -35.29 39.56
CA TYR T 79 36.71 -35.74 38.98
C TYR T 79 36.60 -35.56 37.47
N VAL T 80 37.24 -34.53 36.94
CA VAL T 80 37.15 -34.17 35.53
C VAL T 80 38.38 -34.70 34.81
N LEU T 81 38.16 -35.41 33.71
CA LEU T 81 39.24 -35.96 32.89
C LEU T 81 39.05 -35.44 31.46
N GLU T 82 39.99 -34.64 30.99
CA GLU T 82 39.91 -34.11 29.63
C GLU T 82 40.23 -35.21 28.62
N LEU T 83 39.54 -35.15 27.48
CA LEU T 83 39.73 -36.11 26.41
C LEU T 83 40.16 -35.37 25.15
N PRO T 84 41.26 -35.78 24.50
CA PRO T 84 42.17 -36.88 24.87
C PRO T 84 43.10 -36.50 26.01
N LYS T 85 43.59 -37.48 26.76
CA LYS T 85 44.49 -37.21 27.87
C LYS T 85 45.91 -36.96 27.38
N MET T 101 40.94 -34.95 15.13
CA MET T 101 40.95 -36.04 14.16
C MET T 101 39.52 -36.48 13.81
N ARG T 102 38.56 -35.65 14.21
CA ARG T 102 37.14 -35.92 13.98
C ARG T 102 36.75 -37.32 14.48
N ASN T 103 36.87 -37.55 15.79
CA ASN T 103 36.61 -38.86 16.35
C ASN T 103 35.56 -38.76 17.44
N GLY T 104 34.77 -39.82 17.59
CA GLY T 104 33.83 -39.96 18.68
C GLY T 104 34.43 -40.87 19.74
N TRP T 105 34.07 -40.61 21.00
CA TRP T 105 34.65 -41.34 22.11
C TRP T 105 33.72 -42.45 22.60
N ASP T 106 34.29 -43.36 23.40
CA ASP T 106 33.56 -44.49 23.93
C ASP T 106 34.25 -44.90 25.23
N VAL T 107 33.66 -44.52 26.36
CA VAL T 107 34.26 -44.71 27.68
C VAL T 107 33.43 -45.70 28.47
N GLN T 108 34.11 -46.67 29.08
CA GLN T 108 33.48 -47.67 29.94
C GLN T 108 34.05 -47.51 31.34
N VAL T 109 33.39 -46.66 32.14
CA VAL T 109 33.79 -46.48 33.53
C VAL T 109 33.23 -47.63 34.36
N SER T 110 34.11 -48.29 35.10
CA SER T 110 33.73 -49.43 35.92
C SER T 110 34.25 -49.26 37.34
N ALA T 111 33.59 -49.94 38.27
CA ALA T 111 33.96 -49.88 39.68
C ALA T 111 33.93 -51.28 40.27
N THR T 112 34.71 -51.49 41.32
CA THR T 112 34.79 -52.77 42.00
C THR T 112 33.95 -52.69 43.27
N SER T 113 32.73 -53.21 43.20
CA SER T 113 31.80 -53.18 44.31
C SER T 113 31.20 -54.56 44.53
N THR T 114 30.92 -54.87 45.79
CA THR T 114 30.35 -56.15 46.20
C THR T 114 28.93 -55.95 46.68
N GLN T 115 28.33 -57.03 47.19
CA GLN T 115 26.96 -56.94 47.72
C GLN T 115 26.89 -56.12 48.99
N PHE T 116 28.01 -55.89 49.66
CA PHE T 116 28.06 -55.09 50.88
C PHE T 116 28.42 -53.63 50.60
N ASN T 117 28.56 -53.25 49.34
CA ASN T 117 28.91 -51.89 48.98
C ASN T 117 27.66 -51.14 48.50
N GLY T 118 27.56 -49.88 48.92
CA GLY T 118 26.45 -49.04 48.53
C GLY T 118 26.88 -47.63 48.19
N GLY T 119 26.32 -47.07 47.12
CA GLY T 119 26.68 -45.74 46.70
C GLY T 119 26.15 -45.47 45.30
N SER T 120 26.58 -44.34 44.75
CA SER T 120 26.16 -43.96 43.40
C SER T 120 27.16 -42.97 42.83
N LEU T 121 27.52 -43.16 41.57
CA LEU T 121 28.37 -42.24 40.84
C LEU T 121 27.62 -41.75 39.61
N LEU T 122 27.75 -40.47 39.31
CA LEU T 122 27.19 -39.89 38.09
C LEU T 122 28.32 -39.70 37.09
N VAL T 123 28.32 -40.52 36.04
CA VAL T 123 29.35 -40.49 35.01
C VAL T 123 28.74 -39.83 33.78
N ALA T 124 29.32 -38.71 33.35
CA ALA T 124 28.81 -37.95 32.22
C ALA T 124 29.96 -37.45 31.37
N MET T 125 29.63 -37.00 30.16
CA MET T 125 30.59 -36.39 29.24
C MET T 125 30.09 -35.00 28.89
N VAL T 126 30.65 -33.99 29.55
CA VAL T 126 30.25 -32.60 29.32
C VAL T 126 31.03 -32.05 28.14
N PRO T 127 30.36 -31.61 27.08
CA PRO T 127 31.07 -31.01 25.93
C PRO T 127 31.56 -29.62 26.28
N GLU T 128 32.88 -29.41 26.21
CA GLU T 128 33.51 -28.12 26.45
C GLU T 128 33.20 -27.62 27.86
N LEU T 129 33.66 -28.39 28.85
CA LEU T 129 33.48 -28.05 30.25
C LEU T 129 34.61 -27.12 30.69
N CYS T 130 34.40 -25.82 30.50
CA CYS T 130 35.38 -24.84 30.97
C CYS T 130 35.46 -24.84 32.49
N SER T 131 34.32 -24.75 33.15
CA SER T 131 34.27 -24.77 34.61
C SER T 131 32.85 -25.13 35.03
N LEU T 132 32.71 -25.54 36.29
CA LEU T 132 31.43 -25.91 36.86
C LEU T 132 31.16 -25.00 38.05
N LYS T 133 29.99 -24.36 38.06
CA LYS T 133 29.66 -23.39 39.10
C LYS T 133 29.23 -24.11 40.37
N ASP T 134 28.79 -23.34 41.37
CA ASP T 134 28.48 -23.91 42.68
C ASP T 134 27.24 -24.79 42.62
N ARG T 135 26.16 -24.29 42.02
CA ARG T 135 24.91 -25.04 41.93
C ARG T 135 24.73 -25.73 40.59
N GLU T 136 25.78 -25.75 39.75
CA GLU T 136 25.69 -26.34 38.43
C GLU T 136 25.80 -27.85 38.47
N GLU T 137 26.23 -28.41 39.60
CA GLU T 137 26.36 -29.86 39.71
C GLU T 137 24.99 -30.54 39.65
N PHE T 138 23.97 -29.91 40.22
CA PHE T 138 22.66 -30.54 40.32
C PHE T 138 22.01 -30.76 38.95
N GLN T 139 22.38 -29.96 37.95
CA GLN T 139 21.83 -30.13 36.61
C GLN T 139 22.81 -30.83 35.67
N LEU T 140 23.73 -31.62 36.22
CA LEU T 140 24.67 -32.36 35.39
C LEU T 140 23.98 -33.43 34.56
N SER T 141 22.72 -33.74 34.87
CA SER T 141 21.98 -34.77 34.16
C SER T 141 21.50 -34.29 32.79
N LEU T 142 21.72 -33.01 32.48
CA LEU T 142 21.40 -32.49 31.16
C LEU T 142 22.33 -33.02 30.08
N TYR T 143 23.41 -33.70 30.44
CA TYR T 143 24.41 -34.21 29.54
C TYR T 143 24.29 -35.73 29.40
N PRO T 144 24.85 -36.32 28.33
CA PRO T 144 24.87 -37.79 28.23
C PRO T 144 25.53 -38.41 29.45
N HIS T 145 24.76 -39.20 30.21
CA HIS T 145 25.24 -39.67 31.50
C HIS T 145 24.66 -41.04 31.80
N GLN T 146 25.29 -41.73 32.76
CA GLN T 146 24.78 -42.96 33.32
C GLN T 146 25.09 -42.98 34.81
N PHE T 147 24.35 -43.81 35.54
CA PHE T 147 24.52 -43.95 36.99
C PHE T 147 25.19 -45.29 37.28
N ILE T 148 26.13 -45.27 38.21
CA ILE T 148 26.82 -46.47 38.67
C ILE T 148 26.32 -46.78 40.07
N ASN T 149 25.53 -47.85 40.20
CA ASN T 149 25.05 -48.32 41.49
C ASN T 149 25.58 -49.73 41.74
N PRO T 150 26.16 -49.99 42.91
CA PRO T 150 26.62 -51.36 43.19
C PRO T 150 25.52 -52.40 43.13
N ARG T 151 24.27 -52.01 43.38
CA ARG T 151 23.16 -52.95 43.37
C ARG T 151 22.42 -53.02 42.04
N THR T 152 22.73 -52.13 41.09
CA THR T 152 21.98 -52.09 39.84
C THR T 152 22.85 -52.48 38.64
N ASN T 153 23.97 -51.81 38.40
CA ASN T 153 24.75 -52.11 37.20
C ASN T 153 26.25 -52.18 37.47
N THR T 154 26.74 -51.40 38.43
CA THR T 154 28.15 -51.32 38.85
C THR T 154 29.11 -51.12 37.67
N THR T 155 28.60 -50.64 36.53
CA THR T 155 29.43 -50.43 35.34
C THR T 155 28.70 -49.49 34.40
N ALA T 156 29.42 -48.50 33.87
CA ALA T 156 28.86 -47.52 32.95
C ALA T 156 29.51 -47.66 31.58
N HIS T 157 28.81 -47.20 30.56
CA HIS T 157 29.31 -47.26 29.19
C HIS T 157 28.58 -46.20 28.38
N ILE T 158 29.30 -45.16 27.97
CA ILE T 158 28.74 -44.04 27.23
C ILE T 158 29.52 -43.86 25.94
N GLN T 159 28.81 -43.61 24.85
CA GLN T 159 29.42 -43.35 23.56
C GLN T 159 28.86 -42.05 22.99
N VAL T 160 29.74 -41.16 22.57
CA VAL T 160 29.33 -39.84 22.08
C VAL T 160 29.94 -39.60 20.70
N PRO T 161 29.29 -38.81 19.83
CA PRO T 161 29.85 -38.56 18.51
C PRO T 161 30.82 -37.38 18.51
N TYR T 162 31.38 -37.06 17.35
CA TYR T 162 32.20 -35.87 17.24
C TYR T 162 31.34 -34.63 17.36
N LEU T 163 31.84 -33.65 18.13
CA LEU T 163 31.09 -32.43 18.40
C LEU T 163 32.04 -31.26 18.37
N GLY T 164 31.65 -30.20 17.66
CA GLY T 164 32.49 -29.02 17.58
C GLY T 164 31.92 -28.03 16.59
N VAL T 165 32.52 -26.84 16.60
CA VAL T 165 32.11 -25.80 15.66
C VAL T 165 32.49 -26.17 14.23
N ASN T 166 33.65 -26.79 14.06
CA ASN T 166 34.15 -27.18 12.75
C ASN T 166 34.01 -28.68 12.55
N ARG T 167 34.31 -29.12 11.33
CA ARG T 167 34.26 -30.53 10.99
C ARG T 167 35.57 -31.25 11.26
N HIS T 168 36.62 -30.52 11.63
CA HIS T 168 37.91 -31.10 12.01
C HIS T 168 38.38 -30.42 13.29
N ASP T 169 38.86 -31.21 14.23
CA ASP T 169 39.28 -30.71 15.54
C ASP T 169 40.81 -30.76 15.65
N GLN T 170 41.33 -29.93 16.55
CA GLN T 170 42.76 -29.87 16.81
C GLN T 170 43.26 -31.17 17.42
N HIS T 174 42.46 -28.88 21.80
CA HIS T 174 41.06 -28.52 22.03
C HIS T 174 40.30 -29.67 22.66
N GLN T 175 40.10 -29.60 23.97
CA GLN T 175 39.39 -30.65 24.72
C GLN T 175 37.90 -30.50 24.48
N ALA T 176 37.41 -31.10 23.40
CA ALA T 176 35.99 -31.01 23.08
C ALA T 176 35.13 -31.70 24.14
N TRP T 177 35.55 -32.89 24.58
CA TRP T 177 34.82 -33.67 25.56
C TRP T 177 35.64 -33.86 26.82
N SER T 178 34.96 -33.93 27.95
CA SER T 178 35.61 -34.15 29.24
C SER T 178 34.77 -35.11 30.05
N LEU T 179 35.38 -36.22 30.47
CA LEU T 179 34.69 -37.20 31.30
C LEU T 179 34.68 -36.71 32.74
N VAL T 180 33.49 -36.50 33.29
CA VAL T 180 33.32 -36.04 34.66
C VAL T 180 32.63 -37.14 35.46
N VAL T 181 33.21 -37.47 36.61
CA VAL T 181 32.65 -38.47 37.52
C VAL T 181 32.37 -37.77 38.84
N MET T 182 31.11 -37.74 39.23
CA MET T 182 30.68 -37.07 40.45
C MET T 182 30.10 -38.11 41.42
N VAL T 183 30.47 -37.98 42.69
CA VAL T 183 30.00 -38.89 43.73
C VAL T 183 28.61 -38.41 44.14
N LEU T 184 27.58 -39.03 43.55
CA LEU T 184 26.21 -38.60 43.83
C LEU T 184 25.84 -38.83 45.29
N THR T 185 26.23 -39.97 45.85
CA THR T 185 25.99 -40.30 47.25
C THR T 185 27.26 -40.87 47.85
N PRO T 186 27.51 -40.62 49.13
CA PRO T 186 28.70 -41.18 49.78
C PRO T 186 28.63 -42.70 49.83
N LEU T 187 29.81 -43.32 49.77
CA LEU T 187 29.90 -44.77 49.80
C LEU T 187 29.45 -45.31 51.15
N THR T 188 28.68 -46.40 51.13
CA THR T 188 28.18 -47.04 52.34
C THR T 188 28.53 -48.51 52.32
N THR T 189 28.95 -49.02 53.47
CA THR T 189 29.32 -50.43 53.60
C THR T 189 28.57 -51.08 54.77
N GLU T 190 28.92 -52.31 55.09
CA GLU T 190 28.30 -53.02 56.20
C GLU T 190 29.31 -53.30 57.30
N GLY T 196 38.99 -53.63 52.00
CA GLY T 196 37.64 -53.29 51.60
C GLY T 196 37.50 -51.87 51.07
N THR T 197 38.09 -51.63 49.90
CA THR T 197 38.05 -50.33 49.26
C THR T 197 37.53 -50.48 47.83
N VAL T 198 36.85 -49.45 47.36
CA VAL T 198 36.25 -49.43 46.03
C VAL T 198 37.12 -48.56 45.13
N GLU T 199 37.50 -49.09 43.98
CA GLU T 199 38.32 -48.39 43.00
C GLU T 199 37.56 -48.23 41.70
N VAL T 200 37.83 -47.12 41.01
CA VAL T 200 37.17 -46.79 39.75
C VAL T 200 38.21 -46.80 38.63
N TYR T 201 37.94 -47.57 37.59
CA TYR T 201 38.81 -47.67 36.43
C TYR T 201 38.04 -47.27 35.18
N ALA T 202 38.64 -46.42 34.36
CA ALA T 202 38.00 -45.89 33.17
C ALA T 202 38.68 -46.45 31.93
N ASN T 203 37.89 -47.01 31.02
CA ASN T 203 38.38 -47.55 29.76
C ASN T 203 37.90 -46.64 28.63
N ILE T 204 38.83 -45.97 27.97
CA ILE T 204 38.53 -44.97 26.96
C ILE T 204 39.04 -45.44 25.60
N ALA T 205 38.19 -45.34 24.58
CA ALA T 205 38.55 -45.81 23.25
C ALA T 205 37.91 -44.92 22.17
N PRO T 206 38.73 -44.27 21.34
CA PRO T 206 38.16 -43.46 20.26
C PRO T 206 37.42 -44.30 19.24
N THR T 207 36.40 -43.72 18.63
CA THR T 207 35.60 -44.38 17.61
C THR T 207 35.54 -43.51 16.37
N ASN T 208 35.71 -44.14 15.21
CA ASN T 208 35.61 -43.48 13.91
C ASN T 208 36.55 -42.27 13.82
N VAL T 209 37.84 -42.56 13.92
CA VAL T 209 38.86 -41.53 13.86
C VAL T 209 39.08 -41.08 12.42
#